data_8DDU
#
_entry.id   8DDU
#
_cell.length_a   1.00
_cell.length_b   1.00
_cell.length_c   1.00
_cell.angle_alpha   90.00
_cell.angle_beta   90.00
_cell.angle_gamma   90.00
#
_symmetry.space_group_name_H-M   'P 1'
#
loop_
_entity.id
_entity.type
_entity.pdbx_description
1 polymer 'Transient receptor potential cation channel, subfamily M, member 3'
2 polymer 'Unidentified segment at the N-terminus of TRPM3'
3 non-polymer 1,2-DIACYL-GLYCEROL-3-SN-PHOSPHATE
4 non-polymer (3beta,14beta,17beta,25R)-3-[4-methoxy-3-(methoxymethyl)butoxy]spirost-5-en
5 non-polymer '[(2R)-2-octanoyloxy-3-[oxidanyl-[(1R,2R,3S,4R,5R,6S)-2,3,6-tris(oxidanyl)-4,5-diphosphonooxy-cyclohexyl]oxy-phosphoryl]oxy-propyl] octanoate'
6 non-polymer 'SODIUM ION'
#
loop_
_entity_poly.entity_id
_entity_poly.type
_entity_poly.pdbx_seq_one_letter_code
_entity_poly.pdbx_strand_id
1 'polypeptide(L)'
;MGKKWRDAGELERGCSDREDSAESRRRSRSASRGRFAESWKRLSSKQGSTKRSGLPAQQTPAQKSWIERAFYKRECVHII
PSTKDPHRCCCGRLIGQHVGLTPSISVLQNEKNESRLSRNDIQSEKWSISKHTQLSPTDAFGTIEFQGGGHSNKAMYVRV
SFDTKPDLLLHLMTKEWQLELPKLLISVHGGLQNFELQPKLKQVFGKGLIKAAMTTGAWIFTGGVNTGVIRHVGDALKDH
ASKSRGKICTIGIAPWGIVENQEDLIGRDVVRPYQTMSNPMSKLTVLNSMHSHFILADNGTTGKYGAEVKLRRQLEKHIS
LQKINTRIGQGVPVVALIVEGGPNVISIVLEYLRDTPPVPVVVCDGSGRASDILAFGHKYSEEGGLINESLRDQLLVTIQ
KTFTYTRTQAQHLFIILMECMKKKELITVFRMGSEGHQDIDLAILTALLKGANASAPDQLSLALAWNRVDIARSQIFIYG
QQWPVGSLEQAMLDALVLDRVDFVKLLIENGVSMHRFLTISRLEELYNTRHGPSNTLYHLVRDVKKGNLPPDYRISLIDI
GLVIEYLMGGAYRCNYTRKRFRTLYHNLFGPKRPKALKLLGMEDDIPLRRGRKTTKKREEEVDIDLDDPEINHFPFPFHE
LMVWAVLMKRQKMALFFWQHGEEAMAKALVACKLCKAMAHEASENDMVDDISQELNHNSRDFGQLAVELLDQSYKQDEQL
AMKLLTYELKNWSNATCLQLAVAAKHRDFIAHTCSQMLLTDMWMGRLRMRKNSGLKVILGILLPPSILSLEFKNKDDMPY
MTQAQEIHLQEKEPEEPEKPTKEKDEEDMELTAMLGRSNGESSRKKDEEEVQSRHRLIPVGRKIYEFYNAPIVKFWFYTL
AYIGYLMLFNYIVLVKMERWPSTQEWIVISYIFTLGIEKMREILMSEPGKLLQKVKVWLQEYWNVTDLIAILLFSVGMIL
RLQDQPFRSDGRVIYCVNIIYWYIRLLDIFGVNKYLGPYVMMIGKMMIDMMYFVIIMLVVLMSFGVARQAILFPNEEPSW
KLAKNIFYMPYWMIYGEVFADQIDPPCGQNETREDGKTIQLPPCKTGAWIVPAIMACYLLVANILLVNLLIAVFNNTFFE
VKSISNQVWKFQRYQLIMTFHERPVLPPPLIIFSHMTMIFQHVCCRWRKHESDQDERDYGLKLFITDDELKKVHDFEEQC
IEEYFREKDDRFNSSNDERIRVTSERVENMSMRLEEVNEREHSMKASLQTVDIRLAQLEDLIGRMATALERLTGLERAES
NKIRSRTSSDCTDAAYIVRQSSFNSQEGNTFKLQESIDPAGEETISPTSPTLMPRMRSHSFYSVNVKDKGGIEKLESIFK
ERSLSLHRATS
;
A,B,C,D
2 'polypeptide(L)'
;(UNK)(UNK)(UNK)(UNK)(UNK)(UNK)(UNK)(UNK)(UNK)(UNK)(UNK)(UNK)(UNK)(UNK)(UNK)(UNK)
(UNK)
;
E,F,G,H
#
# COMPACT_ATOMS: atom_id res chain seq x y z
N ILE A 129 -77.06 9.80 20.15
CA ILE A 129 -78.14 9.83 19.18
C ILE A 129 -78.00 8.70 18.19
N SER A 130 -78.96 8.59 17.28
CA SER A 130 -78.96 7.54 16.25
C SER A 130 -78.26 8.01 14.98
N LYS A 131 -77.05 8.53 15.13
CA LYS A 131 -76.22 9.01 14.03
C LYS A 131 -76.95 10.08 13.21
N HIS A 132 -77.26 11.19 13.88
CA HIS A 132 -77.88 12.35 13.25
C HIS A 132 -76.82 13.44 13.14
N THR A 133 -76.07 13.40 12.05
CA THR A 133 -74.94 14.30 11.82
C THR A 133 -75.16 15.11 10.54
N GLN A 134 -74.25 16.06 10.32
CA GLN A 134 -74.31 16.92 9.14
C GLN A 134 -73.37 16.38 8.07
N LEU A 135 -73.87 16.37 6.83
CA LEU A 135 -73.11 15.79 5.71
C LEU A 135 -72.30 16.86 5.00
N SER A 136 -71.42 17.51 5.76
CA SER A 136 -70.58 18.56 5.24
C SER A 136 -69.51 17.99 4.30
N PRO A 137 -69.01 18.81 3.37
CA PRO A 137 -67.92 18.34 2.50
C PRO A 137 -66.60 18.28 3.25
N THR A 138 -65.63 17.63 2.62
CA THR A 138 -64.30 17.50 3.20
C THR A 138 -63.59 18.85 3.22
N ASP A 139 -62.80 19.09 4.26
CA ASP A 139 -62.13 20.37 4.42
C ASP A 139 -60.71 20.23 4.95
N ALA A 140 -60.07 19.06 4.81
CA ALA A 140 -58.75 18.86 5.37
C ALA A 140 -58.01 17.85 4.49
N PHE A 141 -57.07 18.34 3.68
CA PHE A 141 -56.23 17.46 2.88
C PHE A 141 -54.95 18.21 2.53
N GLY A 142 -53.93 17.44 2.16
CA GLY A 142 -52.65 18.03 1.78
C GLY A 142 -51.45 17.25 2.26
N THR A 143 -50.50 17.96 2.88
CA THR A 143 -49.26 17.35 3.35
C THR A 143 -48.91 17.96 4.70
N ILE A 144 -48.41 17.13 5.61
CA ILE A 144 -48.05 17.59 6.95
C ILE A 144 -46.57 17.32 7.17
N GLU A 145 -45.87 18.30 7.75
CA GLU A 145 -44.48 18.16 8.15
C GLU A 145 -44.43 17.91 9.65
N PHE A 146 -43.89 16.77 10.03
CA PHE A 146 -43.81 16.37 11.42
C PHE A 146 -42.63 17.11 12.06
N GLN A 147 -42.89 18.27 12.63
CA GLN A 147 -41.87 19.01 13.34
C GLN A 147 -41.53 18.32 14.65
N GLY A 148 -40.26 18.41 15.04
CA GLY A 148 -39.82 17.85 16.30
C GLY A 148 -38.90 16.66 16.19
N GLY A 149 -39.18 15.71 15.30
CA GLY A 149 -38.32 14.56 15.16
C GLY A 149 -37.03 14.88 14.45
N GLY A 150 -36.07 13.96 14.50
CA GLY A 150 -34.81 14.15 13.81
C GLY A 150 -34.89 13.79 12.34
N HIS A 151 -36.07 13.40 11.88
CA HIS A 151 -36.27 12.97 10.50
C HIS A 151 -37.15 13.99 9.78
N SER A 152 -36.78 14.32 8.56
CA SER A 152 -37.60 15.19 7.71
C SER A 152 -38.54 14.29 6.92
N ASN A 153 -39.74 14.08 7.47
CA ASN A 153 -40.70 13.15 6.91
C ASN A 153 -41.94 13.90 6.43
N LYS A 154 -42.35 13.63 5.20
CA LYS A 154 -43.59 14.17 4.64
C LYS A 154 -44.65 13.08 4.68
N ALA A 155 -45.89 13.48 4.92
CA ALA A 155 -47.00 12.54 4.98
C ALA A 155 -48.24 13.18 4.38
N MET A 156 -48.71 12.64 3.26
CA MET A 156 -49.97 13.07 2.69
C MET A 156 -51.12 12.61 3.57
N TYR A 157 -52.21 13.37 3.55
CA TYR A 157 -53.34 13.04 4.39
C TYR A 157 -54.61 13.61 3.78
N VAL A 158 -55.72 12.91 3.99
CA VAL A 158 -57.04 13.40 3.61
C VAL A 158 -58.00 13.10 4.75
N ARG A 159 -59.11 13.83 4.77
CA ARG A 159 -60.18 13.61 5.74
C ARG A 159 -61.46 13.31 4.98
N VAL A 160 -61.92 12.05 5.07
CA VAL A 160 -63.10 11.60 4.36
C VAL A 160 -64.05 10.94 5.34
N SER A 161 -65.31 10.83 4.93
CA SER A 161 -66.31 10.16 5.74
C SER A 161 -66.02 8.66 5.81
N PHE A 162 -66.51 8.04 6.88
CA PHE A 162 -66.29 6.61 7.08
C PHE A 162 -67.13 5.74 6.15
N ASP A 163 -68.05 6.34 5.40
CA ASP A 163 -68.88 5.61 4.44
C ASP A 163 -68.42 5.80 3.00
N THR A 164 -67.19 6.28 2.80
CA THR A 164 -66.68 6.53 1.46
C THR A 164 -66.49 5.22 0.71
N LYS A 165 -66.82 5.24 -0.59
CA LYS A 165 -66.71 4.04 -1.40
C LYS A 165 -65.24 3.66 -1.59
N PRO A 166 -64.91 2.37 -1.52
CA PRO A 166 -63.52 1.95 -1.71
C PRO A 166 -62.94 2.28 -3.07
N ASP A 167 -63.78 2.34 -4.11
CA ASP A 167 -63.28 2.63 -5.45
C ASP A 167 -62.71 4.04 -5.54
N LEU A 168 -63.40 5.02 -4.95
CA LEU A 168 -62.90 6.39 -4.98
C LEU A 168 -61.63 6.53 -4.16
N LEU A 169 -61.55 5.81 -3.03
CA LEU A 169 -60.32 5.82 -2.24
C LEU A 169 -59.15 5.24 -3.00
N LEU A 170 -59.39 4.14 -3.72
CA LEU A 170 -58.33 3.56 -4.54
C LEU A 170 -57.92 4.50 -5.66
N HIS A 171 -58.89 5.20 -6.26
CA HIS A 171 -58.58 6.18 -7.30
C HIS A 171 -57.70 7.29 -6.74
N LEU A 172 -58.05 7.80 -5.55
CA LEU A 172 -57.23 8.83 -4.91
C LEU A 172 -55.83 8.32 -4.60
N MET A 173 -55.74 7.09 -4.10
CA MET A 173 -54.44 6.55 -3.68
C MET A 173 -53.56 6.21 -4.88
N THR A 174 -54.16 5.91 -6.03
CA THR A 174 -53.39 5.51 -7.19
C THR A 174 -53.01 6.69 -8.09
N LYS A 175 -53.97 7.56 -8.40
CA LYS A 175 -53.75 8.63 -9.37
C LYS A 175 -53.29 9.93 -8.72
N GLU A 176 -53.93 10.36 -7.64
CA GLU A 176 -53.55 11.62 -7.00
C GLU A 176 -52.22 11.49 -6.26
N TRP A 177 -52.01 10.38 -5.57
CA TRP A 177 -50.79 10.18 -4.80
C TRP A 177 -49.69 9.46 -5.58
N GLN A 178 -49.97 9.09 -6.84
CA GLN A 178 -48.97 8.53 -7.75
C GLN A 178 -48.33 7.25 -7.20
N LEU A 179 -49.15 6.42 -6.55
CA LEU A 179 -48.68 5.15 -5.99
C LEU A 179 -48.97 4.02 -6.96
N GLU A 180 -47.96 3.19 -7.22
CA GLU A 180 -48.16 2.02 -8.07
C GLU A 180 -49.00 0.98 -7.33
N LEU A 181 -49.67 0.14 -8.10
CA LEU A 181 -50.49 -0.91 -7.51
C LEU A 181 -49.60 -1.92 -6.80
N PRO A 182 -49.88 -2.24 -5.54
CA PRO A 182 -48.96 -3.09 -4.78
C PRO A 182 -48.98 -4.52 -5.27
N LYS A 183 -47.85 -5.21 -5.05
CA LYS A 183 -47.77 -6.64 -5.29
C LYS A 183 -48.12 -7.45 -4.04
N LEU A 184 -48.33 -6.79 -2.91
CA LEU A 184 -48.58 -7.47 -1.65
C LEU A 184 -49.18 -6.47 -0.67
N LEU A 185 -50.08 -6.95 0.19
CA LEU A 185 -50.70 -6.14 1.22
C LEU A 185 -50.52 -6.81 2.56
N ILE A 186 -50.14 -6.04 3.57
CA ILE A 186 -49.89 -6.55 4.92
C ILE A 186 -50.77 -5.78 5.89
N SER A 187 -51.48 -6.51 6.75
CA SER A 187 -52.29 -5.93 7.81
C SER A 187 -51.66 -6.23 9.15
N VAL A 188 -51.56 -5.21 10.01
CA VAL A 188 -50.76 -5.27 11.22
C VAL A 188 -51.65 -5.12 12.46
N HIS A 189 -52.84 -5.71 12.40
CA HIS A 189 -53.78 -5.70 13.52
C HIS A 189 -53.08 -6.11 14.82
N GLY A 190 -53.37 -5.37 15.88
CA GLY A 190 -52.74 -5.62 17.16
C GLY A 190 -53.48 -4.93 18.29
N GLY A 191 -52.84 -4.90 19.45
CA GLY A 191 -53.44 -4.33 20.64
C GLY A 191 -53.48 -2.81 20.59
N LEU A 192 -54.37 -2.23 21.39
CA LEU A 192 -54.55 -0.80 21.43
C LEU A 192 -53.75 -0.13 22.55
N GLN A 193 -53.52 -0.85 23.65
CA GLN A 193 -52.75 -0.31 24.77
C GLN A 193 -51.27 -0.35 24.45
N ASN A 194 -50.52 0.58 25.04
CA ASN A 194 -49.08 0.68 24.77
C ASN A 194 -48.33 -0.42 25.50
N PHE A 195 -48.37 -1.63 24.92
CA PHE A 195 -47.61 -2.74 25.46
C PHE A 195 -46.14 -2.58 25.12
N GLU A 196 -45.30 -3.40 25.75
CA GLU A 196 -43.86 -3.36 25.54
C GLU A 196 -43.37 -4.75 25.17
N LEU A 197 -42.68 -4.85 24.04
CA LEU A 197 -42.09 -6.11 23.62
C LEU A 197 -40.67 -6.24 24.17
N GLN A 198 -40.33 -7.45 24.62
CA GLN A 198 -39.00 -7.70 25.16
C GLN A 198 -37.96 -7.59 24.05
N PRO A 199 -36.72 -7.22 24.39
CA PRO A 199 -35.67 -7.15 23.38
C PRO A 199 -35.37 -8.51 22.78
N LYS A 200 -34.66 -8.50 21.65
CA LYS A 200 -34.28 -9.65 20.82
C LYS A 200 -35.47 -10.28 20.10
N LEU A 201 -36.69 -9.81 20.36
CA LEU A 201 -37.87 -10.25 19.63
C LEU A 201 -38.48 -9.15 18.78
N LYS A 202 -38.62 -7.94 19.33
CA LYS A 202 -39.12 -6.83 18.53
C LYS A 202 -38.12 -6.41 17.46
N GLN A 203 -36.82 -6.60 17.71
CA GLN A 203 -35.81 -6.20 16.73
C GLN A 203 -35.87 -7.09 15.48
N VAL A 204 -35.90 -8.40 15.68
CA VAL A 204 -35.97 -9.31 14.53
C VAL A 204 -37.32 -9.18 13.83
N PHE A 205 -38.38 -8.94 14.58
CA PHE A 205 -39.70 -8.70 13.98
C PHE A 205 -39.66 -7.46 13.09
N GLY A 206 -39.09 -6.37 13.59
CA GLY A 206 -39.01 -5.16 12.79
C GLY A 206 -38.15 -5.33 11.56
N LYS A 207 -37.00 -5.99 11.71
CA LYS A 207 -36.12 -6.22 10.57
C LYS A 207 -36.80 -7.08 9.51
N GLY A 208 -37.50 -8.13 9.93
CA GLY A 208 -38.20 -8.98 8.98
C GLY A 208 -39.34 -8.27 8.27
N LEU A 209 -40.12 -7.48 9.02
CA LEU A 209 -41.19 -6.72 8.39
C LEU A 209 -40.64 -5.72 7.39
N ILE A 210 -39.56 -5.03 7.75
CA ILE A 210 -38.94 -4.07 6.83
C ILE A 210 -38.42 -4.75 5.58
N LYS A 211 -37.75 -5.90 5.75
CA LYS A 211 -37.22 -6.61 4.60
C LYS A 211 -38.32 -7.12 3.68
N ALA A 212 -39.42 -7.63 4.27
CA ALA A 212 -40.53 -8.11 3.45
C ALA A 212 -41.21 -6.96 2.72
N ALA A 213 -41.34 -5.79 3.36
CA ALA A 213 -41.99 -4.68 2.71
C ALA A 213 -41.08 -3.93 1.74
N MET A 214 -39.77 -4.11 1.83
CA MET A 214 -38.84 -3.40 0.97
C MET A 214 -38.39 -4.22 -0.24
N THR A 215 -38.03 -5.50 -0.03
CA THR A 215 -37.66 -6.35 -1.16
C THR A 215 -38.84 -6.56 -2.09
N THR A 216 -40.03 -6.75 -1.54
CA THR A 216 -41.25 -6.90 -2.31
C THR A 216 -42.03 -5.60 -2.26
N GLY A 217 -42.38 -5.07 -3.44
CA GLY A 217 -43.17 -3.86 -3.48
C GLY A 217 -44.54 -4.07 -2.87
N ALA A 218 -44.75 -3.53 -1.67
CA ALA A 218 -45.93 -3.85 -0.89
C ALA A 218 -46.40 -2.64 -0.11
N TRP A 219 -47.67 -2.69 0.29
CA TRP A 219 -48.27 -1.68 1.15
C TRP A 219 -48.49 -2.26 2.54
N ILE A 220 -48.37 -1.40 3.54
CA ILE A 220 -48.58 -1.77 4.94
C ILE A 220 -49.76 -0.97 5.47
N PHE A 221 -50.78 -1.66 5.95
CA PHE A 221 -51.95 -1.03 6.55
C PHE A 221 -51.82 -1.09 8.06
N THR A 222 -51.79 0.08 8.69
CA THR A 222 -51.67 0.18 10.15
C THR A 222 -52.80 1.03 10.70
N GLY A 223 -52.87 1.09 12.03
CA GLY A 223 -53.88 1.91 12.68
C GLY A 223 -53.66 3.39 12.44
N GLY A 224 -52.41 3.84 12.54
CA GLY A 224 -52.09 5.22 12.25
C GLY A 224 -51.68 6.04 13.45
N VAL A 225 -52.38 5.86 14.58
CA VAL A 225 -52.05 6.59 15.79
C VAL A 225 -50.86 5.94 16.47
N ASN A 226 -50.24 6.67 17.40
CA ASN A 226 -49.02 6.20 18.04
C ASN A 226 -49.34 5.45 19.34
N THR A 227 -50.15 4.39 19.20
CA THR A 227 -50.50 3.54 20.32
C THR A 227 -50.39 2.09 19.91
N GLY A 228 -49.88 1.25 20.82
CA GLY A 228 -49.86 -0.18 20.60
C GLY A 228 -48.75 -0.67 19.69
N VAL A 229 -49.06 -1.64 18.83
CA VAL A 229 -48.06 -2.19 17.92
C VAL A 229 -47.66 -1.18 16.86
N ILE A 230 -48.46 -0.13 16.66
CA ILE A 230 -48.14 0.89 15.67
C ILE A 230 -46.86 1.63 16.07
N ARG A 231 -46.63 1.82 17.37
CA ARG A 231 -45.37 2.40 17.81
C ARG A 231 -44.19 1.49 17.46
N HIS A 232 -44.37 0.18 17.61
CA HIS A 232 -43.31 -0.76 17.23
C HIS A 232 -43.04 -0.69 15.73
N VAL A 233 -44.10 -0.62 14.91
CA VAL A 233 -43.92 -0.49 13.47
C VAL A 233 -43.21 0.83 13.14
N GLY A 234 -43.56 1.89 13.88
CA GLY A 234 -42.93 3.19 13.64
C GLY A 234 -41.45 3.18 13.95
N ASP A 235 -41.05 2.57 15.08
CA ASP A 235 -39.63 2.54 15.38
C ASP A 235 -38.89 1.56 14.47
N ALA A 236 -39.55 0.51 14.00
CA ALA A 236 -38.94 -0.36 13.01
C ALA A 236 -38.68 0.39 11.71
N LEU A 237 -39.63 1.22 11.27
CA LEU A 237 -39.42 2.05 10.09
C LEU A 237 -38.33 3.08 10.33
N LYS A 238 -38.28 3.65 11.53
CA LYS A 238 -37.28 4.67 11.83
C LYS A 238 -35.87 4.09 11.84
N ASP A 239 -35.70 2.89 12.40
CA ASP A 239 -34.37 2.27 12.43
C ASP A 239 -33.90 1.89 11.04
N HIS A 240 -34.81 1.43 10.18
CA HIS A 240 -34.43 1.08 8.81
C HIS A 240 -34.03 2.31 8.01
N ALA A 241 -34.73 3.43 8.20
CA ALA A 241 -34.51 4.62 7.39
C ALA A 241 -33.14 5.25 7.64
N SER A 242 -32.45 4.87 8.72
CA SER A 242 -31.14 5.40 9.02
C SER A 242 -30.01 4.56 8.45
N LYS A 243 -30.31 3.47 7.75
CA LYS A 243 -29.28 2.60 7.21
C LYS A 243 -29.46 2.22 5.75
N SER A 244 -30.68 2.29 5.20
CA SER A 244 -30.95 1.78 3.87
C SER A 244 -31.69 2.83 3.04
N ARG A 245 -31.59 2.68 1.73
CA ARG A 245 -32.26 3.54 0.77
C ARG A 245 -33.72 3.08 0.63
N GLY A 246 -34.45 3.71 -0.28
CA GLY A 246 -35.80 3.30 -0.59
C GLY A 246 -36.82 3.81 0.41
N LYS A 247 -38.08 3.68 0.03
CA LYS A 247 -39.20 4.11 0.86
C LYS A 247 -40.20 2.98 0.98
N ILE A 248 -40.89 2.94 2.13
CA ILE A 248 -41.92 1.95 2.41
C ILE A 248 -43.26 2.65 2.39
N CYS A 249 -44.21 2.11 1.62
CA CYS A 249 -45.53 2.72 1.49
C CYS A 249 -46.41 2.31 2.67
N THR A 250 -46.13 2.91 3.82
CA THR A 250 -46.92 2.66 5.01
C THR A 250 -48.13 3.60 5.03
N ILE A 251 -49.32 3.02 5.18
CA ILE A 251 -50.57 3.76 5.11
C ILE A 251 -51.32 3.59 6.41
N GLY A 252 -51.70 4.70 7.03
CA GLY A 252 -52.42 4.67 8.29
C GLY A 252 -53.87 5.08 8.12
N ILE A 253 -54.77 4.25 8.62
CA ILE A 253 -56.20 4.51 8.56
C ILE A 253 -56.67 4.72 10.00
N ALA A 254 -56.73 5.98 10.43
CA ALA A 254 -57.03 6.32 11.81
C ALA A 254 -58.32 7.12 11.91
N PRO A 255 -59.07 6.96 12.99
CA PRO A 255 -60.24 7.81 13.20
C PRO A 255 -59.83 9.25 13.48
N TRP A 256 -60.68 10.19 13.03
CA TRP A 256 -60.38 11.60 13.16
C TRP A 256 -60.54 12.10 14.60
N GLY A 257 -61.33 11.40 15.41
CA GLY A 257 -61.62 11.86 16.75
C GLY A 257 -60.58 11.58 17.81
N ILE A 258 -59.46 10.97 17.46
CA ILE A 258 -58.44 10.60 18.45
C ILE A 258 -57.15 11.39 18.29
N VAL A 259 -56.99 12.16 17.21
CA VAL A 259 -55.79 12.95 17.03
C VAL A 259 -55.73 14.05 18.09
N GLU A 260 -54.50 14.35 18.55
CA GLU A 260 -54.34 15.33 19.61
C GLU A 260 -54.66 16.75 19.15
N ASN A 261 -54.58 17.01 17.84
CA ASN A 261 -54.90 18.32 17.27
C ASN A 261 -55.85 18.12 16.10
N GLN A 262 -57.16 18.21 16.37
CA GLN A 262 -58.13 18.26 15.27
C GLN A 262 -57.92 19.50 14.43
N GLU A 263 -57.47 20.59 15.05
CA GLU A 263 -57.05 21.77 14.31
C GLU A 263 -55.65 21.56 13.72
N ASP A 264 -55.06 22.64 13.19
CA ASP A 264 -53.72 22.63 12.61
C ASP A 264 -53.61 21.69 11.41
N LEU A 265 -54.73 21.16 10.92
CA LEU A 265 -54.75 20.29 9.75
C LEU A 265 -55.83 20.68 8.76
N ILE A 266 -56.51 21.79 8.98
CA ILE A 266 -57.66 22.16 8.16
C ILE A 266 -57.24 22.84 6.86
N GLY A 267 -55.96 23.14 6.72
CA GLY A 267 -55.47 23.78 5.52
C GLY A 267 -55.54 22.85 4.32
N ARG A 268 -56.31 23.26 3.31
CA ARG A 268 -56.58 22.41 2.15
C ARG A 268 -55.48 22.60 1.11
N ASP A 269 -54.80 21.51 0.78
CA ASP A 269 -53.72 21.49 -0.22
C ASP A 269 -52.63 22.49 0.12
N VAL A 270 -52.19 22.47 1.38
CA VAL A 270 -51.11 23.34 1.84
C VAL A 270 -50.42 22.64 3.00
N VAL A 271 -49.11 22.82 3.08
CA VAL A 271 -48.31 22.17 4.12
C VAL A 271 -48.68 22.74 5.49
N ARG A 272 -49.03 21.86 6.42
CA ARG A 272 -49.41 22.25 7.77
C ARG A 272 -48.44 21.62 8.76
N PRO A 273 -47.65 22.41 9.49
CA PRO A 273 -46.75 21.83 10.49
C PRO A 273 -47.50 21.10 11.59
N TYR A 274 -46.91 20.00 12.06
CA TYR A 274 -47.50 19.17 13.09
C TYR A 274 -46.46 18.86 14.15
N GLN A 275 -46.92 18.74 15.39
CA GLN A 275 -46.04 18.56 16.54
C GLN A 275 -46.15 17.13 17.05
N THR A 276 -45.01 16.48 17.26
CA THR A 276 -44.96 15.12 17.76
C THR A 276 -44.89 15.05 19.28
N MET A 277 -44.91 16.19 19.97
CA MET A 277 -44.86 16.20 21.42
C MET A 277 -46.15 15.59 21.98
N SER A 278 -46.00 14.70 22.95
CA SER A 278 -47.13 13.99 23.54
C SER A 278 -47.45 14.56 24.92
N ASN A 279 -48.72 14.93 25.11
CA ASN A 279 -49.19 15.41 26.41
C ASN A 279 -50.01 14.31 27.06
N PRO A 280 -49.52 13.68 28.13
CA PRO A 280 -50.26 12.56 28.73
C PRO A 280 -51.62 12.94 29.31
N MET A 281 -51.84 14.21 29.64
CA MET A 281 -53.09 14.65 30.24
C MET A 281 -54.10 15.15 29.21
N SER A 282 -53.78 15.04 27.91
CA SER A 282 -54.68 15.50 26.87
C SER A 282 -55.75 14.47 26.52
N LYS A 283 -55.68 13.26 27.07
CA LYS A 283 -56.65 12.18 26.88
C LYS A 283 -56.75 11.72 25.43
N LEU A 284 -55.81 12.12 24.58
CA LEU A 284 -55.79 11.69 23.18
C LEU A 284 -54.39 11.20 22.83
N THR A 285 -54.15 10.92 21.55
CA THR A 285 -52.84 10.45 21.12
C THR A 285 -52.43 11.19 19.85
N VAL A 286 -51.12 11.27 19.66
CA VAL A 286 -50.54 12.00 18.53
C VAL A 286 -50.49 11.08 17.32
N LEU A 287 -50.44 11.69 16.14
CA LEU A 287 -50.32 10.93 14.91
C LEU A 287 -48.90 10.38 14.79
N ASN A 288 -48.79 9.08 14.52
CA ASN A 288 -47.48 8.44 14.45
C ASN A 288 -46.75 8.90 13.19
N SER A 289 -45.51 9.36 13.38
CA SER A 289 -44.69 9.76 12.25
C SER A 289 -44.17 8.52 11.52
N MET A 290 -43.30 8.75 10.53
CA MET A 290 -42.74 7.69 9.69
C MET A 290 -43.82 6.91 8.95
N HIS A 291 -44.95 7.56 8.65
CA HIS A 291 -46.00 6.98 7.82
C HIS A 291 -46.15 7.80 6.55
N SER A 292 -46.21 7.12 5.42
CA SER A 292 -46.21 7.79 4.13
C SER A 292 -47.53 8.51 3.87
N HIS A 293 -48.66 7.89 4.20
CA HIS A 293 -49.97 8.47 3.91
C HIS A 293 -50.93 8.17 5.04
N PHE A 294 -51.96 9.01 5.16
CA PHE A 294 -52.99 8.85 6.18
C PHE A 294 -54.37 8.94 5.54
N ILE A 295 -55.31 8.17 6.09
CA ILE A 295 -56.70 8.20 5.68
C ILE A 295 -57.51 8.43 6.96
N LEU A 296 -57.89 9.68 7.20
CA LEU A 296 -58.58 10.05 8.43
C LEU A 296 -60.08 9.95 8.21
N ALA A 297 -60.71 8.96 8.81
CA ALA A 297 -62.14 8.71 8.66
C ALA A 297 -62.87 9.10 9.93
N ASP A 298 -63.95 9.87 9.77
CA ASP A 298 -64.72 10.38 10.90
C ASP A 298 -66.17 9.94 10.77
N ASN A 299 -66.76 9.54 11.89
CA ASN A 299 -68.19 9.24 11.97
C ASN A 299 -68.98 10.37 12.63
N GLY A 300 -68.33 11.50 12.92
CA GLY A 300 -68.97 12.62 13.56
C GLY A 300 -68.69 12.75 15.04
N THR A 301 -68.22 11.68 15.68
CA THR A 301 -67.96 11.71 17.12
C THR A 301 -66.56 12.24 17.38
N THR A 302 -66.12 12.19 18.64
CA THR A 302 -64.80 12.67 19.01
C THR A 302 -64.38 11.97 20.31
N GLY A 303 -63.22 11.33 20.29
CA GLY A 303 -62.71 10.66 21.46
C GLY A 303 -63.03 9.18 21.55
N LYS A 304 -63.51 8.57 20.47
CA LYS A 304 -63.86 7.15 20.50
C LYS A 304 -63.45 6.51 19.18
N TYR A 305 -63.18 5.20 19.23
CA TYR A 305 -62.74 4.44 18.08
C TYR A 305 -63.95 3.87 17.34
N GLY A 306 -63.70 2.94 16.42
CA GLY A 306 -64.75 2.26 15.70
C GLY A 306 -65.17 2.88 14.38
N ALA A 307 -64.52 3.96 13.96
CA ALA A 307 -64.89 4.66 12.73
C ALA A 307 -64.03 4.28 11.54
N GLU A 308 -63.13 3.30 11.68
CA GLU A 308 -62.20 2.97 10.61
C GLU A 308 -62.07 1.48 10.34
N VAL A 309 -62.58 0.61 11.21
CA VAL A 309 -62.38 -0.83 11.00
C VAL A 309 -63.13 -1.31 9.78
N LYS A 310 -64.40 -0.90 9.63
CA LYS A 310 -65.20 -1.35 8.49
C LYS A 310 -64.66 -0.80 7.19
N LEU A 311 -64.25 0.48 7.19
CA LEU A 311 -63.69 1.07 5.97
C LEU A 311 -62.38 0.38 5.58
N ARG A 312 -61.53 0.09 6.56
CA ARG A 312 -60.28 -0.60 6.29
C ARG A 312 -60.52 -1.99 5.72
N ARG A 313 -61.48 -2.73 6.29
CA ARG A 313 -61.78 -4.06 5.77
C ARG A 313 -62.36 -3.99 4.37
N GLN A 314 -63.23 -3.01 4.10
CA GLN A 314 -63.79 -2.87 2.76
C GLN A 314 -62.71 -2.52 1.75
N LEU A 315 -61.77 -1.64 2.13
CA LEU A 315 -60.68 -1.29 1.23
C LEU A 315 -59.78 -2.50 0.97
N GLU A 316 -59.51 -3.30 1.99
CA GLU A 316 -58.72 -4.51 1.80
C GLU A 316 -59.44 -5.48 0.86
N LYS A 317 -60.75 -5.64 1.02
CA LYS A 317 -61.51 -6.52 0.14
C LYS A 317 -61.47 -6.01 -1.30
N HIS A 318 -61.60 -4.70 -1.49
CA HIS A 318 -61.62 -4.16 -2.85
C HIS A 318 -60.26 -4.22 -3.51
N ILE A 319 -59.18 -4.03 -2.74
CA ILE A 319 -57.85 -4.11 -3.34
C ILE A 319 -57.39 -5.56 -3.53
N SER A 320 -57.96 -6.50 -2.76
CA SER A 320 -57.64 -7.91 -2.97
C SER A 320 -58.17 -8.40 -4.31
N LEU A 321 -59.36 -7.96 -4.69
CA LEU A 321 -59.93 -8.34 -5.98
C LEU A 321 -59.31 -7.61 -7.15
N GLN A 322 -58.48 -6.60 -6.89
CA GLN A 322 -57.84 -5.87 -7.97
C GLN A 322 -56.83 -6.76 -8.69
N LYS A 323 -56.75 -6.61 -10.00
CA LYS A 323 -55.91 -7.49 -10.82
C LYS A 323 -54.47 -7.02 -10.79
N ILE A 324 -53.55 -7.97 -10.57
CA ILE A 324 -52.12 -7.71 -10.64
C ILE A 324 -51.74 -7.62 -12.12
N ASN A 325 -50.52 -7.16 -12.40
CA ASN A 325 -50.11 -6.95 -13.78
C ASN A 325 -50.07 -8.26 -14.58
N THR A 326 -49.85 -9.38 -13.90
CA THR A 326 -49.78 -10.65 -14.61
C THR A 326 -51.14 -11.04 -15.16
N ARG A 327 -51.13 -11.56 -16.39
CA ARG A 327 -52.35 -11.96 -17.09
C ARG A 327 -52.79 -13.38 -16.74
N ILE A 328 -52.29 -13.94 -15.64
CA ILE A 328 -52.73 -15.27 -15.21
C ILE A 328 -54.18 -15.21 -14.77
N GLY A 329 -54.53 -14.21 -13.96
CA GLY A 329 -55.89 -14.09 -13.46
C GLY A 329 -55.94 -14.10 -11.94
N GLN A 330 -54.85 -13.71 -11.31
CA GLN A 330 -54.74 -13.70 -9.86
C GLN A 330 -54.68 -12.26 -9.35
N GLY A 331 -55.32 -12.01 -8.21
CA GLY A 331 -55.34 -10.71 -7.60
C GLY A 331 -54.15 -10.48 -6.68
N VAL A 332 -54.19 -9.35 -5.99
CA VAL A 332 -53.12 -8.96 -5.06
C VAL A 332 -53.24 -9.81 -3.81
N PRO A 333 -52.21 -10.56 -3.44
CA PRO A 333 -52.27 -11.36 -2.20
C PRO A 333 -52.31 -10.46 -0.97
N VAL A 334 -53.05 -10.91 0.04
CA VAL A 334 -53.22 -10.17 1.29
C VAL A 334 -52.87 -11.09 2.45
N VAL A 335 -52.06 -10.60 3.38
CA VAL A 335 -51.70 -11.34 4.57
C VAL A 335 -52.00 -10.48 5.78
N ALA A 336 -52.15 -11.13 6.94
CA ALA A 336 -52.43 -10.45 8.20
C ALA A 336 -51.36 -10.81 9.21
N LEU A 337 -50.90 -9.81 9.95
CA LEU A 337 -49.87 -10.00 10.96
C LEU A 337 -50.44 -9.59 12.32
N ILE A 338 -50.33 -10.48 13.30
CA ILE A 338 -50.93 -10.29 14.62
C ILE A 338 -49.81 -10.24 15.66
N VAL A 339 -49.72 -9.11 16.36
CA VAL A 339 -48.81 -8.94 17.48
C VAL A 339 -49.62 -8.36 18.63
N GLU A 340 -49.52 -8.98 19.80
CA GLU A 340 -50.35 -8.64 20.99
C GLU A 340 -51.81 -8.81 20.59
N GLY A 341 -52.73 -8.08 21.21
CA GLY A 341 -54.10 -8.12 20.76
C GLY A 341 -55.15 -7.91 21.84
N GLY A 342 -56.18 -8.74 21.83
CA GLY A 342 -57.27 -8.64 22.77
C GLY A 342 -58.43 -9.53 22.39
N PRO A 343 -59.57 -9.34 23.03
CA PRO A 343 -60.75 -10.15 22.69
C PRO A 343 -61.22 -9.97 21.26
N ASN A 344 -61.08 -8.76 20.70
CA ASN A 344 -61.53 -8.52 19.33
C ASN A 344 -60.55 -9.03 18.28
N VAL A 345 -59.30 -9.28 18.67
CA VAL A 345 -58.32 -9.83 17.74
C VAL A 345 -58.73 -11.23 17.30
N ILE A 346 -59.27 -12.03 18.22
CA ILE A 346 -59.78 -13.34 17.84
C ILE A 346 -60.93 -13.20 16.86
N SER A 347 -61.79 -12.20 17.05
CA SER A 347 -62.92 -11.97 16.15
C SER A 347 -62.44 -11.59 14.75
N ILE A 348 -61.47 -10.69 14.66
CA ILE A 348 -61.01 -10.28 13.32
C ILE A 348 -60.22 -11.40 12.66
N VAL A 349 -59.50 -12.22 13.43
CA VAL A 349 -58.83 -13.39 12.87
C VAL A 349 -59.85 -14.36 12.31
N LEU A 350 -60.92 -14.61 13.06
CA LEU A 350 -61.98 -15.50 12.58
C LEU A 350 -62.63 -14.95 11.32
N GLU A 351 -62.86 -13.64 11.26
CA GLU A 351 -63.44 -13.03 10.08
C GLU A 351 -62.50 -13.15 8.88
N TYR A 352 -61.19 -13.00 9.10
CA TYR A 352 -60.23 -13.19 8.01
C TYR A 352 -60.25 -14.62 7.50
N LEU A 353 -60.28 -15.60 8.41
CA LEU A 353 -60.28 -17.00 8.01
C LEU A 353 -61.58 -17.43 7.35
N ARG A 354 -62.67 -16.69 7.57
CA ARG A 354 -63.98 -17.03 7.04
C ARG A 354 -64.32 -16.28 5.76
N ASP A 355 -63.40 -15.47 5.22
CA ASP A 355 -63.66 -14.78 3.98
C ASP A 355 -63.79 -15.78 2.83
N THR A 356 -64.56 -15.42 1.82
CA THR A 356 -64.75 -16.31 0.68
C THR A 356 -63.43 -16.60 -0.04
N PRO A 357 -62.56 -15.64 -0.33
CA PRO A 357 -61.15 -15.98 -0.51
C PRO A 357 -60.43 -15.97 0.82
N PRO A 358 -59.96 -17.12 1.29
CA PRO A 358 -59.30 -17.17 2.60
C PRO A 358 -58.04 -16.34 2.64
N VAL A 359 -57.80 -15.72 3.78
CA VAL A 359 -56.67 -14.82 3.99
C VAL A 359 -55.80 -15.40 5.10
N PRO A 360 -54.56 -15.78 4.83
CA PRO A 360 -53.69 -16.32 5.89
C PRO A 360 -53.30 -15.26 6.89
N VAL A 361 -53.03 -15.70 8.12
CA VAL A 361 -52.60 -14.82 9.19
C VAL A 361 -51.31 -15.35 9.79
N VAL A 362 -50.56 -14.45 10.43
CA VAL A 362 -49.31 -14.78 11.10
C VAL A 362 -49.36 -14.19 12.50
N VAL A 363 -49.02 -15.00 13.50
CA VAL A 363 -49.07 -14.58 14.90
C VAL A 363 -47.69 -14.71 15.53
N CYS A 364 -47.56 -14.18 16.74
CA CYS A 364 -46.32 -14.23 17.49
C CYS A 364 -46.61 -14.68 18.92
N ASP A 365 -45.61 -15.25 19.58
CA ASP A 365 -45.77 -15.87 20.88
C ASP A 365 -45.32 -14.99 22.03
N GLY A 366 -44.22 -14.25 21.88
CA GLY A 366 -43.69 -13.46 22.97
C GLY A 366 -44.42 -12.16 23.24
N SER A 367 -45.71 -12.08 22.88
CA SER A 367 -46.47 -10.87 23.09
C SER A 367 -47.12 -10.84 24.47
N GLY A 368 -47.78 -11.94 24.83
CA GLY A 368 -48.44 -12.04 26.13
C GLY A 368 -49.92 -11.73 26.09
N ARG A 369 -50.50 -11.61 24.90
CA ARG A 369 -51.91 -11.30 24.73
C ARG A 369 -52.55 -12.47 23.97
N ALA A 370 -53.78 -12.25 23.47
CA ALA A 370 -54.52 -13.30 22.80
C ALA A 370 -53.79 -13.88 21.60
N SER A 371 -52.80 -13.17 21.06
CA SER A 371 -51.92 -13.77 20.06
C SER A 371 -51.16 -14.95 20.65
N ASP A 372 -50.65 -14.78 21.87
CA ASP A 372 -50.00 -15.89 22.57
C ASP A 372 -50.99 -17.00 22.87
N ILE A 373 -52.22 -16.63 23.25
CA ILE A 373 -53.27 -17.63 23.48
C ILE A 373 -53.58 -18.37 22.20
N LEU A 374 -53.65 -17.65 21.08
CA LEU A 374 -53.91 -18.29 19.79
C LEU A 374 -52.77 -19.24 19.40
N ALA A 375 -51.52 -18.83 19.66
CA ALA A 375 -50.38 -19.69 19.38
C ALA A 375 -50.39 -20.93 20.25
N PHE A 376 -50.76 -20.79 21.52
CA PHE A 376 -50.88 -21.94 22.41
C PHE A 376 -51.98 -22.88 21.94
N GLY A 377 -53.12 -22.33 21.52
CA GLY A 377 -54.20 -23.15 21.01
C GLY A 377 -53.93 -23.77 19.66
N HIS A 378 -52.96 -23.24 18.92
CA HIS A 378 -52.55 -23.86 17.66
C HIS A 378 -52.03 -25.27 17.89
N LYS A 379 -51.24 -25.46 18.95
CA LYS A 379 -50.82 -26.80 19.35
C LYS A 379 -52.01 -27.59 19.89
N TYR A 380 -51.95 -28.91 19.71
CA TYR A 380 -52.97 -29.85 20.19
C TYR A 380 -54.34 -29.54 19.57
N SER A 381 -54.41 -29.74 18.27
CA SER A 381 -55.66 -29.64 17.54
C SER A 381 -56.59 -30.79 17.93
N GLU A 382 -57.89 -30.54 17.79
CA GLU A 382 -58.89 -31.55 18.11
C GLU A 382 -59.07 -32.51 16.93
N VAL A 397 -57.66 -30.02 27.46
CA VAL A 397 -56.99 -28.82 27.94
C VAL A 397 -58.00 -27.69 28.07
N THR A 398 -59.27 -28.06 28.30
CA THR A 398 -60.35 -27.09 28.44
C THR A 398 -60.46 -26.52 29.85
N ILE A 399 -59.64 -27.00 30.79
CA ILE A 399 -59.64 -26.46 32.15
C ILE A 399 -58.64 -25.32 32.30
N GLN A 400 -58.02 -24.89 31.21
CA GLN A 400 -57.09 -23.76 31.20
C GLN A 400 -57.73 -22.51 30.61
N LYS A 401 -59.01 -22.29 30.91
CA LYS A 401 -59.76 -21.16 30.38
C LYS A 401 -59.87 -20.01 31.38
N THR A 402 -59.08 -20.05 32.46
CA THR A 402 -59.08 -19.01 33.47
C THR A 402 -57.77 -18.24 33.37
N PHE A 403 -57.86 -16.93 33.11
CA PHE A 403 -56.68 -16.08 33.04
C PHE A 403 -56.86 -14.73 33.73
N THR A 404 -58.00 -14.51 34.39
CA THR A 404 -58.36 -13.21 34.97
C THR A 404 -58.29 -12.10 33.93
N TYR A 405 -58.67 -12.44 32.70
CA TYR A 405 -58.60 -11.53 31.57
C TYR A 405 -59.97 -11.15 31.02
N THR A 406 -60.97 -12.01 31.18
CA THR A 406 -62.35 -11.70 30.79
C THR A 406 -63.26 -11.92 31.98
N ARG A 407 -64.58 -11.90 31.76
CA ARG A 407 -65.52 -12.08 32.87
C ARG A 407 -65.55 -13.52 33.35
N THR A 408 -64.50 -13.92 34.07
CA THR A 408 -64.34 -15.22 34.72
C THR A 408 -64.56 -16.37 33.74
N GLN A 409 -64.94 -17.54 34.26
CA GLN A 409 -65.30 -18.68 33.43
C GLN A 409 -66.71 -18.56 32.88
N ALA A 410 -67.51 -17.63 33.40
CA ALA A 410 -68.85 -17.41 32.87
C ALA A 410 -68.80 -16.90 31.43
N GLN A 411 -67.88 -15.99 31.14
CA GLN A 411 -67.71 -15.47 29.79
C GLN A 411 -66.43 -16.04 29.19
N HIS A 412 -66.54 -16.56 27.96
CA HIS A 412 -65.43 -17.20 27.30
C HIS A 412 -65.49 -16.92 25.81
N LEU A 413 -64.33 -16.91 25.17
CA LEU A 413 -64.20 -16.83 23.71
C LEU A 413 -63.85 -18.18 23.11
N PHE A 414 -64.18 -19.27 23.81
CA PHE A 414 -63.73 -20.58 23.37
C PHE A 414 -64.43 -21.02 22.08
N ILE A 415 -65.64 -20.55 21.83
CA ILE A 415 -66.34 -20.92 20.60
C ILE A 415 -65.59 -20.40 19.38
N ILE A 416 -65.26 -19.10 19.39
CA ILE A 416 -64.51 -18.55 18.26
C ILE A 416 -63.09 -19.10 18.23
N LEU A 417 -62.49 -19.35 19.39
CA LEU A 417 -61.15 -19.93 19.41
C LEU A 417 -61.13 -21.31 18.78
N MET A 418 -62.13 -22.15 19.10
CA MET A 418 -62.16 -23.50 18.54
C MET A 418 -62.56 -23.48 17.08
N GLU A 419 -63.36 -22.50 16.65
CA GLU A 419 -63.61 -22.35 15.22
C GLU A 419 -62.34 -21.99 14.47
N CYS A 420 -61.55 -21.06 15.02
CA CYS A 420 -60.27 -20.71 14.40
C CYS A 420 -59.34 -21.90 14.36
N MET A 421 -59.29 -22.69 15.44
CA MET A 421 -58.47 -23.90 15.43
C MET A 421 -59.03 -24.98 14.52
N LYS A 422 -60.33 -24.92 14.19
CA LYS A 422 -60.86 -25.80 13.16
C LYS A 422 -60.39 -25.37 11.78
N LYS A 423 -60.17 -24.07 11.59
CA LYS A 423 -59.61 -23.55 10.33
C LYS A 423 -58.14 -23.22 10.48
N LYS A 424 -57.39 -24.06 11.20
CA LYS A 424 -56.01 -23.80 11.56
C LYS A 424 -55.02 -24.08 10.44
N GLU A 425 -55.49 -24.43 9.24
CA GLU A 425 -54.56 -24.70 8.14
C GLU A 425 -53.88 -23.43 7.65
N LEU A 426 -54.43 -22.25 7.98
CA LEU A 426 -53.87 -20.98 7.54
C LEU A 426 -53.07 -20.27 8.62
N ILE A 427 -53.19 -20.69 9.87
CA ILE A 427 -52.46 -20.04 10.95
C ILE A 427 -50.98 -20.36 10.83
N THR A 428 -50.13 -19.34 10.99
CA THR A 428 -48.69 -19.51 11.00
C THR A 428 -48.14 -18.90 12.28
N VAL A 429 -47.33 -19.66 12.99
CA VAL A 429 -46.78 -19.24 14.28
C VAL A 429 -45.27 -19.08 14.13
N PHE A 430 -44.76 -17.92 14.54
CA PHE A 430 -43.35 -17.61 14.46
C PHE A 430 -42.74 -17.65 15.86
N ARG A 431 -41.86 -18.61 16.10
CA ARG A 431 -41.21 -18.78 17.39
C ARG A 431 -39.69 -18.70 17.21
N MET A 432 -39.02 -18.06 18.16
CA MET A 432 -37.58 -17.87 18.08
C MET A 432 -36.86 -19.15 18.49
N GLY A 433 -36.39 -19.90 17.50
CA GLY A 433 -35.57 -21.08 17.76
C GLY A 433 -36.33 -22.34 18.09
N SER A 434 -37.63 -22.23 18.35
CA SER A 434 -38.41 -23.42 18.69
C SER A 434 -38.84 -24.17 17.43
N GLU A 435 -39.60 -23.51 16.56
CA GLU A 435 -40.08 -24.12 15.33
C GLU A 435 -39.17 -23.74 14.17
N GLY A 436 -39.62 -24.01 12.95
CA GLY A 436 -38.92 -23.57 11.76
C GLY A 436 -39.27 -22.13 11.43
N HIS A 437 -38.76 -21.69 10.27
CA HIS A 437 -38.95 -20.33 9.77
C HIS A 437 -38.47 -19.30 10.80
N GLN A 438 -37.16 -19.35 11.07
CA GLN A 438 -36.55 -18.43 12.03
C GLN A 438 -36.56 -16.99 11.55
N ASP A 439 -36.83 -16.75 10.26
CA ASP A 439 -36.93 -15.41 9.71
C ASP A 439 -38.39 -15.07 9.47
N ILE A 440 -38.85 -13.98 10.05
CA ILE A 440 -40.26 -13.60 9.93
C ILE A 440 -40.60 -13.20 8.50
N ASP A 441 -39.66 -12.53 7.81
CA ASP A 441 -39.91 -12.18 6.41
C ASP A 441 -40.07 -13.42 5.55
N LEU A 442 -39.40 -14.51 5.90
CA LEU A 442 -39.66 -15.78 5.23
C LEU A 442 -40.99 -16.38 5.68
N ALA A 443 -41.35 -16.15 6.95
CA ALA A 443 -42.62 -16.68 7.46
C ALA A 443 -43.80 -16.04 6.75
N ILE A 444 -43.72 -14.74 6.47
CA ILE A 444 -44.81 -14.05 5.78
C ILE A 444 -44.95 -14.55 4.35
N LEU A 445 -43.83 -14.63 3.62
CA LEU A 445 -43.89 -14.96 2.20
C LEU A 445 -44.25 -16.42 1.99
N THR A 446 -43.74 -17.32 2.83
CA THR A 446 -44.09 -18.73 2.67
C THR A 446 -45.55 -19.00 3.00
N ALA A 447 -46.15 -18.20 3.88
CA ALA A 447 -47.57 -18.36 4.17
C ALA A 447 -48.44 -17.90 3.00
N LEU A 448 -47.94 -16.98 2.19
CA LEU A 448 -48.72 -16.48 1.06
C LEU A 448 -48.80 -17.50 -0.06
N LEU A 449 -47.72 -18.25 -0.30
CA LEU A 449 -47.73 -19.23 -1.38
C LEU A 449 -48.68 -20.38 -1.08
N LYS A 450 -48.62 -20.92 0.13
CA LYS A 450 -49.54 -22.00 0.50
C LYS A 450 -50.94 -21.48 0.77
N GLY A 451 -51.07 -20.21 1.18
CA GLY A 451 -52.38 -19.65 1.48
C GLY A 451 -53.21 -19.36 0.25
N ALA A 452 -52.57 -19.18 -0.91
CA ALA A 452 -53.32 -18.95 -2.13
C ALA A 452 -53.98 -20.22 -2.65
N ASN A 453 -53.45 -21.39 -2.31
CA ASN A 453 -53.97 -22.68 -2.75
C ASN A 453 -54.05 -22.75 -4.28
N ALA A 454 -53.02 -22.23 -4.94
CA ALA A 454 -52.94 -22.21 -6.38
C ALA A 454 -51.93 -23.26 -6.86
N SER A 455 -51.78 -23.34 -8.17
CA SER A 455 -50.89 -24.32 -8.77
C SER A 455 -49.44 -23.84 -8.71
N ALA A 456 -48.53 -24.71 -9.12
CA ALA A 456 -47.11 -24.33 -9.20
C ALA A 456 -46.84 -23.18 -10.16
N PRO A 457 -47.43 -23.10 -11.37
CA PRO A 457 -47.19 -21.91 -12.20
C PRO A 457 -47.62 -20.61 -11.55
N ASP A 458 -48.72 -20.59 -10.80
CA ASP A 458 -49.13 -19.36 -10.13
C ASP A 458 -48.18 -18.97 -9.02
N GLN A 459 -47.69 -19.96 -8.26
CA GLN A 459 -46.68 -19.67 -7.25
C GLN A 459 -45.40 -19.13 -7.88
N LEU A 460 -44.99 -19.70 -9.01
CA LEU A 460 -43.80 -19.22 -9.68
C LEU A 460 -44.01 -17.81 -10.22
N SER A 461 -45.20 -17.51 -10.75
CA SER A 461 -45.50 -16.15 -11.21
C SER A 461 -45.46 -15.16 -10.05
N LEU A 462 -46.00 -15.56 -8.89
CA LEU A 462 -45.98 -14.67 -7.73
C LEU A 462 -44.56 -14.41 -7.27
N ALA A 463 -43.74 -15.46 -7.20
CA ALA A 463 -42.35 -15.29 -6.80
C ALA A 463 -41.58 -14.45 -7.81
N LEU A 464 -41.89 -14.59 -9.08
CA LEU A 464 -41.28 -13.75 -10.11
C LEU A 464 -41.68 -12.29 -9.93
N ALA A 465 -42.95 -12.03 -9.61
CA ALA A 465 -43.40 -10.66 -9.40
C ALA A 465 -42.74 -10.04 -8.18
N TRP A 466 -42.57 -10.81 -7.10
CA TRP A 466 -41.92 -10.29 -5.91
C TRP A 466 -40.40 -10.20 -6.05
N ASN A 467 -39.83 -10.76 -7.12
CA ASN A 467 -38.39 -10.76 -7.36
C ASN A 467 -37.63 -11.41 -6.19
N ARG A 468 -38.14 -12.54 -5.72
CA ARG A 468 -37.50 -13.31 -4.65
C ARG A 468 -37.09 -14.65 -5.22
N VAL A 469 -35.82 -14.77 -5.60
CA VAL A 469 -35.32 -16.02 -6.18
C VAL A 469 -35.21 -17.11 -5.12
N ASP A 470 -34.80 -16.76 -3.89
CA ASP A 470 -34.61 -17.77 -2.85
C ASP A 470 -35.93 -18.40 -2.43
N ILE A 471 -37.03 -17.63 -2.46
CA ILE A 471 -38.33 -18.17 -2.11
C ILE A 471 -38.72 -19.27 -3.10
N ALA A 472 -38.54 -19.01 -4.39
CA ALA A 472 -38.86 -20.03 -5.39
C ALA A 472 -37.87 -21.19 -5.33
N ARG A 473 -36.61 -20.92 -4.99
CA ARG A 473 -35.62 -21.99 -4.94
C ARG A 473 -35.90 -22.95 -3.80
N SER A 474 -36.28 -22.43 -2.63
CA SER A 474 -36.45 -23.26 -1.44
C SER A 474 -37.85 -23.86 -1.31
N GLN A 475 -38.85 -23.27 -1.95
CA GLN A 475 -40.22 -23.74 -1.82
C GLN A 475 -40.78 -24.29 -3.12
N ILE A 476 -40.76 -23.51 -4.20
CA ILE A 476 -41.44 -23.90 -5.43
C ILE A 476 -40.71 -25.04 -6.13
N PHE A 477 -39.38 -24.96 -6.22
CA PHE A 477 -38.60 -25.98 -6.92
C PHE A 477 -38.13 -27.02 -5.91
N ILE A 478 -39.00 -28.02 -5.69
CA ILE A 478 -38.73 -29.13 -4.79
C ILE A 478 -39.06 -30.43 -5.52
N TYR A 479 -38.92 -31.55 -4.79
CA TYR A 479 -39.16 -32.86 -5.37
C TYR A 479 -40.64 -33.05 -5.68
N GLY A 480 -40.93 -33.51 -6.90
CA GLY A 480 -42.28 -33.87 -7.26
C GLY A 480 -43.26 -32.71 -7.32
N GLN A 481 -43.08 -31.83 -8.31
CA GLN A 481 -43.96 -30.68 -8.47
C GLN A 481 -44.97 -30.82 -9.59
N GLN A 482 -44.63 -31.57 -10.65
CA GLN A 482 -45.56 -31.87 -11.74
C GLN A 482 -46.05 -30.59 -12.41
N TRP A 483 -45.12 -29.90 -13.05
CA TRP A 483 -45.47 -28.70 -13.80
C TRP A 483 -46.33 -29.07 -15.01
N PRO A 484 -47.34 -28.26 -15.32
CA PRO A 484 -48.09 -28.47 -16.56
C PRO A 484 -47.20 -28.26 -17.77
N VAL A 485 -47.55 -28.93 -18.87
CA VAL A 485 -46.76 -28.83 -20.08
C VAL A 485 -46.91 -27.43 -20.68
N GLY A 486 -45.78 -26.79 -20.97
CA GLY A 486 -45.80 -25.44 -21.51
C GLY A 486 -45.85 -24.34 -20.47
N SER A 487 -45.60 -24.65 -19.21
CA SER A 487 -45.62 -23.67 -18.13
C SER A 487 -44.26 -23.04 -17.88
N LEU A 488 -43.21 -23.85 -17.82
CA LEU A 488 -41.87 -23.31 -17.63
C LEU A 488 -41.45 -22.43 -18.81
N GLU A 489 -41.94 -22.73 -20.01
CA GLU A 489 -41.66 -21.87 -21.16
C GLU A 489 -42.25 -20.48 -20.96
N GLN A 490 -43.50 -20.42 -20.50
CA GLN A 490 -44.12 -19.12 -20.25
C GLN A 490 -43.45 -18.39 -19.09
N ALA A 491 -43.03 -19.14 -18.07
CA ALA A 491 -42.29 -18.52 -16.97
C ALA A 491 -40.97 -17.94 -17.45
N MET A 492 -40.27 -18.65 -18.33
CA MET A 492 -39.03 -18.14 -18.90
C MET A 492 -39.27 -16.89 -19.73
N LEU A 493 -40.35 -16.88 -20.53
CA LEU A 493 -40.65 -15.69 -21.32
C LEU A 493 -40.95 -14.50 -20.42
N ASP A 494 -41.73 -14.71 -19.36
CA ASP A 494 -42.06 -13.62 -18.44
C ASP A 494 -40.82 -13.11 -17.72
N ALA A 495 -39.94 -14.02 -17.30
CA ALA A 495 -38.71 -13.59 -16.64
C ALA A 495 -37.77 -12.87 -17.60
N LEU A 496 -37.78 -13.26 -18.87
CA LEU A 496 -36.94 -12.59 -19.86
C LEU A 496 -37.45 -11.18 -20.16
N VAL A 497 -38.78 -11.02 -20.23
CA VAL A 497 -39.34 -9.70 -20.50
C VAL A 497 -39.08 -8.75 -19.33
N LEU A 498 -39.25 -9.23 -18.10
CA LEU A 498 -39.17 -8.38 -16.92
C LEU A 498 -37.75 -8.15 -16.44
N ASP A 499 -36.74 -8.67 -17.14
CA ASP A 499 -35.33 -8.51 -16.78
C ASP A 499 -35.06 -9.08 -15.38
N ARG A 500 -35.28 -10.39 -15.25
CA ARG A 500 -35.03 -11.13 -14.01
C ARG A 500 -33.94 -12.16 -14.32
N VAL A 501 -32.67 -11.75 -14.14
CA VAL A 501 -31.55 -12.62 -14.49
C VAL A 501 -31.52 -13.85 -13.59
N ASP A 502 -31.77 -13.67 -12.29
CA ASP A 502 -31.70 -14.79 -11.36
C ASP A 502 -32.74 -15.85 -11.68
N PHE A 503 -33.96 -15.42 -12.03
CA PHE A 503 -34.99 -16.38 -12.39
C PHE A 503 -34.70 -17.06 -13.72
N VAL A 504 -34.08 -16.36 -14.67
CA VAL A 504 -33.68 -16.99 -15.92
C VAL A 504 -32.65 -18.09 -15.64
N LYS A 505 -31.67 -17.79 -14.79
CA LYS A 505 -30.67 -18.80 -14.43
C LYS A 505 -31.30 -19.97 -13.72
N LEU A 506 -32.24 -19.70 -12.80
CA LEU A 506 -32.89 -20.77 -12.05
C LEU A 506 -33.74 -21.65 -12.95
N LEU A 507 -34.46 -21.06 -13.90
CA LEU A 507 -35.28 -21.84 -14.81
C LEU A 507 -34.41 -22.63 -15.77
N ILE A 508 -33.29 -22.07 -16.21
CA ILE A 508 -32.35 -22.82 -17.03
C ILE A 508 -31.81 -24.03 -16.26
N GLU A 509 -31.41 -23.81 -15.02
CA GLU A 509 -30.89 -24.90 -14.20
C GLU A 509 -31.93 -25.98 -13.95
N ASN A 510 -33.21 -25.61 -13.92
CA ASN A 510 -34.28 -26.54 -13.55
C ASN A 510 -35.04 -27.07 -14.75
N GLY A 511 -34.36 -27.28 -15.89
CA GLY A 511 -34.95 -28.07 -16.94
C GLY A 511 -35.11 -27.44 -18.31
N VAL A 512 -35.46 -26.15 -18.37
CA VAL A 512 -35.79 -25.55 -19.65
C VAL A 512 -34.54 -25.45 -20.52
N SER A 513 -34.74 -25.51 -21.84
CA SER A 513 -33.66 -25.47 -22.81
C SER A 513 -33.91 -24.32 -23.77
N MET A 514 -32.87 -23.52 -24.01
CA MET A 514 -33.01 -22.33 -24.82
C MET A 514 -33.13 -22.64 -26.31
N HIS A 515 -32.68 -23.81 -26.75
CA HIS A 515 -32.73 -24.14 -28.17
C HIS A 515 -34.17 -24.32 -28.65
N ARG A 516 -34.99 -25.01 -27.85
CA ARG A 516 -36.38 -25.22 -28.24
C ARG A 516 -37.27 -24.05 -27.85
N PHE A 517 -36.89 -23.30 -26.81
CA PHE A 517 -37.70 -22.18 -26.36
C PHE A 517 -37.77 -21.08 -27.41
N LEU A 518 -36.62 -20.72 -27.99
CA LEU A 518 -36.54 -19.53 -28.82
C LEU A 518 -37.06 -19.84 -30.22
N THR A 519 -38.12 -19.14 -30.62
CA THR A 519 -38.65 -19.20 -31.97
C THR A 519 -38.71 -17.78 -32.52
N ILE A 520 -39.08 -17.68 -33.81
CA ILE A 520 -39.14 -16.38 -34.46
C ILE A 520 -40.23 -15.51 -33.81
N SER A 521 -41.40 -16.11 -33.53
CA SER A 521 -42.49 -15.36 -32.93
C SER A 521 -42.13 -14.89 -31.52
N ARG A 522 -41.44 -15.74 -30.75
CA ARG A 522 -41.06 -15.36 -29.40
C ARG A 522 -40.02 -14.23 -29.41
N LEU A 523 -39.07 -14.28 -30.35
CA LEU A 523 -38.10 -13.20 -30.46
C LEU A 523 -38.77 -11.90 -30.90
N GLU A 524 -39.75 -12.00 -31.80
CA GLU A 524 -40.52 -10.83 -32.19
C GLU A 524 -41.26 -10.24 -30.99
N GLU A 525 -41.83 -11.10 -30.14
CA GLU A 525 -42.49 -10.63 -28.94
C GLU A 525 -41.51 -9.96 -27.99
N LEU A 526 -40.31 -10.53 -27.87
CA LEU A 526 -39.29 -9.94 -27.00
C LEU A 526 -38.87 -8.57 -27.49
N TYR A 527 -38.75 -8.39 -28.80
CA TYR A 527 -38.34 -7.09 -29.33
C TYR A 527 -39.42 -6.03 -29.26
N ASN A 528 -40.65 -6.39 -28.89
CA ASN A 528 -41.77 -5.45 -28.82
C ASN A 528 -42.39 -5.45 -27.43
N THR A 529 -41.55 -5.41 -26.40
CA THR A 529 -42.01 -5.37 -25.03
C THR A 529 -42.10 -3.94 -24.53
N ARG A 530 -42.83 -3.77 -23.43
CA ARG A 530 -42.94 -2.48 -22.75
C ARG A 530 -42.43 -2.52 -21.32
N HIS A 531 -42.16 -3.69 -20.76
CA HIS A 531 -41.64 -3.82 -19.42
C HIS A 531 -40.13 -3.56 -19.42
N GLY A 532 -39.56 -3.51 -18.21
CA GLY A 532 -38.15 -3.33 -18.05
C GLY A 532 -37.72 -1.89 -18.21
N PRO A 533 -36.43 -1.64 -18.12
CA PRO A 533 -35.93 -0.26 -18.19
C PRO A 533 -36.05 0.32 -19.59
N SER A 534 -35.80 1.61 -19.67
CA SER A 534 -35.90 2.33 -20.93
C SER A 534 -34.74 1.97 -21.87
N ASN A 535 -34.96 2.20 -23.16
CA ASN A 535 -33.97 1.89 -24.18
C ASN A 535 -34.20 2.80 -25.38
N THR A 536 -33.20 2.87 -26.26
CA THR A 536 -33.22 3.73 -27.43
C THR A 536 -33.42 2.95 -28.72
N LEU A 537 -34.04 1.78 -28.64
CA LEU A 537 -34.23 0.97 -29.85
C LEU A 537 -35.24 1.61 -30.79
N TYR A 538 -36.31 2.20 -30.23
CA TYR A 538 -37.35 2.79 -31.07
C TYR A 538 -36.81 3.96 -31.88
N HIS A 539 -35.95 4.79 -31.28
CA HIS A 539 -35.35 5.90 -32.01
C HIS A 539 -34.49 5.41 -33.16
N LEU A 540 -33.71 4.35 -32.93
CA LEU A 540 -32.87 3.80 -33.99
C LEU A 540 -33.72 3.22 -35.12
N VAL A 541 -34.79 2.49 -34.78
CA VAL A 541 -35.66 1.93 -35.81
C VAL A 541 -36.33 3.05 -36.60
N ARG A 542 -36.72 4.13 -35.93
CA ARG A 542 -37.29 5.27 -36.63
C ARG A 542 -36.26 5.93 -37.55
N ASP A 543 -35.01 6.02 -37.10
CA ASP A 543 -33.99 6.67 -37.92
C ASP A 543 -33.62 5.83 -39.14
N VAL A 544 -33.67 4.50 -39.01
CA VAL A 544 -33.23 3.64 -40.11
C VAL A 544 -34.27 3.63 -41.23
N LYS A 545 -35.50 3.21 -40.91
CA LYS A 545 -36.55 3.07 -41.92
C LYS A 545 -37.28 4.38 -42.18
N LYS A 546 -36.68 5.26 -42.98
CA LYS A 546 -37.30 6.50 -43.46
C LYS A 546 -37.54 7.48 -42.31
N GLY A 547 -38.00 8.67 -42.64
CA GLY A 547 -38.24 9.70 -41.64
C GLY A 547 -39.53 9.55 -40.87
N ASN A 548 -40.42 8.68 -41.34
CA ASN A 548 -41.76 8.56 -40.77
C ASN A 548 -42.09 7.11 -40.42
N LEU A 549 -42.64 6.92 -39.22
CA LEU A 549 -43.06 5.61 -38.75
C LEU A 549 -44.44 5.70 -38.12
N PRO A 550 -45.32 4.73 -38.39
CA PRO A 550 -46.63 4.76 -37.74
C PRO A 550 -46.50 4.55 -36.24
N PRO A 551 -47.42 5.11 -35.45
CA PRO A 551 -47.30 4.98 -33.99
C PRO A 551 -47.44 3.55 -33.49
N ASP A 552 -48.53 2.90 -33.90
CA ASP A 552 -48.79 1.51 -33.52
C ASP A 552 -48.09 0.57 -34.50
N TYR A 553 -46.78 0.45 -34.34
CA TYR A 553 -45.93 -0.30 -35.25
C TYR A 553 -45.28 -1.47 -34.52
N ARG A 554 -45.37 -2.65 -35.10
CA ARG A 554 -44.69 -3.83 -34.59
C ARG A 554 -43.33 -3.94 -35.26
N ILE A 555 -42.27 -4.02 -34.46
CA ILE A 555 -40.91 -4.05 -34.98
C ILE A 555 -40.61 -5.47 -35.44
N SER A 556 -40.42 -5.64 -36.74
CA SER A 556 -40.11 -6.94 -37.32
C SER A 556 -38.61 -7.19 -37.29
N LEU A 557 -38.24 -8.46 -37.45
CA LEU A 557 -36.83 -8.84 -37.43
C LEU A 557 -36.05 -8.26 -38.60
N ILE A 558 -36.73 -7.92 -39.70
CA ILE A 558 -36.05 -7.25 -40.81
C ILE A 558 -35.55 -5.87 -40.38
N ASP A 559 -36.35 -5.15 -39.60
CA ASP A 559 -35.92 -3.85 -39.09
C ASP A 559 -34.73 -3.99 -38.15
N ILE A 560 -34.72 -5.04 -37.33
CA ILE A 560 -33.59 -5.29 -36.44
C ILE A 560 -32.35 -5.61 -37.25
N GLY A 561 -32.49 -6.40 -38.31
CA GLY A 561 -31.35 -6.64 -39.18
C GLY A 561 -30.83 -5.37 -39.82
N LEU A 562 -31.74 -4.49 -40.25
CA LEU A 562 -31.32 -3.23 -40.84
C LEU A 562 -30.58 -2.35 -39.84
N VAL A 563 -31.08 -2.28 -38.60
CA VAL A 563 -30.43 -1.43 -37.62
C VAL A 563 -29.08 -2.02 -37.19
N ILE A 564 -28.97 -3.35 -37.16
CA ILE A 564 -27.68 -3.96 -36.88
C ILE A 564 -26.67 -3.65 -37.98
N GLU A 565 -27.11 -3.74 -39.24
CA GLU A 565 -26.21 -3.41 -40.34
C GLU A 565 -25.81 -1.94 -40.31
N TYR A 566 -26.75 -1.06 -39.94
CA TYR A 566 -26.42 0.36 -39.84
C TYR A 566 -25.46 0.64 -38.69
N LEU A 567 -25.59 -0.09 -37.58
CA LEU A 567 -24.72 0.15 -36.43
C LEU A 567 -23.33 -0.42 -36.63
N MET A 568 -23.22 -1.58 -37.30
CA MET A 568 -21.93 -2.25 -37.38
C MET A 568 -20.99 -1.56 -38.36
N GLY A 569 -21.37 -1.50 -39.63
CA GLY A 569 -20.50 -0.87 -40.60
C GLY A 569 -21.03 -1.05 -42.01
N GLY A 570 -20.23 -0.55 -42.96
CA GLY A 570 -20.64 -0.62 -44.35
C GLY A 570 -20.63 -2.03 -44.91
N ALA A 571 -19.62 -2.83 -44.56
CA ALA A 571 -19.46 -4.16 -45.12
C ALA A 571 -20.23 -5.23 -44.37
N TYR A 572 -20.81 -4.92 -43.22
CA TYR A 572 -21.50 -5.93 -42.43
C TYR A 572 -22.84 -6.27 -43.06
N ARG A 573 -23.23 -7.54 -42.91
CA ARG A 573 -24.48 -8.04 -43.47
C ARG A 573 -25.10 -9.01 -42.48
N CYS A 574 -26.13 -8.56 -41.77
CA CYS A 574 -26.79 -9.38 -40.78
C CYS A 574 -27.56 -10.53 -41.44
N ASN A 575 -27.75 -11.61 -40.68
CA ASN A 575 -28.47 -12.77 -41.19
C ASN A 575 -29.95 -12.49 -41.39
N TYR A 576 -30.50 -11.46 -40.75
CA TYR A 576 -31.92 -11.20 -40.87
C TYR A 576 -32.28 -10.62 -42.23
N THR A 577 -31.37 -9.89 -42.86
CA THR A 577 -31.64 -9.27 -44.15
C THR A 577 -31.28 -10.16 -45.33
N ARG A 578 -30.78 -11.36 -45.09
CA ARG A 578 -30.45 -12.26 -46.18
C ARG A 578 -31.72 -12.79 -46.83
N LYS A 579 -31.58 -13.24 -48.08
CA LYS A 579 -32.74 -13.69 -48.84
C LYS A 579 -33.34 -14.96 -48.26
N ARG A 580 -32.51 -15.85 -47.72
CA ARG A 580 -33.02 -17.09 -47.14
C ARG A 580 -33.92 -16.81 -45.95
N PHE A 581 -33.47 -15.94 -45.04
CA PHE A 581 -34.30 -15.58 -43.89
C PHE A 581 -35.53 -14.79 -44.32
N ARG A 582 -35.41 -13.97 -45.36
CA ARG A 582 -36.58 -13.25 -45.85
C ARG A 582 -37.64 -14.21 -46.38
N THR A 583 -37.22 -15.25 -47.10
CA THR A 583 -38.18 -16.25 -47.57
C THR A 583 -38.77 -17.04 -46.41
N LEU A 584 -37.94 -17.36 -45.41
CA LEU A 584 -38.45 -18.09 -44.25
C LEU A 584 -39.47 -17.26 -43.47
N TYR A 585 -39.23 -15.96 -43.34
CA TYR A 585 -40.11 -15.04 -42.64
C TYR A 585 -41.31 -14.62 -43.48
N HIS A 586 -41.27 -14.87 -44.79
CA HIS A 586 -42.37 -14.47 -45.68
C HIS A 586 -43.64 -15.24 -45.37
N ASN A 587 -43.52 -16.52 -45.06
CA ASN A 587 -44.68 -17.39 -44.81
C ASN A 587 -44.89 -17.64 -43.32
N LEU A 588 -44.66 -16.63 -42.49
CA LEU A 588 -44.90 -16.74 -41.06
C LEU A 588 -45.65 -15.52 -40.55
N ASN A 632 -39.79 -20.93 -37.02
CA ASN A 632 -39.02 -22.16 -36.96
C ASN A 632 -38.16 -22.17 -35.71
N HIS A 633 -36.84 -22.24 -35.90
CA HIS A 633 -35.90 -22.29 -34.79
C HIS A 633 -34.61 -21.58 -35.22
N PHE A 634 -33.69 -21.44 -34.27
CA PHE A 634 -32.38 -20.88 -34.51
C PHE A 634 -31.29 -21.87 -34.10
N PRO A 635 -30.26 -22.04 -34.91
CA PRO A 635 -29.18 -22.97 -34.53
C PRO A 635 -28.41 -22.51 -33.29
N PHE A 636 -28.12 -21.22 -33.19
CA PHE A 636 -27.44 -20.66 -32.03
C PHE A 636 -28.35 -19.62 -31.40
N PRO A 637 -29.12 -19.97 -30.36
CA PRO A 637 -30.08 -19.02 -29.81
C PRO A 637 -29.43 -17.93 -28.97
N PHE A 638 -28.30 -18.23 -28.35
CA PHE A 638 -27.65 -17.27 -27.49
C PHE A 638 -27.05 -16.10 -28.27
N HIS A 639 -26.71 -16.29 -29.55
CA HIS A 639 -26.28 -15.16 -30.37
C HIS A 639 -27.38 -14.11 -30.45
N GLU A 640 -28.58 -14.53 -30.85
CA GLU A 640 -29.70 -13.60 -30.96
C GLU A 640 -30.11 -13.05 -29.60
N LEU A 641 -30.04 -13.88 -28.56
CA LEU A 641 -30.39 -13.38 -27.23
C LEU A 641 -29.41 -12.32 -26.75
N MET A 642 -28.10 -12.51 -26.99
CA MET A 642 -27.14 -11.51 -26.56
C MET A 642 -27.27 -10.24 -27.39
N VAL A 643 -27.58 -10.36 -28.69
CA VAL A 643 -27.81 -9.16 -29.49
C VAL A 643 -29.03 -8.41 -28.97
N TRP A 644 -30.10 -9.14 -28.62
CA TRP A 644 -31.28 -8.50 -28.08
C TRP A 644 -30.99 -7.80 -26.75
N ALA A 645 -30.20 -8.45 -25.88
CA ALA A 645 -29.86 -7.84 -24.61
C ALA A 645 -28.98 -6.61 -24.79
N VAL A 646 -28.08 -6.63 -25.76
CA VAL A 646 -27.22 -5.48 -26.01
C VAL A 646 -28.03 -4.31 -26.57
N LEU A 647 -28.93 -4.58 -27.51
CA LEU A 647 -29.69 -3.51 -28.14
C LEU A 647 -30.67 -2.85 -27.20
N MET A 648 -30.99 -3.49 -26.07
CA MET A 648 -31.97 -2.95 -25.13
C MET A 648 -31.35 -2.50 -23.81
N LYS A 649 -30.03 -2.30 -23.75
CA LYS A 649 -29.34 -1.77 -22.58
C LYS A 649 -29.58 -2.62 -21.33
N ARG A 650 -29.50 -3.93 -21.49
CA ARG A 650 -29.63 -4.87 -20.37
C ARG A 650 -28.27 -5.52 -20.16
N GLN A 651 -27.44 -4.91 -19.32
CA GLN A 651 -26.05 -5.34 -19.21
C GLN A 651 -25.92 -6.69 -18.51
N LYS A 652 -26.67 -6.90 -17.43
CA LYS A 652 -26.58 -8.18 -16.72
C LYS A 652 -27.07 -9.32 -17.59
N MET A 653 -28.15 -9.10 -18.35
CA MET A 653 -28.65 -10.13 -19.25
C MET A 653 -27.64 -10.46 -20.34
N ALA A 654 -26.99 -9.43 -20.90
CA ALA A 654 -25.98 -9.65 -21.92
C ALA A 654 -24.78 -10.39 -21.36
N LEU A 655 -24.35 -10.05 -20.15
CA LEU A 655 -23.22 -10.75 -19.54
C LEU A 655 -23.58 -12.20 -19.22
N PHE A 656 -24.82 -12.47 -18.85
CA PHE A 656 -25.23 -13.86 -18.65
C PHE A 656 -25.25 -14.63 -19.97
N PHE A 657 -25.76 -14.00 -21.03
CA PHE A 657 -25.84 -14.68 -22.31
C PHE A 657 -24.49 -14.83 -22.99
N TRP A 658 -23.49 -14.03 -22.60
CA TRP A 658 -22.20 -14.07 -23.27
C TRP A 658 -21.47 -15.38 -23.00
N GLN A 659 -21.52 -15.87 -21.77
CA GLN A 659 -20.73 -17.04 -21.40
C GLN A 659 -21.39 -18.35 -21.78
N HIS A 660 -22.59 -18.33 -22.34
CA HIS A 660 -23.26 -19.53 -22.82
C HIS A 660 -23.24 -19.56 -24.34
N GLY A 661 -22.88 -20.71 -24.89
CA GLY A 661 -22.79 -20.87 -26.34
C GLY A 661 -21.37 -20.72 -26.84
N GLU A 662 -21.23 -20.88 -28.15
CA GLU A 662 -19.92 -20.82 -28.79
C GLU A 662 -19.64 -19.41 -29.30
N GLU A 663 -18.40 -19.21 -29.74
CA GLU A 663 -17.92 -17.94 -30.29
C GLU A 663 -18.06 -16.81 -29.28
N ALA A 664 -17.44 -17.02 -28.11
CA ALA A 664 -17.53 -16.02 -27.04
C ALA A 664 -16.77 -14.75 -27.39
N MET A 665 -15.58 -14.89 -27.99
CA MET A 665 -14.77 -13.72 -28.32
C MET A 665 -15.44 -12.88 -29.40
N ALA A 666 -16.01 -13.53 -30.41
CA ALA A 666 -16.72 -12.81 -31.45
C ALA A 666 -17.92 -12.06 -30.88
N LYS A 667 -18.65 -12.71 -29.97
CA LYS A 667 -19.79 -12.05 -29.34
C LYS A 667 -19.35 -10.84 -28.52
N ALA A 668 -18.23 -10.97 -27.81
CA ALA A 668 -17.71 -9.84 -27.04
C ALA A 668 -17.35 -8.66 -27.93
N LEU A 669 -16.65 -8.94 -29.04
CA LEU A 669 -16.25 -7.86 -29.94
C LEU A 669 -17.45 -7.22 -30.63
N VAL A 670 -18.42 -8.03 -31.03
CA VAL A 670 -19.63 -7.50 -31.67
C VAL A 670 -20.41 -6.63 -30.69
N ALA A 671 -20.51 -7.08 -29.42
CA ALA A 671 -21.20 -6.29 -28.41
C ALA A 671 -20.49 -4.97 -28.15
N CYS A 672 -19.15 -5.00 -28.13
CA CYS A 672 -18.39 -3.76 -27.93
C CYS A 672 -18.65 -2.77 -29.07
N LYS A 673 -18.62 -3.26 -30.30
CA LYS A 673 -18.88 -2.38 -31.45
C LYS A 673 -20.31 -1.83 -31.41
N LEU A 674 -21.29 -2.68 -31.09
CA LEU A 674 -22.67 -2.23 -31.05
C LEU A 674 -22.88 -1.18 -29.97
N CYS A 675 -22.30 -1.39 -28.79
CA CYS A 675 -22.44 -0.42 -27.71
C CYS A 675 -21.79 0.91 -28.08
N LYS A 676 -20.61 0.86 -28.71
CA LYS A 676 -19.96 2.11 -29.13
C LYS A 676 -20.81 2.86 -30.16
N ALA A 677 -21.37 2.14 -31.13
CA ALA A 677 -22.19 2.79 -32.16
C ALA A 677 -23.46 3.37 -31.55
N MET A 678 -24.10 2.66 -30.62
CA MET A 678 -25.29 3.18 -29.98
C MET A 678 -24.97 4.41 -29.13
N ALA A 679 -23.82 4.41 -28.46
CA ALA A 679 -23.42 5.59 -27.69
C ALA A 679 -23.22 6.79 -28.61
N HIS A 680 -22.57 6.58 -29.76
CA HIS A 680 -22.38 7.68 -30.71
C HIS A 680 -23.72 8.20 -31.23
N GLU A 681 -24.64 7.28 -31.57
CA GLU A 681 -25.94 7.71 -32.07
C GLU A 681 -26.74 8.45 -31.02
N ALA A 682 -26.68 8.01 -29.77
CA ALA A 682 -27.41 8.69 -28.69
C ALA A 682 -26.81 10.08 -28.41
N SER A 683 -25.48 10.18 -28.44
CA SER A 683 -24.86 11.49 -28.25
C SER A 683 -25.15 12.43 -29.41
N GLU A 684 -25.33 11.89 -30.61
CA GLU A 684 -25.69 12.72 -31.76
C GLU A 684 -27.08 13.32 -31.60
N ASN A 685 -28.03 12.55 -31.07
CA ASN A 685 -29.42 12.97 -30.98
C ASN A 685 -29.76 13.59 -29.62
N ASP A 686 -28.78 14.22 -28.97
CA ASP A 686 -28.93 14.99 -27.72
C ASP A 686 -29.81 14.27 -26.70
N MET A 687 -29.33 13.11 -26.26
CA MET A 687 -30.01 12.33 -25.22
C MET A 687 -29.69 12.94 -23.85
N VAL A 688 -30.04 12.21 -22.79
CA VAL A 688 -29.86 12.72 -21.42
C VAL A 688 -28.40 12.72 -20.99
N ASP A 689 -27.48 12.25 -21.85
CA ASP A 689 -26.04 12.21 -21.66
C ASP A 689 -25.61 11.26 -20.54
N ASP A 690 -26.56 10.61 -19.87
CA ASP A 690 -26.25 9.49 -18.99
C ASP A 690 -26.35 8.17 -19.73
N ILE A 691 -27.24 8.10 -20.74
CA ILE A 691 -27.30 6.93 -21.60
C ILE A 691 -25.99 6.74 -22.34
N SER A 692 -25.39 7.83 -22.81
CA SER A 692 -24.11 7.75 -23.50
C SER A 692 -23.02 7.22 -22.57
N GLN A 693 -22.98 7.70 -21.33
CA GLN A 693 -22.00 7.21 -20.38
C GLN A 693 -22.20 5.74 -20.07
N GLU A 694 -23.46 5.32 -19.89
CA GLU A 694 -23.72 3.90 -19.63
C GLU A 694 -23.30 3.03 -20.81
N LEU A 695 -23.59 3.48 -22.04
CA LEU A 695 -23.22 2.70 -23.21
C LEU A 695 -21.72 2.62 -23.38
N ASN A 696 -20.99 3.72 -23.09
CA ASN A 696 -19.54 3.67 -23.16
C ASN A 696 -18.97 2.73 -22.09
N HIS A 697 -19.56 2.73 -20.89
CA HIS A 697 -19.10 1.80 -19.86
C HIS A 697 -19.35 0.35 -20.29
N ASN A 698 -20.50 0.08 -20.90
CA ASN A 698 -20.78 -1.26 -21.40
C ASN A 698 -19.77 -1.68 -22.48
N SER A 699 -19.46 -0.76 -23.38
CA SER A 699 -18.49 -1.05 -24.43
C SER A 699 -17.12 -1.36 -23.84
N ARG A 700 -16.70 -0.58 -22.84
CA ARG A 700 -15.42 -0.86 -22.20
C ARG A 700 -15.41 -2.20 -21.50
N ASP A 701 -16.53 -2.55 -20.84
CA ASP A 701 -16.62 -3.84 -20.16
C ASP A 701 -16.49 -4.99 -21.14
N PHE A 702 -17.19 -4.91 -22.28
CA PHE A 702 -17.11 -5.99 -23.25
C PHE A 702 -15.72 -6.07 -23.89
N GLY A 703 -15.10 -4.92 -24.14
CA GLY A 703 -13.74 -4.95 -24.67
C GLY A 703 -12.77 -5.58 -23.70
N GLN A 704 -12.89 -5.27 -22.41
CA GLN A 704 -12.03 -5.88 -21.41
C GLN A 704 -12.26 -7.38 -21.32
N LEU A 705 -13.51 -7.82 -21.44
CA LEU A 705 -13.79 -9.25 -21.45
C LEU A 705 -13.12 -9.94 -22.62
N ALA A 706 -13.19 -9.32 -23.80
CA ALA A 706 -12.54 -9.92 -24.97
C ALA A 706 -11.03 -9.99 -24.80
N VAL A 707 -10.43 -8.94 -24.25
CA VAL A 707 -8.98 -8.94 -24.05
C VAL A 707 -8.55 -10.00 -23.05
N GLU A 708 -9.30 -10.13 -21.96
CA GLU A 708 -8.95 -11.14 -20.95
C GLU A 708 -9.13 -12.55 -21.48
N LEU A 709 -10.18 -12.78 -22.29
CA LEU A 709 -10.35 -14.09 -22.90
C LEU A 709 -9.22 -14.41 -23.86
N LEU A 710 -8.79 -13.43 -24.65
CA LEU A 710 -7.65 -13.64 -25.53
C LEU A 710 -6.38 -13.97 -24.74
N ASP A 711 -6.17 -13.26 -23.63
CA ASP A 711 -4.99 -13.52 -22.80
C ASP A 711 -5.02 -14.94 -22.25
N GLN A 712 -6.19 -15.38 -21.75
CA GLN A 712 -6.30 -16.74 -21.24
C GLN A 712 -6.05 -17.78 -22.33
N SER A 713 -6.64 -17.57 -23.52
CA SER A 713 -6.47 -18.53 -24.61
C SER A 713 -5.01 -18.61 -25.06
N TYR A 714 -4.34 -17.46 -25.17
CA TYR A 714 -2.94 -17.47 -25.58
C TYR A 714 -2.06 -18.10 -24.51
N LYS A 715 -2.36 -17.87 -23.23
CA LYS A 715 -1.58 -18.47 -22.17
C LYS A 715 -1.74 -19.98 -22.14
N GLN A 716 -2.94 -20.47 -22.45
CA GLN A 716 -3.15 -21.92 -22.44
C GLN A 716 -2.47 -22.60 -23.61
N ASP A 717 -2.84 -22.25 -24.84
CA ASP A 717 -2.28 -22.83 -26.05
C ASP A 717 -2.14 -21.76 -27.11
N GLU A 718 -1.00 -21.72 -27.79
CA GLU A 718 -0.70 -20.62 -28.70
C GLU A 718 -1.24 -20.85 -30.11
N GLN A 719 -1.05 -22.05 -30.67
CA GLN A 719 -1.48 -22.30 -32.04
C GLN A 719 -3.01 -22.24 -32.16
N LEU A 720 -3.72 -22.82 -31.20
CA LEU A 720 -5.18 -22.71 -31.21
C LEU A 720 -5.64 -21.28 -30.98
N ALA A 721 -4.89 -20.51 -30.19
CA ALA A 721 -5.22 -19.10 -30.01
C ALA A 721 -5.09 -18.33 -31.31
N MET A 722 -4.05 -18.61 -32.10
CA MET A 722 -3.93 -17.98 -33.40
C MET A 722 -5.02 -18.45 -34.36
N LYS A 723 -5.41 -19.72 -34.25
CA LYS A 723 -6.49 -20.23 -35.09
C LYS A 723 -7.83 -19.60 -34.72
N LEU A 724 -7.98 -19.16 -33.47
CA LEU A 724 -9.20 -18.49 -33.05
C LEU A 724 -9.38 -17.14 -33.71
N LEU A 725 -8.29 -16.42 -33.98
CA LEU A 725 -8.37 -15.05 -34.46
C LEU A 725 -8.47 -14.93 -35.97
N THR A 726 -8.36 -16.03 -36.71
CA THR A 726 -8.34 -15.96 -38.16
C THR A 726 -9.40 -16.79 -38.87
N TYR A 727 -10.10 -17.68 -38.17
CA TYR A 727 -11.05 -18.53 -38.86
C TYR A 727 -12.32 -17.76 -39.19
N GLU A 728 -12.86 -18.00 -40.38
CA GLU A 728 -14.00 -17.24 -40.86
C GLU A 728 -15.24 -17.52 -40.03
N LEU A 729 -15.98 -16.48 -39.69
CA LEU A 729 -17.18 -16.59 -38.86
C LEU A 729 -18.40 -16.52 -39.76
N LYS A 730 -19.06 -17.67 -39.95
CA LYS A 730 -20.21 -17.72 -40.83
C LYS A 730 -21.41 -16.98 -40.25
N ASN A 731 -21.55 -16.94 -38.93
CA ASN A 731 -22.68 -16.28 -38.30
C ASN A 731 -22.56 -14.77 -38.27
N TRP A 732 -21.35 -14.24 -38.49
CA TRP A 732 -21.12 -12.81 -38.35
C TRP A 732 -20.67 -12.18 -39.66
N SER A 733 -21.35 -12.52 -40.75
CA SER A 733 -21.13 -11.90 -42.07
C SER A 733 -19.72 -12.16 -42.60
N ASN A 734 -19.18 -13.33 -42.28
CA ASN A 734 -17.89 -13.79 -42.80
C ASN A 734 -16.77 -12.79 -42.49
N ALA A 735 -16.54 -12.60 -41.20
CA ALA A 735 -15.50 -11.70 -40.73
C ALA A 735 -14.74 -12.36 -39.59
N THR A 736 -13.41 -12.24 -39.63
CA THR A 736 -12.60 -12.81 -38.58
C THR A 736 -12.63 -11.93 -37.34
N CYS A 737 -12.05 -12.43 -36.25
CA CYS A 737 -12.02 -11.65 -35.01
C CYS A 737 -11.12 -10.43 -35.13
N LEU A 738 -10.05 -10.52 -35.94
CA LEU A 738 -9.20 -9.36 -36.16
C LEU A 738 -9.97 -8.23 -36.84
N GLN A 739 -10.79 -8.56 -37.83
CA GLN A 739 -11.56 -7.52 -38.51
C GLN A 739 -12.57 -6.89 -37.57
N LEU A 740 -13.20 -7.68 -36.71
CA LEU A 740 -14.14 -7.13 -35.74
C LEU A 740 -13.43 -6.23 -34.72
N ALA A 741 -12.23 -6.63 -34.29
CA ALA A 741 -11.48 -5.81 -33.35
C ALA A 741 -10.99 -4.51 -33.98
N VAL A 742 -10.58 -4.56 -35.24
CA VAL A 742 -10.13 -3.35 -35.92
C VAL A 742 -11.31 -2.42 -36.19
N ALA A 743 -12.45 -2.97 -36.58
CA ALA A 743 -13.63 -2.15 -36.82
C ALA A 743 -14.15 -1.48 -35.55
N ALA A 744 -13.79 -1.99 -34.38
CA ALA A 744 -14.18 -1.40 -33.11
C ALA A 744 -13.12 -0.46 -32.55
N LYS A 745 -12.03 -0.23 -33.28
CA LYS A 745 -10.92 0.60 -32.82
C LYS A 745 -10.40 0.15 -31.45
N HIS A 746 -10.33 -1.16 -31.27
CA HIS A 746 -9.91 -1.74 -30.00
C HIS A 746 -8.40 -1.87 -30.01
N ARG A 747 -7.72 -0.86 -29.47
CA ARG A 747 -6.26 -0.81 -29.55
C ARG A 747 -5.59 -1.78 -28.59
N ASP A 748 -6.24 -2.13 -27.49
CA ASP A 748 -5.64 -3.05 -26.52
C ASP A 748 -5.73 -4.50 -26.95
N PHE A 749 -6.52 -4.81 -27.97
CA PHE A 749 -6.66 -6.17 -28.48
C PHE A 749 -5.62 -6.46 -29.57
N ILE A 750 -5.46 -5.54 -30.52
CA ILE A 750 -4.46 -5.73 -31.57
C ILE A 750 -3.05 -5.62 -31.01
N ALA A 751 -2.86 -4.89 -29.93
CA ALA A 751 -1.53 -4.71 -29.35
C ALA A 751 -1.12 -5.86 -28.44
N HIS A 752 -1.96 -6.88 -28.28
CA HIS A 752 -1.60 -8.03 -27.47
C HIS A 752 -0.51 -8.83 -28.16
N THR A 753 0.17 -9.68 -27.38
CA THR A 753 1.27 -10.47 -27.91
C THR A 753 0.81 -11.45 -28.99
N CYS A 754 -0.33 -12.12 -28.77
CA CYS A 754 -0.82 -13.09 -29.73
C CYS A 754 -1.20 -12.43 -31.05
N SER A 755 -1.88 -11.29 -30.98
CA SER A 755 -2.25 -10.57 -32.19
C SER A 755 -1.02 -10.09 -32.93
N GLN A 756 0.00 -9.63 -32.20
CA GLN A 756 1.22 -9.17 -32.84
C GLN A 756 1.96 -10.32 -33.52
N MET A 757 2.01 -11.49 -32.89
CA MET A 757 2.67 -12.63 -33.54
C MET A 757 1.90 -13.10 -34.76
N LEU A 758 0.57 -13.07 -34.69
CA LEU A 758 -0.23 -13.42 -35.86
C LEU A 758 0.00 -12.43 -36.99
N LEU A 759 0.09 -11.13 -36.67
CA LEU A 759 0.36 -10.14 -37.69
C LEU A 759 1.75 -10.31 -38.29
N THR A 760 2.73 -10.67 -37.46
CA THR A 760 4.06 -10.95 -38.00
C THR A 760 4.05 -12.14 -38.95
N ASP A 761 3.30 -13.19 -38.60
CA ASP A 761 3.19 -14.35 -39.49
C ASP A 761 2.51 -13.98 -40.79
N MET A 762 1.46 -13.15 -40.74
CA MET A 762 0.80 -12.70 -41.96
C MET A 762 1.72 -11.82 -42.79
N TRP A 763 2.53 -10.98 -42.15
CA TRP A 763 3.43 -10.07 -42.85
C TRP A 763 4.57 -10.82 -43.52
N MET A 764 5.09 -11.86 -42.88
CA MET A 764 6.21 -12.61 -43.43
C MET A 764 5.82 -13.44 -44.64
N GLY A 765 4.54 -13.74 -44.84
CA GLY A 765 4.10 -14.50 -45.99
C GLY A 765 4.30 -16.00 -45.84
N ARG A 766 4.70 -16.66 -46.92
CA ARG A 766 4.92 -18.10 -46.94
C ARG A 766 6.38 -18.47 -46.71
N LEU A 767 7.13 -17.62 -46.02
CA LEU A 767 8.53 -17.88 -45.71
C LEU A 767 8.69 -18.15 -44.22
N ARG A 768 9.78 -18.84 -43.87
CA ARG A 768 10.05 -19.17 -42.48
C ARG A 768 11.31 -18.48 -41.96
N MET A 769 11.90 -17.57 -42.74
CA MET A 769 13.08 -16.85 -42.32
C MET A 769 12.72 -15.88 -41.18
N ARG A 770 13.15 -16.20 -39.97
CA ARG A 770 12.85 -15.37 -38.81
C ARG A 770 14.09 -14.88 -38.06
N LYS A 771 15.29 -15.30 -38.47
CA LYS A 771 16.49 -14.87 -37.77
C LYS A 771 16.86 -13.44 -38.12
N ASN A 772 17.15 -13.18 -39.39
CA ASN A 772 17.55 -11.84 -39.85
C ASN A 772 16.88 -11.59 -41.20
N SER A 773 15.70 -10.97 -41.15
CA SER A 773 14.97 -10.64 -42.36
C SER A 773 15.49 -9.31 -42.92
N GLY A 774 14.87 -8.87 -44.01
CA GLY A 774 15.29 -7.63 -44.64
C GLY A 774 16.49 -7.80 -45.55
N LEU A 775 17.63 -8.17 -44.98
CA LEU A 775 18.84 -8.37 -45.79
C LEU A 775 18.65 -9.50 -46.79
N LYS A 776 18.07 -10.61 -46.34
CA LYS A 776 17.81 -11.74 -47.23
C LYS A 776 16.77 -11.39 -48.27
N VAL A 777 15.75 -10.62 -47.89
CA VAL A 777 14.75 -10.18 -48.86
C VAL A 777 15.36 -9.24 -49.89
N ILE A 778 16.23 -8.33 -49.44
CA ILE A 778 16.92 -7.43 -50.37
C ILE A 778 17.79 -8.23 -51.33
N LEU A 779 18.52 -9.22 -50.82
CA LEU A 779 19.34 -10.07 -51.68
C LEU A 779 18.49 -10.84 -52.68
N GLY A 780 17.34 -11.35 -52.25
CA GLY A 780 16.45 -12.05 -53.15
C GLY A 780 15.87 -11.16 -54.23
N ILE A 781 15.54 -9.92 -53.89
CA ILE A 781 15.05 -8.98 -54.88
C ILE A 781 16.14 -8.62 -55.88
N LEU A 782 17.36 -8.35 -55.41
CA LEU A 782 18.45 -7.99 -56.28
C LEU A 782 19.06 -9.18 -57.00
N LEU A 783 18.97 -10.38 -56.44
CA LEU A 783 19.51 -11.59 -57.05
C LEU A 783 18.39 -12.63 -57.14
N PRO A 784 17.62 -12.63 -58.21
CA PRO A 784 16.51 -13.60 -58.37
C PRO A 784 16.98 -15.05 -58.31
N PRO A 785 18.20 -15.40 -58.78
CA PRO A 785 18.70 -16.75 -58.49
C PRO A 785 18.80 -17.07 -57.01
N SER A 786 19.06 -16.08 -56.16
CA SER A 786 19.19 -16.34 -54.72
C SER A 786 17.86 -16.66 -54.06
N ILE A 787 16.74 -16.50 -54.76
CA ILE A 787 15.44 -16.80 -54.18
C ILE A 787 15.32 -18.28 -53.84
N LEU A 788 15.81 -19.15 -54.73
CA LEU A 788 15.68 -20.59 -54.53
C LEU A 788 16.76 -21.11 -53.58
N SER A 789 16.90 -20.45 -52.43
CA SER A 789 17.76 -20.91 -51.36
C SER A 789 17.15 -20.69 -49.98
N LEU A 790 15.92 -20.19 -49.90
CA LEU A 790 15.27 -19.88 -48.65
C LEU A 790 14.24 -20.96 -48.31
N GLU A 791 14.10 -21.24 -47.03
CA GLU A 791 13.11 -22.21 -46.57
C GLU A 791 11.70 -21.62 -46.69
N PHE A 792 10.74 -22.50 -46.97
CA PHE A 792 9.35 -22.10 -47.14
C PHE A 792 8.47 -22.94 -46.22
N LYS A 793 7.33 -22.35 -45.85
CA LYS A 793 6.34 -23.06 -45.05
C LYS A 793 5.50 -23.97 -45.93
N ASN A 794 5.06 -25.08 -45.36
CA ASN A 794 4.31 -26.10 -46.08
C ASN A 794 2.92 -25.60 -46.46
N GLY A 861 9.56 -22.62 -59.80
CA GLY A 861 8.26 -22.52 -60.44
C GLY A 861 7.25 -21.77 -59.59
N ARG A 862 6.63 -22.49 -58.66
CA ARG A 862 5.70 -21.87 -57.73
C ARG A 862 6.41 -21.15 -56.60
N LYS A 863 7.69 -21.44 -56.38
CA LYS A 863 8.45 -20.78 -55.32
C LYS A 863 8.63 -19.30 -55.61
N ILE A 864 8.85 -18.94 -56.88
CA ILE A 864 8.99 -17.53 -57.25
C ILE A 864 7.68 -16.79 -57.00
N TYR A 865 6.55 -17.41 -57.36
CA TYR A 865 5.26 -16.78 -57.13
C TYR A 865 4.98 -16.59 -55.64
N GLU A 866 5.38 -17.55 -54.81
CA GLU A 866 5.21 -17.40 -53.38
C GLU A 866 6.16 -16.37 -52.79
N PHE A 867 7.34 -16.20 -53.38
CA PHE A 867 8.27 -15.20 -52.88
C PHE A 867 7.83 -13.79 -53.23
N TYR A 868 7.36 -13.57 -54.46
CA TYR A 868 7.04 -12.22 -54.91
C TYR A 868 5.64 -11.77 -54.50
N ASN A 869 4.89 -12.60 -53.78
CA ASN A 869 3.58 -12.21 -53.30
C ASN A 869 3.53 -12.02 -51.79
N ALA A 870 4.63 -12.23 -51.07
CA ALA A 870 4.65 -11.93 -49.66
C ALA A 870 4.57 -10.42 -49.44
N PRO A 871 3.90 -9.98 -48.38
CA PRO A 871 3.82 -8.53 -48.12
C PRO A 871 5.18 -7.87 -47.90
N ILE A 872 6.12 -8.58 -47.27
CA ILE A 872 7.41 -7.98 -46.95
C ILE A 872 8.21 -7.74 -48.23
N VAL A 873 8.13 -8.66 -49.19
CA VAL A 873 8.85 -8.49 -50.45
C VAL A 873 8.27 -7.33 -51.25
N LYS A 874 6.94 -7.20 -51.25
CA LYS A 874 6.31 -6.04 -51.89
C LYS A 874 6.75 -4.75 -51.23
N PHE A 875 6.82 -4.74 -49.90
CA PHE A 875 7.24 -3.53 -49.19
C PHE A 875 8.67 -3.15 -49.55
N TRP A 876 9.58 -4.13 -49.60
CA TRP A 876 10.95 -3.80 -49.95
C TRP A 876 11.11 -3.38 -51.40
N PHE A 877 10.32 -3.97 -52.31
CA PHE A 877 10.32 -3.53 -53.70
C PHE A 877 9.88 -2.08 -53.80
N TYR A 878 8.81 -1.72 -53.09
CA TYR A 878 8.34 -0.33 -53.09
C TYR A 878 9.38 0.61 -52.48
N THR A 879 10.04 0.18 -51.41
CA THR A 879 11.05 1.02 -50.78
C THR A 879 12.22 1.27 -51.71
N LEU A 880 12.70 0.23 -52.40
CA LEU A 880 13.81 0.42 -53.33
C LEU A 880 13.41 1.33 -54.50
N ALA A 881 12.19 1.17 -55.00
CA ALA A 881 11.72 2.04 -56.07
C ALA A 881 11.66 3.49 -55.60
N TYR A 882 11.19 3.72 -54.36
CA TYR A 882 11.12 5.09 -53.86
C TYR A 882 12.50 5.69 -53.66
N ILE A 883 13.46 4.88 -53.21
CA ILE A 883 14.83 5.37 -53.05
C ILE A 883 15.40 5.78 -54.40
N GLY A 884 15.22 4.93 -55.42
CA GLY A 884 15.70 5.29 -56.75
C GLY A 884 15.03 6.54 -57.29
N TYR A 885 13.72 6.69 -57.03
CA TYR A 885 13.01 7.88 -57.46
C TYR A 885 13.56 9.13 -56.80
N LEU A 886 13.86 9.05 -55.50
CA LEU A 886 14.46 10.18 -54.80
C LEU A 886 15.82 10.53 -55.38
N MET A 887 16.62 9.53 -55.70
CA MET A 887 17.93 9.79 -56.30
C MET A 887 17.80 10.52 -57.62
N LEU A 888 16.86 10.07 -58.46
CA LEU A 888 16.66 10.73 -59.75
C LEU A 888 16.13 12.15 -59.59
N PHE A 889 15.25 12.37 -58.62
CA PHE A 889 14.73 13.72 -58.38
C PHE A 889 15.85 14.65 -57.94
N ASN A 890 16.72 14.19 -57.04
CA ASN A 890 17.86 15.00 -56.62
C ASN A 890 18.75 15.32 -57.81
N TYR A 891 19.00 14.33 -58.66
CA TYR A 891 19.86 14.56 -59.82
C TYR A 891 19.26 15.60 -60.76
N ILE A 892 17.95 15.52 -61.03
CA ILE A 892 17.39 16.46 -62.00
C ILE A 892 17.31 17.86 -61.42
N VAL A 893 17.13 18.02 -60.11
CA VAL A 893 17.05 19.39 -59.61
C VAL A 893 18.45 19.99 -59.42
N LEU A 894 19.46 19.19 -59.10
CA LEU A 894 20.78 19.76 -58.82
C LEU A 894 21.47 20.26 -60.08
N VAL A 895 21.46 19.46 -61.15
CA VAL A 895 22.15 19.84 -62.38
C VAL A 895 21.28 20.76 -63.22
N LYS A 896 21.87 21.38 -64.24
CA LYS A 896 21.13 22.34 -65.05
C LYS A 896 20.06 21.65 -65.88
N MET A 897 18.88 22.26 -65.95
CA MET A 897 17.76 21.73 -66.71
C MET A 897 17.75 22.37 -68.10
N GLU A 898 17.66 21.53 -69.14
CA GLU A 898 17.71 22.00 -70.51
C GLU A 898 16.31 22.38 -70.98
N ARG A 899 16.20 22.66 -72.29
CA ARG A 899 14.91 23.06 -72.85
C ARG A 899 13.88 21.93 -72.77
N TRP A 900 14.31 20.70 -73.04
CA TRP A 900 13.42 19.56 -73.01
C TRP A 900 13.88 18.56 -71.96
N PRO A 901 12.95 17.81 -71.35
CA PRO A 901 13.33 16.91 -70.26
C PRO A 901 14.32 15.84 -70.71
N SER A 902 15.23 15.50 -69.82
CA SER A 902 16.20 14.43 -70.07
C SER A 902 15.56 13.09 -69.71
N THR A 903 16.34 12.01 -69.75
CA THR A 903 15.79 10.70 -69.46
C THR A 903 15.33 10.60 -68.01
N GLN A 904 16.14 11.11 -67.08
CA GLN A 904 15.80 11.02 -65.66
C GLN A 904 14.53 11.80 -65.35
N GLU A 905 14.36 12.96 -65.98
CA GLU A 905 13.14 13.74 -65.77
C GLU A 905 11.91 13.00 -66.29
N TRP A 906 12.05 12.30 -67.42
CA TRP A 906 10.94 11.51 -67.92
C TRP A 906 10.61 10.36 -66.99
N ILE A 907 11.63 9.73 -66.40
CA ILE A 907 11.37 8.66 -65.42
C ILE A 907 10.64 9.21 -64.21
N VAL A 908 11.05 10.39 -63.73
CA VAL A 908 10.39 10.99 -62.58
C VAL A 908 8.93 11.33 -62.89
N ILE A 909 8.68 11.89 -64.08
CA ILE A 909 7.32 12.23 -64.48
C ILE A 909 6.47 10.96 -64.60
N SER A 910 7.05 9.89 -65.14
CA SER A 910 6.32 8.63 -65.21
C SER A 910 5.98 8.09 -63.84
N TYR A 911 6.92 8.22 -62.88
CA TYR A 911 6.63 7.77 -61.52
C TYR A 911 5.47 8.55 -60.92
N ILE A 912 5.47 9.87 -61.11
CA ILE A 912 4.39 10.69 -60.55
C ILE A 912 3.06 10.32 -61.20
N PHE A 913 3.05 10.13 -62.51
CA PHE A 913 1.82 9.78 -63.21
C PHE A 913 1.27 8.44 -62.75
N THR A 914 2.13 7.43 -62.64
CA THR A 914 1.68 6.12 -62.20
C THR A 914 1.23 6.14 -60.74
N LEU A 915 1.89 6.94 -59.90
CA LEU A 915 1.44 7.07 -58.51
C LEU A 915 0.05 7.70 -58.45
N GLY A 916 -0.20 8.72 -59.28
CA GLY A 916 -1.53 9.29 -59.32
C GLY A 916 -2.59 8.31 -59.79
N ILE A 917 -2.25 7.51 -60.80
CA ILE A 917 -3.19 6.49 -61.28
C ILE A 917 -3.46 5.47 -60.19
N GLU A 918 -2.42 5.07 -59.44
CA GLU A 918 -2.62 4.13 -58.34
C GLU A 918 -3.50 4.71 -57.24
N LYS A 919 -3.32 6.01 -56.94
CA LYS A 919 -4.17 6.65 -55.95
C LYS A 919 -5.63 6.67 -56.40
N MET A 920 -5.86 6.98 -57.69
CA MET A 920 -7.22 6.95 -58.20
C MET A 920 -7.82 5.55 -58.15
N ARG A 921 -7.02 4.53 -58.46
CA ARG A 921 -7.49 3.15 -58.37
C ARG A 921 -7.85 2.78 -56.94
N GLU A 922 -7.04 3.22 -55.96
CA GLU A 922 -7.38 2.96 -54.57
C GLU A 922 -8.64 3.70 -54.14
N ILE A 923 -8.87 4.90 -54.68
CA ILE A 923 -10.11 5.61 -54.40
C ILE A 923 -11.30 4.83 -54.95
N LEU A 924 -11.17 4.31 -56.18
CA LEU A 924 -12.30 3.65 -56.84
C LEU A 924 -12.73 2.39 -56.10
N MET A 925 -11.77 1.62 -55.57
CA MET A 925 -12.06 0.34 -54.94
C MET A 925 -12.21 0.47 -53.42
N SER A 926 -12.74 1.59 -52.95
CA SER A 926 -12.97 1.78 -51.52
C SER A 926 -14.23 1.04 -51.10
N GLU A 927 -14.66 1.22 -49.85
CA GLU A 927 -15.77 0.48 -49.30
C GLU A 927 -17.15 1.00 -49.71
N PRO A 928 -17.43 2.31 -49.64
CA PRO A 928 -18.78 2.77 -50.01
C PRO A 928 -19.05 2.60 -51.50
N GLY A 929 -20.34 2.60 -51.83
CA GLY A 929 -20.79 2.40 -53.20
C GLY A 929 -20.95 3.64 -54.04
N LYS A 930 -20.59 4.82 -53.52
CA LYS A 930 -20.72 6.07 -54.26
C LYS A 930 -19.35 6.70 -54.45
N LEU A 931 -19.13 7.28 -55.64
CA LEU A 931 -17.85 7.92 -55.93
C LEU A 931 -17.58 9.09 -55.01
N LEU A 932 -18.59 9.91 -54.74
CA LEU A 932 -18.41 11.06 -53.85
C LEU A 932 -18.19 10.64 -52.41
N GLN A 933 -18.83 9.55 -51.97
CA GLN A 933 -18.67 9.11 -50.58
C GLN A 933 -17.30 8.49 -50.34
N LYS A 934 -16.75 7.78 -51.33
CA LYS A 934 -15.43 7.19 -51.17
C LYS A 934 -14.34 8.25 -51.05
N VAL A 935 -14.56 9.44 -51.61
CA VAL A 935 -13.58 10.51 -51.53
C VAL A 935 -13.37 10.93 -50.08
N LYS A 936 -14.45 11.05 -49.31
CA LYS A 936 -14.32 11.43 -47.90
C LYS A 936 -13.56 10.38 -47.11
N VAL A 937 -13.88 9.10 -47.33
CA VAL A 937 -13.21 8.03 -46.61
C VAL A 937 -11.73 7.96 -46.99
N TRP A 938 -11.39 8.23 -48.24
CA TRP A 938 -9.99 8.23 -48.64
C TRP A 938 -9.27 9.47 -48.12
N LEU A 939 -9.99 10.58 -47.92
CA LEU A 939 -9.38 11.80 -47.42
C LEU A 939 -9.33 11.84 -45.90
N GLN A 940 -9.74 10.75 -45.25
CA GLN A 940 -9.62 10.65 -43.80
C GLN A 940 -8.18 10.71 -43.31
N GLU A 941 -7.25 10.04 -44.00
CA GLU A 941 -5.86 10.06 -43.61
C GLU A 941 -5.17 11.31 -44.14
N TYR A 942 -4.17 11.80 -43.39
CA TYR A 942 -3.47 13.02 -43.78
C TYR A 942 -2.47 12.76 -44.91
N TRP A 943 -1.86 11.57 -44.94
CA TRP A 943 -0.88 11.27 -45.98
C TRP A 943 -1.51 11.30 -47.36
N ASN A 944 -2.75 10.82 -47.48
CA ASN A 944 -3.44 10.84 -48.77
C ASN A 944 -3.70 12.27 -49.23
N VAL A 945 -4.12 13.15 -48.33
CA VAL A 945 -4.35 14.54 -48.67
C VAL A 945 -3.06 15.22 -49.11
N THR A 946 -1.98 15.00 -48.37
CA THR A 946 -0.70 15.60 -48.72
C THR A 946 -0.19 15.05 -50.06
N ASP A 947 -0.37 13.75 -50.31
CA ASP A 947 0.04 13.19 -51.60
C ASP A 947 -0.76 13.81 -52.74
N LEU A 948 -2.06 14.01 -52.55
CA LEU A 948 -2.87 14.64 -53.58
C LEU A 948 -2.39 16.06 -53.87
N ILE A 949 -2.13 16.82 -52.80
CA ILE A 949 -1.64 18.19 -52.98
C ILE A 949 -0.30 18.20 -53.69
N ALA A 950 0.60 17.30 -53.32
CA ALA A 950 1.92 17.25 -53.93
C ALA A 950 1.84 16.86 -55.40
N ILE A 951 0.96 15.91 -55.74
CA ILE A 951 0.81 15.51 -57.14
C ILE A 951 0.25 16.67 -57.96
N LEU A 952 -0.73 17.39 -57.42
CA LEU A 952 -1.26 18.54 -58.15
C LEU A 952 -0.19 19.62 -58.34
N LEU A 953 0.61 19.86 -57.30
CA LEU A 953 1.67 20.86 -57.41
C LEU A 953 2.73 20.44 -58.42
N PHE A 954 3.08 19.15 -58.45
CA PHE A 954 4.04 18.68 -59.43
C PHE A 954 3.48 18.79 -60.85
N SER A 955 2.18 18.53 -61.03
CA SER A 955 1.58 18.68 -62.34
C SER A 955 1.63 20.14 -62.80
N VAL A 956 1.34 21.07 -61.88
CA VAL A 956 1.42 22.49 -62.22
C VAL A 956 2.86 22.86 -62.59
N GLY A 957 3.83 22.39 -61.81
CA GLY A 957 5.22 22.69 -62.10
C GLY A 957 5.70 22.10 -63.41
N MET A 958 5.21 20.90 -63.76
CA MET A 958 5.59 20.29 -65.03
C MET A 958 4.95 21.03 -66.20
N ILE A 959 3.71 21.50 -66.02
CA ILE A 959 3.06 22.28 -67.08
C ILE A 959 3.82 23.59 -67.30
N LEU A 960 4.18 24.27 -66.21
CA LEU A 960 4.92 25.53 -66.35
C LEU A 960 6.34 25.32 -66.84
N ARG A 961 6.90 24.13 -66.68
CA ARG A 961 8.30 23.90 -67.06
C ARG A 961 8.46 23.88 -68.57
N LEU A 962 7.47 23.38 -69.30
CA LEU A 962 7.54 23.27 -70.76
C LEU A 962 7.06 24.54 -71.44
N GLN A 963 7.67 25.66 -71.07
CA GLN A 963 7.29 26.98 -71.57
C GLN A 963 8.58 27.78 -71.79
N ASP A 964 8.45 29.10 -71.88
CA ASP A 964 9.60 29.97 -72.07
C ASP A 964 10.43 30.04 -70.77
N GLN A 965 11.45 30.89 -70.79
CA GLN A 965 12.43 30.91 -69.71
C GLN A 965 11.86 31.27 -68.33
N PRO A 966 11.07 32.35 -68.15
CA PRO A 966 10.57 32.64 -66.79
C PRO A 966 9.64 31.56 -66.26
N PHE A 967 8.77 31.02 -67.10
CA PHE A 967 7.90 29.93 -66.66
C PHE A 967 8.70 28.67 -66.39
N ARG A 968 9.80 28.46 -67.14
CA ARG A 968 10.69 27.35 -66.84
C ARG A 968 11.32 27.49 -65.47
N SER A 969 11.76 28.70 -65.13
CA SER A 969 12.32 28.93 -63.79
C SER A 969 11.28 28.72 -62.70
N ASP A 970 10.05 29.18 -62.94
CA ASP A 970 8.98 28.96 -61.97
C ASP A 970 8.71 27.46 -61.77
N GLY A 971 8.68 26.70 -62.87
CA GLY A 971 8.51 25.27 -62.74
C GLY A 971 9.65 24.61 -61.99
N ARG A 972 10.87 25.09 -62.20
CA ARG A 972 12.01 24.56 -61.46
C ARG A 972 11.88 24.83 -59.96
N VAL A 973 11.42 26.03 -59.60
CA VAL A 973 11.22 26.35 -58.18
C VAL A 973 10.15 25.46 -57.57
N ILE A 974 9.06 25.21 -58.32
CA ILE A 974 8.02 24.31 -57.84
C ILE A 974 8.59 22.90 -57.66
N TYR A 975 9.50 22.49 -58.56
CA TYR A 975 10.17 21.20 -58.40
C TYR A 975 10.97 21.15 -57.11
N CYS A 976 11.67 22.22 -56.77
CA CYS A 976 12.46 22.25 -55.55
C CYS A 976 11.57 22.12 -54.30
N VAL A 977 10.46 22.86 -54.27
CA VAL A 977 9.55 22.74 -53.13
C VAL A 977 8.98 21.33 -53.04
N ASN A 978 8.63 20.74 -54.18
CA ASN A 978 8.11 19.39 -54.17
C ASN A 978 9.14 18.39 -53.66
N ILE A 979 10.42 18.61 -53.97
CA ILE A 979 11.44 17.69 -53.49
C ILE A 979 11.57 17.78 -51.97
N ILE A 980 11.29 18.95 -51.39
CA ILE A 980 11.22 19.02 -49.93
C ILE A 980 10.17 18.06 -49.40
N TYR A 981 8.98 18.08 -50.01
CA TYR A 981 7.93 17.18 -49.54
C TYR A 981 8.31 15.71 -49.71
N TRP A 982 8.87 15.35 -50.85
CA TRP A 982 9.19 13.95 -51.09
C TRP A 982 10.35 13.47 -50.23
N TYR A 983 11.22 14.38 -49.77
CA TYR A 983 12.20 14.01 -48.76
C TYR A 983 11.55 13.79 -47.41
N ILE A 984 10.58 14.65 -47.06
CA ILE A 984 9.91 14.51 -45.77
C ILE A 984 9.11 13.21 -45.71
N ARG A 985 8.55 12.77 -46.84
CA ARG A 985 7.71 11.57 -46.85
C ARG A 985 8.48 10.27 -46.59
N LEU A 986 9.78 10.30 -46.29
CA LEU A 986 10.49 9.08 -45.93
C LEU A 986 10.14 8.60 -44.53
N LEU A 987 9.52 9.44 -43.70
CA LEU A 987 9.13 9.01 -42.37
C LEU A 987 8.02 7.97 -42.44
N ASP A 988 7.18 8.02 -43.48
CA ASP A 988 6.17 6.99 -43.69
C ASP A 988 6.82 5.63 -43.92
N ILE A 989 7.92 5.59 -44.68
CA ILE A 989 8.65 4.35 -44.87
C ILE A 989 9.35 3.94 -43.59
N PHE A 990 9.91 4.91 -42.85
CA PHE A 990 10.59 4.60 -41.60
C PHE A 990 9.64 4.05 -40.55
N GLY A 991 8.36 4.36 -40.64
CA GLY A 991 7.39 3.91 -39.66
C GLY A 991 7.15 2.42 -39.58
N VAL A 992 7.90 1.63 -40.35
CA VAL A 992 7.81 0.18 -40.25
C VAL A 992 8.78 -0.38 -39.21
N ASN A 993 9.87 0.33 -38.94
CA ASN A 993 10.82 -0.10 -37.92
C ASN A 993 10.17 -0.04 -36.54
N LYS A 994 10.60 -0.95 -35.67
CA LYS A 994 9.97 -1.07 -34.35
C LYS A 994 10.23 0.15 -33.48
N TYR A 995 11.34 0.86 -33.72
CA TYR A 995 11.73 1.98 -32.89
C TYR A 995 11.59 3.33 -33.56
N LEU A 996 11.34 3.38 -34.87
CA LEU A 996 11.26 4.63 -35.60
C LEU A 996 9.82 5.06 -35.91
N GLY A 997 8.83 4.33 -35.43
CA GLY A 997 7.45 4.73 -35.58
C GLY A 997 6.91 5.50 -34.38
N PRO A 998 7.07 4.92 -33.18
CA PRO A 998 6.72 5.67 -31.96
C PRO A 998 7.43 7.01 -31.86
N TYR A 999 8.68 7.10 -32.30
CA TYR A 999 9.39 8.38 -32.26
C TYR A 999 8.73 9.40 -33.17
N VAL A 1000 8.27 8.98 -34.34
CA VAL A 1000 7.61 9.90 -35.25
C VAL A 1000 6.29 10.39 -34.67
N MET A 1001 5.53 9.51 -34.04
CA MET A 1001 4.27 9.97 -33.44
C MET A 1001 4.50 10.89 -32.24
N MET A 1002 5.53 10.61 -31.44
CA MET A 1002 5.91 11.55 -30.39
C MET A 1002 6.28 12.89 -30.97
N ILE A 1003 6.99 12.90 -32.11
CA ILE A 1003 7.32 14.14 -32.79
C ILE A 1003 6.05 14.91 -33.15
N GLY A 1004 5.03 14.19 -33.62
CA GLY A 1004 3.77 14.85 -33.95
C GLY A 1004 3.14 15.59 -32.78
N LYS A 1005 3.02 14.91 -31.63
CA LYS A 1005 2.40 15.57 -30.47
C LYS A 1005 3.26 16.72 -29.92
N MET A 1006 4.57 16.51 -29.85
CA MET A 1006 5.45 17.58 -29.42
C MET A 1006 5.39 18.76 -30.39
N MET A 1007 5.02 18.54 -31.65
CA MET A 1007 4.83 19.66 -32.57
C MET A 1007 3.69 20.55 -32.11
N ILE A 1008 2.59 19.96 -31.63
CA ILE A 1008 1.48 20.77 -31.12
C ILE A 1008 1.94 21.61 -29.92
N ASP A 1009 2.65 20.98 -28.98
CA ASP A 1009 3.13 21.75 -27.82
C ASP A 1009 4.07 22.87 -28.23
N MET A 1010 4.97 22.58 -29.16
CA MET A 1010 5.91 23.58 -29.67
C MET A 1010 5.18 24.71 -30.38
N MET A 1011 4.05 24.42 -31.02
CA MET A 1011 3.24 25.48 -31.63
C MET A 1011 2.76 26.48 -30.59
N TYR A 1012 2.24 25.97 -29.47
CA TYR A 1012 1.79 26.89 -28.42
C TYR A 1012 2.93 27.80 -27.95
N PHE A 1013 4.09 27.21 -27.63
CA PHE A 1013 5.17 28.07 -27.16
C PHE A 1013 5.74 28.98 -28.25
N VAL A 1014 5.62 28.59 -29.52
CA VAL A 1014 6.05 29.44 -30.63
C VAL A 1014 5.20 30.69 -30.70
N ILE A 1015 3.91 30.59 -30.39
CA ILE A 1015 3.06 31.78 -30.39
C ILE A 1015 3.57 32.83 -29.41
N ILE A 1016 3.89 32.41 -28.18
CA ILE A 1016 4.36 33.37 -27.18
C ILE A 1016 5.70 33.98 -27.59
N MET A 1017 6.63 33.13 -28.07
CA MET A 1017 7.91 33.64 -28.51
C MET A 1017 7.76 34.61 -29.66
N LEU A 1018 6.78 34.38 -30.54
CA LEU A 1018 6.55 35.27 -31.66
C LEU A 1018 6.08 36.63 -31.19
N VAL A 1019 5.22 36.66 -30.16
CA VAL A 1019 4.78 37.94 -29.60
C VAL A 1019 5.98 38.73 -29.08
N VAL A 1020 6.84 38.07 -28.29
CA VAL A 1020 8.00 38.76 -27.72
C VAL A 1020 8.94 39.26 -28.82
N LEU A 1021 9.19 38.40 -29.82
CA LEU A 1021 10.08 38.75 -30.93
C LEU A 1021 9.55 39.95 -31.71
N MET A 1022 8.25 39.97 -32.00
CA MET A 1022 7.68 41.10 -32.72
C MET A 1022 7.82 42.39 -31.92
N SER A 1023 7.60 42.33 -30.61
CA SER A 1023 7.74 43.52 -29.78
C SER A 1023 9.15 44.09 -29.88
N PHE A 1024 10.17 43.23 -29.67
CA PHE A 1024 11.55 43.71 -29.72
C PHE A 1024 11.91 44.23 -31.10
N GLY A 1025 11.51 43.53 -32.16
CA GLY A 1025 11.88 43.95 -33.50
C GLY A 1025 11.29 45.29 -33.87
N VAL A 1026 9.99 45.49 -33.56
CA VAL A 1026 9.36 46.77 -33.85
C VAL A 1026 10.04 47.89 -33.07
N ALA A 1027 10.36 47.64 -31.79
CA ALA A 1027 11.01 48.68 -31.00
C ALA A 1027 12.36 49.07 -31.59
N ARG A 1028 13.19 48.08 -31.93
CA ARG A 1028 14.52 48.39 -32.46
C ARG A 1028 14.42 49.11 -33.80
N GLN A 1029 13.57 48.62 -34.70
CA GLN A 1029 13.44 49.24 -36.02
C GLN A 1029 12.94 50.67 -35.91
N ALA A 1030 12.00 50.94 -35.00
CA ALA A 1030 11.49 52.29 -34.85
C ALA A 1030 12.52 53.21 -34.20
N ILE A 1031 13.30 52.71 -33.24
CA ILE A 1031 14.29 53.56 -32.58
C ILE A 1031 15.42 53.92 -33.53
N LEU A 1032 15.97 52.93 -34.24
CA LEU A 1032 17.19 53.17 -35.00
C LEU A 1032 16.93 53.98 -36.27
N PHE A 1033 15.86 53.70 -36.99
CA PHE A 1033 15.59 54.32 -38.29
C PHE A 1033 14.31 55.15 -38.20
N PRO A 1034 14.42 56.46 -37.94
CA PRO A 1034 13.22 57.30 -37.78
C PRO A 1034 12.78 58.07 -39.01
N ASN A 1035 13.38 57.83 -40.18
CA ASN A 1035 13.08 58.60 -41.39
C ASN A 1035 12.89 57.67 -42.58
N GLU A 1036 12.07 56.64 -42.39
CA GLU A 1036 11.83 55.63 -43.42
C GLU A 1036 10.44 55.83 -44.03
N GLU A 1037 10.39 55.83 -45.36
CA GLU A 1037 9.12 55.87 -46.06
C GLU A 1037 8.42 54.52 -45.92
N PRO A 1038 7.08 54.50 -46.03
CA PRO A 1038 6.36 53.21 -45.94
C PRO A 1038 6.70 52.27 -47.08
N SER A 1039 7.33 51.15 -46.76
CA SER A 1039 7.72 50.17 -47.74
C SER A 1039 7.63 48.78 -47.13
N TRP A 1040 7.51 47.77 -47.98
CA TRP A 1040 7.39 46.39 -47.51
C TRP A 1040 8.69 45.88 -46.88
N LYS A 1041 9.81 46.59 -47.04
CA LYS A 1041 11.03 46.21 -46.36
C LYS A 1041 10.93 46.42 -44.85
N LEU A 1042 10.02 47.29 -44.40
CA LEU A 1042 9.81 47.46 -42.97
C LEU A 1042 9.26 46.19 -42.33
N ALA A 1043 8.36 45.50 -43.03
CA ALA A 1043 7.79 44.26 -42.51
C ALA A 1043 8.79 43.11 -42.49
N LYS A 1044 9.90 43.24 -43.19
CA LYS A 1044 10.93 42.21 -43.20
C LYS A 1044 11.93 42.39 -42.06
N ASN A 1045 12.31 43.63 -41.77
CA ASN A 1045 13.29 43.89 -40.72
C ASN A 1045 12.78 43.59 -39.32
N ILE A 1046 11.46 43.50 -39.14
CA ILE A 1046 10.92 43.19 -37.83
C ILE A 1046 11.17 41.74 -37.44
N PHE A 1047 10.95 40.81 -38.37
CA PHE A 1047 10.99 39.39 -38.08
C PHE A 1047 12.36 38.77 -38.32
N TYR A 1048 13.08 39.24 -39.34
CA TYR A 1048 14.31 38.61 -39.82
C TYR A 1048 15.41 38.58 -38.75
N MET A 1049 15.91 39.77 -38.42
CA MET A 1049 17.08 39.85 -37.54
C MET A 1049 16.81 39.35 -36.12
N PRO A 1050 15.71 39.72 -35.45
CA PRO A 1050 15.45 39.12 -34.13
C PRO A 1050 15.29 37.62 -34.16
N TYR A 1051 14.80 37.05 -35.25
CA TYR A 1051 14.67 35.60 -35.31
C TYR A 1051 16.03 34.94 -35.48
N TRP A 1052 16.89 35.49 -36.34
CA TRP A 1052 18.22 34.90 -36.43
C TRP A 1052 19.07 35.17 -35.20
N MET A 1053 18.68 36.16 -34.39
CA MET A 1053 19.47 36.51 -33.21
C MET A 1053 19.43 35.44 -32.14
N ILE A 1054 18.28 34.78 -31.96
CA ILE A 1054 18.15 33.79 -30.88
C ILE A 1054 18.73 32.44 -31.23
N TYR A 1055 19.32 32.28 -32.41
CA TYR A 1055 19.97 31.03 -32.81
C TYR A 1055 21.48 31.18 -32.89
N GLY A 1056 22.04 32.11 -32.12
CA GLY A 1056 23.47 32.27 -32.03
C GLY A 1056 24.05 33.42 -32.83
N GLU A 1057 23.30 33.99 -33.76
CA GLU A 1057 23.79 35.13 -34.54
C GLU A 1057 23.46 36.43 -33.81
N VAL A 1058 24.27 36.74 -32.81
CA VAL A 1058 23.99 37.85 -31.89
C VAL A 1058 24.98 38.97 -32.13
N PHE A 1059 25.39 39.13 -33.39
CA PHE A 1059 26.35 40.16 -33.80
C PHE A 1059 25.95 41.53 -33.26
N ALA A 1060 26.80 42.07 -32.39
CA ALA A 1060 26.49 43.28 -31.65
C ALA A 1060 26.91 44.56 -32.38
N ASP A 1061 27.50 44.45 -33.56
CA ASP A 1061 27.79 45.64 -34.36
C ASP A 1061 26.64 45.99 -35.29
N GLN A 1062 25.89 44.99 -35.75
CA GLN A 1062 24.76 45.26 -36.62
C GLN A 1062 23.58 45.84 -35.85
N ILE A 1063 23.40 45.42 -34.61
CA ILE A 1063 22.38 45.97 -33.73
C ILE A 1063 23.06 46.92 -32.75
N ASP A 1064 22.47 48.12 -32.60
CA ASP A 1064 23.08 49.24 -31.89
C ASP A 1064 24.47 49.53 -32.43
N PRO A 1065 24.57 50.12 -33.62
CA PRO A 1065 25.88 50.42 -34.20
C PRO A 1065 26.59 51.49 -33.39
N PRO A 1066 27.92 51.51 -33.41
CA PRO A 1066 28.66 52.51 -32.63
C PRO A 1066 28.53 53.91 -33.22
N CYS A 1067 27.42 54.58 -32.95
CA CYS A 1067 27.20 55.93 -33.46
C CYS A 1067 27.25 56.95 -32.32
N GLN A 1080 34.10 62.25 -37.52
CA GLN A 1080 34.43 60.89 -37.91
C GLN A 1080 33.24 59.97 -37.72
N LEU A 1081 32.91 59.69 -36.45
CA LEU A 1081 31.80 58.80 -36.15
C LEU A 1081 30.48 59.45 -36.55
N PRO A 1082 29.53 58.67 -37.07
CA PRO A 1082 28.23 59.23 -37.44
C PRO A 1082 27.46 59.64 -36.20
N PRO A 1083 26.53 60.61 -36.33
CA PRO A 1083 25.79 61.07 -35.15
C PRO A 1083 24.93 59.97 -34.55
N CYS A 1084 24.85 59.97 -33.22
CA CYS A 1084 24.06 58.97 -32.50
C CYS A 1084 22.60 59.35 -32.52
N LYS A 1085 21.74 58.38 -32.81
CA LYS A 1085 20.30 58.62 -32.83
C LYS A 1085 19.78 58.86 -31.42
N THR A 1086 18.65 59.55 -31.33
CA THR A 1086 18.07 59.87 -30.03
C THR A 1086 17.56 58.61 -29.36
N GLY A 1087 18.04 58.35 -28.15
CA GLY A 1087 17.63 57.17 -27.42
C GLY A 1087 18.09 55.87 -28.03
N ALA A 1088 19.29 55.83 -28.60
CA ALA A 1088 19.84 54.60 -29.15
C ALA A 1088 20.54 53.75 -28.10
N TRP A 1089 20.64 54.23 -26.87
CA TRP A 1089 21.20 53.44 -25.78
C TRP A 1089 20.20 52.44 -25.22
N ILE A 1090 18.93 52.54 -25.58
CA ILE A 1090 17.92 51.60 -25.10
C ILE A 1090 17.99 50.27 -25.83
N VAL A 1091 18.51 50.26 -27.06
CA VAL A 1091 18.51 49.04 -27.86
C VAL A 1091 19.30 47.91 -27.22
N PRO A 1092 20.54 48.12 -26.72
CA PRO A 1092 21.22 47.01 -26.03
C PRO A 1092 20.51 46.53 -24.77
N ALA A 1093 19.87 47.42 -24.01
CA ALA A 1093 19.13 46.99 -22.82
C ALA A 1093 17.93 46.12 -23.21
N ILE A 1094 17.20 46.54 -24.23
CA ILE A 1094 16.07 45.74 -24.71
C ILE A 1094 16.55 44.41 -25.27
N MET A 1095 17.71 44.41 -25.93
CA MET A 1095 18.28 43.17 -26.45
C MET A 1095 18.64 42.22 -25.31
N ALA A 1096 19.21 42.75 -24.22
CA ALA A 1096 19.54 41.90 -23.08
C ALA A 1096 18.30 41.27 -22.48
N CYS A 1097 17.25 42.07 -22.28
CA CYS A 1097 16.01 41.53 -21.73
C CYS A 1097 15.40 40.50 -22.66
N TYR A 1098 15.41 40.77 -23.97
CA TYR A 1098 14.82 39.85 -24.94
C TYR A 1098 15.56 38.53 -24.99
N LEU A 1099 16.90 38.57 -24.97
CA LEU A 1099 17.68 37.34 -24.97
C LEU A 1099 17.46 36.55 -23.68
N LEU A 1100 17.40 37.24 -22.54
CA LEU A 1100 17.17 36.54 -21.28
C LEU A 1100 15.80 35.86 -21.27
N VAL A 1101 14.79 36.53 -21.80
CA VAL A 1101 13.46 35.93 -21.82
C VAL A 1101 13.39 34.76 -22.80
N ALA A 1102 13.94 34.93 -24.00
CA ALA A 1102 13.77 33.91 -25.03
C ALA A 1102 14.64 32.68 -24.79
N ASN A 1103 15.90 32.85 -24.41
CA ASN A 1103 16.84 31.75 -24.37
C ASN A 1103 17.03 31.12 -23.01
N ILE A 1104 16.42 31.66 -21.95
CA ILE A 1104 16.63 31.12 -20.62
C ILE A 1104 15.30 30.70 -20.00
N LEU A 1105 14.23 31.39 -20.36
CA LEU A 1105 12.93 31.16 -19.71
C LEU A 1105 12.02 30.27 -20.56
N LEU A 1106 11.71 30.69 -21.78
CA LEU A 1106 10.71 29.98 -22.57
C LEU A 1106 11.24 28.63 -23.06
N VAL A 1107 12.50 28.58 -23.49
CA VAL A 1107 13.03 27.30 -23.98
C VAL A 1107 13.20 26.30 -22.84
N ASN A 1108 13.61 26.77 -21.65
CA ASN A 1108 13.70 25.87 -20.51
C ASN A 1108 12.32 25.39 -20.07
N LEU A 1109 11.32 26.27 -20.11
CA LEU A 1109 9.97 25.84 -19.79
C LEU A 1109 9.46 24.83 -20.81
N LEU A 1110 9.83 25.00 -22.09
CA LEU A 1110 9.44 24.03 -23.10
C LEU A 1110 10.12 22.69 -22.88
N ILE A 1111 11.39 22.71 -22.45
CA ILE A 1111 12.08 21.47 -22.12
C ILE A 1111 11.38 20.77 -20.96
N ALA A 1112 10.96 21.53 -19.95
CA ALA A 1112 10.23 20.95 -18.83
C ALA A 1112 8.90 20.36 -19.28
N VAL A 1113 8.20 21.04 -20.18
CA VAL A 1113 6.91 20.55 -20.68
C VAL A 1113 7.10 19.24 -21.43
N PHE A 1114 8.11 19.18 -22.30
CA PHE A 1114 8.40 17.94 -23.01
C PHE A 1114 8.81 16.83 -22.04
N ASN A 1115 9.52 17.19 -20.97
CA ASN A 1115 10.04 16.19 -20.05
C ASN A 1115 8.93 15.58 -19.20
N ASN A 1116 8.00 16.40 -18.72
CA ASN A 1116 7.00 15.92 -17.78
C ASN A 1116 5.77 15.32 -18.45
N THR A 1117 5.69 15.34 -19.78
CA THR A 1117 4.61 14.70 -20.53
C THR A 1117 5.17 13.74 -21.56
N PHE A 1118 6.13 12.91 -21.17
CA PHE A 1118 6.77 11.98 -22.09
C PHE A 1118 6.31 10.55 -21.91
N PHE A 1119 6.04 10.12 -20.67
CA PHE A 1119 5.66 8.73 -20.44
C PHE A 1119 4.31 8.41 -21.08
N GLU A 1120 3.32 9.28 -20.89
CA GLU A 1120 2.01 9.06 -21.48
C GLU A 1120 2.07 9.06 -23.00
N VAL A 1121 2.79 10.01 -23.57
CA VAL A 1121 2.91 10.10 -25.03
C VAL A 1121 3.61 8.87 -25.58
N LYS A 1122 4.65 8.40 -24.88
CA LYS A 1122 5.37 7.21 -25.33
C LYS A 1122 4.48 5.98 -25.32
N SER A 1123 3.72 5.78 -24.23
CA SER A 1123 2.84 4.62 -24.17
C SER A 1123 1.75 4.67 -25.23
N ILE A 1124 1.16 5.85 -25.43
CA ILE A 1124 0.11 6.01 -26.43
C ILE A 1124 0.67 5.74 -27.83
N SER A 1125 1.87 6.24 -28.10
CA SER A 1125 2.49 6.02 -29.41
C SER A 1125 2.78 4.55 -29.65
N ASN A 1126 3.26 3.84 -28.64
CA ASN A 1126 3.49 2.41 -28.78
C ASN A 1126 2.20 1.66 -29.11
N GLN A 1127 1.13 1.97 -28.37
CA GLN A 1127 -0.15 1.28 -28.62
C GLN A 1127 -0.67 1.60 -30.01
N VAL A 1128 -0.60 2.86 -30.44
CA VAL A 1128 -1.13 3.23 -31.74
C VAL A 1128 -0.32 2.60 -32.87
N TRP A 1129 1.01 2.52 -32.71
CA TRP A 1129 1.81 1.86 -33.74
C TRP A 1129 1.48 0.38 -33.84
N LYS A 1130 1.35 -0.30 -32.69
CA LYS A 1130 0.96 -1.70 -32.72
C LYS A 1130 -0.41 -1.90 -33.32
N PHE A 1131 -1.31 -0.92 -33.18
CA PHE A 1131 -2.62 -1.03 -33.81
C PHE A 1131 -2.53 -0.82 -35.32
N GLN A 1132 -1.72 0.13 -35.77
CA GLN A 1132 -1.64 0.44 -37.20
C GLN A 1132 -0.80 -0.55 -37.99
N ARG A 1133 -0.06 -1.43 -37.29
CA ARG A 1133 0.62 -2.52 -37.99
C ARG A 1133 -0.34 -3.35 -38.84
N TYR A 1134 -1.56 -3.57 -38.35
CA TYR A 1134 -2.54 -4.34 -39.10
C TYR A 1134 -2.90 -3.63 -40.41
N GLN A 1135 -3.13 -2.33 -40.35
CA GLN A 1135 -3.48 -1.60 -41.56
C GLN A 1135 -2.34 -1.60 -42.56
N LEU A 1136 -1.10 -1.48 -42.06
CA LEU A 1136 0.05 -1.55 -42.95
C LEU A 1136 0.12 -2.90 -43.66
N ILE A 1137 -0.04 -3.99 -42.90
CA ILE A 1137 0.04 -5.33 -43.48
C ILE A 1137 -1.07 -5.54 -44.49
N MET A 1138 -2.29 -5.10 -44.16
CA MET A 1138 -3.40 -5.29 -45.09
C MET A 1138 -3.22 -4.48 -46.37
N THR A 1139 -2.78 -3.22 -46.26
CA THR A 1139 -2.64 -2.41 -47.45
C THR A 1139 -1.45 -2.83 -48.30
N PHE A 1140 -0.47 -3.52 -47.74
CA PHE A 1140 0.56 -4.10 -48.59
C PHE A 1140 0.21 -5.49 -49.09
N HIS A 1141 -0.75 -6.16 -48.46
CA HIS A 1141 -1.26 -7.41 -49.00
C HIS A 1141 -2.18 -7.20 -50.17
N GLU A 1142 -2.95 -6.11 -50.17
CA GLU A 1142 -3.89 -5.82 -51.25
C GLU A 1142 -3.21 -5.18 -52.46
N ARG A 1143 -2.00 -4.66 -52.31
CA ARG A 1143 -1.30 -3.95 -53.38
C ARG A 1143 -0.83 -4.91 -54.46
N PRO A 1144 -0.63 -4.42 -55.68
CA PRO A 1144 -0.02 -5.25 -56.73
C PRO A 1144 1.44 -5.57 -56.44
N VAL A 1145 2.05 -6.35 -57.33
CA VAL A 1145 3.41 -6.80 -57.10
C VAL A 1145 4.44 -5.78 -57.59
N LEU A 1146 4.24 -5.22 -58.77
CA LEU A 1146 5.23 -4.34 -59.36
C LEU A 1146 5.18 -2.95 -58.72
N PRO A 1147 6.33 -2.33 -58.48
CA PRO A 1147 6.35 -0.99 -57.88
C PRO A 1147 5.88 0.07 -58.86
N PRO A 1148 5.59 1.28 -58.40
CA PRO A 1148 4.97 2.32 -59.27
C PRO A 1148 5.80 2.69 -60.49
N PRO A 1149 7.15 2.58 -60.49
CA PRO A 1149 7.85 2.84 -61.76
C PRO A 1149 7.40 1.93 -62.90
N LEU A 1150 7.08 0.67 -62.60
CA LEU A 1150 6.65 -0.29 -63.61
C LEU A 1150 5.34 -0.97 -63.21
N ILE A 1151 4.46 -0.22 -62.53
CA ILE A 1151 3.15 -0.76 -62.16
C ILE A 1151 2.14 -0.58 -63.28
N ILE A 1152 2.51 0.14 -64.34
CA ILE A 1152 1.59 0.34 -65.46
C ILE A 1152 1.29 -0.98 -66.17
N PHE A 1153 2.18 -1.97 -66.06
CA PHE A 1153 1.88 -3.30 -66.59
C PHE A 1153 0.79 -3.98 -65.79
N SER A 1154 0.85 -3.87 -64.46
CA SER A 1154 -0.16 -4.47 -63.60
C SER A 1154 -1.50 -3.77 -63.71
N HIS A 1155 -1.53 -2.51 -64.13
CA HIS A 1155 -2.80 -1.82 -64.33
C HIS A 1155 -3.49 -2.25 -65.62
N MET A 1156 -2.73 -2.57 -66.65
CA MET A 1156 -3.34 -3.02 -67.91
C MET A 1156 -3.93 -4.41 -67.77
N THR A 1157 -3.30 -5.27 -66.97
CA THR A 1157 -3.83 -6.62 -66.79
C THR A 1157 -5.16 -6.60 -66.05
N MET A 1158 -5.38 -5.65 -65.16
CA MET A 1158 -6.67 -5.51 -64.50
C MET A 1158 -7.76 -5.15 -65.49
N ILE A 1159 -7.44 -4.31 -66.48
CA ILE A 1159 -8.39 -4.00 -67.53
C ILE A 1159 -8.67 -5.23 -68.39
N PHE A 1160 -7.62 -6.00 -68.70
CA PHE A 1160 -7.82 -7.20 -69.51
C PHE A 1160 -8.61 -8.26 -68.75
N GLN A 1161 -8.37 -8.38 -67.44
CA GLN A 1161 -9.14 -9.31 -66.62
C GLN A 1161 -10.50 -8.77 -66.21
N HIS A 1162 -10.80 -7.51 -66.54
CA HIS A 1162 -12.11 -6.95 -66.24
C HIS A 1162 -13.20 -7.59 -67.09
N VAL A 1163 -12.88 -7.97 -68.33
CA VAL A 1163 -13.88 -8.56 -69.22
C VAL A 1163 -14.20 -10.00 -68.87
N CYS A 1164 -13.43 -10.62 -67.98
CA CYS A 1164 -13.68 -12.00 -67.59
C CYS A 1164 -14.70 -12.08 -66.46
N ARG A 1177 -9.63 -15.46 -50.52
CA ARG A 1177 -8.49 -15.19 -49.65
C ARG A 1177 -8.18 -16.39 -48.76
N ASP A 1178 -7.34 -17.30 -49.27
CA ASP A 1178 -6.98 -18.49 -48.51
C ASP A 1178 -6.24 -18.11 -47.22
N TYR A 1179 -5.35 -17.14 -47.30
CA TYR A 1179 -4.72 -16.58 -46.11
C TYR A 1179 -4.33 -15.14 -46.42
N GLY A 1180 -4.06 -14.38 -45.37
CA GLY A 1180 -3.83 -12.95 -45.52
C GLY A 1180 -5.00 -12.16 -44.97
N LEU A 1181 -6.21 -12.70 -45.15
CA LEU A 1181 -7.40 -12.18 -44.50
C LEU A 1181 -8.04 -13.21 -43.60
N LYS A 1182 -8.35 -14.40 -44.11
CA LYS A 1182 -9.13 -15.38 -43.36
C LYS A 1182 -8.43 -16.73 -43.31
N LEU A 1183 -9.13 -17.74 -42.80
CA LEU A 1183 -8.59 -19.10 -42.73
C LEU A 1183 -9.78 -20.04 -42.68
N PHE A 1184 -10.00 -20.79 -43.75
CA PHE A 1184 -11.15 -21.67 -43.85
C PHE A 1184 -10.79 -23.07 -43.37
N ILE A 1185 -11.60 -23.61 -42.46
CA ILE A 1185 -11.33 -24.90 -41.84
C ILE A 1185 -12.57 -25.77 -41.94
N THR A 1186 -12.36 -27.08 -41.79
CA THR A 1186 -13.42 -28.06 -41.92
C THR A 1186 -14.27 -28.10 -40.64
N ASP A 1187 -15.22 -29.03 -40.59
CA ASP A 1187 -16.12 -29.12 -39.44
C ASP A 1187 -15.44 -29.72 -38.22
N ASP A 1188 -14.51 -30.66 -38.41
CA ASP A 1188 -13.78 -31.21 -37.28
C ASP A 1188 -12.92 -30.14 -36.61
N GLU A 1189 -12.22 -29.34 -37.40
CA GLU A 1189 -11.42 -28.26 -36.84
C GLU A 1189 -12.30 -27.22 -36.17
N LEU A 1190 -13.46 -26.92 -36.74
CA LEU A 1190 -14.39 -25.97 -36.12
C LEU A 1190 -14.87 -26.50 -34.77
N LYS A 1191 -15.20 -27.79 -34.69
CA LYS A 1191 -15.63 -28.38 -33.43
C LYS A 1191 -14.52 -28.34 -32.40
N LYS A 1192 -13.29 -28.64 -32.81
CA LYS A 1192 -12.16 -28.60 -31.87
C LYS A 1192 -11.92 -27.18 -31.38
N VAL A 1193 -12.04 -26.19 -32.28
CA VAL A 1193 -11.88 -24.79 -31.89
C VAL A 1193 -12.96 -24.38 -30.89
N HIS A 1194 -14.21 -24.80 -31.14
CA HIS A 1194 -15.30 -24.46 -30.22
C HIS A 1194 -15.07 -25.09 -28.84
N ASP A 1195 -14.63 -26.34 -28.81
CA ASP A 1195 -14.35 -27.00 -27.53
C ASP A 1195 -13.22 -26.30 -26.79
N PHE A 1196 -12.16 -25.90 -27.53
CA PHE A 1196 -11.05 -25.19 -26.91
C PHE A 1196 -11.50 -23.85 -26.34
N GLU A 1197 -12.37 -23.14 -27.07
CA GLU A 1197 -12.84 -21.84 -26.59
C GLU A 1197 -13.71 -21.99 -25.35
N GLU A 1198 -14.58 -23.02 -25.32
CA GLU A 1198 -15.39 -23.25 -24.13
C GLU A 1198 -14.52 -23.60 -22.93
N GLN A 1199 -13.50 -24.44 -23.15
CA GLN A 1199 -12.57 -24.75 -22.07
C GLN A 1199 -11.87 -23.50 -21.56
N CYS A 1200 -11.43 -22.64 -22.48
CA CYS A 1200 -10.74 -21.41 -22.08
C CYS A 1200 -11.64 -20.49 -21.27
N ILE A 1201 -12.90 -20.32 -21.69
CA ILE A 1201 -13.77 -19.39 -20.98
C ILE A 1201 -14.15 -19.94 -19.61
N GLU A 1202 -14.39 -21.25 -19.50
CA GLU A 1202 -14.72 -21.80 -18.19
C GLU A 1202 -13.51 -21.75 -17.26
N GLU A 1203 -12.31 -21.97 -17.79
CA GLU A 1203 -11.10 -21.83 -16.99
C GLU A 1203 -10.91 -20.38 -16.53
N TYR A 1204 -11.20 -19.43 -17.41
CA TYR A 1204 -11.08 -18.02 -17.05
C TYR A 1204 -12.03 -17.64 -15.93
N PHE A 1205 -13.29 -18.09 -16.01
CA PHE A 1205 -14.24 -17.77 -14.95
C PHE A 1205 -13.86 -18.46 -13.64
N ARG A 1206 -13.40 -19.71 -13.71
CA ARG A 1206 -12.97 -20.40 -12.49
C ARG A 1206 -11.79 -19.71 -11.83
N GLU A 1207 -10.81 -19.28 -12.63
CA GLU A 1207 -9.65 -18.58 -12.10
C GLU A 1207 -10.05 -17.23 -11.49
N LYS A 1208 -10.97 -16.52 -12.16
CA LYS A 1208 -11.43 -15.24 -11.63
C LYS A 1208 -12.14 -15.41 -10.29
N ASP A 1209 -13.00 -16.42 -10.18
CA ASP A 1209 -13.69 -16.65 -8.91
C ASP A 1209 -12.71 -17.07 -7.81
N ASP A 1210 -11.75 -17.94 -8.14
CA ASP A 1210 -10.78 -18.36 -7.13
C ASP A 1210 -9.90 -17.21 -6.67
N ARG A 1211 -9.52 -16.31 -7.59
CA ARG A 1211 -8.73 -15.16 -7.20
C ARG A 1211 -9.54 -14.17 -6.38
N PHE A 1212 -10.83 -14.01 -6.69
CA PHE A 1212 -11.66 -13.13 -5.88
C PHE A 1212 -11.86 -13.66 -4.47
N ASN A 1213 -12.09 -14.98 -4.34
CA ASN A 1213 -12.39 -15.54 -3.02
C ASN A 1213 -11.17 -15.58 -2.11
N SER A 1214 -9.96 -15.42 -2.65
CA SER A 1214 -8.75 -15.47 -1.86
C SER A 1214 -8.18 -14.09 -1.54
N SER A 1215 -8.91 -13.02 -1.89
CA SER A 1215 -8.45 -11.69 -1.58
C SER A 1215 -8.57 -11.42 -0.08
N ASN A 1216 -7.77 -10.45 0.39
CA ASN A 1216 -7.80 -10.12 1.82
C ASN A 1216 -9.13 -9.49 2.22
N ASP A 1217 -9.69 -8.64 1.36
CA ASP A 1217 -10.94 -7.95 1.71
C ASP A 1217 -12.08 -8.93 1.88
N GLU A 1218 -12.20 -9.90 0.97
CA GLU A 1218 -13.26 -10.90 1.08
C GLU A 1218 -13.10 -11.75 2.32
N ARG A 1219 -11.86 -12.16 2.63
CA ARG A 1219 -11.62 -12.94 3.84
C ARG A 1219 -11.97 -12.15 5.09
N ILE A 1220 -11.62 -10.86 5.12
CA ILE A 1220 -11.94 -10.03 6.28
C ILE A 1220 -13.45 -9.89 6.44
N ARG A 1221 -14.16 -9.67 5.33
CA ARG A 1221 -15.61 -9.51 5.40
C ARG A 1221 -16.29 -10.79 5.88
N VAL A 1222 -15.88 -11.93 5.33
CA VAL A 1222 -16.47 -13.20 5.73
C VAL A 1222 -16.16 -13.52 7.18
N THR A 1223 -14.92 -13.26 7.61
CA THR A 1223 -14.56 -13.47 9.01
C THR A 1223 -15.40 -12.60 9.93
N SER A 1224 -15.61 -11.34 9.57
CA SER A 1224 -16.41 -10.45 10.40
C SER A 1224 -17.85 -10.92 10.50
N GLU A 1225 -18.44 -11.34 9.37
CA GLU A 1225 -19.82 -11.82 9.41
C GLU A 1225 -19.95 -13.07 10.26
N ARG A 1226 -19.02 -14.03 10.09
CA ARG A 1226 -19.09 -15.26 10.87
C ARG A 1226 -18.85 -15.00 12.35
N VAL A 1227 -17.96 -14.04 12.67
CA VAL A 1227 -17.72 -13.69 14.07
C VAL A 1227 -18.98 -13.08 14.68
N GLU A 1228 -19.68 -12.22 13.93
CA GLU A 1228 -20.92 -11.64 14.44
C GLU A 1228 -21.97 -12.72 14.70
N ASN A 1229 -22.13 -13.64 13.77
CA ASN A 1229 -23.09 -14.72 13.95
C ASN A 1229 -22.73 -15.60 15.14
N MET A 1230 -21.43 -15.93 15.28
CA MET A 1230 -20.99 -16.76 16.40
C MET A 1230 -21.21 -16.05 17.73
N SER A 1231 -20.96 -14.73 17.77
CA SER A 1231 -21.19 -13.98 19.00
C SER A 1231 -22.67 -13.99 19.38
N MET A 1232 -23.55 -13.80 18.40
CA MET A 1232 -24.99 -13.86 18.70
C MET A 1232 -25.38 -15.25 19.20
N ARG A 1233 -24.87 -16.30 18.55
CA ARG A 1233 -25.21 -17.66 18.96
C ARG A 1233 -24.68 -17.96 20.37
N LEU A 1234 -23.48 -17.49 20.68
CA LEU A 1234 -22.90 -17.74 22.00
C LEU A 1234 -23.67 -17.00 23.08
N GLU A 1235 -24.11 -15.78 22.80
CA GLU A 1235 -24.94 -15.07 23.76
C GLU A 1235 -26.27 -15.78 23.97
N GLU A 1236 -26.84 -16.33 22.88
CA GLU A 1236 -28.06 -17.12 23.01
C GLU A 1236 -27.84 -18.35 23.89
N VAL A 1237 -26.72 -19.05 23.68
CA VAL A 1237 -26.44 -20.24 24.47
C VAL A 1237 -26.22 -19.89 25.94
N ASN A 1238 -25.46 -18.83 26.21
CA ASN A 1238 -25.18 -18.45 27.59
C ASN A 1238 -26.43 -17.99 28.30
N GLU A 1239 -27.31 -17.27 27.59
CA GLU A 1239 -28.57 -16.83 28.20
C GLU A 1239 -29.44 -18.00 28.60
N ARG A 1240 -29.35 -19.11 27.88
CA ARG A 1240 -30.10 -20.33 28.18
C ARG A 1240 -29.30 -21.18 29.17
N GLU A 1241 -29.39 -20.84 30.45
CA GLU A 1241 -28.73 -21.60 31.51
C GLU A 1241 -29.73 -21.92 32.61
N HIS A 1242 -29.65 -23.15 33.11
CA HIS A 1242 -30.60 -23.62 34.12
C HIS A 1242 -29.92 -23.96 35.44
N SER A 1243 -28.68 -24.41 35.40
CA SER A 1243 -27.96 -24.77 36.61
C SER A 1243 -27.59 -23.54 37.43
N UNK B 1 -59.91 21.80 -7.17
CA UNK B 1 -59.23 20.53 -7.43
C UNK B 1 -60.19 19.37 -7.23
N UNK B 2 -59.81 18.19 -7.73
CA UNK B 2 -60.65 17.00 -7.65
C UNK B 2 -60.45 16.26 -6.35
N UNK B 3 -60.29 16.99 -5.26
CA UNK B 3 -60.15 16.38 -3.93
C UNK B 3 -61.40 16.65 -3.11
N UNK B 4 -62.24 17.55 -3.61
CA UNK B 4 -63.50 17.87 -2.95
C UNK B 4 -64.63 16.98 -3.48
N UNK B 5 -64.29 15.73 -3.80
CA UNK B 5 -65.26 14.77 -4.28
C UNK B 5 -65.67 13.83 -3.15
N UNK B 6 -65.42 14.26 -1.92
CA UNK B 6 -65.76 13.46 -0.75
C UNK B 6 -66.78 14.18 0.13
N UNK B 7 -66.70 13.95 1.44
CA UNK B 7 -67.63 14.55 2.39
C UNK B 7 -67.03 14.60 3.79
N UNK B 8 -67.90 14.76 4.79
CA UNK B 8 -67.47 14.79 6.18
C UNK B 8 -68.63 14.45 7.12
N UNK B 9 -68.45 14.73 8.40
CA UNK B 9 -69.48 14.43 9.39
C UNK B 9 -69.36 15.35 10.61
N UNK B 10 -70.42 16.11 10.88
CA UNK B 10 -70.43 17.01 12.03
C UNK B 10 -71.76 16.90 12.77
N UNK B 11 -71.71 16.90 14.10
CA UNK B 11 -72.91 16.75 14.91
C UNK B 11 -73.79 18.00 14.83
N UNK B 12 -75.04 17.80 14.40
CA UNK B 12 -75.99 18.89 14.26
C UNK B 12 -76.69 19.18 15.59
N UNK B 13 -77.83 18.54 15.80
CA UNK B 13 -78.60 18.72 17.04
C UNK B 13 -78.30 17.61 18.03
N UNK B 14 -77.21 17.78 18.78
CA UNK B 14 -76.80 16.77 19.76
C UNK B 14 -77.16 17.21 21.18
N UNK B 15 -77.46 16.23 22.03
CA UNK B 15 -77.82 16.51 23.41
C UNK B 15 -77.47 15.31 24.30
N UNK B 16 -76.56 15.52 25.24
CA UNK B 16 -76.14 14.46 26.15
C UNK B 16 -75.65 15.04 27.47
N UNK B 17 -75.60 14.18 28.49
CA UNK B 17 -75.18 14.56 29.84
C UNK B 17 -75.99 15.72 30.39
N ILE C 129 -5.98 9.36 79.49
CA ILE C 129 -6.51 10.57 80.12
C ILE C 129 -7.79 10.99 79.44
N SER C 130 -8.40 12.06 79.96
CA SER C 130 -9.65 12.59 79.41
C SER C 130 -9.39 13.67 78.36
N LYS C 131 -8.54 13.34 77.40
CA LYS C 131 -8.17 14.23 76.29
C LYS C 131 -7.61 15.56 76.81
N HIS C 132 -6.48 15.46 77.51
CA HIS C 132 -5.76 16.62 78.03
C HIS C 132 -4.50 16.78 77.17
N THR C 133 -4.64 17.50 76.07
CA THR C 133 -3.57 17.67 75.09
C THR C 133 -3.24 19.14 74.93
N GLN C 134 -2.18 19.41 74.16
CA GLN C 134 -1.73 20.76 73.90
C GLN C 134 -2.27 21.24 72.55
N LEU C 135 -2.77 22.47 72.53
CA LEU C 135 -3.41 23.03 71.34
C LEU C 135 -2.39 23.78 70.47
N SER C 136 -1.35 23.07 70.07
CA SER C 136 -0.30 23.65 69.26
C SER C 136 -0.80 23.95 67.85
N PRO C 137 -0.18 24.90 67.16
CA PRO C 137 -0.56 25.17 65.77
C PRO C 137 -0.04 24.09 64.83
N THR C 138 -0.57 24.11 63.61
CA THR C 138 -0.16 23.14 62.60
C THR C 138 1.28 23.40 62.16
N ASP C 139 2.00 22.31 61.87
CA ASP C 139 3.40 22.42 61.51
C ASP C 139 3.81 21.47 60.39
N ALA C 140 2.86 20.99 59.59
CA ALA C 140 3.18 20.00 58.54
C ALA C 140 2.20 20.20 57.39
N PHE C 141 2.68 20.79 56.30
CA PHE C 141 1.87 20.93 55.09
C PHE C 141 2.81 21.11 53.91
N GLY C 142 2.27 20.86 52.72
CA GLY C 142 3.04 21.01 51.50
C GLY C 142 2.80 19.94 50.47
N THR C 143 3.86 19.36 49.94
CA THR C 143 3.77 18.34 48.90
C THR C 143 4.80 17.26 49.19
N ILE C 144 4.43 16.01 48.94
CA ILE C 144 5.31 14.88 49.18
C ILE C 144 5.52 14.12 47.87
N GLU C 145 6.77 13.76 47.61
CA GLU C 145 7.13 12.93 46.47
C GLU C 145 7.33 11.51 46.95
N PHE C 146 6.52 10.59 46.43
CA PHE C 146 6.58 9.19 46.82
C PHE C 146 7.74 8.54 46.09
N GLN C 147 8.90 8.52 46.73
CA GLN C 147 10.06 7.83 46.17
C GLN C 147 9.87 6.32 46.26
N GLY C 148 10.40 5.63 45.27
CA GLY C 148 10.35 4.18 45.25
C GLY C 148 9.48 3.57 44.18
N GLY C 149 8.28 4.11 43.97
CA GLY C 149 7.40 3.56 42.95
C GLY C 149 7.85 3.91 41.54
N GLY C 150 7.26 3.24 40.56
CA GLY C 150 7.59 3.53 39.17
C GLY C 150 6.84 4.73 38.63
N HIS C 151 6.01 5.36 39.48
CA HIS C 151 5.19 6.49 39.09
C HIS C 151 5.69 7.75 39.77
N SER C 152 5.77 8.84 39.01
CA SER C 152 6.11 10.14 39.56
C SER C 152 4.82 10.82 40.00
N ASN C 153 4.45 10.61 41.27
CA ASN C 153 3.17 11.08 41.78
C ASN C 153 3.39 12.14 42.85
N LYS C 154 2.70 13.26 42.72
CA LYS C 154 2.71 14.33 43.72
C LYS C 154 1.44 14.24 44.54
N ALA C 155 1.53 14.55 45.83
CA ALA C 155 0.39 14.50 46.72
C ALA C 155 0.48 15.64 47.72
N MET C 156 -0.45 16.58 47.63
CA MET C 156 -0.55 17.62 48.65
C MET C 156 -1.04 17.03 49.95
N TYR C 157 -0.64 17.65 51.06
CA TYR C 157 -1.01 17.14 52.36
C TYR C 157 -0.99 18.27 53.38
N VAL C 158 -1.87 18.18 54.37
CA VAL C 158 -1.89 19.10 55.51
C VAL C 158 -2.10 18.28 56.77
N ARG C 159 -1.73 18.86 57.90
CA ARG C 159 -1.94 18.25 59.20
C ARG C 159 -2.78 19.21 60.04
N VAL C 160 -4.03 18.83 60.30
CA VAL C 160 -4.97 19.67 61.04
C VAL C 160 -5.55 18.85 62.18
N SER C 161 -6.11 19.56 63.16
CA SER C 161 -6.76 18.91 64.28
C SER C 161 -8.05 18.23 63.82
N PHE C 162 -8.46 17.21 64.58
CA PHE C 162 -9.67 16.46 64.23
C PHE C 162 -10.95 17.23 64.52
N ASP C 163 -10.85 18.40 65.16
CA ASP C 163 -12.01 19.24 65.45
C ASP C 163 -12.11 20.43 64.51
N THR C 164 -11.40 20.40 63.39
CA THR C 164 -11.40 21.52 62.46
C THR C 164 -12.77 21.66 61.79
N LYS C 165 -13.20 22.90 61.61
CA LYS C 165 -14.51 23.17 61.01
C LYS C 165 -14.51 22.76 59.55
N PRO C 166 -15.60 22.13 59.09
CA PRO C 166 -15.66 21.71 57.67
C PRO C 166 -15.58 22.87 56.68
N ASP C 167 -16.05 24.07 57.06
CA ASP C 167 -16.01 25.20 56.13
C ASP C 167 -14.59 25.59 55.80
N LEU C 168 -13.71 25.64 56.79
CA LEU C 168 -12.31 26.00 56.54
C LEU C 168 -11.62 24.92 55.71
N LEU C 169 -11.94 23.66 55.96
CA LEU C 169 -11.38 22.58 55.15
C LEU C 169 -11.82 22.68 53.69
N LEU C 170 -13.10 23.01 53.47
CA LEU C 170 -13.58 23.20 52.11
C LEU C 170 -12.91 24.40 51.45
N HIS C 171 -12.70 25.47 52.21
CA HIS C 171 -11.99 26.64 51.69
C HIS C 171 -10.57 26.27 51.26
N LEU C 172 -9.87 25.50 52.10
CA LEU C 172 -8.52 25.05 51.76
C LEU C 172 -8.53 24.16 50.53
N MET C 173 -9.51 23.26 50.43
CA MET C 173 -9.54 22.31 49.33
C MET C 173 -9.95 22.97 48.03
N THR C 174 -10.70 24.07 48.09
CA THR C 174 -11.19 24.71 46.87
C THR C 174 -10.25 25.81 46.38
N LYS C 175 -9.79 26.69 47.27
CA LYS C 175 -9.00 27.86 46.86
C LYS C 175 -7.50 27.60 46.88
N GLU C 176 -6.98 26.99 47.95
CA GLU C 176 -5.54 26.76 48.03
C GLU C 176 -5.10 25.66 47.08
N TRP C 177 -5.87 24.59 46.98
CA TRP C 177 -5.52 23.46 46.12
C TRP C 177 -6.11 23.56 44.72
N GLN C 178 -6.87 24.62 44.44
CA GLN C 178 -7.38 24.92 43.09
C GLN C 178 -8.23 23.78 42.53
N LEU C 179 -9.04 23.17 43.39
CA LEU C 179 -9.92 22.08 42.98
C LEU C 179 -11.32 22.63 42.71
N GLU C 180 -11.88 22.25 41.56
CA GLU C 180 -13.25 22.64 41.25
C GLU C 180 -14.23 21.88 42.14
N LEU C 181 -15.40 22.47 42.33
CA LEU C 181 -16.43 21.84 43.15
C LEU C 181 -16.92 20.57 42.45
N PRO C 182 -16.94 19.43 43.13
CA PRO C 182 -17.27 18.17 42.45
C PRO C 182 -18.73 18.10 42.07
N LYS C 183 -19.00 17.32 41.02
CA LYS C 183 -20.37 16.99 40.64
C LYS C 183 -20.86 15.72 41.31
N LEU C 184 -19.99 15.02 42.02
CA LEU C 184 -20.34 13.73 42.63
C LEU C 184 -19.30 13.41 43.70
N LEU C 185 -19.75 12.75 44.76
CA LEU C 185 -18.88 12.33 45.85
C LEU C 185 -19.08 10.85 46.09
N ILE C 186 -17.98 10.12 46.25
CA ILE C 186 -18.02 8.67 46.45
C ILE C 186 -17.27 8.35 47.74
N SER C 187 -17.90 7.55 48.60
CA SER C 187 -17.28 7.07 49.83
C SER C 187 -17.01 5.58 49.72
N VAL C 188 -15.82 5.16 50.11
CA VAL C 188 -15.32 3.82 49.83
C VAL C 188 -15.08 3.06 51.12
N HIS C 189 -15.96 3.26 52.10
CA HIS C 189 -15.88 2.57 53.38
C HIS C 189 -15.70 1.06 53.18
N GLY C 190 -14.81 0.48 53.95
CA GLY C 190 -14.51 -0.93 53.82
C GLY C 190 -13.77 -1.46 55.03
N GLY C 191 -13.24 -2.68 54.89
CA GLY C 191 -12.55 -3.33 55.98
C GLY C 191 -11.18 -2.75 56.22
N LEU C 192 -10.66 -2.98 57.43
CA LEU C 192 -9.37 -2.45 57.82
C LEU C 192 -8.23 -3.44 57.62
N GLN C 193 -8.52 -4.73 57.71
CA GLN C 193 -7.51 -5.76 57.51
C GLN C 193 -7.23 -5.95 56.03
N ASN C 194 -6.02 -6.38 55.71
CA ASN C 194 -5.62 -6.56 54.32
C ASN C 194 -6.23 -7.82 53.73
N PHE C 195 -7.51 -7.72 53.37
CA PHE C 195 -8.18 -8.83 52.72
C PHE C 195 -7.74 -8.91 51.26
N GLU C 196 -8.08 -10.02 50.61
CA GLU C 196 -7.72 -10.26 49.22
C GLU C 196 -8.98 -10.58 48.44
N LEU C 197 -9.21 -9.83 47.36
CA LEU C 197 -10.33 -10.09 46.46
C LEU C 197 -9.92 -11.06 45.36
N GLN C 198 -10.80 -11.99 45.04
CA GLN C 198 -10.53 -12.95 43.99
C GLN C 198 -10.46 -12.25 42.63
N PRO C 199 -9.70 -12.81 41.68
CA PRO C 199 -9.64 -12.21 40.35
C PRO C 199 -10.98 -12.26 39.65
N LYS C 200 -11.08 -11.47 38.58
CA LYS C 200 -12.27 -11.28 37.74
C LYS C 200 -13.36 -10.50 38.46
N LEU C 201 -13.20 -10.19 39.74
CA LEU C 201 -14.12 -9.33 40.49
C LEU C 201 -13.50 -8.00 40.87
N LYS C 202 -12.27 -8.01 41.39
CA LYS C 202 -11.61 -6.75 41.72
C LYS C 202 -11.25 -5.97 40.47
N GLN C 203 -11.01 -6.66 39.35
CA GLN C 203 -10.65 -5.97 38.12
C GLN C 203 -11.82 -5.17 37.57
N VAL C 204 -12.99 -5.79 37.46
CA VAL C 204 -14.16 -5.08 36.95
C VAL C 204 -14.59 -3.99 37.93
N PHE C 205 -14.45 -4.24 39.24
CA PHE C 205 -14.75 -3.23 40.24
C PHE C 205 -13.85 -2.01 40.06
N GLY C 206 -12.55 -2.25 39.89
CA GLY C 206 -11.63 -1.13 39.70
C GLY C 206 -11.90 -0.37 38.42
N LYS C 207 -12.17 -1.09 37.33
CA LYS C 207 -12.45 -0.43 36.06
C LYS C 207 -13.73 0.40 36.15
N GLY C 208 -14.77 -0.13 36.79
CA GLY C 208 -15.99 0.63 36.94
C GLY C 208 -15.84 1.85 37.82
N LEU C 209 -15.12 1.72 38.94
CA LEU C 209 -14.87 2.88 39.79
C LEU C 209 -14.08 3.95 39.06
N ILE C 210 -13.05 3.54 38.31
CA ILE C 210 -12.26 4.49 37.55
C ILE C 210 -13.10 5.20 36.50
N LYS C 211 -13.94 4.43 35.78
CA LYS C 211 -14.77 5.03 34.74
C LYS C 211 -15.78 6.00 35.34
N ALA C 212 -16.38 5.64 36.47
CA ALA C 212 -17.35 6.53 37.12
C ALA C 212 -16.68 7.80 37.63
N ALA C 213 -15.46 7.68 38.16
CA ALA C 213 -14.78 8.86 38.68
C ALA C 213 -14.12 9.70 37.60
N MET C 214 -13.91 9.15 36.41
CA MET C 214 -13.24 9.88 35.34
C MET C 214 -14.23 10.51 34.35
N THR C 215 -15.24 9.76 33.91
CA THR C 215 -16.24 10.35 33.02
C THR C 215 -17.01 11.46 33.70
N THR C 216 -17.36 11.27 34.97
CA THR C 216 -18.03 12.27 35.77
C THR C 216 -17.03 12.93 36.70
N GLY C 217 -16.95 14.26 36.66
CA GLY C 217 -16.06 14.97 37.55
C GLY C 217 -16.45 14.78 38.99
N ALA C 218 -15.67 13.98 39.72
CA ALA C 218 -16.08 13.53 41.04
C ALA C 218 -14.87 13.43 41.95
N TRP C 219 -15.14 13.44 43.25
CA TRP C 219 -14.14 13.23 44.28
C TRP C 219 -14.34 11.85 44.91
N ILE C 220 -13.23 11.24 45.32
CA ILE C 220 -13.25 9.94 45.98
C ILE C 220 -12.67 10.12 47.38
N PHE C 221 -13.46 9.76 48.39
CA PHE C 221 -13.02 9.82 49.78
C PHE C 221 -12.61 8.42 50.23
N THR C 222 -11.35 8.26 50.62
CA THR C 222 -10.83 6.99 51.07
C THR C 222 -10.18 7.14 52.44
N GLY C 223 -9.79 6.01 53.02
CA GLY C 223 -9.13 6.04 54.31
C GLY C 223 -7.76 6.70 54.24
N GLY C 224 -6.98 6.40 53.20
CA GLY C 224 -5.70 7.05 53.00
C GLY C 224 -4.50 6.14 53.22
N VAL C 225 -4.54 5.32 54.26
CA VAL C 225 -3.45 4.40 54.53
C VAL C 225 -3.53 3.20 53.59
N ASN C 226 -2.45 2.45 53.49
CA ASN C 226 -2.37 1.34 52.54
C ASN C 226 -2.79 0.03 53.21
N THR C 227 -4.02 0.02 53.74
CA THR C 227 -4.59 -1.17 54.36
C THR C 227 -6.02 -1.35 53.87
N GLY C 228 -6.40 -2.60 53.63
CA GLY C 228 -7.77 -2.93 53.31
C GLY C 228 -8.18 -2.64 51.88
N VAL C 229 -9.40 -2.13 51.69
CA VAL C 229 -9.89 -1.83 50.35
C VAL C 229 -9.15 -0.65 49.74
N ILE C 230 -8.45 0.14 50.56
CA ILE C 230 -7.69 1.27 50.04
C ILE C 230 -6.56 0.80 49.15
N ARG C 231 -5.96 -0.35 49.44
CA ARG C 231 -4.96 -0.92 48.55
C ARG C 231 -5.57 -1.30 47.21
N HIS C 232 -6.80 -1.84 47.22
CA HIS C 232 -7.49 -2.15 45.98
C HIS C 232 -7.77 -0.90 45.16
N VAL C 233 -8.22 0.17 45.84
CA VAL C 233 -8.44 1.44 45.14
C VAL C 233 -7.13 1.97 44.58
N GLY C 234 -6.04 1.82 45.33
CA GLY C 234 -4.75 2.28 44.87
C GLY C 234 -4.27 1.55 43.62
N ASP C 235 -4.41 0.22 43.60
CA ASP C 235 -3.98 -0.51 42.41
C ASP C 235 -4.93 -0.27 41.24
N ALA C 236 -6.22 -0.01 41.51
CA ALA C 236 -7.13 0.37 40.45
C ALA C 236 -6.73 1.70 39.83
N LEU C 237 -6.34 2.66 40.66
CA LEU C 237 -5.85 3.93 40.15
C LEU C 237 -4.53 3.76 39.39
N LYS C 238 -3.65 2.89 39.89
CA LYS C 238 -2.36 2.67 39.23
C LYS C 238 -2.52 2.02 37.87
N ASP C 239 -3.44 1.06 37.75
CA ASP C 239 -3.64 0.39 36.46
C ASP C 239 -4.25 1.34 35.43
N HIS C 240 -5.16 2.22 35.87
CA HIS C 240 -5.75 3.19 34.96
C HIS C 240 -4.73 4.21 34.47
N ALA C 241 -3.85 4.66 35.36
CA ALA C 241 -2.90 5.72 35.02
C ALA C 241 -1.89 5.31 33.96
N SER C 242 -1.76 4.01 33.69
CA SER C 242 -0.82 3.53 32.68
C SER C 242 -1.46 3.38 31.30
N LYS C 243 -2.74 3.72 31.15
CA LYS C 243 -3.42 3.55 29.88
C LYS C 243 -4.23 4.77 29.44
N SER C 244 -4.63 5.65 30.34
CA SER C 244 -5.54 6.74 30.01
C SER C 244 -5.01 8.06 30.54
N ARG C 245 -5.49 9.14 29.91
CA ARG C 245 -5.14 10.50 30.31
C ARG C 245 -5.98 10.91 31.51
N GLY C 246 -5.85 12.16 31.93
CA GLY C 246 -6.68 12.71 32.98
C GLY C 246 -6.21 12.31 34.37
N LYS C 247 -6.78 12.99 35.36
CA LYS C 247 -6.44 12.74 36.76
C LYS C 247 -7.72 12.54 37.56
N ILE C 248 -7.62 11.73 38.61
CA ILE C 248 -8.74 11.46 39.50
C ILE C 248 -8.45 12.13 40.83
N CYS C 249 -9.41 12.90 41.33
CA CYS C 249 -9.24 13.65 42.57
C CYS C 249 -9.53 12.73 43.75
N THR C 250 -8.58 11.83 44.03
CA THR C 250 -8.69 10.94 45.17
C THR C 250 -8.15 11.62 46.41
N ILE C 251 -8.96 11.65 47.47
CA ILE C 251 -8.63 12.37 48.69
C ILE C 251 -8.63 11.39 49.85
N GLY C 252 -7.53 11.35 50.60
CA GLY C 252 -7.39 10.44 51.73
C GLY C 252 -7.45 11.18 53.05
N ILE C 253 -8.33 10.72 53.93
CA ILE C 253 -8.48 11.31 55.26
C ILE C 253 -8.02 10.26 56.27
N ALA C 254 -6.75 10.35 56.66
CA ALA C 254 -6.14 9.34 57.52
C ALA C 254 -5.71 9.93 58.85
N PRO C 255 -5.77 9.16 59.93
CA PRO C 255 -5.23 9.63 61.21
C PRO C 255 -3.72 9.78 61.15
N TRP C 256 -3.22 10.75 61.90
CA TRP C 256 -1.79 11.05 61.89
C TRP C 256 -0.97 10.01 62.66
N GLY C 257 -1.60 9.28 63.57
CA GLY C 257 -0.88 8.36 64.43
C GLY C 257 -0.56 7.01 63.83
N ILE C 258 -0.94 6.75 62.58
CA ILE C 258 -0.72 5.43 61.97
C ILE C 258 0.31 5.46 60.85
N VAL C 259 0.76 6.64 60.42
CA VAL C 259 1.76 6.71 59.36
C VAL C 259 3.09 6.14 59.87
N GLU C 260 3.81 5.47 58.98
CA GLU C 260 5.07 4.82 59.37
C GLU C 260 6.15 5.84 59.72
N ASN C 261 6.05 7.05 59.19
CA ASN C 261 7.01 8.12 59.45
C ASN C 261 6.25 9.38 59.86
N GLN C 262 6.06 9.57 61.16
CA GLN C 262 5.54 10.85 61.64
C GLN C 262 6.51 11.98 61.31
N GLU C 263 7.81 11.68 61.30
CA GLU C 263 8.80 12.63 60.82
C GLU C 263 8.82 12.64 59.29
N ASP C 264 9.82 13.30 58.71
CA ASP C 264 10.02 13.41 57.27
C ASP C 264 8.85 14.10 56.57
N LEU C 265 7.92 14.69 57.33
CA LEU C 265 6.78 15.41 56.77
C LEU C 265 6.57 16.76 57.44
N ILE C 266 7.49 17.17 58.32
CA ILE C 266 7.30 18.38 59.12
C ILE C 266 7.67 19.63 58.33
N GLY C 267 8.26 19.47 57.16
CA GLY C 267 8.65 20.63 56.36
C GLY C 267 7.44 21.37 55.83
N ARG C 268 7.32 22.64 56.22
CA ARG C 268 6.14 23.44 55.89
C ARG C 268 6.32 24.09 54.52
N ASP C 269 5.40 23.79 53.60
CA ASP C 269 5.39 24.34 52.24
C ASP C 269 6.71 24.05 51.53
N VAL C 270 7.16 22.80 51.60
CA VAL C 270 8.37 22.36 50.92
C VAL C 270 8.25 20.88 50.63
N VAL C 271 8.79 20.47 49.48
CA VAL C 271 8.69 19.08 49.05
C VAL C 271 9.50 18.19 49.99
N ARG C 272 8.84 17.17 50.53
CA ARG C 272 9.47 16.22 51.44
C ARG C 272 9.43 14.82 50.83
N PRO C 273 10.57 14.22 50.52
CA PRO C 273 10.55 12.85 49.98
C PRO C 273 9.99 11.85 50.97
N TYR C 274 9.27 10.87 50.44
CA TYR C 274 8.61 9.85 51.25
C TYR C 274 8.90 8.48 50.65
N GLN C 275 9.03 7.48 51.51
CA GLN C 275 9.41 6.13 51.12
C GLN C 275 8.21 5.20 51.21
N THR C 276 7.97 4.44 50.14
CA THR C 276 6.86 3.50 50.08
C THR C 276 7.24 2.11 50.59
N MET C 277 8.48 1.92 51.02
CA MET C 277 8.90 0.63 51.55
C MET C 277 8.15 0.30 52.84
N SER C 278 7.64 -0.92 52.93
CA SER C 278 6.84 -1.34 54.08
C SER C 278 7.67 -2.25 54.98
N ASN C 279 7.73 -1.90 56.27
CA ASN C 279 8.40 -2.73 57.25
C ASN C 279 7.35 -3.44 58.09
N PRO C 280 7.20 -4.76 57.96
CA PRO C 280 6.13 -5.47 58.68
C PRO C 280 6.28 -5.42 60.20
N MET C 281 7.48 -5.19 60.71
CA MET C 281 7.71 -5.18 62.16
C MET C 281 7.62 -3.79 62.76
N SER C 282 7.26 -2.78 61.97
CA SER C 282 7.14 -1.42 62.46
C SER C 282 5.81 -1.14 63.15
N LYS C 283 4.87 -2.09 63.12
CA LYS C 283 3.56 -2.00 63.76
C LYS C 283 2.70 -0.86 63.23
N LEU C 284 3.08 -0.24 62.11
CA LEU C 284 2.31 0.82 61.50
C LEU C 284 2.13 0.54 60.02
N THR C 285 1.58 1.49 59.27
CA THR C 285 1.37 1.30 57.85
C THR C 285 1.82 2.55 57.09
N VAL C 286 2.19 2.36 55.84
CA VAL C 286 2.70 3.42 55.00
C VAL C 286 1.53 4.16 54.35
N LEU C 287 1.78 5.40 53.96
CA LEU C 287 0.76 6.17 53.26
C LEU C 287 0.61 5.65 51.83
N ASN C 288 -0.64 5.40 51.44
CA ASN C 288 -0.90 4.83 50.12
C ASN C 288 -0.62 5.87 49.05
N SER C 289 0.18 5.50 48.06
CA SER C 289 0.46 6.38 46.94
C SER C 289 -0.75 6.43 46.00
N MET C 290 -0.58 7.11 44.87
CA MET C 290 -1.63 7.32 43.88
C MET C 290 -2.85 8.03 44.46
N HIS C 291 -2.64 8.86 45.47
CA HIS C 291 -3.68 9.70 46.04
C HIS C 291 -3.32 11.16 45.82
N SER C 292 -4.29 11.94 45.34
CA SER C 292 -4.02 13.32 44.97
C SER C 292 -3.78 14.22 46.18
N HIS C 293 -4.56 14.05 47.25
CA HIS C 293 -4.45 14.92 48.40
C HIS C 293 -4.67 14.10 49.68
N PHE C 294 -4.15 14.62 50.79
CA PHE C 294 -4.29 13.97 52.09
C PHE C 294 -4.75 14.99 53.12
N ILE C 295 -5.56 14.52 54.06
CA ILE C 295 -6.02 15.32 55.19
C ILE C 295 -5.67 14.52 56.44
N LEU C 296 -4.54 14.87 57.07
CA LEU C 296 -4.05 14.12 58.22
C LEU C 296 -4.60 14.75 59.49
N ALA C 297 -5.53 14.05 60.15
CA ALA C 297 -6.18 14.54 61.35
C ALA C 297 -5.66 13.78 62.56
N ASP C 298 -5.28 14.52 63.60
CA ASP C 298 -4.72 13.95 64.81
C ASP C 298 -5.53 14.35 66.03
N ASN C 299 -5.76 13.40 66.93
CA ASN C 299 -6.39 13.66 68.22
C ASN C 299 -5.38 13.72 69.35
N GLY C 300 -4.08 13.67 69.04
CA GLY C 300 -3.04 13.69 70.04
C GLY C 300 -2.43 12.34 70.36
N THR C 301 -3.11 11.26 70.02
CA THR C 301 -2.63 9.93 70.33
C THR C 301 -1.68 9.46 69.22
N THR C 302 -1.27 8.19 69.29
CA THR C 302 -0.37 7.61 68.30
C THR C 302 -0.54 6.11 68.31
N GLY C 303 -0.82 5.53 67.14
CA GLY C 303 -0.99 4.10 67.01
C GLY C 303 -2.41 3.59 67.12
N LYS C 304 -3.40 4.47 67.05
CA LYS C 304 -4.79 4.06 67.16
C LYS C 304 -5.64 4.87 66.20
N TYR C 305 -6.75 4.28 65.78
CA TYR C 305 -7.66 4.89 64.83
C TYR C 305 -8.72 5.71 65.56
N GLY C 306 -9.76 6.12 64.84
CA GLY C 306 -10.88 6.84 65.43
C GLY C 306 -10.77 8.34 65.41
N ALA C 307 -9.73 8.90 64.82
CA ALA C 307 -9.51 10.35 64.80
C ALA C 307 -9.97 11.00 63.50
N GLU C 308 -10.58 10.25 62.59
CA GLU C 308 -10.94 10.79 61.28
C GLU C 308 -12.36 10.47 60.83
N VAL C 309 -13.07 9.55 61.50
CA VAL C 309 -14.38 9.16 61.03
C VAL C 309 -15.38 10.31 61.17
N LYS C 310 -15.38 10.96 62.34
CA LYS C 310 -16.32 12.05 62.56
C LYS C 310 -16.03 13.23 61.66
N LEU C 311 -14.75 13.57 61.49
CA LEU C 311 -14.39 14.68 60.60
C LEU C 311 -14.78 14.38 59.16
N ARG C 312 -14.55 13.14 58.70
CA ARG C 312 -14.92 12.76 57.35
C ARG C 312 -16.44 12.84 57.15
N ARG C 313 -17.21 12.38 58.13
CA ARG C 313 -18.67 12.44 58.01
C ARG C 313 -19.15 13.90 58.02
N GLN C 314 -18.55 14.74 58.86
CA GLN C 314 -18.94 16.15 58.88
C GLN C 314 -18.60 16.83 57.57
N LEU C 315 -17.45 16.53 56.99
CA LEU C 315 -17.08 17.11 55.70
C LEU C 315 -18.02 16.63 54.59
N GLU C 316 -18.41 15.35 54.62
CA GLU C 316 -19.37 14.85 53.64
C GLU C 316 -20.72 15.56 53.79
N LYS C 317 -21.17 15.76 55.03
CA LYS C 317 -22.42 16.47 55.26
C LYS C 317 -22.34 17.91 54.75
N HIS C 318 -21.22 18.58 54.99
CA HIS C 318 -21.11 19.98 54.58
C HIS C 318 -20.98 20.12 53.08
N ILE C 319 -20.32 19.18 52.41
CA ILE C 319 -20.19 19.26 50.96
C ILE C 319 -21.46 18.78 50.26
N SER C 320 -22.27 17.94 50.92
CA SER C 320 -23.53 17.53 50.34
C SER C 320 -24.51 18.69 50.24
N LEU C 321 -24.52 19.56 51.25
CA LEU C 321 -25.38 20.73 51.23
C LEU C 321 -24.86 21.84 50.33
N GLN C 322 -23.64 21.71 49.81
CA GLN C 322 -23.10 22.73 48.92
C GLN C 322 -23.86 22.73 47.61
N LYS C 323 -24.05 23.93 47.06
CA LYS C 323 -24.86 24.07 45.86
C LYS C 323 -24.04 23.78 44.61
N ILE C 324 -24.60 22.97 43.72
CA ILE C 324 -24.00 22.68 42.42
C ILE C 324 -24.23 23.89 41.54
N ASN C 325 -23.55 23.94 40.38
CA ASN C 325 -23.64 25.11 39.50
C ASN C 325 -25.04 25.32 38.97
N THR C 326 -25.85 24.26 38.86
CA THR C 326 -27.20 24.41 38.34
C THR C 326 -28.08 25.19 39.31
N ARG C 327 -28.89 26.09 38.77
CA ARG C 327 -29.78 26.93 39.55
C ARG C 327 -31.11 26.25 39.88
N ILE C 328 -31.18 24.93 39.73
CA ILE C 328 -32.40 24.21 40.10
C ILE C 328 -32.62 24.29 41.61
N GLY C 329 -31.58 24.05 42.39
CA GLY C 329 -31.68 24.06 43.84
C GLY C 329 -31.28 22.74 44.46
N GLN C 330 -30.45 21.98 43.76
CA GLN C 330 -30.00 20.67 44.21
C GLN C 330 -28.53 20.71 44.56
N GLY C 331 -28.15 19.99 45.62
CA GLY C 331 -26.78 19.91 46.06
C GLY C 331 -26.00 18.83 45.35
N VAL C 332 -24.78 18.63 45.82
CA VAL C 332 -23.88 17.62 45.26
C VAL C 332 -24.35 16.24 45.71
N PRO C 333 -24.66 15.33 44.80
CA PRO C 333 -25.06 13.98 45.21
C PRO C 333 -23.91 13.22 45.84
N VAL C 334 -24.23 12.39 46.83
CA VAL C 334 -23.25 11.61 47.57
C VAL C 334 -23.69 10.15 47.55
N VAL C 335 -22.75 9.25 47.24
CA VAL C 335 -23.02 7.82 47.24
C VAL C 335 -21.97 7.15 48.11
N ALA C 336 -22.29 5.95 48.58
CA ALA C 336 -21.38 5.17 49.42
C ALA C 336 -21.14 3.82 48.78
N LEU C 337 -19.90 3.37 48.78
CA LEU C 337 -19.50 2.09 48.20
C LEU C 337 -18.91 1.22 49.30
N ILE C 338 -19.43 0.00 49.44
CA ILE C 338 -19.05 -0.91 50.50
C ILE C 338 -18.41 -2.14 49.88
N VAL C 339 -17.15 -2.39 50.22
CA VAL C 339 -16.44 -3.61 49.85
C VAL C 339 -15.80 -4.18 51.12
N GLU C 340 -16.02 -5.46 51.38
CA GLU C 340 -15.60 -6.12 52.63
C GLU C 340 -16.26 -5.38 53.79
N GLY C 341 -15.65 -5.38 54.98
CA GLY C 341 -16.19 -4.59 56.06
C GLY C 341 -15.98 -5.14 57.45
N GLY C 342 -17.02 -5.12 58.26
CA GLY C 342 -16.96 -5.57 59.62
C GLY C 342 -18.20 -5.19 60.39
N PRO C 343 -18.16 -5.35 61.72
CA PRO C 343 -19.31 -4.97 62.54
C PRO C 343 -19.66 -3.50 62.46
N ASN C 344 -18.67 -2.61 62.31
CA ASN C 344 -18.94 -1.18 62.24
C ASN C 344 -19.44 -0.74 60.87
N VAL C 345 -19.24 -1.56 59.83
CA VAL C 345 -19.74 -1.22 58.50
C VAL C 345 -21.26 -1.21 58.50
N ILE C 346 -21.88 -2.14 59.22
CA ILE C 346 -23.34 -2.12 59.35
C ILE C 346 -23.79 -0.84 60.05
N SER C 347 -23.03 -0.40 61.06
CA SER C 347 -23.39 0.82 61.77
C SER C 347 -23.29 2.05 60.87
N ILE C 348 -22.23 2.16 60.08
CA ILE C 348 -22.10 3.34 59.22
C ILE C 348 -23.10 3.28 58.08
N VAL C 349 -23.45 2.09 57.59
CA VAL C 349 -24.51 1.97 56.58
C VAL C 349 -25.84 2.43 57.15
N LEU C 350 -26.15 2.01 58.38
CA LEU C 350 -27.38 2.44 59.03
C LEU C 350 -27.40 3.95 59.24
N GLU C 351 -26.27 4.52 59.63
CA GLU C 351 -26.19 5.98 59.80
C GLU C 351 -26.38 6.70 58.47
N TYR C 352 -25.84 6.16 57.38
CA TYR C 352 -26.05 6.75 56.06
C TYR C 352 -27.53 6.70 55.67
N LEU C 353 -28.18 5.56 55.89
CA LEU C 353 -29.58 5.43 55.52
C LEU C 353 -30.50 6.25 56.41
N ARG C 354 -30.05 6.64 57.60
CA ARG C 354 -30.87 7.40 58.53
C ARG C 354 -30.63 8.90 58.48
N ASP C 355 -29.79 9.37 57.56
CA ASP C 355 -29.57 10.80 57.42
C ASP C 355 -30.83 11.50 56.95
N THR C 356 -30.98 12.77 57.34
CA THR C 356 -32.17 13.51 56.94
C THR C 356 -32.30 13.63 55.42
N PRO C 357 -31.25 13.97 54.66
CA PRO C 357 -31.24 13.58 53.25
C PRO C 357 -30.66 12.17 53.09
N PRO C 358 -31.47 11.21 52.67
CA PRO C 358 -30.98 9.83 52.56
C PRO C 358 -29.85 9.70 51.55
N VAL C 359 -28.90 8.84 51.85
CA VAL C 359 -27.71 8.62 51.03
C VAL C 359 -27.71 7.17 50.57
N PRO C 360 -27.80 6.90 49.28
CA PRO C 360 -27.78 5.51 48.81
C PRO C 360 -26.41 4.87 49.00
N VAL C 361 -26.41 3.55 49.14
CA VAL C 361 -25.18 2.78 49.28
C VAL C 361 -25.16 1.67 48.25
N VAL C 362 -23.96 1.20 47.94
CA VAL C 362 -23.74 0.10 47.01
C VAL C 362 -22.82 -0.90 47.68
N VAL C 363 -23.18 -2.18 47.62
CA VAL C 363 -22.43 -3.24 48.26
C VAL C 363 -22.02 -4.27 47.22
N CYS C 364 -21.15 -5.19 47.64
CA CYS C 364 -20.65 -6.27 46.78
C CYS C 364 -20.76 -7.59 47.53
N ASP C 365 -20.82 -8.67 46.77
CA ASP C 365 -21.08 -10.00 47.32
C ASP C 365 -19.83 -10.85 47.47
N GLY C 366 -18.90 -10.79 46.53
CA GLY C 366 -17.71 -11.62 46.57
C GLY C 366 -16.64 -11.18 47.54
N SER C 367 -17.01 -10.45 48.58
CA SER C 367 -16.02 -9.97 49.55
C SER C 367 -15.81 -10.97 50.67
N GLY C 368 -16.89 -11.49 51.25
CA GLY C 368 -16.80 -12.45 52.33
C GLY C 368 -16.92 -11.86 53.71
N ARG C 369 -17.29 -10.59 53.80
CA ARG C 369 -17.44 -9.90 55.07
C ARG C 369 -18.89 -9.44 55.19
N ALA C 370 -19.16 -8.55 56.15
CA ALA C 370 -20.52 -8.09 56.43
C ALA C 370 -21.18 -7.46 55.21
N SER C 371 -20.41 -7.03 54.21
CA SER C 371 -21.01 -6.64 52.95
C SER C 371 -21.72 -7.82 52.28
N ASP C 372 -21.09 -8.99 52.31
CA ASP C 372 -21.75 -10.19 51.81
C ASP C 372 -22.96 -10.56 52.67
N ILE C 373 -22.84 -10.39 53.99
CA ILE C 373 -23.98 -10.62 54.87
C ILE C 373 -25.11 -9.65 54.57
N LEU C 374 -24.77 -8.39 54.31
CA LEU C 374 -25.79 -7.40 53.97
C LEU C 374 -26.47 -7.74 52.64
N ALA C 375 -25.68 -8.21 51.66
CA ALA C 375 -26.26 -8.60 50.38
C ALA C 375 -27.17 -9.82 50.53
N PHE C 376 -26.77 -10.78 51.37
CA PHE C 376 -27.62 -11.93 51.63
C PHE C 376 -28.91 -11.52 52.33
N GLY C 377 -28.83 -10.60 53.29
CA GLY C 377 -30.01 -10.11 53.97
C GLY C 377 -30.89 -9.23 53.11
N HIS C 378 -30.35 -8.68 52.02
CA HIS C 378 -31.16 -7.91 51.09
C HIS C 378 -32.26 -8.78 50.48
N LYS C 379 -31.93 -10.02 50.14
CA LYS C 379 -32.93 -10.97 49.70
C LYS C 379 -33.83 -11.36 50.87
N TYR C 380 -35.09 -11.69 50.55
CA TYR C 380 -36.09 -12.14 51.51
C TYR C 380 -36.34 -11.07 52.58
N SER C 381 -36.92 -9.96 52.12
CA SER C 381 -37.36 -8.90 53.00
C SER C 381 -38.56 -9.37 53.83
N GLU C 382 -38.72 -8.76 55.00
CA GLU C 382 -39.84 -9.09 55.87
C GLU C 382 -41.09 -8.33 55.45
N VAL C 397 -35.49 -17.18 58.52
CA VAL C 397 -34.07 -17.39 58.28
C VAL C 397 -33.26 -16.79 59.43
N THR C 398 -33.88 -16.74 60.61
CA THR C 398 -33.23 -16.19 61.79
C THR C 398 -32.35 -17.19 62.52
N ILE C 399 -32.30 -18.45 62.05
CA ILE C 399 -31.43 -19.45 62.65
C ILE C 399 -30.07 -19.49 61.96
N GLN C 400 -29.81 -18.57 61.05
CA GLN C 400 -28.52 -18.44 60.37
C GLN C 400 -27.70 -17.28 60.92
N LYS C 401 -27.76 -17.07 62.24
CA LYS C 401 -27.06 -15.97 62.88
C LYS C 401 -25.76 -16.42 63.54
N THR C 402 -25.29 -17.61 63.22
CA THR C 402 -24.04 -18.14 63.76
C THR C 402 -23.00 -18.19 62.64
N PHE C 403 -21.90 -17.47 62.82
CA PHE C 403 -20.81 -17.45 61.85
C PHE C 403 -19.44 -17.54 62.49
N THR C 404 -19.35 -17.69 63.81
CA THR C 404 -18.08 -17.64 64.55
C THR C 404 -17.33 -16.34 64.25
N TYR C 405 -18.08 -15.26 64.08
CA TYR C 405 -17.54 -13.95 63.73
C TYR C 405 -17.71 -12.91 64.83
N THR C 406 -18.72 -13.06 65.68
CA THR C 406 -18.92 -12.18 66.84
C THR C 406 -19.03 -13.04 68.09
N ARG C 407 -19.43 -12.43 69.21
CA ARG C 407 -19.54 -13.18 70.46
C ARG C 407 -20.75 -14.10 70.44
N THR C 408 -20.63 -15.20 69.70
CA THR C 408 -21.61 -16.28 69.62
C THR C 408 -23.00 -15.76 69.26
N GLN C 409 -24.03 -16.52 69.63
CA GLN C 409 -25.41 -16.08 69.47
C GLN C 409 -25.83 -15.11 70.57
N ALA C 410 -25.04 -15.00 71.64
CA ALA C 410 -25.35 -14.04 72.70
C ALA C 410 -25.27 -12.61 72.19
N GLN C 411 -24.26 -12.31 71.37
CA GLN C 411 -24.11 -10.98 70.78
C GLN C 411 -24.47 -11.05 69.30
N HIS C 412 -25.31 -10.12 68.86
CA HIS C 412 -25.78 -10.11 67.48
C HIS C 412 -25.96 -8.67 67.04
N LEU C 413 -25.82 -8.47 65.72
CA LEU C 413 -26.11 -7.18 65.08
C LEU C 413 -27.43 -7.24 64.31
N PHE C 414 -28.33 -8.14 64.71
CA PHE C 414 -29.55 -8.35 63.95
C PHE C 414 -30.49 -7.17 64.03
N ILE C 415 -30.44 -6.40 65.12
CA ILE C 415 -31.32 -5.23 65.23
C ILE C 415 -30.98 -4.20 64.16
N ILE C 416 -29.70 -3.84 64.06
CA ILE C 416 -29.28 -2.89 63.04
C ILE C 416 -29.43 -3.48 61.65
N LEU C 417 -29.17 -4.79 61.50
CA LEU C 417 -29.34 -5.42 60.20
C LEU C 417 -30.80 -5.37 59.72
N MET C 418 -31.74 -5.64 60.64
CA MET C 418 -33.15 -5.61 60.25
C MET C 418 -33.65 -4.19 60.06
N GLU C 419 -33.07 -3.22 60.78
CA GLU C 419 -33.41 -1.82 60.49
C GLU C 419 -32.94 -1.42 59.09
N CYS C 420 -31.72 -1.82 58.72
CA CYS C 420 -31.22 -1.55 57.38
C CYS C 420 -32.09 -2.22 56.32
N MET C 421 -32.50 -3.46 56.57
CA MET C 421 -33.40 -4.14 55.64
C MET C 421 -34.80 -3.55 55.64
N LYS C 422 -35.19 -2.84 56.71
CA LYS C 422 -36.42 -2.07 56.67
C LYS C 422 -36.28 -0.84 55.78
N LYS C 423 -35.08 -0.28 55.71
CA LYS C 423 -34.80 0.84 54.80
C LYS C 423 -34.05 0.37 53.56
N LYS C 424 -34.43 -0.79 53.04
CA LYS C 424 -33.73 -1.44 51.94
C LYS C 424 -34.02 -0.85 50.57
N GLU C 425 -34.81 0.22 50.49
CA GLU C 425 -35.11 0.81 49.20
C GLU C 425 -33.89 1.49 48.58
N LEU C 426 -32.87 1.79 49.38
CA LEU C 426 -31.67 2.45 48.89
C LEU C 426 -30.50 1.51 48.68
N ILE C 427 -30.57 0.29 49.20
CA ILE C 427 -29.47 -0.66 49.03
C ILE C 427 -29.40 -1.11 47.59
N THR C 428 -28.19 -1.16 47.03
CA THR C 428 -27.97 -1.68 45.69
C THR C 428 -26.90 -2.76 45.77
N VAL C 429 -27.19 -3.91 45.18
CA VAL C 429 -26.29 -5.07 45.24
C VAL C 429 -25.78 -5.34 43.83
N PHE C 430 -24.46 -5.45 43.69
CA PHE C 430 -23.81 -5.69 42.41
C PHE C 430 -23.30 -7.13 42.39
N ARG C 431 -23.88 -7.95 41.52
CA ARG C 431 -23.51 -9.35 41.38
C ARG C 431 -23.09 -9.63 39.95
N MET C 432 -22.05 -10.45 39.80
CA MET C 432 -21.51 -10.76 38.48
C MET C 432 -22.38 -11.79 37.79
N GLY C 433 -23.23 -11.33 36.87
CA GLY C 433 -24.01 -12.22 36.03
C GLY C 433 -25.30 -12.73 36.65
N SER C 434 -25.47 -12.54 37.96
CA SER C 434 -26.68 -13.00 38.62
C SER C 434 -27.84 -12.03 38.43
N GLU C 435 -27.67 -10.79 38.89
CA GLU C 435 -28.70 -9.77 38.77
C GLU C 435 -28.42 -8.90 37.56
N GLY C 436 -29.15 -7.77 37.46
CA GLY C 436 -28.88 -6.78 36.45
C GLY C 436 -27.73 -5.87 36.85
N HIS C 437 -27.52 -4.85 36.02
CA HIS C 437 -26.45 -3.87 36.21
C HIS C 437 -25.09 -4.56 36.31
N GLN C 438 -24.70 -5.22 35.22
CA GLN C 438 -23.42 -5.93 35.17
C GLN C 438 -22.23 -4.98 35.20
N ASP C 439 -22.44 -3.68 35.00
CA ASP C 439 -21.38 -2.68 35.09
C ASP C 439 -21.54 -1.90 36.39
N ILE C 440 -20.47 -1.88 37.19
CA ILE C 440 -20.55 -1.22 38.49
C ILE C 440 -20.66 0.29 38.31
N ASP C 441 -19.99 0.85 37.30
CA ASP C 441 -20.12 2.28 37.04
C ASP C 441 -21.55 2.66 36.67
N LEU C 442 -22.28 1.75 36.04
CA LEU C 442 -23.70 1.97 35.83
C LEU C 442 -24.48 1.77 37.11
N ALA C 443 -24.03 0.85 37.96
CA ALA C 443 -24.71 0.60 39.24
C ALA C 443 -24.63 1.81 40.16
N ILE C 444 -23.48 2.49 40.17
CA ILE C 444 -23.33 3.68 41.01
C ILE C 444 -24.24 4.81 40.51
N LEU C 445 -24.20 5.08 39.20
CA LEU C 445 -24.92 6.23 38.66
C LEU C 445 -26.43 6.02 38.70
N THR C 446 -26.89 4.80 38.41
CA THR C 446 -28.32 4.54 38.46
C THR C 446 -28.87 4.61 39.88
N ALA C 447 -28.04 4.30 40.88
CA ALA C 447 -28.50 4.42 42.26
C ALA C 447 -28.62 5.88 42.69
N LEU C 448 -27.87 6.77 42.05
CA LEU C 448 -27.93 8.19 42.41
C LEU C 448 -29.21 8.84 41.92
N LEU C 449 -29.68 8.44 40.73
CA LEU C 449 -30.88 9.06 40.18
C LEU C 449 -32.11 8.68 40.98
N LYS C 450 -32.26 7.40 41.30
CA LYS C 450 -33.40 6.98 42.12
C LYS C 450 -33.22 7.36 43.58
N GLY C 451 -31.97 7.48 44.05
CA GLY C 451 -31.72 7.82 45.43
C GLY C 451 -32.02 9.26 45.77
N ALA C 452 -32.00 10.15 44.78
CA ALA C 452 -32.34 11.55 45.04
C ALA C 452 -33.82 11.76 45.25
N ASN C 453 -34.66 10.87 44.73
CA ASN C 453 -36.12 10.96 44.83
C ASN C 453 -36.63 12.31 44.31
N ALA C 454 -36.05 12.76 43.21
CA ALA C 454 -36.41 14.03 42.59
C ALA C 454 -37.25 13.76 41.34
N SER C 455 -37.64 14.85 40.68
CA SER C 455 -38.47 14.75 39.50
C SER C 455 -37.62 14.43 38.27
N ALA C 456 -38.30 14.20 37.14
CA ALA C 456 -37.59 13.97 35.88
C ALA C 456 -36.72 15.15 35.45
N PRO C 457 -37.15 16.42 35.54
CA PRO C 457 -36.22 17.50 35.19
C PRO C 457 -34.94 17.52 36.02
N ASP C 458 -35.03 17.19 37.31
CA ASP C 458 -33.81 17.18 38.14
C ASP C 458 -32.89 16.03 37.74
N GLN C 459 -33.45 14.87 37.42
CA GLN C 459 -32.64 13.77 36.93
C GLN C 459 -31.97 14.12 35.61
N LEU C 460 -32.71 14.78 34.72
CA LEU C 460 -32.12 15.19 33.44
C LEU C 460 -31.03 16.23 33.64
N SER C 461 -31.22 17.17 34.58
CA SER C 461 -30.18 18.14 34.87
C SER C 461 -28.93 17.47 35.45
N LEU C 462 -29.12 16.48 36.31
CA LEU C 462 -27.98 15.76 36.87
C LEU C 462 -27.22 15.00 35.78
N ALA C 463 -27.95 14.32 34.90
CA ALA C 463 -27.31 13.59 33.81
C ALA C 463 -26.61 14.54 32.84
N LEU C 464 -27.18 15.73 32.63
CA LEU C 464 -26.52 16.73 31.81
C LEU C 464 -25.23 17.22 32.46
N ALA C 465 -25.25 17.41 33.78
CA ALA C 465 -24.05 17.85 34.49
C ALA C 465 -22.95 16.79 34.43
N TRP C 466 -23.33 15.52 34.57
CA TRP C 466 -22.34 14.45 34.50
C TRP C 466 -21.89 14.14 33.09
N ASN C 467 -22.55 14.72 32.07
CA ASN C 467 -22.23 14.48 30.66
C ASN C 467 -22.30 12.99 30.31
N ARG C 468 -23.35 12.33 30.79
CA ARG C 468 -23.58 10.91 30.50
C ARG C 468 -24.87 10.81 29.70
N VAL C 469 -24.75 10.71 28.37
CA VAL C 469 -25.92 10.63 27.52
C VAL C 469 -26.61 9.27 27.65
N ASP C 470 -25.85 8.19 27.79
CA ASP C 470 -26.44 6.85 27.86
C ASP C 470 -27.25 6.66 29.13
N ILE C 471 -26.84 7.29 30.23
CA ILE C 471 -27.59 7.20 31.48
C ILE C 471 -28.98 7.80 31.30
N ALA C 472 -29.06 8.97 30.68
CA ALA C 472 -30.36 9.59 30.43
C ALA C 472 -31.15 8.83 29.38
N ARG C 473 -30.47 8.23 28.40
CA ARG C 473 -31.17 7.51 27.36
C ARG C 473 -31.81 6.24 27.89
N SER C 474 -31.12 5.51 28.76
CA SER C 474 -31.60 4.22 29.24
C SER C 474 -32.49 4.32 30.48
N GLN C 475 -32.39 5.41 31.24
CA GLN C 475 -33.16 5.55 32.47
C GLN C 475 -34.18 6.67 32.40
N ILE C 476 -33.74 7.90 32.11
CA ILE C 476 -34.63 9.05 32.20
C ILE C 476 -35.68 9.03 31.09
N PHE C 477 -35.28 8.74 29.86
CA PHE C 477 -36.19 8.75 28.73
C PHE C 477 -36.77 7.35 28.53
N ILE C 478 -37.85 7.06 29.24
CA ILE C 478 -38.55 5.79 29.16
C ILE C 478 -40.04 6.07 28.99
N TYR C 479 -40.83 5.00 28.98
CA TYR C 479 -42.27 5.11 28.78
C TYR C 479 -42.93 5.77 29.98
N GLY C 480 -43.77 6.77 29.72
CA GLY C 480 -44.57 7.38 30.76
C GLY C 480 -43.77 8.15 31.80
N GLN C 481 -43.19 9.28 31.40
CA GLN C 481 -42.41 10.09 32.33
C GLN C 481 -43.12 11.35 32.80
N GLN C 482 -44.02 11.91 31.98
CA GLN C 482 -44.85 13.06 32.35
C GLN C 482 -43.98 14.26 32.76
N TRP C 483 -43.27 14.77 31.76
CA TRP C 483 -42.46 15.97 31.98
C TRP C 483 -43.37 17.18 32.26
N PRO C 484 -42.98 18.05 33.19
CA PRO C 484 -43.72 19.29 33.37
C PRO C 484 -43.62 20.18 32.12
N VAL C 485 -44.64 21.00 31.92
CA VAL C 485 -44.67 21.88 30.76
C VAL C 485 -43.58 22.93 30.89
N GLY C 486 -42.78 23.08 29.84
CA GLY C 486 -41.69 24.04 29.86
C GLY C 486 -40.41 23.53 30.46
N SER C 487 -40.27 22.22 30.66
CA SER C 487 -39.07 21.63 31.24
C SER C 487 -38.04 21.22 30.19
N LEU C 488 -38.50 20.56 29.12
CA LEU C 488 -37.59 20.17 28.05
C LEU C 488 -36.99 21.38 27.37
N GLU C 489 -37.74 22.49 27.31
CA GLU C 489 -37.19 23.73 26.75
C GLU C 489 -36.00 24.23 27.57
N GLN C 490 -36.15 24.23 28.90
CA GLN C 490 -35.05 24.66 29.76
C GLN C 490 -33.88 23.69 29.68
N ALA C 491 -34.17 22.39 29.58
CA ALA C 491 -33.10 21.41 29.42
C ALA C 491 -32.34 21.64 28.12
N MET C 492 -33.06 21.95 27.03
CA MET C 492 -32.41 22.24 25.76
C MET C 492 -31.56 23.50 25.86
N LEU C 493 -32.06 24.54 26.54
CA LEU C 493 -31.26 25.74 26.70
C LEU C 493 -29.99 25.48 27.51
N ASP C 494 -30.10 24.70 28.59
CA ASP C 494 -28.93 24.37 29.40
C ASP C 494 -27.93 23.53 28.62
N ALA C 495 -28.41 22.57 27.82
CA ALA C 495 -27.51 21.76 27.01
C ALA C 495 -26.85 22.58 25.91
N LEU C 496 -27.56 23.58 25.37
CA LEU C 496 -27.00 24.42 24.34
C LEU C 496 -25.93 25.35 24.90
N VAL C 497 -26.15 25.88 26.10
CA VAL C 497 -25.15 26.75 26.72
C VAL C 497 -23.89 25.98 27.06
N LEU C 498 -24.04 24.77 27.63
CA LEU C 498 -22.90 24.01 28.12
C LEU C 498 -22.17 23.23 27.04
N ASP C 499 -22.57 23.35 25.77
CA ASP C 499 -21.95 22.64 24.65
C ASP C 499 -22.02 21.14 24.85
N ARG C 500 -23.24 20.62 24.89
CA ARG C 500 -23.52 19.19 25.02
C ARG C 500 -24.26 18.76 23.75
N VAL C 501 -23.50 18.35 22.73
CA VAL C 501 -24.10 18.01 21.45
C VAL C 501 -24.98 16.78 21.57
N ASP C 502 -24.51 15.76 22.31
CA ASP C 502 -25.26 14.52 22.43
C ASP C 502 -26.61 14.76 23.10
N PHE C 503 -26.64 15.59 24.14
CA PHE C 503 -27.90 15.88 24.81
C PHE C 503 -28.82 16.73 23.93
N VAL C 504 -28.26 17.62 23.12
CA VAL C 504 -29.10 18.37 22.18
C VAL C 504 -29.75 17.43 21.18
N LYS C 505 -28.98 16.49 20.65
CA LYS C 505 -29.53 15.51 19.72
C LYS C 505 -30.59 14.63 20.40
N LEU C 506 -30.34 14.22 21.64
CA LEU C 506 -31.29 13.38 22.36
C LEU C 506 -32.58 14.12 22.65
N LEU C 507 -32.49 15.39 23.05
CA LEU C 507 -33.68 16.17 23.33
C LEU C 507 -34.45 16.48 22.05
N ILE C 508 -33.75 16.72 20.95
CA ILE C 508 -34.43 16.89 19.66
C ILE C 508 -35.18 15.62 19.28
N GLU C 509 -34.52 14.47 19.42
CA GLU C 509 -35.16 13.20 19.08
C GLU C 509 -36.36 12.91 19.97
N ASN C 510 -36.36 13.41 21.20
CA ASN C 510 -37.40 13.09 22.18
C ASN C 510 -38.43 14.20 22.34
N GLY C 511 -38.76 14.91 21.26
CA GLY C 511 -39.94 15.74 21.28
C GLY C 511 -39.77 17.22 21.00
N VAL C 512 -38.70 17.85 21.50
CA VAL C 512 -38.59 19.30 21.41
C VAL C 512 -38.40 19.71 19.95
N SER C 513 -38.88 20.90 19.63
CA SER C 513 -38.83 21.45 18.28
C SER C 513 -38.10 22.78 18.31
N MET C 514 -37.15 22.95 17.39
CA MET C 514 -36.30 24.14 17.40
C MET C 514 -37.03 25.38 16.90
N HIS C 515 -38.13 25.21 16.14
CA HIS C 515 -38.83 26.36 15.61
C HIS C 515 -39.52 27.16 16.70
N ARG C 516 -40.16 26.47 17.65
CA ARG C 516 -40.84 27.17 18.74
C ARG C 516 -39.88 27.52 19.87
N PHE C 517 -38.81 26.74 20.04
CA PHE C 517 -37.86 26.99 21.12
C PHE C 517 -37.15 28.33 20.95
N LEU C 518 -36.67 28.62 19.75
CA LEU C 518 -35.78 29.75 19.52
C LEU C 518 -36.60 31.03 19.42
N THR C 519 -36.35 31.96 20.35
CA THR C 519 -36.92 33.29 20.31
C THR C 519 -35.78 34.30 20.37
N ILE C 520 -36.15 35.59 20.24
CA ILE C 520 -35.14 36.64 20.25
C ILE C 520 -34.45 36.72 21.62
N SER C 521 -35.23 36.62 22.70
CA SER C 521 -34.66 36.68 24.04
C SER C 521 -33.75 35.50 24.31
N ARG C 522 -34.13 34.31 23.85
CA ARG C 522 -33.31 33.13 24.06
C ARG C 522 -32.00 33.23 23.28
N LEU C 523 -32.05 33.75 22.06
CA LEU C 523 -30.82 33.93 21.29
C LEU C 523 -29.92 34.98 21.93
N GLU C 524 -30.53 36.05 22.47
CA GLU C 524 -29.75 37.04 23.21
C GLU C 524 -29.08 36.41 24.42
N GLU C 525 -29.79 35.54 25.13
CA GLU C 525 -29.20 34.85 26.27
C GLU C 525 -28.06 33.94 25.83
N LEU C 526 -28.22 33.26 24.69
CA LEU C 526 -27.17 32.39 24.18
C LEU C 526 -25.93 33.17 23.81
N TYR C 527 -26.10 34.37 23.24
CA TYR C 527 -24.94 35.18 22.86
C TYR C 527 -24.23 35.82 24.04
N ASN C 528 -24.79 35.73 25.25
CA ASN C 528 -24.20 36.35 26.44
C ASN C 528 -23.98 35.32 27.52
N THR C 529 -23.42 34.17 27.16
CA THR C 529 -23.13 33.11 28.11
C THR C 529 -21.70 33.20 28.59
N ARG C 530 -21.43 32.52 29.70
CA ARG C 530 -20.09 32.41 30.24
C ARG C 530 -19.58 30.98 30.33
N HIS C 531 -20.44 29.99 30.10
CA HIS C 531 -20.04 28.60 30.12
C HIS C 531 -19.40 28.21 28.78
N GLY C 532 -18.87 26.99 28.73
CA GLY C 532 -18.28 26.48 27.51
C GLY C 532 -16.88 27.00 27.30
N PRO C 533 -16.27 26.62 26.18
CA PRO C 533 -14.89 27.01 25.90
C PRO C 533 -14.77 28.49 25.57
N SER C 534 -13.53 28.95 25.51
CA SER C 534 -13.25 30.35 25.23
C SER C 534 -13.53 30.69 23.77
N ASN C 535 -13.74 31.99 23.51
CA ASN C 535 -14.04 32.47 22.18
C ASN C 535 -13.60 33.93 22.07
N THR C 536 -13.52 34.40 20.84
CA THR C 536 -13.04 35.76 20.54
C THR C 536 -14.17 36.68 20.11
N LEU C 537 -15.40 36.39 20.54
CA LEU C 537 -16.53 37.22 20.13
C LEU C 537 -16.48 38.59 20.80
N TYR C 538 -16.07 38.65 22.06
CA TYR C 538 -16.04 39.90 22.79
C TYR C 538 -15.03 40.87 22.16
N HIS C 539 -13.87 40.36 21.74
CA HIS C 539 -12.89 41.22 21.09
C HIS C 539 -13.43 41.80 19.79
N LEU C 540 -14.14 40.99 19.00
CA LEU C 540 -14.72 41.48 17.75
C LEU C 540 -15.80 42.52 18.01
N VAL C 541 -16.65 42.29 19.00
CA VAL C 541 -17.69 43.26 19.33
C VAL C 541 -17.06 44.57 19.81
N ARG C 542 -15.98 44.48 20.58
CA ARG C 542 -15.26 45.68 21.01
C ARG C 542 -14.65 46.41 19.82
N ASP C 543 -14.10 45.67 18.86
CA ASP C 543 -13.46 46.30 17.71
C ASP C 543 -14.47 46.96 16.79
N VAL C 544 -15.67 46.41 16.69
CA VAL C 544 -16.65 46.94 15.75
C VAL C 544 -17.26 48.24 16.27
N LYS C 545 -17.88 48.18 17.45
CA LYS C 545 -18.57 49.34 18.00
C LYS C 545 -17.63 50.26 18.77
N LYS C 546 -16.88 51.09 18.05
CA LYS C 546 -16.04 52.16 18.62
C LYS C 546 -14.89 51.56 19.43
N GLY C 547 -14.00 52.42 19.90
CA GLY C 547 -12.83 51.98 20.65
C GLY C 547 -13.10 51.63 22.10
N ASN C 548 -14.28 52.01 22.60
CA ASN C 548 -14.58 51.88 24.03
C ASN C 548 -15.91 51.15 24.24
N LEU C 549 -15.91 50.19 25.16
CA LEU C 549 -17.10 49.44 25.51
C LEU C 549 -17.21 49.35 27.04
N PRO C 550 -18.41 49.51 27.60
CA PRO C 550 -18.56 49.35 29.05
C PRO C 550 -18.30 47.91 29.46
N PRO C 551 -17.81 47.69 30.68
CA PRO C 551 -17.49 46.32 31.11
C PRO C 551 -18.71 45.42 31.20
N ASP C 552 -19.72 45.88 31.95
CA ASP C 552 -20.96 45.14 32.12
C ASP C 552 -21.91 45.45 30.96
N TYR C 553 -21.61 44.86 29.81
CA TYR C 553 -22.34 45.14 28.58
C TYR C 553 -23.04 43.88 28.08
N ARG C 554 -24.32 44.00 27.77
CA ARG C 554 -25.09 42.92 27.17
C ARG C 554 -25.01 43.05 25.64
N ILE C 555 -24.58 41.99 24.98
CA ILE C 555 -24.39 42.03 23.53
C ILE C 555 -25.74 41.84 22.86
N SER C 556 -26.21 42.87 22.17
CA SER C 556 -27.48 42.81 21.47
C SER C 556 -27.31 42.24 20.08
N LEU C 557 -28.42 41.81 19.49
CA LEU C 557 -28.39 41.24 18.15
C LEU C 557 -27.97 42.24 17.08
N ILE C 558 -28.14 43.53 17.34
CA ILE C 558 -27.65 44.55 16.41
C ILE C 558 -26.13 44.50 16.32
N ASP C 559 -25.46 44.31 17.45
CA ASP C 559 -24.00 44.19 17.44
C ASP C 559 -23.55 42.95 16.70
N ILE C 560 -24.29 41.85 16.85
CA ILE C 560 -23.96 40.63 16.11
C ILE C 560 -24.16 40.84 14.62
N GLY C 561 -25.22 41.55 14.22
CA GLY C 561 -25.38 41.88 12.81
C GLY C 561 -24.24 42.74 12.29
N LEU C 562 -23.80 43.71 13.09
CA LEU C 562 -22.68 44.55 12.68
C LEU C 562 -21.40 43.75 12.52
N VAL C 563 -21.13 42.83 13.45
CA VAL C 563 -19.89 42.07 13.36
C VAL C 563 -19.96 41.06 12.20
N ILE C 564 -21.15 40.53 11.90
CA ILE C 564 -21.29 39.66 10.73
C ILE C 564 -21.04 40.45 9.45
N GLU C 565 -21.59 41.66 9.36
CA GLU C 565 -21.35 42.47 8.17
C GLU C 565 -19.87 42.85 8.05
N TYR C 566 -19.21 43.12 9.17
CA TYR C 566 -17.79 43.43 9.12
C TYR C 566 -16.95 42.23 8.72
N LEU C 567 -17.34 41.03 9.15
CA LEU C 567 -16.58 39.82 8.84
C LEU C 567 -16.79 39.38 7.40
N MET C 568 -18.01 39.52 6.87
CA MET C 568 -18.31 38.95 5.56
C MET C 568 -17.69 39.78 4.45
N GLY C 569 -18.09 41.04 4.31
CA GLY C 569 -17.54 41.86 3.25
C GLY C 569 -18.25 43.19 3.17
N GLY C 570 -17.84 43.96 2.16
CA GLY C 570 -18.40 45.29 1.99
C GLY C 570 -19.85 45.29 1.55
N ALA C 571 -20.21 44.38 0.65
CA ALA C 571 -21.55 44.36 0.09
C ALA C 571 -22.54 43.56 0.92
N TYR C 572 -22.08 42.82 1.92
CA TYR C 572 -22.98 41.98 2.69
C TYR C 572 -23.84 42.82 3.63
N ARG C 573 -25.07 42.37 3.85
CA ARG C 573 -26.03 43.06 4.71
C ARG C 573 -26.81 42.03 5.51
N CYS C 574 -26.47 41.89 6.78
CA CYS C 574 -27.13 40.91 7.63
C CYS C 574 -28.58 41.32 7.91
N ASN C 575 -29.41 40.33 8.22
CA ASN C 575 -30.82 40.60 8.50
C ASN C 575 -31.02 41.32 9.82
N TYR C 576 -30.04 41.29 10.71
CA TYR C 576 -30.20 41.93 12.01
C TYR C 576 -30.15 43.45 11.91
N THR C 577 -29.41 43.98 10.95
CA THR C 577 -29.27 45.42 10.81
C THR C 577 -30.31 46.03 9.89
N ARG C 578 -31.22 45.24 9.35
CA ARG C 578 -32.27 45.79 8.50
C ARG C 578 -33.29 46.56 9.33
N LYS C 579 -34.00 47.47 8.66
CA LYS C 579 -34.94 48.33 9.37
C LYS C 579 -36.11 47.55 9.95
N ARG C 580 -36.57 46.51 9.26
CA ARG C 580 -37.68 45.71 9.76
C ARG C 580 -37.32 45.03 11.07
N PHE C 581 -36.15 44.40 11.14
CA PHE C 581 -35.73 43.77 12.38
C PHE C 581 -35.44 44.80 13.46
N ARG C 582 -34.95 45.98 13.08
CA ARG C 582 -34.73 47.03 14.07
C ARG C 582 -36.04 47.48 14.69
N THR C 583 -37.09 47.61 13.88
CA THR C 583 -38.40 47.97 14.43
C THR C 583 -38.98 46.85 15.28
N LEU C 584 -38.76 45.60 14.87
CA LEU C 584 -39.25 44.48 15.66
C LEU C 584 -38.54 44.40 17.01
N TYR C 585 -37.24 44.66 17.03
CA TYR C 585 -36.44 44.64 18.24
C TYR C 585 -36.61 45.91 19.08
N HIS C 586 -37.18 46.97 18.51
CA HIS C 586 -37.35 48.23 19.24
C HIS C 586 -38.32 48.06 20.41
N ASN C 587 -39.39 47.30 20.21
CA ASN C 587 -40.43 47.13 21.24
C ASN C 587 -40.31 45.80 21.95
N LEU C 588 -39.08 45.34 22.20
CA LEU C 588 -38.85 44.12 22.96
C LEU C 588 -37.77 44.33 24.01
N ASN C 632 -40.22 37.49 19.19
CA ASN C 632 -41.13 36.76 18.32
C ASN C 632 -40.57 35.39 18.00
N HIS C 633 -40.33 35.13 16.71
CA HIS C 633 -39.82 33.85 16.26
C HIS C 633 -38.94 34.08 15.04
N PHE C 634 -38.30 33.01 14.58
CA PHE C 634 -37.50 33.01 13.37
C PHE C 634 -38.00 31.97 12.39
N PRO C 635 -38.11 32.31 11.10
CA PRO C 635 -38.58 31.31 10.13
C PRO C 635 -37.61 30.14 9.96
N PHE C 636 -36.31 30.42 9.93
CA PHE C 636 -35.28 29.39 9.84
C PHE C 636 -34.38 29.48 11.06
N PRO C 637 -34.63 28.68 12.10
CA PRO C 637 -33.86 28.82 13.34
C PRO C 637 -32.44 28.28 13.22
N PHE C 638 -32.25 27.27 12.37
CA PHE C 638 -30.94 26.65 12.25
C PHE C 638 -29.93 27.56 11.58
N HIS C 639 -30.37 28.52 10.77
CA HIS C 639 -29.44 29.51 10.24
C HIS C 639 -28.78 30.30 11.36
N GLU C 640 -29.60 30.87 12.26
CA GLU C 640 -29.08 31.65 13.36
C GLU C 640 -28.30 30.77 14.34
N LEU C 641 -28.75 29.54 14.55
CA LEU C 641 -28.02 28.64 15.44
C LEU C 641 -26.65 28.28 14.89
N MET C 642 -26.54 28.03 13.58
CA MET C 642 -25.24 27.73 13.01
C MET C 642 -24.34 28.94 13.02
N VAL C 643 -24.89 30.13 12.78
CA VAL C 643 -24.07 31.35 12.87
C VAL C 643 -23.56 31.53 14.29
N TRP C 644 -24.42 31.29 15.29
CA TRP C 644 -23.99 31.39 16.68
C TRP C 644 -22.90 30.37 17.01
N ALA C 645 -23.05 29.15 16.52
CA ALA C 645 -22.04 28.13 16.80
C ALA C 645 -20.72 28.46 16.11
N VAL C 646 -20.76 29.04 14.91
CA VAL C 646 -19.54 29.39 14.20
C VAL C 646 -18.84 30.55 14.91
N LEU C 647 -19.59 31.56 15.34
CA LEU C 647 -18.98 32.74 15.94
C LEU C 647 -18.37 32.43 17.31
N MET C 648 -18.73 31.31 17.93
CA MET C 648 -18.23 30.97 19.26
C MET C 648 -17.29 29.78 19.26
N LYS C 649 -16.74 29.39 18.10
CA LYS C 649 -15.74 28.33 18.00
C LYS C 649 -16.24 27.00 18.57
N ARG C 650 -17.47 26.65 18.23
CA ARG C 650 -18.05 25.37 18.63
C ARG C 650 -18.24 24.54 17.38
N GLN C 651 -17.22 23.76 17.02
CA GLN C 651 -17.21 23.08 15.73
C GLN C 651 -18.23 21.95 15.67
N LYS C 652 -18.33 21.14 16.73
CA LYS C 652 -19.28 20.04 16.73
C LYS C 652 -20.72 20.56 16.67
N MET C 653 -21.01 21.63 17.41
CA MET C 653 -22.34 22.21 17.37
C MET C 653 -22.67 22.74 15.98
N ALA C 654 -21.70 23.41 15.34
CA ALA C 654 -21.94 23.92 13.99
C ALA C 654 -22.13 22.79 12.99
N LEU C 655 -21.36 21.71 13.11
CA LEU C 655 -21.53 20.58 12.21
C LEU C 655 -22.88 19.89 12.43
N PHE C 656 -23.36 19.85 13.67
CA PHE C 656 -24.70 19.31 13.91
C PHE C 656 -25.77 20.21 13.31
N PHE C 657 -25.63 21.52 13.46
CA PHE C 657 -26.64 22.43 12.95
C PHE C 657 -26.60 22.57 11.44
N TRP C 658 -25.49 22.21 10.80
CA TRP C 658 -25.37 22.39 9.36
C TRP C 658 -26.30 21.46 8.60
N GLN C 659 -26.42 20.21 9.04
CA GLN C 659 -27.19 19.23 8.28
C GLN C 659 -28.69 19.30 8.53
N HIS C 660 -29.14 20.18 9.42
CA HIS C 660 -30.56 20.37 9.68
C HIS C 660 -31.01 21.70 9.08
N GLY C 661 -32.12 21.67 8.36
CA GLY C 661 -32.64 22.86 7.71
C GLY C 661 -32.28 22.91 6.25
N GLU C 662 -32.74 23.98 5.60
CA GLU C 662 -32.52 24.16 4.18
C GLU C 662 -31.28 25.02 3.94
N GLU C 663 -30.89 25.11 2.66
CA GLU C 663 -29.74 25.90 2.21
C GLU C 663 -28.45 25.44 2.89
N ALA C 664 -28.15 24.15 2.73
CA ALA C 664 -26.96 23.59 3.37
C ALA C 664 -25.68 24.11 2.73
N MET C 665 -25.65 24.22 1.41
CA MET C 665 -24.46 24.69 0.72
C MET C 665 -24.16 26.14 1.04
N ALA C 666 -25.19 26.98 1.09
CA ALA C 666 -25.00 28.37 1.45
C ALA C 666 -24.49 28.50 2.87
N LYS C 667 -25.02 27.70 3.79
CA LYS C 667 -24.54 27.72 5.17
C LYS C 667 -23.08 27.29 5.26
N ALA C 668 -22.70 26.27 4.48
CA ALA C 668 -21.30 25.84 4.49
C ALA C 668 -20.38 26.94 3.98
N LEU C 669 -20.76 27.60 2.89
CA LEU C 669 -19.89 28.64 2.33
C LEU C 669 -19.81 29.85 3.27
N VAL C 670 -20.94 30.23 3.89
CA VAL C 670 -20.94 31.34 4.83
C VAL C 670 -20.09 31.01 6.04
N ALA C 671 -20.18 29.78 6.55
CA ALA C 671 -19.35 29.38 7.68
C ALA C 671 -17.87 29.40 7.32
N CYS C 672 -17.52 28.95 6.11
CA CYS C 672 -16.13 28.99 5.67
C CYS C 672 -15.60 30.42 5.63
N LYS C 673 -16.38 31.33 5.06
CA LYS C 673 -15.95 32.73 5.00
C LYS C 673 -15.83 33.34 6.39
N LEU C 674 -16.78 33.05 7.28
CA LEU C 674 -16.73 33.60 8.63
C LEU C 674 -15.52 33.08 9.40
N CYS C 675 -15.22 31.79 9.28
CA CYS C 675 -14.07 31.23 9.96
C CYS C 675 -12.77 31.82 9.43
N LYS C 676 -12.67 32.00 8.11
CA LYS C 676 -11.47 32.62 7.54
C LYS C 676 -11.29 34.05 8.05
N ALA C 677 -12.38 34.83 8.08
CA ALA C 677 -12.28 36.21 8.55
C ALA C 677 -11.91 36.28 10.01
N MET C 678 -12.49 35.39 10.83
CA MET C 678 -12.14 35.38 12.25
C MET C 678 -10.69 34.97 12.46
N ALA C 679 -10.19 34.02 11.66
CA ALA C 679 -8.78 33.64 11.77
C ALA C 679 -7.87 34.81 11.42
N HIS C 680 -8.21 35.56 10.36
CA HIS C 680 -7.42 36.73 10.00
C HIS C 680 -7.44 37.77 11.10
N GLU C 681 -8.62 38.04 11.67
CA GLU C 681 -8.72 39.04 12.73
C GLU C 681 -7.95 38.62 13.98
N ALA C 682 -8.00 37.33 14.33
CA ALA C 682 -7.27 36.86 15.50
C ALA C 682 -5.76 36.91 15.26
N SER C 683 -5.30 36.57 14.06
CA SER C 683 -3.88 36.67 13.77
C SER C 683 -3.41 38.12 13.74
N GLU C 684 -4.30 39.04 13.37
CA GLU C 684 -3.94 40.46 13.38
C GLU C 684 -3.71 40.96 14.80
N ASN C 685 -4.53 40.51 15.76
CA ASN C 685 -4.49 41.01 17.13
C ASN C 685 -3.63 40.14 18.04
N ASP C 686 -2.61 39.48 17.49
CA ASP C 686 -1.60 38.70 18.22
C ASP C 686 -2.22 37.80 19.30
N MET C 687 -3.04 36.86 18.85
CA MET C 687 -3.64 35.88 19.74
C MET C 687 -2.61 34.78 20.06
N VAL C 688 -3.08 33.69 20.67
CA VAL C 688 -2.19 32.62 21.10
C VAL C 688 -1.68 31.79 19.93
N ASP C 689 -2.10 32.10 18.70
CA ASP C 689 -1.69 31.46 17.45
C ASP C 689 -2.15 30.01 17.35
N ASP C 690 -2.81 29.48 18.36
CA ASP C 690 -3.52 28.21 18.23
C ASP C 690 -4.98 28.43 17.85
N ILE C 691 -5.56 29.56 18.26
CA ILE C 691 -6.89 29.93 17.83
C ILE C 691 -6.92 30.10 16.32
N SER C 692 -5.89 30.73 15.76
CA SER C 692 -5.81 30.92 14.31
C SER C 692 -5.75 29.57 13.58
N GLN C 693 -4.96 28.64 14.10
CA GLN C 693 -4.87 27.32 13.48
C GLN C 693 -6.21 26.59 13.56
N GLU C 694 -6.88 26.67 14.71
CA GLU C 694 -8.18 26.01 14.84
C GLU C 694 -9.20 26.62 13.89
N LEU C 695 -9.20 27.95 13.74
CA LEU C 695 -10.16 28.59 12.85
C LEU C 695 -9.87 28.25 11.40
N ASN C 696 -8.59 28.18 11.02
CA ASN C 696 -8.26 27.76 9.66
C ASN C 696 -8.68 26.31 9.39
N HIS C 697 -8.50 25.43 10.38
CA HIS C 697 -8.95 24.05 10.21
C HIS C 697 -10.47 23.99 10.06
N ASN C 698 -11.20 24.79 10.84
CA ASN C 698 -12.65 24.84 10.71
C ASN C 698 -13.06 25.34 9.32
N SER C 699 -12.38 26.37 8.82
CA SER C 699 -12.69 26.89 7.49
C SER C 699 -12.44 25.84 6.42
N ARG C 700 -11.33 25.10 6.53
CA ARG C 700 -11.05 24.04 5.56
C ARG C 700 -12.10 22.95 5.63
N ASP C 701 -12.55 22.58 6.84
CA ASP C 701 -13.56 21.55 6.98
C ASP C 701 -14.87 21.97 6.32
N PHE C 702 -15.29 23.22 6.55
CA PHE C 702 -16.54 23.68 5.94
C PHE C 702 -16.42 23.79 4.43
N GLY C 703 -15.27 24.22 3.93
CA GLY C 703 -15.08 24.26 2.48
C GLY C 703 -15.13 22.87 1.86
N GLN C 704 -14.51 21.89 2.52
CA GLN C 704 -14.57 20.52 2.01
C GLN C 704 -15.99 19.98 2.03
N LEU C 705 -16.76 20.31 3.07
CA LEU C 705 -18.16 19.90 3.10
C LEU C 705 -18.93 20.49 1.93
N ALA C 706 -18.73 21.78 1.64
CA ALA C 706 -19.42 22.39 0.52
C ALA C 706 -19.03 21.75 -0.80
N VAL C 707 -17.75 21.46 -0.99
CA VAL C 707 -17.30 20.84 -2.25
C VAL C 707 -17.90 19.45 -2.40
N GLU C 708 -17.91 18.66 -1.32
CA GLU C 708 -18.46 17.31 -1.42
C GLU C 708 -19.97 17.33 -1.67
N LEU C 709 -20.68 18.28 -1.05
CA LEU C 709 -22.10 18.41 -1.32
C LEU C 709 -22.37 18.80 -2.77
N LEU C 710 -21.55 19.71 -3.32
CA LEU C 710 -21.70 20.07 -4.72
C LEU C 710 -21.44 18.86 -5.62
N ASP C 711 -20.42 18.07 -5.29
CA ASP C 711 -20.13 16.89 -6.09
C ASP C 711 -21.29 15.89 -6.07
N GLN C 712 -21.87 15.66 -4.90
CA GLN C 712 -23.02 14.76 -4.80
C GLN C 712 -24.20 15.28 -5.59
N SER C 713 -24.50 16.58 -5.48
CA SER C 713 -25.64 17.16 -6.18
C SER C 713 -25.45 17.08 -7.69
N TYR C 714 -24.24 17.37 -8.19
CA TYR C 714 -23.99 17.29 -9.62
C TYR C 714 -24.04 15.86 -10.12
N LYS C 715 -23.55 14.91 -9.31
CA LYS C 715 -23.60 13.51 -9.72
C LYS C 715 -25.03 13.00 -9.79
N GLN C 716 -25.90 13.48 -8.89
CA GLN C 716 -27.28 13.02 -8.90
C GLN C 716 -28.06 13.60 -10.08
N ASP C 717 -28.16 14.93 -10.15
CA ASP C 717 -28.89 15.60 -11.22
C ASP C 717 -28.15 16.88 -11.57
N GLU C 718 -28.01 17.14 -12.87
CA GLU C 718 -27.17 18.25 -13.32
C GLU C 718 -27.91 19.58 -13.39
N GLN C 719 -29.11 19.59 -13.96
CA GLN C 719 -29.85 20.85 -14.12
C GLN C 719 -30.23 21.43 -12.77
N LEU C 720 -30.69 20.60 -11.84
CA LEU C 720 -30.99 21.11 -10.50
C LEU C 720 -29.73 21.54 -9.78
N ALA C 721 -28.59 20.89 -10.05
CA ALA C 721 -27.34 21.34 -9.46
C ALA C 721 -26.95 22.72 -9.95
N MET C 722 -27.13 22.99 -11.24
CA MET C 722 -26.89 24.34 -11.75
C MET C 722 -27.88 25.34 -11.19
N LYS C 723 -29.13 24.92 -10.99
CA LYS C 723 -30.12 25.81 -10.39
C LYS C 723 -29.80 26.12 -8.94
N LEU C 724 -29.09 25.21 -8.25
CA LEU C 724 -28.69 25.46 -6.87
C LEU C 724 -27.66 26.58 -6.77
N LEU C 725 -26.79 26.73 -7.75
CA LEU C 725 -25.68 27.67 -7.65
C LEU C 725 -26.01 29.08 -8.11
N THR C 726 -27.21 29.30 -8.66
CA THR C 726 -27.54 30.60 -9.22
C THR C 726 -28.78 31.26 -8.64
N TYR C 727 -29.59 30.55 -7.88
CA TYR C 727 -30.83 31.15 -7.40
C TYR C 727 -30.54 32.09 -6.24
N GLU C 728 -31.24 33.23 -6.24
CA GLU C 728 -30.97 34.28 -5.27
C GLU C 728 -31.35 33.82 -3.86
N LEU C 729 -30.48 34.12 -2.89
CA LEU C 729 -30.67 33.71 -1.51
C LEU C 729 -31.20 34.90 -0.72
N LYS C 730 -32.48 34.86 -0.36
CA LYS C 730 -33.08 35.98 0.35
C LYS C 730 -32.56 36.10 1.78
N ASN C 731 -32.20 34.98 2.40
CA ASN C 731 -31.72 35.01 3.78
C ASN C 731 -30.28 35.49 3.89
N TRP C 732 -29.52 35.50 2.80
CA TRP C 732 -28.10 35.81 2.86
C TRP C 732 -27.76 37.05 2.04
N SER C 733 -28.56 38.11 2.21
CA SER C 733 -28.30 39.42 1.60
C SER C 733 -28.31 39.37 0.08
N ASN C 734 -29.16 38.50 -0.48
CA ASN C 734 -29.38 38.41 -1.93
C ASN C 734 -28.07 38.14 -2.67
N ALA C 735 -27.47 36.99 -2.37
CA ALA C 735 -26.23 36.58 -3.00
C ALA C 735 -26.32 35.12 -3.37
N THR C 736 -25.87 34.78 -4.57
CA THR C 736 -25.89 33.40 -5.02
C THR C 736 -24.73 32.63 -4.38
N CYS C 737 -24.74 31.31 -4.57
CA CYS C 737 -23.67 30.48 -4.01
C CYS C 737 -22.33 30.75 -4.70
N LEU C 738 -22.35 31.10 -5.99
CA LEU C 738 -21.12 31.44 -6.68
C LEU C 738 -20.47 32.68 -6.07
N GLN C 739 -21.27 33.69 -5.74
CA GLN C 739 -20.71 34.90 -5.14
C GLN C 739 -20.13 34.61 -3.76
N LEU C 740 -20.79 33.75 -2.98
CA LEU C 740 -20.26 33.39 -1.68
C LEU C 740 -18.97 32.59 -1.80
N ALA C 741 -18.89 31.70 -2.79
CA ALA C 741 -17.67 30.92 -3.00
C ALA C 741 -16.52 31.79 -3.49
N VAL C 742 -16.80 32.76 -4.35
CA VAL C 742 -15.75 33.65 -4.83
C VAL C 742 -15.28 34.58 -3.72
N ALA C 743 -16.21 35.08 -2.90
CA ALA C 743 -15.83 35.95 -1.79
C ALA C 743 -15.00 35.23 -0.74
N ALA C 744 -15.06 33.90 -0.70
CA ALA C 744 -14.26 33.11 0.23
C ALA C 744 -12.96 32.62 -0.39
N LYS C 745 -12.65 33.01 -1.63
CA LYS C 745 -11.46 32.56 -2.34
C LYS C 745 -11.36 31.03 -2.36
N HIS C 746 -12.50 30.38 -2.56
CA HIS C 746 -12.57 28.93 -2.55
C HIS C 746 -12.28 28.42 -3.95
N ARG C 747 -11.02 28.10 -4.22
CA ARG C 747 -10.61 27.74 -5.57
C ARG C 747 -11.06 26.34 -5.97
N ASP C 748 -11.24 25.45 -5.00
CA ASP C 748 -11.66 24.09 -5.33
C ASP C 748 -13.15 23.98 -5.62
N PHE C 749 -13.93 25.02 -5.35
CA PHE C 749 -15.36 25.01 -5.62
C PHE C 749 -15.66 25.56 -7.01
N ILE C 750 -15.03 26.68 -7.38
CA ILE C 750 -15.22 27.23 -8.71
C ILE C 750 -14.59 26.35 -9.79
N ALA C 751 -13.56 25.58 -9.44
CA ALA C 751 -12.88 24.72 -10.40
C ALA C 751 -13.59 23.39 -10.60
N HIS C 752 -14.70 23.15 -9.93
CA HIS C 752 -15.44 21.91 -10.13
C HIS C 752 -16.09 21.90 -11.51
N THR C 753 -16.47 20.70 -11.95
CA THR C 753 -17.04 20.55 -13.30
C THR C 753 -18.37 21.30 -13.42
N CYS C 754 -19.23 21.21 -12.40
CA CYS C 754 -20.53 21.86 -12.47
C CYS C 754 -20.39 23.38 -12.51
N SER C 755 -19.50 23.94 -11.69
CA SER C 755 -19.28 25.38 -11.71
C SER C 755 -18.71 25.83 -13.04
N GLN C 756 -17.81 25.03 -13.63
CA GLN C 756 -17.24 25.38 -14.91
C GLN C 756 -18.28 25.35 -16.02
N MET C 757 -19.18 24.36 -16.01
CA MET C 757 -20.22 24.32 -17.02
C MET C 757 -21.20 25.48 -16.85
N LEU C 758 -21.52 25.83 -15.61
CA LEU C 758 -22.37 26.99 -15.37
C LEU C 758 -21.72 28.27 -15.86
N LEU C 759 -20.41 28.41 -15.63
CA LEU C 759 -19.70 29.59 -16.10
C LEU C 759 -19.65 29.63 -17.63
N THR C 760 -19.50 28.47 -18.27
CA THR C 760 -19.55 28.43 -19.73
C THR C 760 -20.91 28.85 -20.25
N ASP C 761 -21.98 28.40 -19.59
CA ASP C 761 -23.32 28.80 -20.00
C ASP C 761 -23.53 30.30 -19.81
N MET C 762 -23.03 30.86 -18.71
CA MET C 762 -23.13 32.31 -18.51
C MET C 762 -22.31 33.08 -19.53
N TRP C 763 -21.14 32.55 -19.90
CA TRP C 763 -20.25 33.22 -20.85
C TRP C 763 -20.83 33.21 -22.26
N MET C 764 -21.47 32.11 -22.65
CA MET C 764 -22.02 31.98 -23.99
C MET C 764 -23.22 32.87 -24.22
N GLY C 765 -23.89 33.34 -23.17
CA GLY C 765 -25.03 34.21 -23.31
C GLY C 765 -26.31 33.48 -23.68
N ARG C 766 -27.12 34.09 -24.55
CA ARG C 766 -28.39 33.53 -24.97
C ARG C 766 -28.28 32.73 -26.27
N LEU C 767 -27.10 32.20 -26.57
CA LEU C 767 -26.88 31.40 -27.77
C LEU C 767 -26.67 29.95 -27.38
N ARG C 768 -26.92 29.07 -28.35
CA ARG C 768 -26.77 27.62 -28.14
C ARG C 768 -25.65 27.04 -28.97
N MET C 769 -24.87 27.87 -29.67
CA MET C 769 -23.76 27.38 -30.49
C MET C 769 -22.67 26.84 -29.58
N ARG C 770 -22.50 25.51 -29.57
CA ARG C 770 -21.50 24.87 -28.73
C ARG C 770 -20.51 24.01 -29.49
N LYS C 771 -20.68 23.86 -30.81
CA LYS C 771 -19.76 23.01 -31.58
C LYS C 771 -18.44 23.73 -31.83
N ASN C 772 -18.48 24.86 -32.53
CA ASN C 772 -17.27 25.61 -32.88
C ASN C 772 -17.59 27.10 -32.74
N SER C 773 -17.33 27.63 -31.55
CA SER C 773 -17.54 29.04 -31.29
C SER C 773 -16.35 29.85 -31.78
N GLY C 774 -16.40 31.16 -31.56
CA GLY C 774 -15.32 32.03 -31.99
C GLY C 774 -15.41 32.40 -33.45
N LEU C 775 -15.28 31.42 -34.34
CA LEU C 775 -15.36 31.70 -35.78
C LEU C 775 -16.74 32.22 -36.15
N LYS C 776 -17.80 31.61 -35.61
CA LYS C 776 -19.15 32.07 -35.90
C LYS C 776 -19.40 33.45 -35.29
N VAL C 777 -18.86 33.69 -34.09
CA VAL C 777 -18.99 35.01 -33.47
C VAL C 777 -18.25 36.07 -34.28
N ILE C 778 -17.05 35.72 -34.78
CA ILE C 778 -16.30 36.66 -35.62
C ILE C 778 -17.06 36.96 -36.90
N LEU C 779 -17.64 35.93 -37.51
CA LEU C 779 -18.44 36.14 -38.72
C LEU C 779 -19.65 37.01 -38.44
N GLY C 780 -20.31 36.79 -37.30
CA GLY C 780 -21.46 37.62 -36.94
C GLY C 780 -21.09 39.06 -36.68
N ILE C 781 -19.93 39.30 -36.05
CA ILE C 781 -19.48 40.68 -35.85
C ILE C 781 -19.13 41.34 -37.17
N LEU C 782 -18.42 40.64 -38.05
CA LEU C 782 -18.03 41.21 -39.34
C LEU C 782 -19.17 41.24 -40.35
N LEU C 783 -20.15 40.34 -40.23
CA LEU C 783 -21.30 40.29 -41.14
C LEU C 783 -22.57 40.33 -40.29
N PRO C 784 -23.08 41.53 -40.01
CA PRO C 784 -24.31 41.65 -39.20
C PRO C 784 -25.51 40.95 -39.82
N PRO C 785 -25.63 40.87 -41.16
CA PRO C 785 -26.67 39.98 -41.72
C PRO C 785 -26.53 38.52 -41.30
N SER C 786 -25.30 38.04 -41.07
CA SER C 786 -25.11 36.64 -40.68
C SER C 786 -25.57 36.34 -39.26
N ILE C 787 -25.93 37.37 -38.49
CA ILE C 787 -26.39 37.16 -37.12
C ILE C 787 -27.70 36.36 -37.11
N LEU C 788 -28.61 36.68 -38.03
CA LEU C 788 -29.91 36.04 -38.05
C LEU C 788 -29.85 34.69 -38.75
N SER C 789 -28.87 33.86 -38.34
CA SER C 789 -28.78 32.49 -38.80
C SER C 789 -28.35 31.54 -37.68
N LEU C 790 -28.21 32.03 -36.46
CA LEU C 790 -27.74 31.23 -35.33
C LEU C 790 -28.91 30.86 -34.43
N GLU C 791 -28.86 29.66 -33.86
CA GLU C 791 -29.89 29.23 -32.93
C GLU C 791 -29.76 29.97 -31.61
N PHE C 792 -30.90 30.20 -30.96
CA PHE C 792 -30.95 30.92 -29.70
C PHE C 792 -31.71 30.09 -28.66
N LYS C 793 -31.36 30.32 -27.40
CA LYS C 793 -32.07 29.66 -26.31
C LYS C 793 -33.38 30.37 -26.01
N ASN C 794 -34.36 29.61 -25.56
CA ASN C 794 -35.70 30.12 -25.30
C ASN C 794 -35.71 31.05 -24.10
N GLY C 861 -34.89 41.86 -34.77
CA GLY C 861 -35.33 42.85 -33.80
C GLY C 861 -34.68 42.67 -32.45
N ARG C 862 -35.24 41.80 -31.63
CA ARG C 862 -34.65 41.48 -30.33
C ARG C 862 -33.49 40.51 -30.45
N LYS C 863 -33.35 39.82 -31.58
CA LYS C 863 -32.25 38.89 -31.77
C LYS C 863 -30.91 39.61 -31.82
N ILE C 864 -30.88 40.79 -32.45
CA ILE C 864 -29.65 41.58 -32.51
C ILE C 864 -29.24 42.03 -31.11
N TYR C 865 -30.21 42.48 -30.30
CA TYR C 865 -29.92 42.89 -28.94
C TYR C 865 -29.40 41.73 -28.10
N GLU C 866 -29.95 40.54 -28.29
CA GLU C 866 -29.46 39.37 -27.56
C GLU C 866 -28.09 38.93 -28.06
N PHE C 867 -27.79 39.15 -29.33
CA PHE C 867 -26.47 38.77 -29.85
C PHE C 867 -25.39 39.72 -29.35
N TYR C 868 -25.65 41.02 -29.36
CA TYR C 868 -24.62 42.00 -29.04
C TYR C 868 -24.47 42.22 -27.54
N ASN C 869 -25.23 41.53 -26.70
CA ASN C 869 -25.08 41.64 -25.25
C ASN C 869 -24.50 40.39 -24.61
N ALA C 870 -24.21 39.35 -25.38
CA ALA C 870 -23.53 38.19 -24.82
C ALA C 870 -22.10 38.56 -24.44
N PRO C 871 -21.58 37.99 -23.35
CA PRO C 871 -20.19 38.30 -22.97
C PRO C 871 -19.16 37.93 -24.03
N ILE C 872 -19.38 36.83 -24.76
CA ILE C 872 -18.39 36.37 -25.72
C ILE C 872 -18.31 37.33 -26.90
N VAL C 873 -19.44 37.88 -27.33
CA VAL C 873 -19.45 38.83 -28.44
C VAL C 873 -18.76 40.12 -28.03
N LYS C 874 -18.99 40.59 -26.80
CA LYS C 874 -18.27 41.75 -26.30
C LYS C 874 -16.77 41.49 -26.25
N PHE C 875 -16.38 40.29 -25.81
CA PHE C 875 -14.96 39.97 -25.74
C PHE C 875 -14.33 39.99 -27.12
N TRP C 876 -15.00 39.41 -28.11
CA TRP C 876 -14.42 39.40 -29.46
C TRP C 876 -14.40 40.79 -30.08
N PHE C 877 -15.41 41.61 -29.79
CA PHE C 877 -15.38 43.00 -30.26
C PHE C 877 -14.18 43.74 -29.67
N TYR C 878 -13.95 43.58 -28.37
CA TYR C 878 -12.79 44.22 -27.74
C TYR C 878 -11.48 43.70 -28.31
N THR C 879 -11.41 42.39 -28.58
CA THR C 879 -10.18 41.82 -29.13
C THR C 879 -9.89 42.37 -30.52
N LEU C 880 -10.92 42.47 -31.37
CA LEU C 880 -10.70 43.01 -32.71
C LEU C 880 -10.30 44.48 -32.64
N ALA C 881 -10.91 45.25 -31.75
CA ALA C 881 -10.52 46.64 -31.58
C ALA C 881 -9.08 46.77 -31.14
N TYR C 882 -8.64 45.90 -30.21
CA TYR C 882 -7.27 45.96 -29.75
C TYR C 882 -6.29 45.57 -30.85
N ILE C 883 -6.65 44.59 -31.67
CA ILE C 883 -5.78 44.20 -32.79
C ILE C 883 -5.63 45.37 -33.76
N GLY C 884 -6.74 46.03 -34.10
CA GLY C 884 -6.64 47.18 -34.99
C GLY C 884 -5.83 48.31 -34.40
N TYR C 885 -5.97 48.53 -33.08
CA TYR C 885 -5.18 49.56 -32.42
C TYR C 885 -3.69 49.25 -32.47
N LEU C 886 -3.33 47.98 -32.27
CA LEU C 886 -1.93 47.58 -32.38
C LEU C 886 -1.39 47.79 -33.79
N MET C 887 -2.21 47.47 -34.80
CA MET C 887 -1.78 47.69 -36.18
C MET C 887 -1.51 49.17 -36.44
N LEU C 888 -2.41 50.03 -35.98
CA LEU C 888 -2.21 51.47 -36.19
C LEU C 888 -1.00 51.99 -35.42
N PHE C 889 -0.76 51.49 -34.22
CA PHE C 889 0.41 51.91 -33.45
C PHE C 889 1.70 51.50 -34.17
N ASN C 890 1.76 50.28 -34.68
CA ASN C 890 2.92 49.86 -35.44
C ASN C 890 3.13 50.74 -36.66
N TYR C 891 2.03 51.07 -37.36
CA TYR C 891 2.16 51.91 -38.55
C TYR C 891 2.70 53.29 -38.20
N ILE C 892 2.20 53.90 -37.13
CA ILE C 892 2.64 55.26 -36.84
C ILE C 892 4.08 55.28 -36.33
N VAL C 893 4.53 54.23 -35.65
CA VAL C 893 5.93 54.29 -35.18
C VAL C 893 6.90 53.92 -36.30
N LEU C 894 6.52 53.04 -37.22
CA LEU C 894 7.48 52.58 -38.23
C LEU C 894 7.78 53.67 -39.25
N VAL C 895 6.75 54.32 -39.77
CA VAL C 895 6.93 55.33 -40.82
C VAL C 895 7.32 56.67 -40.19
N LYS C 896 7.77 57.61 -41.02
CA LYS C 896 8.22 58.90 -40.52
C LYS C 896 7.07 59.71 -39.96
N MET C 897 7.30 60.36 -38.82
CA MET C 897 6.30 61.18 -38.16
C MET C 897 6.50 62.64 -38.58
N GLU C 898 5.42 63.28 -39.02
CA GLU C 898 5.49 64.64 -39.51
C GLU C 898 5.33 65.62 -38.35
N ARG C 899 5.19 66.92 -38.70
CA ARG C 899 5.06 67.95 -37.68
C ARG C 899 3.77 67.79 -36.89
N TRP C 900 2.67 67.46 -37.56
CA TRP C 900 1.39 67.30 -36.90
C TRP C 900 0.88 65.88 -37.08
N PRO C 901 0.11 65.36 -36.12
CA PRO C 901 -0.33 63.97 -36.19
C PRO C 901 -1.17 63.68 -37.41
N SER C 902 -0.99 62.49 -37.97
CA SER C 902 -1.79 62.03 -39.10
C SER C 902 -3.10 61.44 -38.58
N THR C 903 -3.89 60.85 -39.47
CA THR C 903 -5.17 60.28 -39.07
C THR C 903 -4.99 59.11 -38.12
N GLN C 904 -4.03 58.23 -38.42
CA GLN C 904 -3.81 57.06 -37.58
C GLN C 904 -3.35 57.45 -36.19
N GLU C 905 -2.50 58.47 -36.10
CA GLU C 905 -2.05 58.93 -34.79
C GLU C 905 -3.21 59.50 -33.98
N TRP C 906 -4.12 60.21 -34.63
CA TRP C 906 -5.30 60.72 -33.92
C TRP C 906 -6.19 59.58 -33.45
N ILE C 907 -6.33 58.52 -34.25
CA ILE C 907 -7.12 57.37 -33.81
C ILE C 907 -6.46 56.70 -32.59
N VAL C 908 -5.14 56.58 -32.61
CA VAL C 908 -4.43 55.98 -31.48
C VAL C 908 -4.60 56.83 -30.22
N ILE C 909 -4.47 58.15 -30.36
CA ILE C 909 -4.64 59.05 -29.21
C ILE C 909 -6.06 58.96 -28.68
N SER C 910 -7.05 58.87 -29.56
CA SER C 910 -8.43 58.72 -29.13
C SER C 910 -8.64 57.41 -28.38
N TYR C 911 -8.02 56.34 -28.86
CA TYR C 911 -8.11 55.06 -28.14
C TYR C 911 -7.53 55.16 -26.74
N ILE C 912 -6.37 55.79 -26.60
CA ILE C 912 -5.75 55.92 -25.29
C ILE C 912 -6.63 56.77 -24.36
N PHE C 913 -7.18 57.87 -24.89
CA PHE C 913 -8.02 58.75 -24.07
C PHE C 913 -9.29 58.03 -23.60
N THR C 914 -9.95 57.31 -24.52
CA THR C 914 -11.16 56.59 -24.13
C THR C 914 -10.85 55.45 -23.16
N LEU C 915 -9.70 54.79 -23.32
CA LEU C 915 -9.32 53.75 -22.37
C LEU C 915 -9.09 54.34 -20.98
N GLY C 916 -8.46 55.51 -20.91
CA GLY C 916 -8.28 56.17 -19.62
C GLY C 916 -9.61 56.56 -18.99
N ILE C 917 -10.54 57.06 -19.80
CA ILE C 917 -11.86 57.40 -19.29
C ILE C 917 -12.58 56.16 -18.77
N GLU C 918 -12.46 55.04 -19.49
CA GLU C 918 -13.07 53.80 -19.05
C GLU C 918 -12.46 53.31 -17.74
N LYS C 919 -11.14 53.44 -17.59
CA LYS C 919 -10.49 53.06 -16.34
C LYS C 919 -11.00 53.92 -15.18
N MET C 920 -11.14 55.22 -15.40
CA MET C 920 -11.66 56.10 -14.35
C MET C 920 -13.10 55.73 -14.00
N ARG C 921 -13.91 55.39 -15.01
CA ARG C 921 -15.28 54.97 -14.74
C ARG C 921 -15.33 53.69 -13.94
N GLU C 922 -14.43 52.74 -14.24
CA GLU C 922 -14.38 51.51 -13.44
C GLU C 922 -13.91 51.79 -12.02
N ILE C 923 -13.02 52.75 -11.83
CA ILE C 923 -12.61 53.15 -10.49
C ILE C 923 -13.80 53.72 -9.73
N LEU C 924 -14.60 54.58 -10.38
CA LEU C 924 -15.68 55.27 -9.70
C LEU C 924 -16.76 54.30 -9.22
N MET C 925 -17.06 53.27 -10.01
CA MET C 925 -18.15 52.35 -9.70
C MET C 925 -17.65 51.10 -8.98
N SER C 926 -16.62 51.24 -8.14
CA SER C 926 -16.11 50.12 -7.37
C SER C 926 -17.02 49.88 -6.16
N GLU C 927 -16.62 48.97 -5.28
CA GLU C 927 -17.46 48.55 -4.16
C GLU C 927 -17.45 49.53 -2.98
N PRO C 928 -16.30 50.02 -2.48
CA PRO C 928 -16.33 50.93 -1.34
C PRO C 928 -16.99 52.26 -1.68
N GLY C 929 -17.42 52.96 -0.63
CA GLY C 929 -18.10 54.22 -0.77
C GLY C 929 -17.23 55.46 -0.75
N LYS C 930 -15.91 55.31 -0.70
CA LYS C 930 -15.00 56.44 -0.67
C LYS C 930 -14.10 56.41 -1.90
N LEU C 931 -13.84 57.60 -2.46
CA LEU C 931 -12.99 57.69 -3.64
C LEU C 931 -11.57 57.21 -3.37
N LEU C 932 -11.01 57.58 -2.22
CA LEU C 932 -9.66 57.15 -1.87
C LEU C 932 -9.59 55.65 -1.59
N GLN C 933 -10.64 55.07 -1.00
CA GLN C 933 -10.62 53.65 -0.69
C GLN C 933 -10.76 52.79 -1.95
N LYS C 934 -11.53 53.24 -2.94
CA LYS C 934 -11.68 52.48 -4.17
C LYS C 934 -10.38 52.42 -4.97
N VAL C 935 -9.50 53.41 -4.78
CA VAL C 935 -8.22 53.41 -5.48
C VAL C 935 -7.38 52.21 -5.07
N LYS C 936 -7.33 51.91 -3.77
CA LYS C 936 -6.56 50.77 -3.30
C LYS C 936 -7.11 49.46 -3.84
N VAL C 937 -8.44 49.30 -3.84
CA VAL C 937 -9.05 48.07 -4.35
C VAL C 937 -8.82 47.93 -5.85
N TRP C 938 -8.82 49.03 -6.59
CA TRP C 938 -8.56 48.95 -8.02
C TRP C 938 -7.08 48.71 -8.30
N LEU C 939 -6.21 49.14 -7.39
CA LEU C 939 -4.77 48.95 -7.58
C LEU C 939 -4.30 47.62 -7.04
N GLN C 940 -5.23 46.77 -6.59
CA GLN C 940 -4.89 45.41 -6.15
C GLN C 940 -4.31 44.57 -7.28
N GLU C 941 -4.87 44.66 -8.49
CA GLU C 941 -4.37 43.89 -9.61
C GLU C 941 -3.18 44.59 -10.26
N TYR C 942 -2.26 43.80 -10.80
CA TYR C 942 -1.06 44.36 -11.41
C TYR C 942 -1.35 44.96 -12.79
N TRP C 943 -2.28 44.37 -13.53
CA TRP C 943 -2.58 44.88 -14.87
C TRP C 943 -3.11 46.31 -14.82
N ASN C 944 -3.92 46.63 -13.80
CA ASN C 944 -4.44 47.99 -13.66
C ASN C 944 -3.32 48.98 -13.37
N VAL C 945 -2.36 48.61 -12.52
CA VAL C 945 -1.24 49.49 -12.22
C VAL C 945 -0.39 49.72 -13.47
N THR C 946 -0.11 48.65 -14.21
CA THR C 946 0.69 48.79 -15.42
C THR C 946 -0.04 49.61 -16.48
N ASP C 947 -1.36 49.44 -16.61
CA ASP C 947 -2.13 50.25 -17.54
C ASP C 947 -2.10 51.72 -17.16
N LEU C 948 -2.21 52.01 -15.87
CA LEU C 948 -2.12 53.41 -15.42
C LEU C 948 -0.77 54.01 -15.75
N ILE C 949 0.30 53.27 -15.48
CA ILE C 949 1.65 53.76 -15.78
C ILE C 949 1.82 53.98 -17.27
N ALA C 950 1.33 53.04 -18.09
CA ALA C 950 1.47 53.17 -19.53
C ALA C 950 0.68 54.35 -20.07
N ILE C 951 -0.53 54.59 -19.55
CA ILE C 951 -1.32 55.72 -20.00
C ILE C 951 -0.64 57.03 -19.62
N LEU C 952 -0.07 57.12 -18.41
CA LEU C 952 0.64 58.33 -18.02
C LEU C 952 1.87 58.54 -18.91
N LEU C 953 2.60 57.47 -19.22
CA LEU C 953 3.78 57.60 -20.08
C LEU C 953 3.39 58.02 -21.49
N PHE C 954 2.28 57.48 -22.01
CA PHE C 954 1.83 57.89 -23.34
C PHE C 954 1.39 59.34 -23.34
N SER C 955 0.74 59.80 -22.27
CA SER C 955 0.37 61.21 -22.18
C SER C 955 1.60 62.11 -22.17
N VAL C 956 2.64 61.72 -21.43
CA VAL C 956 3.88 62.49 -21.42
C VAL C 956 4.50 62.52 -22.82
N GLY C 957 4.54 61.36 -23.48
CA GLY C 957 5.11 61.30 -24.82
C GLY C 957 4.33 62.10 -25.84
N MET C 958 3.00 62.13 -25.71
CA MET C 958 2.18 62.92 -26.61
C MET C 958 2.36 64.41 -26.36
N ILE C 959 2.52 64.80 -25.10
CA ILE C 959 2.78 66.21 -24.79
C ILE C 959 4.11 66.64 -25.37
N LEU C 960 5.15 65.81 -25.19
CA LEU C 960 6.47 66.15 -25.71
C LEU C 960 6.52 66.08 -27.24
N ARG C 961 5.61 65.33 -27.86
CA ARG C 961 5.67 65.17 -29.32
C ARG C 961 5.28 66.44 -30.04
N LEU C 962 4.35 67.22 -29.48
CA LEU C 962 3.85 68.44 -30.12
C LEU C 962 4.72 69.65 -29.75
N GLN C 963 6.02 69.52 -29.99
CA GLN C 963 6.99 70.54 -29.64
C GLN C 963 8.00 70.62 -30.78
N ASP C 964 9.16 71.22 -30.50
CA ASP C 964 10.22 71.34 -31.48
C ASP C 964 10.87 69.97 -31.75
N GLN C 965 11.93 69.97 -32.56
CA GLN C 965 12.52 68.72 -33.04
C GLN C 965 13.07 67.81 -31.94
N PRO C 966 13.90 68.27 -30.98
CA PRO C 966 14.41 67.33 -29.98
C PRO C 966 13.32 66.76 -29.09
N PHE C 967 12.35 67.59 -28.68
CA PHE C 967 11.24 67.07 -27.90
C PHE C 967 10.36 66.15 -28.72
N ARG C 968 10.26 66.39 -30.02
CA ARG C 968 9.55 65.46 -30.90
C ARG C 968 10.24 64.10 -30.94
N SER C 969 11.57 64.09 -31.02
CA SER C 969 12.30 62.83 -31.00
C SER C 969 12.13 62.11 -29.67
N ASP C 970 12.15 62.86 -28.56
CA ASP C 970 11.94 62.25 -27.25
C ASP C 970 10.54 61.63 -27.16
N GLY C 971 9.52 62.34 -27.65
CA GLY C 971 8.18 61.78 -27.67
C GLY C 971 8.10 60.52 -28.53
N ARG C 972 8.81 60.50 -29.65
CA ARG C 972 8.83 59.31 -30.50
C ARG C 972 9.46 58.12 -29.76
N VAL C 973 10.54 58.37 -29.02
CA VAL C 973 11.18 57.30 -28.26
C VAL C 973 10.24 56.78 -27.18
N ILE C 974 9.52 57.67 -26.51
CA ILE C 974 8.53 57.25 -25.52
C ILE C 974 7.44 56.42 -26.19
N TYR C 975 7.05 56.79 -27.41
CA TYR C 975 6.09 55.98 -28.16
C TYR C 975 6.61 54.58 -28.41
N CYS C 976 7.88 54.45 -28.76
CA CYS C 976 8.46 53.13 -29.02
C CYS C 976 8.45 52.26 -27.75
N VAL C 977 8.84 52.83 -26.61
CA VAL C 977 8.81 52.07 -25.36
C VAL C 977 7.38 51.66 -25.02
N ASN C 978 6.42 52.57 -25.23
CA ASN C 978 5.03 52.24 -24.95
C ASN C 978 4.53 51.12 -25.86
N ILE C 979 4.99 51.08 -27.10
CA ILE C 979 4.55 50.01 -28.00
C ILE C 979 5.09 48.66 -27.53
N ILE C 980 6.26 48.65 -26.87
CA ILE C 980 6.71 47.41 -26.24
C ILE C 980 5.69 46.92 -25.23
N TYR C 981 5.21 47.83 -24.37
CA TYR C 981 4.25 47.41 -23.36
C TYR C 981 2.95 46.93 -24.00
N TRP C 982 2.44 47.65 -25.00
CA TRP C 982 1.16 47.26 -25.60
C TRP C 982 1.28 45.96 -26.40
N TYR C 983 2.47 45.63 -26.89
CA TYR C 983 2.67 44.30 -27.46
C TYR C 983 2.68 43.23 -26.38
N ILE C 984 3.31 43.51 -25.23
CA ILE C 984 3.35 42.54 -24.15
C ILE C 984 1.95 42.26 -23.61
N ARG C 985 1.09 43.27 -23.58
CA ARG C 985 -0.24 43.12 -23.00
C ARG C 985 -1.17 42.20 -23.79
N LEU C 986 -0.71 41.54 -24.87
CA LEU C 986 -1.54 40.57 -25.57
C LEU C 986 -1.70 39.28 -24.79
N LEU C 987 -0.85 39.03 -23.79
CA LEU C 987 -1.00 37.82 -22.99
C LEU C 987 -2.26 37.86 -22.15
N ASP C 988 -2.72 39.05 -21.78
CA ASP C 988 -4.01 39.18 -21.09
C ASP C 988 -5.16 38.70 -21.98
N ILE C 989 -5.10 39.02 -23.27
CA ILE C 989 -6.11 38.52 -24.20
C ILE C 989 -5.94 37.03 -24.42
N PHE C 990 -4.70 36.55 -24.50
CA PHE C 990 -4.45 35.12 -24.70
C PHE C 990 -4.93 34.29 -23.52
N GLY C 991 -5.00 34.89 -22.33
CA GLY C 991 -5.40 34.15 -21.14
C GLY C 991 -6.83 33.63 -21.12
N VAL C 992 -7.56 33.79 -22.22
CA VAL C 992 -8.90 33.22 -22.32
C VAL C 992 -8.86 31.80 -22.89
N ASN C 993 -7.84 31.48 -23.68
CA ASN C 993 -7.70 30.14 -24.22
C ASN C 993 -7.44 29.15 -23.10
N LYS C 994 -7.92 27.92 -23.29
CA LYS C 994 -7.84 26.91 -22.25
C LYS C 994 -6.39 26.49 -21.97
N TYR C 995 -5.51 26.60 -22.96
CA TYR C 995 -4.14 26.15 -22.83
C TYR C 995 -3.11 27.27 -22.77
N LEU C 996 -3.50 28.52 -23.03
CA LEU C 996 -2.58 29.63 -23.03
C LEU C 996 -2.66 30.50 -21.78
N GLY C 997 -3.46 30.12 -20.79
CA GLY C 997 -3.50 30.82 -19.53
C GLY C 997 -2.60 30.20 -18.46
N PRO C 998 -2.76 28.89 -18.25
CA PRO C 998 -1.82 28.19 -17.36
C PRO C 998 -0.37 28.35 -17.76
N TYR C 999 -0.07 28.39 -19.06
CA TYR C 999 1.31 28.59 -19.50
C TYR C 999 1.82 29.95 -19.08
N VAL C 1000 0.99 30.99 -19.18
CA VAL C 1000 1.41 32.32 -18.78
C VAL C 1000 1.66 32.38 -17.27
N MET C 1001 0.82 31.75 -16.47
CA MET C 1001 1.07 31.77 -15.03
C MET C 1001 2.32 30.96 -14.64
N MET C 1002 2.56 29.85 -15.33
CA MET C 1002 3.82 29.13 -15.13
C MET C 1002 5.00 30.01 -15.49
N ILE C 1003 4.88 30.79 -16.56
CA ILE C 1003 5.93 31.73 -16.93
C ILE C 1003 6.19 32.71 -15.79
N GLY C 1004 5.12 33.18 -15.15
CA GLY C 1004 5.31 34.11 -14.03
C GLY C 1004 6.13 33.52 -12.90
N LYS C 1005 5.81 32.31 -12.46
CA LYS C 1005 6.56 31.71 -11.35
C LYS C 1005 8.00 31.37 -11.75
N MET C 1006 8.18 30.83 -12.96
CA MET C 1006 9.53 30.57 -13.43
C MET C 1006 10.33 31.85 -13.57
N MET C 1007 9.67 33.00 -13.74
CA MET C 1007 10.40 34.27 -13.74
C MET C 1007 11.05 34.53 -12.39
N ILE C 1008 10.34 34.23 -11.29
CA ILE C 1008 10.94 34.40 -9.97
C ILE C 1008 12.17 33.51 -9.81
N ASP C 1009 12.04 32.23 -10.19
CA ASP C 1009 13.20 31.33 -10.07
C ASP C 1009 14.37 31.81 -10.93
N MET C 1010 14.08 32.26 -12.15
CA MET C 1010 15.11 32.77 -13.04
C MET C 1010 15.77 34.01 -12.47
N MET C 1011 15.02 34.83 -11.72
CA MET C 1011 15.62 35.99 -11.07
C MET C 1011 16.70 35.58 -10.07
N TYR C 1012 16.41 34.56 -9.25
CA TYR C 1012 17.42 34.10 -8.31
C TYR C 1012 18.69 33.65 -9.02
N PHE C 1013 18.55 32.83 -10.06
CA PHE C 1013 19.76 32.38 -10.74
C PHE C 1013 20.45 33.49 -11.53
N VAL C 1014 19.70 34.51 -11.97
CA VAL C 1014 20.29 35.64 -12.65
C VAL C 1014 21.20 36.42 -11.71
N ILE C 1015 20.85 36.51 -10.43
CA ILE C 1015 21.73 37.20 -9.46
C ILE C 1015 23.10 36.54 -9.41
N ILE C 1016 23.14 35.21 -9.29
CA ILE C 1016 24.42 34.52 -9.20
C ILE C 1016 25.23 34.69 -10.49
N MET C 1017 24.57 34.51 -11.64
CA MET C 1017 25.27 34.69 -12.92
C MET C 1017 25.79 36.11 -13.06
N LEU C 1018 25.07 37.10 -12.53
CA LEU C 1018 25.52 38.48 -12.61
C LEU C 1018 26.79 38.69 -11.79
N VAL C 1019 26.86 38.06 -10.62
CA VAL C 1019 28.09 38.15 -9.82
C VAL C 1019 29.28 37.60 -10.59
N VAL C 1020 29.12 36.41 -11.18
CA VAL C 1020 30.22 35.80 -11.92
C VAL C 1020 30.63 36.65 -13.12
N LEU C 1021 29.63 37.16 -13.85
CA LEU C 1021 29.89 37.98 -15.03
C LEU C 1021 30.63 39.26 -14.67
N MET C 1022 30.23 39.92 -13.57
CA MET C 1022 30.91 41.14 -13.15
C MET C 1022 32.36 40.85 -12.79
N SER C 1023 32.61 39.73 -12.09
CA SER C 1023 33.99 39.38 -11.74
C SER C 1023 34.85 39.23 -12.98
N PHE C 1024 34.39 38.44 -13.95
CA PHE C 1024 35.19 38.23 -15.16
C PHE C 1024 35.39 39.52 -15.94
N GLY C 1025 34.33 40.32 -16.08
CA GLY C 1025 34.45 41.54 -16.85
C GLY C 1025 35.42 42.54 -16.25
N VAL C 1026 35.35 42.73 -14.93
CA VAL C 1026 36.28 43.63 -14.27
C VAL C 1026 37.71 43.13 -14.43
N ALA C 1027 37.93 41.82 -14.26
CA ALA C 1027 39.27 41.27 -14.41
C ALA C 1027 39.83 41.53 -15.81
N ARG C 1028 39.04 41.23 -16.84
CA ARG C 1028 39.54 41.40 -18.20
C ARG C 1028 39.80 42.86 -18.53
N GLN C 1029 38.88 43.75 -18.15
CA GLN C 1029 39.05 45.17 -18.44
C GLN C 1029 40.26 45.74 -17.72
N ALA C 1030 40.51 45.31 -16.48
CA ALA C 1030 41.67 45.82 -15.75
C ALA C 1030 42.97 45.26 -16.31
N ILE C 1031 42.98 43.99 -16.74
CA ILE C 1031 44.22 43.40 -17.26
C ILE C 1031 44.59 44.01 -18.61
N LEU C 1032 43.62 44.13 -19.52
CA LEU C 1032 43.96 44.52 -20.88
C LEU C 1032 44.28 46.00 -21.02
N PHE C 1033 43.53 46.87 -20.34
CA PHE C 1033 43.68 48.33 -20.49
C PHE C 1033 44.13 48.92 -19.17
N PRO C 1034 45.43 49.12 -18.97
CA PRO C 1034 45.93 49.65 -17.68
C PRO C 1034 46.18 51.15 -17.64
N ASN C 1035 45.81 51.92 -18.66
CA ASN C 1035 46.10 53.34 -18.72
C ASN C 1035 44.85 54.12 -19.14
N GLU C 1036 43.73 53.84 -18.48
CA GLU C 1036 42.46 54.47 -18.81
C GLU C 1036 42.10 55.50 -17.74
N GLU C 1037 41.72 56.69 -18.19
CA GLU C 1037 41.21 57.71 -17.29
C GLU C 1037 39.82 57.32 -16.80
N PRO C 1038 39.41 57.82 -15.62
CA PRO C 1038 38.07 57.52 -15.13
C PRO C 1038 36.97 58.08 -16.01
N SER C 1039 36.19 57.21 -16.63
CA SER C 1039 35.11 57.60 -17.52
C SER C 1039 33.98 56.60 -17.41
N TRP C 1040 32.77 57.03 -17.77
CA TRP C 1040 31.61 56.16 -17.71
C TRP C 1040 31.66 55.03 -18.71
N LYS C 1041 32.56 55.08 -19.69
CA LYS C 1041 32.74 53.96 -20.61
C LYS C 1041 33.32 52.75 -19.92
N LEU C 1042 34.00 52.93 -18.78
CA LEU C 1042 34.50 51.79 -18.02
C LEU C 1042 33.35 50.95 -17.47
N ALA C 1043 32.28 51.59 -17.02
CA ALA C 1043 31.13 50.87 -16.48
C ALA C 1043 30.35 50.14 -17.56
N LYS C 1044 30.58 50.46 -18.83
CA LYS C 1044 29.89 49.79 -19.93
C LYS C 1044 30.64 48.54 -20.38
N ASN C 1045 31.97 48.60 -20.44
CA ASN C 1045 32.77 47.47 -20.90
C ASN C 1045 32.74 46.29 -19.95
N ILE C 1046 32.36 46.49 -18.69
CA ILE C 1046 32.30 45.39 -17.73
C ILE C 1046 31.12 44.46 -18.03
N PHE C 1047 29.95 45.02 -18.34
CA PHE C 1047 28.73 44.24 -18.47
C PHE C 1047 28.46 43.82 -19.91
N TYR C 1048 28.80 44.66 -20.88
CA TYR C 1048 28.42 44.48 -22.28
C TYR C 1048 28.98 43.20 -22.89
N MET C 1049 30.30 43.16 -23.04
CA MET C 1049 30.93 42.06 -23.76
C MET C 1049 30.80 40.72 -23.05
N PRO C 1050 31.03 40.59 -21.74
CA PRO C 1050 30.78 39.30 -21.09
C PRO C 1050 29.34 38.83 -21.18
N TYR C 1051 28.38 39.75 -21.23
CA TYR C 1051 26.99 39.32 -21.36
C TYR C 1051 26.69 38.82 -22.76
N TRP C 1052 27.19 39.51 -23.79
CA TRP C 1052 26.98 38.97 -25.13
C TRP C 1052 27.80 37.72 -25.39
N MET C 1053 28.84 37.48 -24.60
CA MET C 1053 29.70 36.32 -24.81
C MET C 1053 28.99 35.01 -24.54
N ILE C 1054 28.12 34.97 -23.52
CA ILE C 1054 27.48 33.70 -23.13
C ILE C 1054 26.28 33.36 -24.00
N TYR C 1055 25.98 34.16 -25.01
CA TYR C 1055 24.89 33.88 -25.94
C TYR C 1055 25.41 33.53 -27.33
N GLY C 1056 26.62 33.01 -27.41
CA GLY C 1056 27.19 32.54 -28.65
C GLY C 1056 28.18 33.47 -29.32
N GLU C 1057 28.24 34.74 -28.90
CA GLU C 1057 29.21 35.67 -29.47
C GLU C 1057 30.52 35.59 -28.69
N VAL C 1058 31.32 34.57 -29.01
CA VAL C 1058 32.51 34.24 -28.22
C VAL C 1058 33.75 34.55 -29.06
N PHE C 1059 33.66 35.58 -29.89
CA PHE C 1059 34.74 36.03 -30.76
C PHE C 1059 36.05 36.16 -29.99
N ALA C 1060 37.02 35.32 -30.35
CA ALA C 1060 38.26 35.20 -29.61
C ALA C 1060 39.35 36.15 -30.07
N ASP C 1061 39.08 36.98 -31.07
CA ASP C 1061 40.02 38.02 -31.47
C ASP C 1061 39.78 39.32 -30.72
N GLN C 1062 38.54 39.61 -30.35
CA GLN C 1062 38.23 40.82 -29.61
C GLN C 1062 38.67 40.70 -28.15
N ILE C 1063 38.58 39.51 -27.58
CA ILE C 1063 39.06 39.24 -26.23
C ILE C 1063 40.39 38.52 -26.33
N ASP C 1064 41.38 38.98 -25.57
CA ASP C 1064 42.78 38.56 -25.68
C ASP C 1064 43.27 38.72 -27.11
N PRO C 1065 43.50 39.95 -27.57
CA PRO C 1065 43.97 40.16 -28.94
C PRO C 1065 45.37 39.61 -29.12
N PRO C 1066 45.74 39.23 -30.33
CA PRO C 1066 47.08 38.67 -30.56
C PRO C 1066 48.18 39.73 -30.46
N CYS C 1067 48.57 40.06 -29.24
CA CYS C 1067 49.62 41.06 -29.03
C CYS C 1067 50.88 40.40 -28.49
N GLN C 1080 56.17 44.76 -35.91
CA GLN C 1080 54.89 44.53 -36.56
C GLN C 1080 53.77 44.39 -35.54
N LEU C 1081 53.78 43.29 -34.81
CA LEU C 1081 52.75 43.04 -33.81
C LEU C 1081 52.89 44.03 -32.65
N PRO C 1082 51.77 44.50 -32.11
CA PRO C 1082 51.83 45.42 -30.98
C PRO C 1082 52.35 44.72 -29.74
N PRO C 1083 52.95 45.45 -28.80
CA PRO C 1083 53.51 44.81 -27.60
C PRO C 1083 52.43 44.14 -26.76
N CYS C 1084 52.78 43.00 -26.18
CA CYS C 1084 51.85 42.25 -25.34
C CYS C 1084 51.80 42.86 -23.95
N LYS C 1085 50.59 43.03 -23.42
CA LYS C 1085 50.43 43.58 -22.08
C LYS C 1085 50.89 42.57 -21.04
N THR C 1086 51.25 43.09 -19.87
CA THR C 1086 51.76 42.24 -18.79
C THR C 1086 50.64 41.35 -18.27
N GLY C 1087 50.87 40.04 -18.29
CA GLY C 1087 49.86 39.10 -17.82
C GLY C 1087 48.62 39.04 -18.67
N ALA C 1088 48.75 39.16 -19.98
CA ALA C 1088 47.61 39.04 -20.87
C ALA C 1088 47.31 37.60 -21.25
N TRP C 1089 48.12 36.65 -20.80
CA TRP C 1089 47.84 35.24 -21.01
C TRP C 1089 46.81 34.69 -20.04
N ILE C 1090 46.46 35.44 -19.00
CA ILE C 1090 45.46 34.99 -18.04
C ILE C 1090 44.05 35.14 -18.59
N VAL C 1091 43.84 36.06 -19.53
CA VAL C 1091 42.48 36.34 -20.01
C VAL C 1091 41.83 35.13 -20.68
N PRO C 1092 42.50 34.38 -21.57
CA PRO C 1092 41.84 33.17 -22.10
C PRO C 1092 41.57 32.11 -21.05
N ALA C 1093 42.43 31.94 -20.04
CA ALA C 1093 42.16 30.97 -18.99
C ALA C 1093 40.93 31.36 -18.17
N ILE C 1094 40.83 32.65 -17.82
CA ILE C 1094 39.66 33.13 -17.09
C ILE C 1094 38.41 33.01 -17.95
N MET C 1095 38.54 33.24 -19.26
CA MET C 1095 37.41 33.07 -20.16
C MET C 1095 36.94 31.63 -20.20
N ALA C 1096 37.88 30.68 -20.23
CA ALA C 1096 37.51 29.27 -20.23
C ALA C 1096 36.76 28.89 -18.97
N CYS C 1097 37.27 29.32 -17.81
CA CYS C 1097 36.60 29.02 -16.55
C CYS C 1097 35.22 29.67 -16.50
N TYR C 1098 35.10 30.92 -16.96
CA TYR C 1098 33.83 31.63 -16.92
C TYR C 1098 32.80 30.97 -17.82
N LEU C 1099 33.20 30.56 -19.03
CA LEU C 1099 32.28 29.89 -19.93
C LEU C 1099 31.84 28.54 -19.36
N LEU C 1100 32.77 27.79 -18.78
CA LEU C 1100 32.42 26.50 -18.19
C LEU C 1100 31.43 26.67 -17.04
N VAL C 1101 31.63 27.69 -16.21
CA VAL C 1101 30.71 27.90 -15.09
C VAL C 1101 29.34 28.37 -15.59
N ALA C 1102 29.32 29.32 -16.51
CA ALA C 1102 28.04 29.92 -16.90
C ALA C 1102 27.21 29.01 -17.79
N ASN C 1103 27.81 28.34 -18.77
CA ASN C 1103 27.05 27.64 -19.79
C ASN C 1103 26.90 26.14 -19.54
N ILE C 1104 27.54 25.59 -18.50
CA ILE C 1104 27.46 24.16 -18.27
C ILE C 1104 26.89 23.87 -16.89
N LEU C 1105 27.13 24.76 -15.93
CA LEU C 1105 26.75 24.52 -14.55
C LEU C 1105 25.46 25.22 -14.16
N LEU C 1106 25.42 26.54 -14.28
CA LEU C 1106 24.28 27.29 -13.78
C LEU C 1106 23.05 27.09 -14.64
N VAL C 1107 23.21 27.06 -15.97
CA VAL C 1107 22.04 26.88 -16.83
C VAL C 1107 21.48 25.46 -16.70
N ASN C 1108 22.35 24.46 -16.55
CA ASN C 1108 21.86 23.10 -16.34
C ASN C 1108 21.17 22.96 -14.99
N LEU C 1109 21.71 23.62 -13.96
CA LEU C 1109 21.04 23.60 -12.66
C LEU C 1109 19.68 24.29 -12.75
N LEU C 1110 19.59 25.37 -13.53
CA LEU C 1110 18.31 26.04 -13.72
C LEU C 1110 17.31 25.16 -14.45
N ILE C 1111 17.79 24.40 -15.45
CA ILE C 1111 16.92 23.46 -16.14
C ILE C 1111 16.41 22.40 -15.16
N ALA C 1112 17.29 21.91 -14.29
CA ALA C 1112 16.86 20.94 -13.28
C ALA C 1112 15.83 21.52 -12.32
N VAL C 1113 16.03 22.79 -11.92
CA VAL C 1113 15.10 23.44 -11.01
C VAL C 1113 13.73 23.59 -11.67
N PHE C 1114 13.70 24.02 -12.93
CA PHE C 1114 12.43 24.12 -13.65
C PHE C 1114 11.79 22.75 -13.82
N ASN C 1115 12.61 21.71 -14.01
CA ASN C 1115 12.08 20.39 -14.29
C ASN C 1115 11.45 19.76 -13.05
N ASN C 1116 12.09 19.90 -11.90
CA ASN C 1116 11.65 19.22 -10.69
C ASN C 1116 10.57 19.97 -9.92
N THR C 1117 10.20 21.18 -10.35
CA THR C 1117 9.12 21.94 -9.74
C THR C 1117 8.09 22.34 -10.79
N PHE C 1118 7.70 21.41 -11.65
CA PHE C 1118 6.75 21.70 -12.71
C PHE C 1118 5.36 21.17 -12.43
N PHE C 1119 5.24 20.02 -11.78
CA PHE C 1119 3.92 19.43 -11.56
C PHE C 1119 3.07 20.29 -10.62
N GLU C 1120 3.68 20.74 -9.52
CA GLU C 1120 2.95 21.57 -8.57
C GLU C 1120 2.54 22.90 -9.21
N VAL C 1121 3.47 23.52 -9.94
CA VAL C 1121 3.17 24.80 -10.58
C VAL C 1121 2.07 24.64 -11.62
N LYS C 1122 2.11 23.55 -12.38
CA LYS C 1122 1.08 23.29 -13.39
C LYS C 1122 -0.30 23.12 -12.74
N SER C 1123 -0.37 22.33 -11.68
CA SER C 1123 -1.67 22.12 -11.03
C SER C 1123 -2.20 23.41 -10.42
N ILE C 1124 -1.32 24.19 -9.76
CA ILE C 1124 -1.74 25.45 -9.18
C ILE C 1124 -2.23 26.42 -10.26
N SER C 1125 -1.52 26.47 -11.39
CA SER C 1125 -1.92 27.36 -12.47
C SER C 1125 -3.27 26.96 -13.05
N ASN C 1126 -3.52 25.66 -13.21
CA ASN C 1126 -4.82 25.21 -13.70
C ASN C 1126 -5.94 25.63 -12.75
N GLN C 1127 -5.74 25.41 -11.45
CA GLN C 1127 -6.78 25.78 -10.48
C GLN C 1127 -7.02 27.29 -10.48
N VAL C 1128 -5.96 28.09 -10.52
CA VAL C 1128 -6.11 29.54 -10.47
C VAL C 1128 -6.79 30.06 -11.74
N TRP C 1129 -6.47 29.48 -12.90
CA TRP C 1129 -7.14 29.91 -14.12
C TRP C 1129 -8.63 29.57 -14.08
N LYS C 1130 -8.97 28.36 -13.63
CA LYS C 1130 -10.37 28.01 -13.51
C LYS C 1130 -11.09 28.90 -12.51
N PHE C 1131 -10.39 29.38 -11.48
CA PHE C 1131 -11.01 30.30 -10.54
C PHE C 1131 -11.23 31.69 -11.16
N GLN C 1132 -10.25 32.18 -11.92
CA GLN C 1132 -10.34 33.52 -12.49
C GLN C 1132 -11.25 33.60 -13.72
N ARG C 1133 -11.68 32.46 -14.25
CA ARG C 1133 -12.69 32.48 -15.31
C ARG C 1133 -13.94 33.23 -14.87
N TYR C 1134 -14.34 33.08 -13.61
CA TYR C 1134 -15.52 33.78 -13.11
C TYR C 1134 -15.33 35.29 -13.18
N GLN C 1135 -14.17 35.78 -12.74
CA GLN C 1135 -13.93 37.22 -12.77
C GLN C 1135 -13.90 37.74 -14.19
N LEU C 1136 -13.32 36.97 -15.12
CA LEU C 1136 -13.32 37.37 -16.52
C LEU C 1136 -14.75 37.50 -17.05
N ILE C 1137 -15.58 36.49 -16.78
CA ILE C 1137 -16.95 36.50 -17.28
C ILE C 1137 -17.74 37.66 -16.68
N MET C 1138 -17.56 37.91 -15.37
CA MET C 1138 -18.29 38.99 -14.74
C MET C 1138 -17.85 40.36 -15.26
N THR C 1139 -16.54 40.56 -15.43
CA THR C 1139 -16.08 41.87 -15.89
C THR C 1139 -16.39 42.11 -17.36
N PHE C 1140 -16.61 41.06 -18.14
CA PHE C 1140 -17.10 41.29 -19.50
C PHE C 1140 -18.62 41.35 -19.58
N HIS C 1141 -19.32 40.85 -18.56
CA HIS C 1141 -20.76 41.03 -18.49
C HIS C 1141 -21.14 42.44 -18.06
N GLU C 1142 -20.33 43.04 -17.19
CA GLU C 1142 -20.61 44.39 -16.71
C GLU C 1142 -20.17 45.48 -17.68
N ARG C 1143 -19.33 45.16 -18.65
CA ARG C 1143 -18.79 46.15 -19.58
C ARG C 1143 -19.85 46.61 -20.58
N PRO C 1144 -19.68 47.80 -21.15
CA PRO C 1144 -20.59 48.25 -22.21
C PRO C 1144 -20.40 47.43 -23.48
N VAL C 1145 -21.21 47.76 -24.50
CA VAL C 1145 -21.20 46.97 -25.74
C VAL C 1145 -20.12 47.45 -26.69
N LEU C 1146 -19.98 48.75 -26.88
CA LEU C 1146 -19.06 49.28 -27.88
C LEU C 1146 -17.62 49.23 -27.37
N PRO C 1147 -16.67 48.88 -28.23
CA PRO C 1147 -15.27 48.82 -27.84
C PRO C 1147 -14.69 50.21 -27.62
N PRO C 1148 -13.52 50.32 -26.99
CA PRO C 1148 -12.97 51.63 -26.60
C PRO C 1148 -12.74 52.60 -27.76
N PRO C 1149 -12.48 52.15 -29.01
CA PRO C 1149 -12.42 53.14 -30.09
C PRO C 1149 -13.68 53.96 -30.25
N LEU C 1150 -14.85 53.35 -30.04
CA LEU C 1150 -16.13 54.03 -30.17
C LEU C 1150 -16.99 53.84 -28.93
N ILE C 1151 -16.36 53.78 -27.75
CA ILE C 1151 -17.09 53.67 -26.49
C ILE C 1151 -17.51 55.02 -25.97
N ILE C 1152 -17.04 56.11 -26.60
CA ILE C 1152 -17.42 57.45 -26.16
C ILE C 1152 -18.92 57.70 -26.35
N PHE C 1153 -19.56 56.98 -27.27
CA PHE C 1153 -21.01 57.07 -27.40
C PHE C 1153 -21.70 56.45 -26.19
N SER C 1154 -21.22 55.29 -25.74
CA SER C 1154 -21.81 54.64 -24.57
C SER C 1154 -21.56 55.40 -23.29
N HIS C 1155 -20.51 56.21 -23.23
CA HIS C 1155 -20.27 57.03 -22.05
C HIS C 1155 -21.21 58.22 -21.96
N MET C 1156 -21.59 58.80 -23.10
CA MET C 1156 -22.51 59.93 -23.09
C MET C 1156 -23.92 59.49 -22.70
N THR C 1157 -24.33 58.29 -23.10
CA THR C 1157 -25.66 57.81 -22.75
C THR C 1157 -25.80 57.57 -21.26
N MET C 1158 -24.72 57.20 -20.59
CA MET C 1158 -24.76 57.05 -19.12
C MET C 1158 -25.00 58.40 -18.45
N ILE C 1159 -24.41 59.47 -18.99
CA ILE C 1159 -24.67 60.80 -18.47
C ILE C 1159 -26.11 61.20 -18.73
N PHE C 1160 -26.63 60.90 -19.92
CA PHE C 1160 -28.02 61.23 -20.23
C PHE C 1160 -29.00 60.43 -19.38
N GLN C 1161 -28.68 59.17 -19.12
CA GLN C 1161 -29.52 58.33 -18.25
C GLN C 1161 -29.26 58.59 -16.78
N HIS C 1162 -28.27 59.42 -16.43
CA HIS C 1162 -28.02 59.76 -15.04
C HIS C 1162 -29.15 60.61 -14.46
N VAL C 1163 -29.75 61.48 -15.27
CA VAL C 1163 -30.81 62.36 -14.80
C VAL C 1163 -32.13 61.64 -14.58
N CYS C 1164 -32.25 60.40 -15.04
CA CYS C 1164 -33.49 59.63 -14.89
C CYS C 1164 -33.52 58.93 -13.53
N ARG C 1177 -30.85 42.08 -12.65
CA ARG C 1177 -30.05 41.07 -13.31
C ARG C 1177 -30.83 39.77 -13.45
N ASP C 1178 -31.59 39.63 -14.54
CA ASP C 1178 -32.37 38.43 -14.76
C ASP C 1178 -31.48 37.20 -14.89
N TYR C 1179 -30.35 37.34 -15.59
CA TYR C 1179 -29.34 36.30 -15.63
C TYR C 1179 -27.99 36.97 -15.88
N GLY C 1180 -26.93 36.22 -15.62
CA GLY C 1180 -25.59 36.79 -15.66
C GLY C 1180 -25.03 36.94 -14.27
N LEU C 1181 -25.89 37.28 -13.32
CA LEU C 1181 -25.55 37.25 -11.91
C LEU C 1181 -26.42 36.29 -11.12
N LYS C 1182 -27.75 36.41 -11.22
CA LYS C 1182 -28.65 35.64 -10.38
C LYS C 1182 -29.69 34.91 -11.20
N LEU C 1183 -30.67 34.31 -10.52
CA LEU C 1183 -31.76 33.60 -11.19
C LEU C 1183 -32.94 33.59 -10.23
N PHE C 1184 -33.99 34.34 -10.54
CA PHE C 1184 -35.14 34.47 -9.67
C PHE C 1184 -36.19 33.42 -10.02
N ILE C 1185 -36.66 32.69 -9.02
CA ILE C 1185 -37.61 31.60 -9.22
C ILE C 1185 -38.77 31.76 -8.26
N THR C 1186 -39.88 31.09 -8.60
CA THR C 1186 -41.11 31.18 -7.83
C THR C 1186 -41.00 30.31 -6.58
N ASP C 1187 -42.11 30.22 -5.84
CA ASP C 1187 -42.11 29.45 -4.60
C ASP C 1187 -42.14 27.95 -4.84
N ASP C 1188 -42.82 27.50 -5.90
CA ASP C 1188 -42.82 26.08 -6.23
C ASP C 1188 -41.41 25.61 -6.58
N GLU C 1189 -40.70 26.38 -7.40
CA GLU C 1189 -39.34 26.03 -7.76
C GLU C 1189 -38.42 26.07 -6.55
N LEU C 1190 -38.63 27.04 -5.65
CA LEU C 1190 -37.83 27.10 -4.44
C LEU C 1190 -38.07 25.88 -3.56
N LYS C 1191 -39.32 25.45 -3.43
CA LYS C 1191 -39.64 24.27 -2.65
C LYS C 1191 -39.01 23.02 -3.27
N LYS C 1192 -39.07 22.90 -4.59
CA LYS C 1192 -38.47 21.75 -5.26
C LYS C 1192 -36.96 21.74 -5.09
N VAL C 1193 -36.33 22.91 -5.16
CA VAL C 1193 -34.89 23.03 -4.95
C VAL C 1193 -34.52 22.62 -3.52
N HIS C 1194 -35.31 23.08 -2.54
CA HIS C 1194 -35.03 22.71 -1.15
C HIS C 1194 -35.17 21.20 -0.93
N ASP C 1195 -36.20 20.60 -1.51
CA ASP C 1195 -36.37 19.15 -1.38
C ASP C 1195 -35.22 18.40 -2.03
N PHE C 1196 -34.78 18.86 -3.21
CA PHE C 1196 -33.65 18.23 -3.88
C PHE C 1196 -32.37 18.34 -3.04
N GLU C 1197 -32.15 19.50 -2.43
CA GLU C 1197 -30.95 19.69 -1.62
C GLU C 1197 -30.98 18.80 -0.37
N GLU C 1198 -32.14 18.67 0.27
CA GLU C 1198 -32.25 17.80 1.43
C GLU C 1198 -32.01 16.34 1.03
N GLN C 1199 -32.56 15.92 -0.11
CA GLN C 1199 -32.30 14.58 -0.59
C GLN C 1199 -30.83 14.35 -0.85
N CYS C 1200 -30.16 15.34 -1.47
CA CYS C 1200 -28.73 15.20 -1.77
C CYS C 1200 -27.91 15.10 -0.49
N ILE C 1201 -28.21 15.92 0.52
CA ILE C 1201 -27.39 15.89 1.72
C ILE C 1201 -27.61 14.60 2.51
N GLU C 1202 -28.86 14.11 2.57
CA GLU C 1202 -29.08 12.85 3.28
C GLU C 1202 -28.45 11.68 2.53
N GLU C 1203 -28.49 11.70 1.20
CA GLU C 1203 -27.80 10.67 0.43
C GLU C 1203 -26.29 10.72 0.65
N TYR C 1204 -25.74 11.93 0.73
CA TYR C 1204 -24.30 12.08 0.97
C TYR C 1204 -23.90 11.51 2.31
N PHE C 1205 -24.67 11.81 3.36
CA PHE C 1205 -24.35 11.28 4.67
C PHE C 1205 -24.50 9.76 4.72
N ARG C 1206 -25.54 9.23 4.08
CA ARG C 1206 -25.74 7.79 4.06
C ARG C 1206 -24.59 7.09 3.32
N GLU C 1207 -24.17 7.64 2.19
CA GLU C 1207 -23.06 7.06 1.45
C GLU C 1207 -21.76 7.13 2.25
N LYS C 1208 -21.52 8.25 2.93
CA LYS C 1208 -20.33 8.38 3.76
C LYS C 1208 -20.30 7.36 4.87
N ASP C 1209 -21.43 7.16 5.55
CA ASP C 1209 -21.48 6.17 6.63
C ASP C 1209 -21.30 4.76 6.09
N ASP C 1210 -21.94 4.44 4.96
CA ASP C 1210 -21.79 3.10 4.39
C ASP C 1210 -20.36 2.84 3.94
N ARG C 1211 -19.69 3.84 3.38
CA ARG C 1211 -18.30 3.67 2.97
C ARG C 1211 -17.37 3.55 4.17
N PHE C 1212 -17.67 4.27 5.26
CA PHE C 1212 -16.84 4.13 6.46
C PHE C 1212 -17.01 2.75 7.10
N ASN C 1213 -18.24 2.24 7.16
CA ASN C 1213 -18.47 0.97 7.83
C ASN C 1213 -17.93 -0.22 7.07
N SER C 1214 -17.61 -0.06 5.79
CA SER C 1214 -17.11 -1.15 4.96
C SER C 1214 -15.59 -1.11 4.78
N SER C 1215 -14.91 -0.21 5.47
CA SER C 1215 -13.46 -0.15 5.37
C SER C 1215 -12.82 -1.34 6.09
N ASN C 1216 -11.60 -1.66 5.68
CA ASN C 1216 -10.90 -2.78 6.30
C ASN C 1216 -10.56 -2.51 7.75
N ASP C 1217 -10.17 -1.27 8.07
CA ASP C 1217 -9.77 -0.95 9.45
C ASP C 1217 -10.93 -1.10 10.41
N GLU C 1218 -12.11 -0.62 10.03
CA GLU C 1218 -13.28 -0.73 10.89
C GLU C 1218 -13.68 -2.19 11.08
N ARG C 1219 -13.63 -2.99 10.01
CA ARG C 1219 -13.96 -4.40 10.12
C ARG C 1219 -12.98 -5.12 11.04
N ILE C 1220 -11.69 -4.80 10.92
CA ILE C 1220 -10.69 -5.43 11.78
C ILE C 1220 -10.91 -5.05 13.24
N ARG C 1221 -11.20 -3.77 13.50
CA ARG C 1221 -11.43 -3.34 14.89
C ARG C 1221 -12.65 -4.01 15.48
N VAL C 1222 -13.76 -4.05 14.72
CA VAL C 1222 -14.99 -4.67 15.23
C VAL C 1222 -14.77 -6.16 15.45
N THR C 1223 -14.09 -6.83 14.52
CA THR C 1223 -13.80 -8.25 14.69
C THR C 1223 -12.96 -8.50 15.93
N SER C 1224 -11.95 -7.66 16.17
CA SER C 1224 -11.12 -7.84 17.36
C SER C 1224 -11.92 -7.66 18.63
N GLU C 1225 -12.77 -6.63 18.69
CA GLU C 1225 -13.57 -6.41 19.90
C GLU C 1225 -14.53 -7.56 20.14
N ARG C 1226 -15.21 -8.04 19.09
CA ARG C 1226 -16.15 -9.14 19.27
C ARG C 1226 -15.43 -10.43 19.64
N VAL C 1227 -14.22 -10.64 19.09
CA VAL C 1227 -13.45 -11.83 19.46
C VAL C 1227 -13.05 -11.77 20.93
N GLU C 1228 -12.65 -10.59 21.41
CA GLU C 1228 -12.30 -10.45 22.83
C GLU C 1228 -13.51 -10.74 23.72
N ASN C 1229 -14.68 -10.18 23.37
CA ASN C 1229 -15.88 -10.44 24.16
C ASN C 1229 -16.26 -11.91 24.13
N MET C 1230 -16.17 -12.56 22.97
CA MET C 1230 -16.50 -13.97 22.86
C MET C 1230 -15.53 -14.83 23.66
N SER C 1231 -14.24 -14.47 23.66
CA SER C 1231 -13.27 -15.22 24.44
C SER C 1231 -13.59 -15.11 25.93
N MET C 1232 -13.91 -13.91 26.40
CA MET C 1232 -14.26 -13.74 27.81
C MET C 1232 -15.51 -14.56 28.16
N ARG C 1233 -16.52 -14.51 27.29
CA ARG C 1233 -17.75 -15.25 27.55
C ARG C 1233 -17.51 -16.77 27.54
N LEU C 1234 -16.66 -17.24 26.64
CA LEU C 1234 -16.37 -18.67 26.57
C LEU C 1234 -15.59 -19.13 27.79
N GLU C 1235 -14.65 -18.32 28.27
CA GLU C 1235 -13.96 -18.66 29.50
C GLU C 1235 -14.91 -18.69 30.69
N GLU C 1236 -15.87 -17.75 30.71
CA GLU C 1236 -16.89 -17.76 31.76
C GLU C 1236 -17.73 -19.04 31.71
N VAL C 1237 -18.13 -19.45 30.50
CA VAL C 1237 -18.93 -20.66 30.36
C VAL C 1237 -18.14 -21.89 30.77
N ASN C 1238 -16.89 -21.99 30.34
CA ASN C 1238 -16.08 -23.17 30.66
C ASN C 1238 -15.78 -23.24 32.15
N GLU C 1239 -15.55 -22.10 32.79
CA GLU C 1239 -15.32 -22.09 34.23
C GLU C 1239 -16.53 -22.59 35.00
N ARG C 1240 -17.73 -22.37 34.48
CA ARG C 1240 -18.97 -22.85 35.09
C ARG C 1240 -19.27 -24.26 34.61
N GLU C 1241 -18.61 -25.25 35.22
CA GLU C 1241 -18.85 -26.65 34.91
C GLU C 1241 -19.11 -27.43 36.19
N HIS C 1242 -20.08 -28.34 36.12
CA HIS C 1242 -20.49 -29.11 37.30
C HIS C 1242 -20.25 -30.59 37.13
N SER C 1243 -20.34 -31.11 35.91
CA SER C 1243 -20.15 -32.53 35.65
C SER C 1243 -18.68 -32.93 35.82
N UNK D 1 1.80 31.82 54.80
CA UNK D 1 0.69 31.42 53.96
C UNK D 1 -0.56 31.19 54.80
N UNK D 2 -1.71 31.14 54.13
CA UNK D 2 -2.99 30.97 54.82
C UNK D 2 -3.32 29.50 55.07
N UNK D 3 -2.30 28.72 55.41
CA UNK D 3 -2.50 27.31 55.73
C UNK D 3 -2.30 27.09 57.23
N UNK D 4 -1.76 28.10 57.89
CA UNK D 4 -1.55 28.06 59.33
C UNK D 4 -2.76 28.61 60.08
N UNK D 5 -3.95 28.38 59.52
CA UNK D 5 -5.19 28.83 60.13
C UNK D 5 -5.87 27.66 60.85
N UNK D 6 -5.09 26.63 61.14
CA UNK D 6 -5.61 25.44 61.81
C UNK D 6 -4.92 25.24 63.16
N UNK D 7 -4.78 23.98 63.57
CA UNK D 7 -4.15 23.65 64.85
C UNK D 7 -3.63 22.22 64.85
N UNK D 8 -3.41 21.68 66.04
CA UNK D 8 -2.91 20.32 66.18
C UNK D 8 -3.24 19.77 67.57
N UNK D 9 -2.60 18.66 67.94
CA UNK D 9 -2.84 18.03 69.23
C UNK D 9 -1.65 17.20 69.68
N UNK D 10 -1.07 17.57 70.82
CA UNK D 10 0.07 16.84 71.38
C UNK D 10 -0.13 16.61 72.87
N UNK D 11 0.24 15.41 73.33
CA UNK D 11 0.06 15.04 74.73
C UNK D 11 1.01 15.82 75.63
N UNK D 12 0.46 16.55 76.59
CA UNK D 12 1.26 17.34 77.52
C UNK D 12 1.73 16.49 78.70
N UNK D 13 0.93 16.48 79.76
CA UNK D 13 1.27 15.71 80.96
C UNK D 13 0.54 14.37 80.96
N UNK D 14 1.13 13.40 80.28
CA UNK D 14 0.52 12.07 80.17
C UNK D 14 1.22 11.08 81.09
N UNK D 15 0.46 10.12 81.60
CA UNK D 15 1.00 9.09 82.49
C UNK D 15 0.17 7.80 82.39
N UNK D 16 0.81 6.74 81.94
CA UNK D 16 0.13 5.45 81.80
C UNK D 16 1.13 4.30 81.91
N UNK D 17 0.60 3.10 82.17
CA UNK D 17 1.39 1.89 82.35
C UNK D 17 2.47 2.05 83.41
N ILE E 129 29.08 -65.05 36.93
CA ILE E 129 30.22 -65.03 37.83
C ILE E 129 30.08 -63.87 38.81
N SER E 130 31.04 -63.77 39.72
CA SER E 130 31.05 -62.71 40.74
C SER E 130 31.82 -61.49 40.26
N LYS E 131 31.48 -61.00 39.08
CA LYS E 131 32.10 -59.83 38.46
C LYS E 131 33.62 -59.99 38.34
N HIS E 132 34.01 -60.99 37.57
CA HIS E 132 35.42 -61.25 37.27
C HIS E 132 35.67 -60.84 35.82
N THR E 133 35.99 -59.55 35.64
CA THR E 133 36.16 -58.97 34.31
C THR E 133 37.57 -58.40 34.18
N GLN E 134 37.88 -57.95 32.97
CA GLN E 134 39.18 -57.38 32.66
C GLN E 134 39.11 -55.86 32.71
N LEU E 135 40.11 -55.25 33.35
CA LEU E 135 40.12 -53.80 33.56
C LEU E 135 40.84 -53.08 32.42
N SER E 136 40.35 -53.29 31.22
CA SER E 136 40.94 -52.70 30.03
C SER E 136 40.69 -51.19 30.00
N PRO E 137 41.55 -50.44 29.31
CA PRO E 137 41.31 -48.99 29.18
C PRO E 137 40.19 -48.70 28.19
N THR E 138 39.73 -47.46 28.21
CA THR E 138 38.66 -47.03 27.31
C THR E 138 39.16 -47.01 25.87
N ASP E 139 38.27 -47.35 24.93
CA ASP E 139 38.65 -47.42 23.54
C ASP E 139 37.57 -46.90 22.60
N ALA E 140 36.65 -46.07 23.08
CA ALA E 140 35.54 -45.60 22.25
C ALA E 140 35.13 -44.20 22.74
N PHE E 141 35.51 -43.18 21.98
CA PHE E 141 35.09 -41.82 22.28
C PHE E 141 35.17 -40.99 21.00
N GLY E 142 34.46 -39.87 21.01
CA GLY E 142 34.48 -38.98 19.86
C GLY E 142 33.13 -38.36 19.54
N THR E 143 32.73 -38.43 18.28
CA THR E 143 31.48 -37.84 17.81
C THR E 143 30.84 -38.79 16.82
N ILE E 144 29.52 -38.91 16.88
CA ILE E 144 28.78 -39.80 15.99
C ILE E 144 27.78 -38.98 15.19
N GLU E 145 27.70 -39.24 13.89
CA GLU E 145 26.72 -38.65 13.01
C GLU E 145 25.59 -39.63 12.79
N PHE E 146 24.39 -39.25 13.20
CA PHE E 146 23.22 -40.12 13.08
C PHE E 146 22.72 -40.06 11.65
N GLN E 147 23.20 -40.99 10.82
CA GLN E 147 22.72 -41.10 9.45
C GLN E 147 21.29 -41.64 9.43
N GLY E 148 20.53 -41.18 8.46
CA GLY E 148 19.17 -41.66 8.28
C GLY E 148 18.08 -40.67 8.58
N GLY E 149 18.19 -39.91 9.68
CA GLY E 149 17.17 -38.94 10.01
C GLY E 149 17.23 -37.72 9.12
N GLY E 150 16.17 -36.91 9.19
CA GLY E 150 16.15 -35.68 8.40
C GLY E 150 16.89 -34.54 9.07
N HIS E 151 17.49 -34.81 10.23
CA HIS E 151 18.20 -33.81 11.01
C HIS E 151 19.69 -34.13 11.00
N SER E 152 20.51 -33.09 10.81
CA SER E 152 21.96 -33.22 10.91
C SER E 152 22.36 -32.97 12.36
N ASN E 153 22.42 -34.05 13.15
CA ASN E 153 22.65 -33.95 14.57
C ASN E 153 23.99 -34.59 14.93
N LYS E 154 24.80 -33.86 15.69
CA LYS E 154 26.07 -34.36 16.22
C LYS E 154 25.86 -34.73 17.68
N ALA E 155 26.54 -35.80 18.12
CA ALA E 155 26.43 -36.24 19.50
C ALA E 155 27.78 -36.75 19.96
N MET E 156 28.38 -36.06 20.92
CA MET E 156 29.59 -36.55 21.55
C MET E 156 29.29 -37.77 22.41
N TYR E 157 30.27 -38.65 22.55
CA TYR E 157 30.06 -39.86 23.31
C TYR E 157 31.40 -40.37 23.84
N VAL E 158 31.35 -41.00 25.02
CA VAL E 158 32.50 -41.67 25.59
C VAL E 158 32.04 -43.01 26.14
N ARG E 159 33.00 -43.92 26.32
CA ARG E 159 32.73 -45.23 26.91
C ARG E 159 33.62 -45.37 28.14
N VAL E 160 33.02 -45.36 29.32
CA VAL E 160 33.73 -45.42 30.58
C VAL E 160 33.15 -46.54 31.43
N SER E 161 33.92 -46.98 32.42
CA SER E 161 33.46 -47.99 33.34
C SER E 161 32.36 -47.44 34.23
N PHE E 162 31.52 -48.34 34.75
CA PHE E 162 30.41 -47.93 35.60
C PHE E 162 30.85 -47.51 36.99
N ASP E 163 32.13 -47.69 37.32
CA ASP E 163 32.69 -47.31 38.62
C ASP E 163 33.49 -46.01 38.53
N THR E 164 33.34 -45.26 37.46
CA THR E 164 34.12 -44.04 37.28
C THR E 164 33.71 -42.98 38.30
N LYS E 165 34.69 -42.24 38.81
CA LYS E 165 34.41 -41.23 39.82
C LYS E 165 33.62 -40.08 39.21
N PRO E 166 32.63 -39.55 39.93
CA PRO E 166 31.83 -38.43 39.39
C PRO E 166 32.65 -37.17 39.11
N ASP E 167 33.72 -36.95 39.86
CA ASP E 167 34.51 -35.73 39.65
C ASP E 167 35.19 -35.73 38.28
N LEU E 168 35.73 -36.87 37.87
CA LEU E 168 36.36 -36.94 36.55
C LEU E 168 35.33 -36.80 35.44
N LEU E 169 34.14 -37.37 35.63
CA LEU E 169 33.07 -37.21 34.65
C LEU E 169 32.66 -35.76 34.52
N LEU E 170 32.55 -35.05 35.65
CA LEU E 170 32.22 -33.63 35.61
C LEU E 170 33.32 -32.83 34.93
N HIS E 171 34.59 -33.19 35.18
CA HIS E 171 35.70 -32.53 34.51
C HIS E 171 35.62 -32.71 33.00
N LEU E 172 35.34 -33.95 32.56
CA LEU E 172 35.19 -34.22 31.13
C LEU E 172 34.02 -33.44 30.55
N MET E 173 32.90 -33.39 31.27
CA MET E 173 31.70 -32.74 30.74
C MET E 173 31.84 -31.22 30.71
N THR E 174 32.68 -30.65 31.59
CA THR E 174 32.81 -29.21 31.67
C THR E 174 33.93 -28.67 30.79
N LYS E 175 35.11 -29.28 30.84
CA LYS E 175 36.28 -28.75 30.15
C LYS E 175 36.46 -29.32 28.75
N GLU E 176 36.33 -30.63 28.58
CA GLU E 176 36.53 -31.23 27.26
C GLU E 176 35.36 -30.92 26.34
N TRP E 177 34.13 -30.97 26.84
CA TRP E 177 32.95 -30.72 26.03
C TRP E 177 32.51 -29.27 26.04
N GLN E 178 33.20 -28.41 26.79
CA GLN E 178 32.97 -26.96 26.79
C GLN E 178 31.53 -26.61 27.19
N LEU E 179 30.99 -27.33 28.16
CA LEU E 179 29.63 -27.09 28.64
C LEU E 179 29.69 -26.22 29.90
N GLU E 180 28.87 -25.17 29.93
CA GLU E 180 28.77 -24.34 31.12
C GLU E 180 28.07 -25.10 32.23
N LEU E 181 28.35 -24.70 33.46
CA LEU E 181 27.71 -25.33 34.61
C LEU E 181 26.22 -25.01 34.61
N PRO E 182 25.35 -26.01 34.71
CA PRO E 182 23.91 -25.75 34.57
C PRO E 182 23.35 -24.99 35.75
N LYS E 183 22.27 -24.25 35.48
CA LYS E 183 21.49 -23.62 36.53
C LYS E 183 20.37 -24.50 37.03
N LEU E 184 20.15 -25.66 36.41
CA LEU E 184 19.05 -26.54 36.77
C LEU E 184 19.33 -27.91 36.17
N LEU E 185 18.89 -28.95 36.88
CA LEU E 185 19.04 -30.33 36.44
C LEU E 185 17.67 -31.01 36.49
N ILE E 186 17.34 -31.74 35.43
CA ILE E 186 16.05 -32.43 35.33
C ILE E 186 16.31 -33.91 35.07
N SER E 187 15.65 -34.75 35.86
CA SER E 187 15.71 -36.19 35.69
C SER E 187 14.37 -36.71 35.19
N VAL E 188 14.42 -37.57 34.16
CA VAL E 188 13.23 -37.95 33.40
C VAL E 188 12.96 -39.44 33.56
N HIS E 189 13.19 -39.96 34.77
CA HIS E 189 12.91 -41.37 35.07
C HIS E 189 11.52 -41.77 34.61
N GLY E 190 11.43 -42.93 33.99
CA GLY E 190 10.17 -43.42 33.45
C GLY E 190 10.22 -44.89 33.16
N GLY E 191 9.20 -45.36 32.45
CA GLY E 191 9.08 -46.77 32.12
C GLY E 191 10.06 -47.19 31.05
N LEU E 192 10.32 -48.50 31.00
CA LEU E 192 11.27 -49.06 30.05
C LEU E 192 10.59 -49.59 28.78
N GLN E 193 9.35 -50.02 28.88
CA GLN E 193 8.62 -50.54 27.73
C GLN E 193 8.10 -49.38 26.89
N ASN E 194 7.95 -49.62 25.59
CA ASN E 194 7.51 -48.58 24.67
C ASN E 194 6.02 -48.32 24.82
N PHE E 195 5.65 -47.57 25.86
CA PHE E 195 4.27 -47.17 26.06
C PHE E 195 3.91 -46.06 25.09
N GLU E 196 2.61 -45.77 25.00
CA GLU E 196 2.12 -44.74 24.11
C GLU E 196 1.26 -43.78 24.91
N LEU E 197 1.59 -42.48 24.82
CA LEU E 197 0.80 -41.45 25.47
C LEU E 197 -0.28 -40.94 24.53
N GLN E 198 -1.47 -40.71 25.08
CA GLN E 198 -2.58 -40.22 24.29
C GLN E 198 -2.29 -38.79 23.81
N PRO E 199 -2.86 -38.38 22.68
CA PRO E 199 -2.67 -37.01 22.21
C PRO E 199 -3.27 -36.00 23.16
N LYS E 200 -2.87 -34.74 22.97
CA LYS E 200 -3.22 -33.57 23.77
C LYS E 200 -2.60 -33.59 25.16
N LEU E 201 -1.91 -34.66 25.54
CA LEU E 201 -1.17 -34.72 26.79
C LEU E 201 0.33 -34.80 26.58
N LYS E 202 0.79 -35.63 25.64
CA LYS E 202 2.22 -35.68 25.35
C LYS E 202 2.70 -34.41 24.67
N GLN E 203 1.81 -33.74 23.92
CA GLN E 203 2.21 -32.52 23.23
C GLN E 203 2.48 -31.38 24.22
N VAL E 204 1.57 -31.15 25.15
CA VAL E 204 1.77 -30.09 26.13
C VAL E 204 2.93 -30.44 27.06
N PHE E 205 3.08 -31.72 27.38
CA PHE E 205 4.22 -32.16 28.20
C PHE E 205 5.54 -31.85 27.49
N GLY E 206 5.63 -32.18 26.20
CA GLY E 206 6.84 -31.90 25.46
C GLY E 206 7.12 -30.41 25.33
N LYS E 207 6.08 -29.62 25.06
CA LYS E 207 6.27 -28.18 24.94
C LYS E 207 6.72 -27.57 26.26
N GLY E 208 6.13 -28.01 27.38
CA GLY E 208 6.54 -27.49 28.67
C GLY E 208 7.95 -27.88 29.05
N LEU E 209 8.33 -29.14 28.78
CA LEU E 209 9.70 -29.56 29.07
C LEU E 209 10.70 -28.79 28.22
N ILE E 210 10.39 -28.57 26.95
CA ILE E 210 11.27 -27.82 26.06
C ILE E 210 11.40 -26.37 26.55
N LYS E 211 10.28 -25.75 26.92
CA LYS E 211 10.32 -24.37 27.38
C LYS E 211 11.10 -24.23 28.67
N ALA E 212 10.92 -25.18 29.61
CA ALA E 212 11.67 -25.14 30.86
C ALA E 212 13.16 -25.34 30.64
N ALA E 213 13.53 -26.23 29.71
CA ALA E 213 14.94 -26.48 29.46
C ALA E 213 15.60 -25.43 28.58
N MET E 214 14.81 -24.64 27.85
CA MET E 214 15.36 -23.64 26.95
C MET E 214 15.41 -22.25 27.56
N THR E 215 14.33 -21.80 28.21
CA THR E 215 14.35 -20.50 28.87
C THR E 215 15.36 -20.48 30.01
N THR E 216 15.44 -21.57 30.77
CA THR E 216 16.41 -21.72 31.85
C THR E 216 17.55 -22.60 31.38
N GLY E 217 18.77 -22.12 31.50
CA GLY E 217 19.92 -22.92 31.13
C GLY E 217 20.04 -24.15 32.01
N ALA E 218 19.71 -25.32 31.45
CA ALA E 218 19.56 -26.52 32.25
C ALA E 218 20.02 -27.73 31.47
N TRP E 219 20.34 -28.79 32.21
CA TRP E 219 20.69 -30.08 31.65
C TRP E 219 19.55 -31.07 31.86
N ILE E 220 19.39 -31.98 30.91
CA ILE E 220 18.37 -33.02 30.98
C ILE E 220 19.08 -34.37 31.02
N PHE E 221 18.82 -35.15 32.06
CA PHE E 221 19.38 -36.49 32.19
C PHE E 221 18.32 -37.51 31.78
N THR E 222 18.62 -38.29 30.75
CA THR E 222 17.70 -39.31 30.25
C THR E 222 18.40 -40.66 30.21
N GLY E 223 17.62 -41.69 29.89
CA GLY E 223 18.18 -43.03 29.77
C GLY E 223 19.14 -43.15 28.61
N GLY E 224 18.78 -42.58 27.46
CA GLY E 224 19.67 -42.57 26.31
C GLY E 224 19.22 -43.45 25.16
N VAL E 225 18.73 -44.64 25.46
CA VAL E 225 18.25 -45.55 24.43
C VAL E 225 16.86 -45.11 23.97
N ASN E 226 16.43 -45.62 22.83
CA ASN E 226 15.16 -45.21 22.22
C ASN E 226 14.03 -46.13 22.67
N THR E 227 13.84 -46.22 23.99
CA THR E 227 12.76 -47.02 24.56
C THR E 227 12.07 -46.22 25.66
N GLY E 228 10.75 -46.33 25.72
CA GLY E 228 10.00 -45.74 26.81
C GLY E 228 9.75 -44.25 26.68
N VAL E 229 9.85 -43.53 27.80
CA VAL E 229 9.63 -42.09 27.79
C VAL E 229 10.74 -41.36 27.06
N ILE E 230 11.88 -42.01 26.85
CA ILE E 230 12.99 -41.38 26.13
C ILE E 230 12.60 -41.11 24.69
N ARG E 231 11.79 -41.97 24.09
CA ARG E 231 11.28 -41.69 22.74
C ARG E 231 10.39 -40.44 22.74
N HIS E 232 9.57 -40.28 23.78
CA HIS E 232 8.75 -39.07 23.89
C HIS E 232 9.61 -37.82 24.04
N VAL E 233 10.65 -37.90 24.85
CA VAL E 233 11.58 -36.77 24.99
C VAL E 233 12.27 -36.49 23.66
N GLY E 234 12.62 -37.54 22.92
CA GLY E 234 13.27 -37.36 21.64
C GLY E 234 12.38 -36.67 20.62
N ASP E 235 11.11 -37.08 20.54
CA ASP E 235 10.22 -36.42 19.59
C ASP E 235 9.86 -35.00 20.05
N ALA E 236 9.82 -34.76 21.36
CA ALA E 236 9.63 -33.40 21.85
C ALA E 236 10.80 -32.50 21.45
N LEU E 237 12.03 -33.03 21.56
CA LEU E 237 13.20 -32.27 21.11
C LEU E 237 13.17 -32.07 19.60
N LYS E 238 12.73 -33.08 18.85
CA LYS E 238 12.71 -32.98 17.39
C LYS E 238 11.68 -31.96 16.92
N ASP E 239 10.51 -31.91 17.56
CA ASP E 239 9.49 -30.95 17.16
C ASP E 239 9.92 -29.52 17.48
N HIS E 240 10.62 -29.31 18.60
CA HIS E 240 11.09 -27.98 18.95
C HIS E 240 12.17 -27.50 17.99
N ALA E 241 13.07 -28.39 17.58
CA ALA E 241 14.21 -28.01 16.76
C ALA E 241 13.80 -27.53 15.36
N SER E 242 12.56 -27.79 14.94
CA SER E 242 12.09 -27.36 13.64
C SER E 242 11.41 -26.00 13.67
N LYS E 243 11.32 -25.35 14.83
CA LYS E 243 10.64 -24.08 14.96
C LYS E 243 11.42 -23.01 15.71
N SER E 244 12.39 -23.38 16.55
CA SER E 244 13.05 -22.42 17.42
C SER E 244 14.55 -22.57 17.33
N ARG E 245 15.26 -21.50 17.70
CA ARG E 245 16.71 -21.47 17.74
C ARG E 245 17.19 -22.13 19.03
N GLY E 246 18.49 -22.09 19.25
CA GLY E 246 19.08 -22.58 20.49
C GLY E 246 19.22 -24.08 20.52
N LYS E 247 19.97 -24.56 21.51
CA LYS E 247 20.23 -25.97 21.70
C LYS E 247 19.92 -26.35 23.14
N ILE E 248 19.48 -27.60 23.33
CA ILE E 248 19.18 -28.15 24.65
C ILE E 248 20.24 -29.17 24.98
N CYS E 249 20.84 -29.04 26.17
CA CYS E 249 21.91 -29.93 26.59
C CYS E 249 21.32 -31.20 27.17
N THR E 250 20.83 -32.06 26.27
CA THR E 250 20.29 -33.35 26.66
C THR E 250 21.41 -34.37 26.75
N ILE E 251 21.51 -35.04 27.89
CA ILE E 251 22.61 -35.98 28.16
C ILE E 251 22.01 -37.34 28.44
N GLY E 252 22.48 -38.36 27.72
CA GLY E 252 21.99 -39.71 27.89
C GLY E 252 23.03 -40.60 28.55
N ILE E 253 22.62 -41.28 29.61
CA ILE E 253 23.48 -42.20 30.35
C ILE E 253 22.92 -43.59 30.15
N ALA E 254 23.45 -44.31 29.16
CA ALA E 254 22.92 -45.61 28.77
C ALA E 254 23.95 -46.70 28.97
N PRO E 255 23.52 -47.91 29.31
CA PRO E 255 24.45 -49.04 29.37
C PRO E 255 24.98 -49.40 27.99
N TRP E 256 26.23 -49.88 27.96
CA TRP E 256 26.87 -50.20 26.70
C TRP E 256 26.34 -51.49 26.09
N GLY E 257 25.76 -52.37 26.90
CA GLY E 257 25.33 -53.67 26.43
C GLY E 257 24.01 -53.72 25.69
N ILE E 258 23.32 -52.59 25.52
CA ILE E 258 21.99 -52.58 24.91
C ILE E 258 21.99 -51.90 23.55
N VAL E 259 23.07 -51.24 23.15
CA VAL E 259 23.12 -50.60 21.84
C VAL E 259 23.08 -51.65 20.74
N GLU E 260 22.41 -51.33 19.63
CA GLU E 260 22.27 -52.29 18.55
C GLU E 260 23.59 -52.57 17.84
N ASN E 261 24.53 -51.64 17.91
CA ASN E 261 25.85 -51.79 17.30
C ASN E 261 26.92 -51.46 18.34
N GLN E 262 27.41 -52.48 19.03
CA GLN E 262 28.58 -52.30 19.88
C GLN E 262 29.79 -51.90 19.04
N GLU E 263 29.86 -52.40 17.80
CA GLU E 263 30.87 -51.95 16.86
C GLU E 263 30.46 -50.60 16.27
N ASP E 264 31.18 -50.16 15.24
CA ASP E 264 30.92 -48.91 14.53
C ASP E 264 31.05 -47.68 15.43
N LEU E 265 31.56 -47.87 16.66
CA LEU E 265 31.77 -46.76 17.59
C LEU E 265 33.15 -46.82 18.24
N ILE E 266 34.02 -47.72 17.81
CA ILE E 266 35.30 -47.94 18.46
C ILE E 266 36.34 -46.92 18.01
N GLY E 267 36.02 -46.12 17.01
CA GLY E 267 36.96 -45.12 16.53
C GLY E 267 37.18 -44.02 17.54
N ARG E 268 38.43 -43.88 17.99
CA ARG E 268 38.77 -42.94 19.06
C ARG E 268 39.04 -41.56 18.47
N ASP E 269 38.25 -40.57 18.92
CA ASP E 269 38.38 -39.18 18.50
C ASP E 269 38.27 -39.04 16.98
N VAL E 270 37.25 -39.69 16.41
CA VAL E 270 36.99 -39.61 14.98
C VAL E 270 35.50 -39.84 14.76
N VAL E 271 34.95 -39.14 13.78
CA VAL E 271 33.52 -39.22 13.49
C VAL E 271 33.18 -40.62 12.97
N ARG E 272 32.21 -41.25 13.62
CA ARG E 272 31.76 -42.60 13.25
C ARG E 272 30.30 -42.54 12.84
N PRO E 273 29.95 -42.83 11.59
CA PRO E 273 28.54 -42.82 11.20
C PRO E 273 27.74 -43.88 11.94
N TYR E 274 26.49 -43.55 12.25
CA TYR E 274 25.60 -44.42 12.99
C TYR E 274 24.25 -44.46 12.29
N GLN E 275 23.60 -45.62 12.36
CA GLN E 275 22.34 -45.87 11.65
C GLN E 275 21.19 -45.90 12.65
N THR E 276 20.13 -45.16 12.35
CA THR E 276 18.95 -45.11 13.20
C THR E 276 17.91 -46.16 12.83
N MET E 277 18.18 -46.99 11.83
CA MET E 277 17.24 -48.04 11.45
C MET E 277 17.11 -49.06 12.57
N SER E 278 15.87 -49.42 12.89
CA SER E 278 15.59 -50.34 13.99
C SER E 278 15.22 -51.71 13.44
N ASN E 279 15.91 -52.73 13.93
CA ASN E 279 15.60 -54.12 13.56
C ASN E 279 14.89 -54.78 14.73
N PRO E 280 13.59 -55.08 14.61
CA PRO E 280 12.86 -55.65 15.76
C PRO E 280 13.37 -57.01 16.20
N MET E 281 14.04 -57.77 15.34
CA MET E 281 14.51 -59.10 15.66
C MET E 281 15.94 -59.11 16.19
N SER E 282 16.55 -57.94 16.38
CA SER E 282 17.92 -57.86 16.88
C SER E 282 18.01 -57.97 18.39
N LYS E 283 16.87 -57.97 19.09
CA LYS E 283 16.77 -58.11 20.55
C LYS E 283 17.45 -56.98 21.31
N LEU E 284 17.81 -55.90 20.62
CA LEU E 284 18.43 -54.74 21.27
C LEU E 284 17.70 -53.48 20.83
N THR E 285 18.23 -52.31 21.18
CA THR E 285 17.60 -51.04 20.81
C THR E 285 18.66 -50.09 20.30
N VAL E 286 18.24 -49.15 19.46
CA VAL E 286 19.13 -48.20 18.85
C VAL E 286 19.31 -47.00 19.78
N LEU E 287 20.41 -46.29 19.59
CA LEU E 287 20.67 -45.09 20.37
C LEU E 287 19.74 -43.97 19.89
N ASN E 288 19.07 -43.33 20.84
CA ASN E 288 18.11 -42.28 20.50
C ASN E 288 18.85 -41.05 19.99
N SER E 289 18.44 -40.54 18.83
CA SER E 289 19.02 -39.34 18.29
C SER E 289 18.48 -38.12 19.05
N MET E 290 18.85 -36.94 18.56
CA MET E 290 18.47 -35.66 19.18
C MET E 290 18.96 -35.56 20.62
N HIS E 291 20.08 -36.21 20.93
CA HIS E 291 20.73 -36.09 22.23
C HIS E 291 22.11 -35.50 22.04
N SER E 292 22.44 -34.50 22.86
CA SER E 292 23.68 -33.76 22.68
C SER E 292 24.90 -34.58 23.06
N HIS E 293 24.84 -35.34 24.15
CA HIS E 293 25.99 -36.10 24.62
C HIS E 293 25.53 -37.44 25.18
N PHE E 294 26.45 -38.40 25.20
CA PHE E 294 26.18 -39.74 25.71
C PHE E 294 27.29 -40.15 26.68
N ILE E 295 26.89 -40.89 27.72
CA ILE E 295 27.83 -41.47 28.68
C ILE E 295 27.53 -42.97 28.71
N LEU E 296 28.31 -43.74 27.97
CA LEU E 296 28.09 -45.18 27.84
C LEU E 296 28.87 -45.91 28.92
N ALA E 297 28.16 -46.45 29.90
CA ALA E 297 28.77 -47.13 31.04
C ALA E 297 28.55 -48.64 30.91
N ASP E 298 29.62 -49.40 31.07
CA ASP E 298 29.57 -50.85 30.91
C ASP E 298 30.07 -51.53 32.18
N ASN E 299 29.38 -52.60 32.58
CA ASN E 299 29.81 -53.45 33.69
C ASN E 299 30.45 -54.74 33.20
N GLY E 300 30.66 -54.88 31.89
CA GLY E 300 31.24 -56.08 31.32
C GLY E 300 30.25 -57.03 30.69
N THR E 301 28.97 -56.89 31.02
CA THR E 301 27.95 -57.80 30.48
C THR E 301 27.47 -57.28 29.13
N THR E 302 26.43 -57.91 28.59
CA THR E 302 25.87 -57.51 27.30
C THR E 302 24.43 -58.00 27.23
N GLY E 303 23.50 -57.08 26.97
CA GLY E 303 22.10 -57.43 26.85
C GLY E 303 21.28 -57.27 28.12
N LYS E 304 21.81 -56.60 29.13
CA LYS E 304 21.09 -56.41 30.38
C LYS E 304 21.33 -55.01 30.92
N TYR E 305 20.37 -54.51 31.68
CA TYR E 305 20.43 -53.17 32.25
C TYR E 305 21.11 -53.20 33.62
N GLY E 306 21.02 -52.10 34.36
CA GLY E 306 21.53 -52.03 35.70
C GLY E 306 22.95 -51.50 35.83
N ALA E 307 23.58 -51.11 34.73
CA ALA E 307 24.96 -50.64 34.75
C ALA E 307 25.09 -49.13 34.77
N GLU E 308 23.98 -48.39 34.88
CA GLU E 308 24.02 -46.94 34.79
C GLU E 308 23.22 -46.22 35.87
N VAL E 309 22.37 -46.92 36.63
CA VAL E 309 21.52 -46.24 37.60
C VAL E 309 22.35 -45.66 38.73
N LYS E 310 23.28 -46.45 39.28
CA LYS E 310 24.09 -45.97 40.39
C LYS E 310 25.02 -44.84 39.95
N LEU E 311 25.62 -44.96 38.77
CA LEU E 311 26.49 -43.90 38.26
C LEU E 311 25.71 -42.62 38.04
N ARG E 312 24.51 -42.73 37.47
CA ARG E 312 23.68 -41.55 37.24
C ARG E 312 23.29 -40.88 38.55
N ARG E 313 22.93 -41.67 39.56
CA ARG E 313 22.57 -41.10 40.85
C ARG E 313 23.77 -40.44 41.52
N GLN E 314 24.95 -41.06 41.43
CA GLN E 314 26.16 -40.47 42.00
C GLN E 314 26.51 -39.16 41.30
N LEU E 315 26.37 -39.12 39.97
CA LEU E 315 26.65 -37.88 39.24
C LEU E 315 25.66 -36.79 39.61
N GLU E 316 24.38 -37.14 39.78
CA GLU E 316 23.39 -36.17 40.22
C GLU E 316 23.72 -35.64 41.61
N LYS E 317 24.13 -36.52 42.51
CA LYS E 317 24.52 -36.08 43.86
C LYS E 317 25.71 -35.15 43.81
N HIS E 318 26.71 -35.47 42.98
CA HIS E 318 27.91 -34.65 42.94
C HIS E 318 27.66 -33.31 42.27
N ILE E 319 26.79 -33.26 41.26
CA ILE E 319 26.50 -31.98 40.62
C ILE E 319 25.52 -31.15 41.43
N SER E 320 24.72 -31.78 42.29
CA SER E 320 23.82 -31.02 43.17
C SER E 320 24.62 -30.22 44.19
N LEU E 321 25.70 -30.80 44.73
CA LEU E 321 26.54 -30.10 45.68
C LEU E 321 27.45 -29.08 45.04
N GLN E 322 27.52 -29.05 43.71
CA GLN E 322 28.35 -28.07 43.03
C GLN E 322 27.79 -26.67 43.21
N LYS E 323 28.68 -25.70 43.37
CA LYS E 323 28.27 -24.33 43.68
C LYS E 323 27.87 -23.60 42.41
N ILE E 324 26.72 -22.93 42.47
CA ILE E 324 26.26 -22.07 41.39
C ILE E 324 27.08 -20.77 41.44
N ASN E 325 26.98 -19.95 40.40
CA ASN E 325 27.79 -18.74 40.32
C ASN E 325 27.47 -17.76 41.43
N THR E 326 26.25 -17.79 41.96
CA THR E 326 25.87 -16.85 43.02
C THR E 326 26.63 -17.17 44.31
N ARG E 327 27.08 -16.12 44.99
CA ARG E 327 27.84 -16.25 46.22
C ARG E 327 26.95 -16.36 47.45
N ILE E 328 25.67 -16.68 47.27
CA ILE E 328 24.79 -16.89 48.41
C ILE E 328 25.21 -18.13 49.20
N GLY E 329 25.49 -19.23 48.50
CA GLY E 329 25.87 -20.46 49.15
C GLY E 329 24.93 -21.60 48.81
N GLN E 330 24.26 -21.51 47.67
CA GLN E 330 23.29 -22.51 47.24
C GLN E 330 23.83 -23.26 46.03
N GLY E 331 23.55 -24.56 45.98
CA GLY E 331 23.97 -25.40 44.89
C GLY E 331 22.99 -25.40 43.74
N VAL E 332 23.26 -26.26 42.76
CA VAL E 332 22.41 -26.40 41.59
C VAL E 332 21.13 -27.14 41.97
N PRO E 333 19.96 -26.56 41.77
CA PRO E 333 18.73 -27.28 42.09
C PRO E 333 18.50 -28.46 41.16
N VAL E 334 17.93 -29.53 41.71
CA VAL E 334 17.68 -30.76 40.98
C VAL E 334 16.21 -31.12 41.15
N VAL E 335 15.54 -31.46 40.05
CA VAL E 335 14.15 -31.88 40.06
C VAL E 335 14.05 -33.22 39.32
N ALA E 336 12.99 -33.96 39.61
CA ALA E 336 12.75 -35.25 38.99
C ALA E 336 11.38 -35.24 38.32
N LEU E 337 11.30 -35.78 37.12
CA LEU E 337 10.07 -35.85 36.36
C LEU E 337 9.73 -37.30 36.09
N ILE E 338 8.50 -37.69 36.44
CA ILE E 338 8.07 -39.08 36.35
C ILE E 338 6.92 -39.17 35.35
N VAL E 339 7.13 -39.94 34.29
CA VAL E 339 6.09 -40.27 33.31
C VAL E 339 6.09 -41.78 33.12
N GLU E 340 4.92 -42.40 33.23
CA GLU E 340 4.77 -43.86 33.21
C GLU E 340 5.59 -44.43 34.36
N GLY E 341 6.08 -45.66 34.26
CA GLY E 341 6.97 -46.17 35.29
C GLY E 341 6.90 -47.66 35.53
N GLY E 342 6.87 -48.04 36.80
CA GLY E 342 6.85 -49.43 37.18
C GLY E 342 7.09 -49.59 38.67
N PRO E 343 7.31 -50.84 39.10
CA PRO E 343 7.59 -51.07 40.54
C PRO E 343 8.83 -50.37 41.04
N ASN E 344 9.86 -50.22 40.21
CA ASN E 344 11.08 -49.57 40.65
C ASN E 344 10.98 -48.05 40.65
N VAL E 345 10.00 -47.49 39.95
CA VAL E 345 9.80 -46.05 39.96
C VAL E 345 9.41 -45.57 41.35
N ILE E 346 8.58 -46.34 42.05
CA ILE E 346 8.25 -46.01 43.43
C ILE E 346 9.50 -46.02 44.30
N SER E 347 10.39 -46.99 44.06
CA SER E 347 11.63 -47.09 44.83
C SER E 347 12.53 -45.88 44.61
N ILE E 348 12.69 -45.48 43.34
CA ILE E 348 13.58 -44.33 43.07
C ILE E 348 12.94 -43.03 43.55
N VAL E 349 11.61 -42.93 43.50
CA VAL E 349 10.94 -41.75 44.07
C VAL E 349 11.17 -41.69 45.57
N LEU E 350 11.04 -42.83 46.25
CA LEU E 350 11.29 -42.87 47.69
C LEU E 350 12.73 -42.51 48.01
N GLU E 351 13.68 -43.00 47.21
CA GLU E 351 15.08 -42.65 47.43
C GLU E 351 15.33 -41.17 47.20
N TYR E 352 14.67 -40.56 46.21
CA TYR E 352 14.80 -39.12 46.00
C TYR E 352 14.25 -38.34 47.19
N LEU E 353 13.08 -38.75 47.70
CA LEU E 353 12.49 -38.04 48.82
C LEU E 353 13.24 -38.24 50.13
N ARG E 354 14.06 -39.29 50.23
CA ARG E 354 14.79 -39.59 51.44
C ARG E 354 16.22 -39.08 51.42
N ASP E 355 16.63 -38.37 50.38
CA ASP E 355 17.98 -37.81 50.34
C ASP E 355 18.15 -36.76 51.43
N THR E 356 19.38 -36.60 51.91
CA THR E 356 19.65 -35.62 52.95
C THR E 356 19.30 -34.20 52.51
N PRO E 357 19.68 -33.72 51.32
CA PRO E 357 18.92 -32.63 50.72
C PRO E 357 17.76 -33.17 49.92
N PRO E 358 16.52 -32.89 50.35
CA PRO E 358 15.35 -33.44 49.65
C PRO E 358 15.26 -32.91 48.22
N VAL E 359 14.81 -33.79 47.33
CA VAL E 359 14.69 -33.50 45.91
C VAL E 359 13.22 -33.62 45.51
N PRO E 360 12.58 -32.54 45.06
CA PRO E 360 11.18 -32.63 44.66
C PRO E 360 11.02 -33.44 43.39
N VAL E 361 9.84 -34.03 43.23
CA VAL E 361 9.50 -34.81 42.05
C VAL E 361 8.19 -34.30 41.47
N VAL E 362 7.99 -34.57 40.19
CA VAL E 362 6.77 -34.19 39.46
C VAL E 362 6.27 -35.42 38.72
N VAL E 363 4.97 -35.71 38.85
CA VAL E 363 4.37 -36.89 38.24
C VAL E 363 3.25 -36.46 37.31
N CYS E 364 2.75 -37.42 36.54
CA CYS E 364 1.67 -37.20 35.60
C CYS E 364 0.62 -38.30 35.77
N ASP E 365 -0.62 -37.98 35.38
CA ASP E 365 -1.75 -38.87 35.63
C ASP E 365 -2.16 -39.69 34.41
N GLY E 366 -2.12 -39.12 33.21
CA GLY E 366 -2.56 -39.81 32.03
C GLY E 366 -1.60 -40.84 31.48
N SER E 367 -0.73 -41.40 32.33
CA SER E 367 0.25 -42.38 31.86
C SER E 367 -0.31 -43.79 31.93
N GLY E 368 -0.92 -44.15 33.06
CA GLY E 368 -1.49 -45.48 33.24
C GLY E 368 -0.58 -46.45 33.96
N ARG E 369 0.51 -45.96 34.52
CA ARG E 369 1.46 -46.80 35.25
C ARG E 369 1.53 -46.30 36.69
N ALA E 370 2.55 -46.75 37.44
CA ALA E 370 2.68 -46.41 38.84
C ALA E 370 2.75 -44.91 39.09
N SER E 371 3.07 -44.11 38.07
CA SER E 371 2.92 -42.66 38.20
C SER E 371 1.47 -42.29 38.43
N ASP E 372 0.56 -42.91 37.68
CA ASP E 372 -0.87 -42.70 37.92
C ASP E 372 -1.29 -43.21 39.28
N ILE E 373 -0.73 -44.35 39.71
CA ILE E 373 -1.01 -44.88 41.04
C ILE E 373 -0.50 -43.91 42.10
N LEU E 374 0.68 -43.34 41.89
CA LEU E 374 1.23 -42.37 42.84
C LEU E 374 0.36 -41.12 42.90
N ALA E 375 -0.13 -40.66 41.74
CA ALA E 375 -1.01 -39.49 41.73
C ALA E 375 -2.33 -39.77 42.42
N PHE E 376 -2.87 -40.98 42.25
CA PHE E 376 -4.09 -41.36 42.94
C PHE E 376 -3.86 -41.42 44.44
N GLY E 377 -2.73 -41.97 44.87
CA GLY E 377 -2.41 -42.03 46.29
C GLY E 377 -2.06 -40.69 46.89
N HIS E 378 -1.71 -39.70 46.07
CA HIS E 378 -1.48 -38.36 46.57
C HIS E 378 -2.74 -37.79 47.21
N LYS E 379 -3.89 -38.03 46.59
CA LYS E 379 -5.16 -37.68 47.21
C LYS E 379 -5.44 -38.57 48.41
N TYR E 380 -6.17 -38.02 49.39
CA TYR E 380 -6.58 -38.72 50.61
C TYR E 380 -5.37 -39.21 51.40
N SER E 381 -4.62 -38.23 51.91
CA SER E 381 -3.52 -38.50 52.81
C SER E 381 -4.04 -39.02 54.15
N GLU E 382 -3.20 -39.79 54.83
CA GLU E 382 -3.56 -40.35 56.13
C GLU E 382 -3.31 -39.32 57.23
N VAL E 397 -9.13 -46.89 51.94
CA VAL E 397 -9.01 -47.18 50.51
C VAL E 397 -7.92 -48.23 50.30
N THR E 398 -7.71 -49.07 51.32
CA THR E 398 -6.70 -50.11 51.26
C THR E 398 -7.19 -51.38 50.58
N ILE E 399 -8.47 -51.43 50.17
CA ILE E 399 -8.99 -52.58 49.45
C ILE E 399 -8.86 -52.40 47.94
N GLN E 400 -8.19 -51.35 47.50
CA GLN E 400 -7.92 -51.10 46.09
C GLN E 400 -6.47 -51.43 45.73
N LYS E 401 -5.93 -52.50 46.30
CA LYS E 401 -4.55 -52.90 46.07
C LYS E 401 -4.43 -54.03 45.07
N THR E 402 -5.50 -54.32 44.33
CA THR E 402 -5.50 -55.36 43.31
C THR E 402 -5.58 -54.71 41.94
N PHE E 403 -4.57 -54.96 41.11
CA PHE E 403 -4.53 -54.43 39.75
C PHE E 403 -4.07 -55.44 38.72
N THR E 404 -3.82 -56.69 39.12
CA THR E 404 -3.21 -57.71 38.25
C THR E 404 -1.91 -57.22 37.64
N TYR E 405 -1.15 -56.46 38.43
CA TYR E 405 0.10 -55.85 38.00
C TYR E 405 1.32 -56.40 38.72
N THR E 406 1.15 -56.89 39.96
CA THR E 406 2.22 -57.54 40.70
C THR E 406 1.75 -58.92 41.16
N ARG E 407 2.52 -59.57 42.03
CA ARG E 407 2.15 -60.90 42.48
C ARG E 407 0.96 -60.85 43.45
N THR E 408 -0.22 -60.62 42.89
CA THR E 408 -1.51 -60.62 43.59
C THR E 408 -1.49 -59.70 44.81
N GLN E 409 -2.37 -59.98 45.77
CA GLN E 409 -2.38 -59.26 47.04
C GLN E 409 -1.29 -59.76 47.98
N ALA E 410 -0.68 -60.91 47.69
CA ALA E 410 0.41 -61.40 48.52
C ALA E 410 1.61 -60.48 48.46
N GLN E 411 1.94 -59.95 47.28
CA GLN E 411 3.03 -59.01 47.12
C GLN E 411 2.46 -57.61 46.87
N HIS E 412 2.97 -56.64 47.61
CA HIS E 412 2.48 -55.28 47.53
C HIS E 412 3.63 -54.30 47.74
N LEU E 413 3.50 -53.12 47.15
CA LEU E 413 4.42 -52.02 47.37
C LEU E 413 3.80 -50.95 48.27
N PHE E 414 2.85 -51.35 49.12
CA PHE E 414 2.11 -50.37 49.90
C PHE E 414 2.98 -49.73 50.97
N ILE E 415 4.00 -50.44 51.45
CA ILE E 415 4.87 -49.85 52.48
C ILE E 415 5.63 -48.65 51.92
N ILE E 416 6.26 -48.82 50.76
CA ILE E 416 6.98 -47.71 50.14
C ILE E 416 6.00 -46.65 49.65
N LEU E 417 4.82 -47.06 49.17
CA LEU E 417 3.83 -46.07 48.73
C LEU E 417 3.36 -45.20 49.90
N MET E 418 3.12 -45.81 51.06
CA MET E 418 2.65 -45.02 52.20
C MET E 418 3.78 -44.20 52.80
N GLU E 419 5.02 -44.67 52.70
CA GLU E 419 6.15 -43.82 53.11
C GLU E 419 6.25 -42.58 52.20
N CYS E 420 6.11 -42.78 50.89
CA CYS E 420 6.12 -41.64 49.98
C CYS E 420 4.98 -40.68 50.26
N MET E 421 3.78 -41.22 50.55
CA MET E 421 2.66 -40.36 50.91
C MET E 421 2.84 -39.73 52.29
N LYS E 422 3.69 -40.29 53.14
CA LYS E 422 4.05 -39.61 54.38
C LYS E 422 4.97 -38.44 54.10
N LYS E 423 5.81 -38.54 53.06
CA LYS E 423 6.65 -37.42 52.63
C LYS E 423 6.08 -36.72 51.40
N LYS E 424 4.75 -36.55 51.38
CA LYS E 424 4.04 -36.04 50.22
C LYS E 424 4.13 -34.52 50.07
N GLU E 425 4.89 -33.84 50.92
CA GLU E 425 5.00 -32.38 50.80
C GLU E 425 5.77 -31.97 49.55
N LEU E 426 6.54 -32.89 48.95
CA LEU E 426 7.34 -32.59 47.78
C LEU E 426 6.72 -33.10 46.48
N ILE E 427 5.72 -33.97 46.55
CA ILE E 427 5.09 -34.49 45.35
C ILE E 427 4.28 -33.40 44.67
N THR E 428 4.42 -33.30 43.36
CA THR E 428 3.64 -32.36 42.56
C THR E 428 2.95 -33.15 41.45
N VAL E 429 1.64 -32.95 41.31
CA VAL E 429 0.83 -33.67 40.35
C VAL E 429 0.32 -32.69 39.30
N PHE E 430 0.54 -33.00 38.04
CA PHE E 430 0.13 -32.16 36.92
C PHE E 430 -1.06 -32.81 36.23
N ARG E 431 -2.22 -32.15 36.31
CA ARG E 431 -3.45 -32.65 35.70
C ARG E 431 -3.99 -31.61 34.73
N MET E 432 -4.52 -32.08 33.60
CA MET E 432 -5.02 -31.19 32.56
C MET E 432 -6.40 -30.68 32.94
N GLY E 433 -6.46 -29.45 33.43
CA GLY E 433 -7.73 -28.79 33.70
C GLY E 433 -8.36 -29.13 35.03
N SER E 434 -7.86 -30.15 35.72
CA SER E 434 -8.44 -30.54 37.00
C SER E 434 -7.90 -29.66 38.13
N GLU E 435 -6.59 -29.68 38.34
CA GLU E 435 -5.96 -28.90 39.39
C GLU E 435 -5.41 -27.60 38.82
N GLY E 436 -4.59 -26.90 39.60
CA GLY E 436 -3.89 -25.73 39.13
C GLY E 436 -2.64 -26.12 38.37
N HIS E 437 -1.86 -25.09 38.01
CA HIS E 437 -0.62 -25.25 37.26
C HIS E 437 -0.86 -25.99 35.94
N GLN E 438 -1.67 -25.37 35.08
CA GLN E 438 -1.99 -25.97 33.79
C GLN E 438 -0.78 -26.04 32.86
N ASP E 439 0.29 -25.33 33.16
CA ASP E 439 1.51 -25.38 32.39
C ASP E 439 2.56 -26.19 33.14
N ILE E 440 3.08 -27.23 32.48
CA ILE E 440 4.04 -28.11 33.12
C ILE E 440 5.36 -27.40 33.40
N ASP E 441 5.77 -26.51 32.48
CA ASP E 441 6.99 -25.73 32.72
C ASP E 441 6.85 -24.84 33.95
N LEU E 442 5.64 -24.36 34.23
CA LEU E 442 5.41 -23.66 35.49
C LEU E 442 5.36 -24.64 36.66
N ALA E 443 4.87 -25.86 36.42
CA ALA E 443 4.82 -26.86 37.48
C ALA E 443 6.21 -27.26 37.94
N ILE E 444 7.15 -27.38 37.01
CA ILE E 444 8.52 -27.74 37.37
C ILE E 444 9.18 -26.63 38.17
N LEU E 445 9.08 -25.39 37.69
CA LEU E 445 9.79 -24.30 38.31
C LEU E 445 9.21 -23.93 39.67
N THR E 446 7.89 -23.97 39.80
CA THR E 446 7.27 -23.67 41.09
C THR E 446 7.58 -24.72 42.14
N ALA E 447 7.79 -25.97 41.72
CA ALA E 447 8.17 -27.01 42.68
C ALA E 447 9.59 -26.83 43.17
N LEU E 448 10.46 -26.19 42.37
CA LEU E 448 11.83 -25.99 42.78
C LEU E 448 11.96 -24.92 43.85
N LEU E 449 11.15 -23.87 43.78
CA LEU E 449 11.23 -22.79 44.76
C LEU E 449 10.78 -23.27 46.13
N LYS E 450 9.65 -23.96 46.20
CA LYS E 450 9.17 -24.47 47.48
C LYS E 450 9.98 -25.70 47.92
N GLY E 451 10.55 -26.44 46.98
CA GLY E 451 11.32 -27.62 47.33
C GLY E 451 12.67 -27.32 47.95
N ALA E 452 13.22 -26.12 47.70
CA ALA E 452 14.48 -25.76 48.30
C ALA E 452 14.35 -25.42 49.77
N ASN E 453 13.15 -25.00 50.20
CA ASN E 453 12.88 -24.62 51.60
C ASN E 453 13.84 -23.53 52.06
N ALA E 454 14.10 -22.56 51.19
CA ALA E 454 15.00 -21.47 51.47
C ALA E 454 14.20 -20.20 51.72
N SER E 455 14.91 -19.11 52.01
CA SER E 455 14.26 -17.84 52.29
C SER E 455 13.85 -17.14 51.01
N ALA E 456 13.15 -16.02 51.17
CA ALA E 456 12.78 -15.21 50.01
C ALA E 456 13.97 -14.66 49.23
N PRO E 457 15.06 -14.16 49.85
CA PRO E 457 16.21 -13.75 49.02
C PRO E 457 16.79 -14.88 48.18
N ASP E 458 16.83 -16.11 48.69
CA ASP E 458 17.37 -17.21 47.89
C ASP E 458 16.46 -17.55 46.73
N GLN E 459 15.14 -17.51 46.95
CA GLN E 459 14.20 -17.72 45.84
C GLN E 459 14.34 -16.64 44.79
N LEU E 460 14.52 -15.38 45.23
CA LEU E 460 14.69 -14.29 44.28
C LEU E 460 15.99 -14.44 43.51
N SER E 461 17.06 -14.87 44.18
CA SER E 461 18.33 -15.11 43.48
C SER E 461 18.20 -16.23 42.46
N LEU E 462 17.48 -17.30 42.80
CA LEU E 462 17.27 -18.40 41.87
C LEU E 462 16.47 -17.93 40.66
N ALA E 463 15.40 -17.17 40.88
CA ALA E 463 14.60 -16.66 39.78
C ALA E 463 15.40 -15.69 38.92
N LEU E 464 16.28 -14.90 39.53
CA LEU E 464 17.16 -14.03 38.77
C LEU E 464 18.13 -14.83 37.92
N ALA E 465 18.68 -15.92 38.46
CA ALA E 465 19.60 -16.75 37.70
C ALA E 465 18.90 -17.42 36.52
N TRP E 466 17.66 -17.87 36.72
CA TRP E 466 16.91 -18.50 35.63
C TRP E 466 16.36 -17.49 34.63
N ASN E 467 16.43 -16.19 34.94
CA ASN E 467 15.91 -15.13 34.07
C ASN E 467 14.42 -15.33 33.78
N ARG E 468 13.65 -15.65 34.82
CA ARG E 468 12.21 -15.83 34.72
C ARG E 468 11.54 -14.76 35.58
N VAL E 469 11.12 -13.66 34.94
CA VAL E 469 10.49 -12.58 35.69
C VAL E 469 9.09 -12.96 36.15
N ASP E 470 8.34 -13.70 35.34
CA ASP E 470 6.97 -14.06 35.71
C ASP E 470 6.92 -15.01 36.91
N ILE E 471 7.93 -15.88 37.03
CA ILE E 471 7.98 -16.78 38.19
C ILE E 471 8.11 -15.98 39.48
N ALA E 472 9.00 -14.99 39.48
CA ALA E 472 9.16 -14.16 40.67
C ALA E 472 7.95 -13.26 40.89
N ARG E 473 7.32 -12.81 39.81
CA ARG E 473 6.16 -11.93 39.94
C ARG E 473 4.97 -12.66 40.54
N SER E 474 4.73 -13.90 40.12
CA SER E 474 3.54 -14.63 40.55
C SER E 474 3.74 -15.41 41.84
N GLN E 475 4.97 -15.73 42.20
CA GLN E 475 5.24 -16.54 43.39
C GLN E 475 5.99 -15.77 44.47
N ILE E 476 7.15 -15.20 44.15
CA ILE E 476 8.00 -14.60 45.17
C ILE E 476 7.41 -13.31 45.70
N PHE E 477 6.90 -12.45 44.82
CA PHE E 477 6.35 -11.15 45.24
C PHE E 477 4.85 -11.30 45.47
N ILE E 478 4.49 -11.70 46.69
CA ILE E 478 3.11 -11.86 47.11
C ILE E 478 2.92 -11.17 48.44
N TYR E 479 1.72 -11.28 48.99
CA TYR E 479 1.39 -10.63 50.26
C TYR E 479 2.15 -11.26 51.41
N GLY E 480 2.78 -10.41 52.23
CA GLY E 480 3.41 -10.87 53.44
C GLY E 480 4.62 -11.76 53.24
N GLN E 481 5.71 -11.20 52.71
CA GLN E 481 6.93 -11.95 52.47
C GLN E 481 8.03 -11.70 53.49
N GLN E 482 8.07 -10.51 54.09
CA GLN E 482 9.01 -10.17 55.16
C GLN E 482 10.47 -10.37 54.70
N TRP E 483 10.86 -9.53 53.76
CA TRP E 483 12.24 -9.55 53.29
C TRP E 483 13.18 -9.09 54.40
N PRO E 484 14.34 -9.72 54.53
CA PRO E 484 15.35 -9.21 55.46
C PRO E 484 15.85 -7.83 55.03
N VAL E 485 16.29 -7.04 56.02
CA VAL E 485 16.76 -5.70 55.73
C VAL E 485 18.06 -5.77 54.95
N GLY E 486 18.11 -5.04 53.84
CA GLY E 486 19.29 -5.05 52.99
C GLY E 486 19.35 -6.17 51.98
N SER E 487 18.22 -6.84 51.72
CA SER E 487 18.16 -7.93 50.77
C SER E 487 17.76 -7.47 49.37
N LEU E 488 16.73 -6.61 49.28
CA LEU E 488 16.33 -6.09 47.99
C LEU E 488 17.42 -5.23 47.36
N GLU E 489 18.23 -4.56 48.18
CA GLU E 489 19.36 -3.80 47.66
C GLU E 489 20.36 -4.71 46.97
N GLN E 490 20.70 -5.84 47.61
CA GLN E 490 21.62 -6.78 46.99
C GLN E 490 21.02 -7.42 45.75
N ALA E 491 19.71 -7.70 45.78
CA ALA E 491 19.05 -8.23 44.59
C ALA E 491 19.11 -7.23 43.44
N MET E 492 18.90 -5.95 43.73
CA MET E 492 18.99 -4.92 42.70
C MET E 492 20.40 -4.82 42.15
N LEU E 493 21.41 -4.90 43.02
CA LEU E 493 22.79 -4.87 42.54
C LEU E 493 23.10 -6.05 41.63
N ASP E 494 22.65 -7.25 42.03
CA ASP E 494 22.90 -8.44 41.22
C ASP E 494 22.17 -8.35 39.88
N ALA E 495 20.94 -7.85 39.87
CA ALA E 495 20.21 -7.70 38.62
C ALA E 495 20.83 -6.63 37.73
N LEU E 496 21.41 -5.59 38.33
CA LEU E 496 22.06 -4.55 37.54
C LEU E 496 23.35 -5.04 36.93
N VAL E 497 24.12 -5.86 37.66
CA VAL E 497 25.36 -6.40 37.11
C VAL E 497 25.08 -7.37 35.97
N LEU E 498 24.09 -8.23 36.14
CA LEU E 498 23.82 -9.30 35.17
C LEU E 498 23.00 -8.84 33.98
N ASP E 499 22.65 -7.56 33.89
CA ASP E 499 21.85 -7.00 32.78
C ASP E 499 20.49 -7.69 32.70
N ARG E 500 19.70 -7.54 33.75
CA ARG E 500 18.35 -8.07 33.83
C ARG E 500 17.41 -6.88 33.97
N VAL E 501 16.95 -6.36 32.82
CA VAL E 501 16.11 -5.16 32.83
C VAL E 501 14.76 -5.44 33.49
N ASP E 502 14.17 -6.59 33.20
CA ASP E 502 12.86 -6.91 33.75
C ASP E 502 12.90 -7.01 35.26
N PHE E 503 13.95 -7.62 35.81
CA PHE E 503 14.07 -7.72 37.26
C PHE E 503 14.35 -6.37 37.89
N VAL E 504 15.10 -5.49 37.22
CA VAL E 504 15.31 -4.14 37.73
C VAL E 504 14.00 -3.40 37.81
N LYS E 505 13.17 -3.49 36.76
CA LYS E 505 11.87 -2.86 36.78
C LYS E 505 10.98 -3.43 37.86
N LEU E 506 11.00 -4.76 38.03
CA LEU E 506 10.16 -5.40 39.04
C LEU E 506 10.59 -5.00 40.45
N LEU E 507 11.89 -4.93 40.71
CA LEU E 507 12.37 -4.53 42.03
C LEU E 507 12.09 -3.06 42.30
N ILE E 508 12.19 -2.21 41.27
CA ILE E 508 11.81 -0.81 41.42
C ILE E 508 10.33 -0.69 41.78
N GLU E 509 9.49 -1.42 41.05
CA GLU E 509 8.05 -1.38 41.32
C GLU E 509 7.71 -1.90 42.71
N ASN E 510 8.52 -2.82 43.25
CA ASN E 510 8.21 -3.47 44.52
C ASN E 510 9.00 -2.90 45.69
N GLY E 511 9.27 -1.60 45.68
CA GLY E 511 9.73 -0.95 46.90
C GLY E 511 11.07 -0.23 46.87
N VAL E 512 12.06 -0.78 46.17
CA VAL E 512 13.40 -0.22 46.25
C VAL E 512 13.43 1.16 45.59
N SER E 513 14.32 2.01 46.09
CA SER E 513 14.47 3.38 45.60
C SER E 513 15.90 3.60 45.15
N MET E 514 16.05 4.18 43.97
CA MET E 514 17.38 4.34 43.39
C MET E 514 18.19 5.44 44.05
N HIS E 515 17.53 6.39 44.73
CA HIS E 515 18.26 7.49 45.34
C HIS E 515 19.11 7.01 46.51
N ARG E 516 18.56 6.13 47.35
CA ARG E 516 19.33 5.61 48.48
C ARG E 516 20.22 4.44 48.09
N PHE E 517 19.85 3.69 47.06
CA PHE E 517 20.63 2.54 46.65
C PHE E 517 22.00 2.95 46.13
N LEU E 518 22.06 3.96 45.27
CA LEU E 518 23.28 4.29 44.56
C LEU E 518 24.22 5.09 45.46
N THR E 519 25.40 4.52 45.71
CA THR E 519 26.47 5.20 46.43
C THR E 519 27.72 5.15 45.57
N ILE E 520 28.77 5.84 46.04
CA ILE E 520 30.02 5.89 45.29
C ILE E 520 30.65 4.50 45.18
N SER E 521 30.65 3.75 46.29
CA SER E 521 31.23 2.41 46.29
C SER E 521 30.46 1.47 45.38
N ARG E 522 29.13 1.58 45.37
CA ARG E 522 28.33 0.72 44.52
C ARG E 522 28.55 1.04 43.05
N LEU E 523 28.67 2.31 42.70
CA LEU E 523 28.95 2.69 41.32
C LEU E 523 30.35 2.22 40.90
N GLU E 524 31.31 2.30 41.81
CA GLU E 524 32.64 1.76 41.54
C GLU E 524 32.58 0.27 41.29
N GLU E 525 31.78 -0.45 42.07
CA GLU E 525 31.61 -1.89 41.86
C GLU E 525 30.96 -2.17 40.52
N LEU E 526 29.98 -1.36 40.13
CA LEU E 526 29.32 -1.53 38.85
C LEU E 526 30.28 -1.31 37.69
N TYR E 527 31.17 -0.33 37.81
CA TYR E 527 32.12 -0.06 36.73
C TYR E 527 33.23 -1.10 36.62
N ASN E 528 33.34 -2.02 37.58
CA ASN E 528 34.40 -3.03 37.58
C ASN E 528 33.80 -4.43 37.64
N THR E 529 32.79 -4.68 36.83
CA THR E 529 32.15 -5.99 36.76
C THR E 529 32.75 -6.82 35.64
N ARG E 530 32.50 -8.13 35.71
CA ARG E 530 32.91 -9.06 34.67
C ARG E 530 31.75 -9.79 34.03
N HIS E 531 30.54 -9.69 34.58
CA HIS E 531 29.37 -10.31 34.01
C HIS E 531 28.82 -9.46 32.86
N GLY E 532 27.82 -10.01 32.17
CA GLY E 532 27.17 -9.31 31.10
C GLY E 532 27.97 -9.35 29.81
N PRO E 533 27.46 -8.69 28.78
CA PRO E 533 28.12 -8.73 27.47
C PRO E 533 29.42 -7.95 27.47
N SER E 534 30.16 -8.11 26.37
CA SER E 534 31.45 -7.45 26.23
C SER E 534 31.28 -5.96 25.98
N ASN E 535 32.35 -5.21 26.27
CA ASN E 535 32.34 -3.77 26.12
C ASN E 535 33.78 -3.30 25.89
N THR E 536 33.90 -2.05 25.41
CA THR E 536 35.19 -1.47 25.08
C THR E 536 35.63 -0.41 26.10
N LEU E 537 35.14 -0.51 27.33
CA LEU E 537 35.50 0.48 28.34
C LEU E 537 36.97 0.37 28.74
N TYR E 538 37.47 -0.86 28.85
CA TYR E 538 38.85 -1.06 29.28
C TYR E 538 39.84 -0.47 28.29
N HIS E 539 39.56 -0.63 26.99
CA HIS E 539 40.43 -0.06 25.97
C HIS E 539 40.45 1.47 26.06
N LEU E 540 39.30 2.09 26.29
CA LEU E 540 39.25 3.54 26.42
C LEU E 540 40.01 4.02 27.65
N VAL E 541 39.83 3.32 28.78
CA VAL E 541 40.54 3.69 30.00
C VAL E 541 42.05 3.54 29.81
N ARG E 542 42.46 2.49 29.09
CA ARG E 542 43.88 2.32 28.79
C ARG E 542 44.39 3.45 27.89
N ASP E 543 43.59 3.86 26.91
CA ASP E 543 44.03 4.90 25.98
C ASP E 543 44.12 6.26 26.66
N VAL E 544 43.24 6.53 27.64
CA VAL E 544 43.21 7.85 28.25
C VAL E 544 44.40 8.03 29.20
N LYS E 545 44.51 7.17 30.20
CA LYS E 545 45.54 7.30 31.22
C LYS E 545 46.86 6.65 30.79
N LYS E 546 47.62 7.35 29.95
CA LYS E 546 48.99 6.96 29.57
C LYS E 546 48.97 5.69 28.73
N GLY E 547 50.14 5.30 28.22
CA GLY E 547 50.24 4.13 27.38
C GLY E 547 50.25 2.80 28.12
N ASN E 548 50.43 2.86 29.44
CA ASN E 548 50.62 1.65 30.24
C ASN E 548 49.66 1.62 31.42
N LEU E 549 49.03 0.46 31.62
CA LEU E 549 48.11 0.23 32.73
C LEU E 549 48.42 -1.11 33.40
N PRO E 550 48.40 -1.18 34.73
CA PRO E 550 48.62 -2.47 35.39
C PRO E 550 47.47 -3.42 35.09
N PRO E 551 47.74 -4.73 35.07
CA PRO E 551 46.68 -5.69 34.73
C PRO E 551 45.55 -5.71 35.75
N ASP E 552 45.91 -5.90 37.02
CA ASP E 552 44.94 -5.93 38.11
C ASP E 552 44.66 -4.51 38.59
N TYR E 553 43.87 -3.79 37.79
CA TYR E 553 43.59 -2.39 38.03
C TYR E 553 42.10 -2.18 38.29
N ARG E 554 41.79 -1.46 39.36
CA ARG E 554 40.41 -1.08 39.67
C ARG E 554 40.14 0.29 39.04
N ILE E 555 39.09 0.37 38.24
CA ILE E 555 38.77 1.60 37.51
C ILE E 555 38.06 2.54 38.47
N SER E 556 38.69 3.66 38.79
CA SER E 556 38.10 4.65 39.69
C SER E 556 37.23 5.63 38.91
N LEU E 557 36.37 6.34 39.64
CA LEU E 557 35.48 7.31 39.02
C LEU E 557 36.23 8.47 38.38
N ILE E 558 37.45 8.76 38.83
CA ILE E 558 38.25 9.79 38.19
C ILE E 558 38.59 9.38 36.76
N ASP E 559 38.91 8.11 36.54
CA ASP E 559 39.19 7.63 35.19
C ASP E 559 37.95 7.70 34.31
N ILE E 560 36.77 7.42 34.88
CA ILE E 560 35.54 7.53 34.12
C ILE E 560 35.26 8.98 33.76
N GLY E 561 35.53 9.91 34.68
CA GLY E 561 35.40 11.32 34.35
C GLY E 561 36.35 11.74 33.24
N LEU E 562 37.58 11.24 33.29
CA LEU E 562 38.55 11.56 32.24
C LEU E 562 38.10 11.02 30.89
N VAL E 563 37.60 9.79 30.85
CA VAL E 563 37.20 9.22 29.57
C VAL E 563 35.93 9.91 29.05
N ILE E 564 35.04 10.35 29.93
CA ILE E 564 33.87 11.11 29.49
C ILE E 564 34.30 12.45 28.89
N GLU E 565 35.25 13.13 29.54
CA GLU E 565 35.74 14.39 29.00
C GLU E 565 36.44 14.19 27.67
N TYR E 566 37.18 13.08 27.52
CA TYR E 566 37.84 12.80 26.25
C TYR E 566 36.84 12.46 25.15
N LEU E 567 35.75 11.78 25.49
CA LEU E 567 34.76 11.40 24.49
C LEU E 567 33.88 12.58 24.08
N MET E 568 33.55 13.46 25.01
CA MET E 568 32.58 14.52 24.70
C MET E 568 33.19 15.61 23.84
N GLY E 569 34.21 16.29 24.34
CA GLY E 569 34.82 17.35 23.57
C GLY E 569 35.84 18.11 24.39
N GLY E 570 36.38 19.15 23.75
CA GLY E 570 37.42 19.95 24.39
C GLY E 570 36.90 20.77 25.55
N ALA E 571 35.72 21.36 25.41
CA ALA E 571 35.19 22.26 26.42
C ALA E 571 34.40 21.56 27.52
N TYR E 572 34.12 20.26 27.36
CA TYR E 572 33.32 19.55 28.35
C TYR E 572 34.14 19.29 29.62
N ARG E 573 33.45 19.31 30.75
CA ARG E 573 34.07 19.09 32.06
C ARG E 573 33.13 18.27 32.92
N CYS E 574 33.44 16.98 33.07
CA CYS E 574 32.60 16.09 33.85
C CYS E 574 32.67 16.43 35.33
N ASN E 575 31.61 16.07 36.06
CA ASN E 575 31.56 16.35 37.49
C ASN E 575 32.55 15.50 38.29
N TYR E 576 33.03 14.39 37.72
CA TYR E 576 33.93 13.53 38.46
C TYR E 576 35.31 14.14 38.60
N THR E 577 35.74 14.95 37.64
CA THR E 577 37.07 15.54 37.67
C THR E 577 37.11 16.89 38.37
N ARG E 578 35.98 17.37 38.88
CA ARG E 578 35.97 18.64 39.60
C ARG E 578 36.64 18.48 40.96
N LYS E 579 37.10 19.61 41.50
CA LYS E 579 37.84 19.59 42.75
C LYS E 579 36.97 19.15 43.92
N ARG E 580 35.69 19.54 43.91
CA ARG E 580 34.80 19.16 45.01
C ARG E 580 34.63 17.64 45.08
N PHE E 581 34.38 17.00 43.94
CA PHE E 581 34.25 15.56 43.93
C PHE E 581 35.58 14.88 44.23
N ARG E 582 36.70 15.48 43.80
CA ARG E 582 37.99 14.91 44.14
C ARG E 582 38.23 14.91 45.64
N THR E 583 37.86 16.00 46.32
CA THR E 583 37.99 16.05 47.77
C THR E 583 37.03 15.08 48.45
N LEU E 584 35.81 14.94 47.91
CA LEU E 584 34.87 13.98 48.48
C LEU E 584 35.36 12.55 48.33
N TYR E 585 35.96 12.23 47.20
CA TYR E 585 36.50 10.90 46.92
C TYR E 585 37.85 10.66 47.58
N HIS E 586 38.52 11.71 48.05
CA HIS E 586 39.83 11.56 48.67
C HIS E 586 39.75 10.78 49.97
N ASN E 587 38.70 11.00 50.77
CA ASN E 587 38.55 10.36 52.07
C ASN E 587 37.55 9.22 52.02
N LEU E 588 37.53 8.46 50.94
CA LEU E 588 36.68 7.29 50.82
C LEU E 588 37.45 6.10 50.27
N ASN E 632 29.14 8.69 49.65
CA ASN E 632 27.99 9.48 50.05
C ASN E 632 26.78 9.10 49.20
N HIS E 633 26.25 10.07 48.46
CA HIS E 633 25.08 9.86 47.62
C HIS E 633 25.18 10.75 46.39
N PHE E 634 24.24 10.58 45.47
CA PHE E 634 24.13 11.40 44.29
C PHE E 634 22.76 12.05 44.22
N PRO E 635 22.69 13.35 43.89
CA PRO E 635 21.36 13.99 43.78
C PRO E 635 20.51 13.43 42.67
N PHE E 636 21.10 13.16 41.51
CA PHE E 636 20.40 12.56 40.37
C PHE E 636 21.06 11.24 40.04
N PRO E 637 20.54 10.12 40.53
CA PRO E 637 21.23 8.83 40.32
C PRO E 637 21.07 8.31 38.90
N PHE E 638 19.96 8.64 38.25
CA PHE E 638 19.70 8.12 36.92
C PHE E 638 20.62 8.73 35.87
N HIS E 639 21.17 9.92 36.12
CA HIS E 639 22.19 10.46 35.22
C HIS E 639 23.40 9.54 35.16
N GLU E 640 23.95 9.20 36.34
CA GLU E 640 25.12 8.34 36.39
C GLU E 640 24.78 6.93 35.91
N LEU E 641 23.59 6.45 36.22
CA LEU E 641 23.20 5.11 35.76
C LEU E 641 23.10 5.06 34.24
N MET E 642 22.52 6.09 33.61
CA MET E 642 22.43 6.08 32.16
C MET E 642 23.80 6.24 31.51
N VAL E 643 24.68 7.04 32.11
CA VAL E 643 26.05 7.13 31.58
C VAL E 643 26.75 5.78 31.68
N TRP E 644 26.57 5.08 32.81
CA TRP E 644 27.16 3.76 32.96
C TRP E 644 26.61 2.78 31.94
N ALA E 645 25.30 2.81 31.70
CA ALA E 645 24.71 1.91 30.72
C ALA E 645 25.17 2.23 29.30
N VAL E 646 25.36 3.50 28.99
CA VAL E 646 25.82 3.87 27.66
C VAL E 646 27.28 3.45 27.46
N LEU E 647 28.13 3.66 28.46
CA LEU E 647 29.54 3.35 28.31
C LEU E 647 29.81 1.85 28.22
N MET E 648 28.84 1.01 28.62
CA MET E 648 29.03 -0.43 28.61
C MET E 648 28.18 -1.15 27.57
N LYS E 649 27.65 -0.43 26.57
CA LYS E 649 26.91 -1.02 25.46
C LYS E 649 25.72 -1.84 25.93
N ARG E 650 24.96 -1.29 26.86
CA ARG E 650 23.74 -1.92 27.37
C ARG E 650 22.58 -1.04 26.93
N GLN E 651 22.03 -1.33 25.75
CA GLN E 651 21.05 -0.43 25.15
C GLN E 651 19.72 -0.47 25.89
N LYS E 652 19.24 -1.66 26.25
CA LYS E 652 17.97 -1.75 26.96
C LYS E 652 18.03 -1.08 28.33
N MET E 653 19.16 -1.26 29.04
CA MET E 653 19.32 -0.61 30.33
C MET E 653 19.34 0.91 30.19
N ALA E 654 20.04 1.41 29.16
CA ALA E 654 20.08 2.85 28.93
C ALA E 654 18.70 3.40 28.57
N LEU E 655 17.95 2.68 27.75
CA LEU E 655 16.61 3.12 27.39
C LEU E 655 15.68 3.11 28.59
N PHE E 656 15.85 2.14 29.50
CA PHE E 656 15.06 2.15 30.73
C PHE E 656 15.43 3.32 31.62
N PHE E 657 16.73 3.61 31.75
CA PHE E 657 17.16 4.69 32.61
C PHE E 657 16.88 6.06 32.03
N TRP E 658 16.66 6.16 30.72
CA TRP E 658 16.45 7.46 30.08
C TRP E 658 15.14 8.09 30.50
N GLN E 659 14.07 7.29 30.60
CA GLN E 659 12.75 7.85 30.86
C GLN E 659 12.49 8.11 32.34
N HIS E 660 13.42 7.78 33.22
CA HIS E 660 13.30 8.06 34.64
C HIS E 660 14.23 9.20 35.02
N GLY E 661 13.72 10.16 35.77
CA GLY E 661 14.49 11.32 36.18
C GLY E 661 14.23 12.52 35.29
N GLU E 662 14.90 13.61 35.64
CA GLU E 662 14.74 14.86 34.93
C GLU E 662 15.81 15.00 33.83
N GLU E 663 15.63 16.03 33.00
CA GLU E 663 16.54 16.36 31.91
C GLU E 663 16.66 15.20 30.92
N ALA E 664 15.50 14.79 30.39
CA ALA E 664 15.48 13.66 29.46
C ALA E 664 16.13 14.02 28.13
N MET E 665 15.86 15.22 27.61
CA MET E 665 16.42 15.62 26.33
C MET E 665 17.94 15.77 26.41
N ALA E 666 18.45 16.34 27.49
CA ALA E 666 19.89 16.45 27.67
C ALA E 666 20.54 15.09 27.76
N LYS E 667 19.91 14.15 28.47
CA LYS E 667 20.44 12.80 28.55
C LYS E 667 20.46 12.12 27.19
N ALA E 668 19.40 12.33 26.39
CA ALA E 668 19.38 11.74 25.06
C ALA E 668 20.50 12.28 24.18
N LEU E 669 20.70 13.61 24.21
CA LEU E 669 21.75 14.20 23.39
C LEU E 669 23.14 13.78 23.84
N VAL E 670 23.36 13.71 25.16
CA VAL E 670 24.65 13.28 25.68
C VAL E 670 24.91 11.83 25.31
N ALA E 671 23.89 10.97 25.40
CA ALA E 671 24.06 9.57 25.01
C ALA E 671 24.37 9.44 23.53
N CYS E 672 23.71 10.25 22.69
CA CYS E 672 24.00 10.21 21.25
C CYS E 672 25.45 10.59 20.97
N LYS E 673 25.92 11.66 21.61
CA LYS E 673 27.31 12.08 21.41
C LYS E 673 28.29 11.03 21.90
N LEU E 674 28.02 10.43 23.08
CA LEU E 674 28.92 9.42 23.61
C LEU E 674 28.97 8.19 22.72
N CYS E 675 27.82 7.75 22.21
CA CYS E 675 27.80 6.59 21.33
C CYS E 675 28.55 6.88 20.03
N LYS E 676 28.38 8.07 19.46
CA LYS E 676 29.11 8.42 18.25
C LYS E 676 30.62 8.43 18.49
N ALA E 677 31.06 9.01 19.62
CA ALA E 677 32.48 9.07 19.91
C ALA E 677 33.05 7.67 20.14
N MET E 678 32.31 6.81 20.85
CA MET E 678 32.78 5.44 21.06
C MET E 678 32.86 4.67 19.76
N ALA E 679 31.89 4.88 18.85
CA ALA E 679 31.96 4.23 17.55
C ALA E 679 33.18 4.67 16.76
N HIS E 680 33.48 5.97 16.79
CA HIS E 680 34.67 6.46 16.11
C HIS E 680 35.94 5.87 16.70
N GLU E 681 36.03 5.82 18.04
CA GLU E 681 37.21 5.27 18.68
C GLU E 681 37.38 3.78 18.37
N ALA E 682 36.27 3.03 18.36
CA ALA E 682 36.36 1.61 18.06
C ALA E 682 36.74 1.37 16.61
N SER E 683 36.22 2.17 15.68
CA SER E 683 36.61 2.03 14.29
C SER E 683 38.06 2.43 14.06
N GLU E 684 38.57 3.36 14.87
CA GLU E 684 39.97 3.74 14.77
C GLU E 684 40.91 2.59 15.18
N ASN E 685 40.52 1.84 16.21
CA ASN E 685 41.37 0.79 16.77
C ASN E 685 41.06 -0.59 16.21
N ASP E 686 40.58 -0.65 14.96
CA ASP E 686 40.33 -1.87 14.19
C ASP E 686 39.64 -2.96 15.03
N MET E 687 38.42 -2.65 15.46
CA MET E 687 37.60 -3.60 16.20
C MET E 687 36.96 -4.58 15.22
N VAL E 688 35.99 -5.37 15.72
CA VAL E 688 35.35 -6.40 14.90
C VAL E 688 34.40 -5.82 13.87
N ASP E 689 34.23 -4.50 13.85
CA ASP E 689 33.42 -3.74 12.90
C ASP E 689 31.92 -4.02 13.05
N ASP E 690 31.53 -4.91 13.96
CA ASP E 690 30.14 -5.02 14.37
C ASP E 690 29.84 -4.16 15.59
N ILE E 691 30.84 -3.95 16.45
CA ILE E 691 30.70 -3.03 17.55
C ILE E 691 30.45 -1.62 17.03
N SER E 692 31.15 -1.22 15.97
CA SER E 692 30.93 0.10 15.39
C SER E 692 29.51 0.25 14.85
N GLN E 693 29.01 -0.79 14.18
CA GLN E 693 27.64 -0.73 13.67
C GLN E 693 26.63 -0.65 14.81
N GLU E 694 26.84 -1.43 15.87
CA GLU E 694 25.93 -1.38 17.01
C GLU E 694 25.94 0.00 17.66
N LEU E 695 27.13 0.59 17.82
CA LEU E 695 27.23 1.91 18.45
C LEU E 695 26.59 2.98 17.58
N ASN E 696 26.75 2.89 16.26
CA ASN E 696 26.08 3.85 15.38
C ASN E 696 24.55 3.70 15.45
N HIS E 697 24.07 2.46 15.53
CA HIS E 697 22.62 2.25 15.67
C HIS E 697 22.11 2.83 16.99
N ASN E 698 22.88 2.65 18.07
CA ASN E 698 22.50 3.24 19.35
C ASN E 698 22.46 4.75 19.28
N SER E 699 23.46 5.36 18.62
CA SER E 699 23.49 6.81 18.48
C SER E 699 22.29 7.31 17.69
N ARG E 700 21.94 6.61 16.61
CA ARG E 700 20.76 7.00 15.83
C ARG E 700 19.49 6.87 16.65
N ASP E 701 19.37 5.82 17.45
CA ASP E 701 18.19 5.64 18.28
C ASP E 701 18.04 6.77 19.29
N PHE E 702 19.14 7.14 19.94
CA PHE E 702 19.07 8.23 20.92
C PHE E 702 18.77 9.56 20.26
N GLY E 703 19.35 9.81 19.09
CA GLY E 703 19.03 11.04 18.37
C GLY E 703 17.57 11.11 17.97
N GLN E 704 17.01 9.99 17.51
CA GLN E 704 15.59 9.96 17.16
C GLN E 704 14.71 10.20 18.39
N LEU E 705 15.10 9.63 19.53
CA LEU E 705 14.35 9.89 20.76
C LEU E 705 14.37 11.37 21.12
N ALA E 706 15.53 12.02 21.01
CA ALA E 706 15.61 13.44 21.31
C ALA E 706 14.74 14.26 20.36
N VAL E 707 14.77 13.93 19.07
CA VAL E 707 13.96 14.68 18.10
C VAL E 707 12.48 14.51 18.38
N GLU E 708 12.05 13.28 18.68
CA GLU E 708 10.63 13.06 18.94
C GLU E 708 10.18 13.74 20.22
N LEU E 709 11.04 13.76 21.25
CA LEU E 709 10.70 14.47 22.47
C LEU E 709 10.58 15.98 22.22
N LEU E 710 11.49 16.53 21.40
CA LEU E 710 11.38 17.95 21.06
C LEU E 710 10.10 18.24 20.30
N ASP E 711 9.72 17.35 19.37
CA ASP E 711 8.49 17.54 18.62
C ASP E 711 7.28 17.54 19.54
N GLN E 712 7.24 16.59 20.48
CA GLN E 712 6.12 16.53 21.43
C GLN E 712 6.07 17.79 22.29
N SER E 713 7.22 18.24 22.80
CA SER E 713 7.25 19.42 23.65
C SER E 713 6.80 20.66 22.90
N TYR E 714 7.27 20.82 21.67
CA TYR E 714 6.87 21.99 20.88
C TYR E 714 5.39 21.94 20.52
N LYS E 715 4.87 20.74 20.24
CA LYS E 715 3.45 20.63 19.91
C LYS E 715 2.58 20.94 21.12
N GLN E 716 3.03 20.58 22.33
CA GLN E 716 2.23 20.85 23.51
C GLN E 716 2.24 22.34 23.85
N ASP E 717 3.41 22.90 24.13
CA ASP E 717 3.55 24.31 24.50
C ASP E 717 4.83 24.85 23.88
N GLU E 718 4.75 26.05 23.29
CA GLU E 718 5.88 26.57 22.53
C GLU E 718 6.88 27.33 23.38
N GLN E 719 6.41 28.22 24.26
CA GLN E 719 7.32 29.02 25.06
C GLN E 719 8.14 28.16 26.01
N LEU E 720 7.51 27.18 26.66
CA LEU E 720 8.26 26.27 27.51
C LEU E 720 9.21 25.40 26.70
N ALA E 721 8.84 25.06 25.46
CA ALA E 721 9.74 24.31 24.60
C ALA E 721 10.99 25.12 24.28
N MET E 722 10.83 26.41 24.00
CA MET E 722 11.99 27.26 23.78
C MET E 722 12.81 27.42 25.06
N LYS E 723 12.15 27.48 26.21
CA LYS E 723 12.86 27.57 27.48
C LYS E 723 13.64 26.30 27.78
N LEU E 724 13.18 25.16 27.26
CA LEU E 724 13.91 23.91 27.44
C LEU E 724 15.24 23.89 26.72
N LEU E 725 15.34 24.54 25.57
CA LEU E 725 16.53 24.45 24.74
C LEU E 725 17.61 25.46 25.08
N THR E 726 17.35 26.39 26.00
CA THR E 726 18.31 27.44 26.28
C THR E 726 18.74 27.55 27.74
N TYR E 727 18.08 26.87 28.66
CA TYR E 727 18.43 27.04 30.06
C TYR E 727 19.70 26.26 30.38
N GLU E 728 20.56 26.88 31.18
CA GLU E 728 21.87 26.31 31.47
C GLU E 728 21.74 25.02 32.28
N LEU E 729 22.52 24.01 31.90
CA LEU E 729 22.48 22.70 32.53
C LEU E 729 23.65 22.58 33.49
N LYS E 730 23.37 22.65 34.79
CA LYS E 730 24.44 22.61 35.78
C LYS E 730 25.08 21.23 35.86
N ASN E 731 24.33 20.16 35.60
CA ASN E 731 24.86 18.81 35.68
C ASN E 731 25.72 18.44 34.48
N TRP E 732 25.62 19.18 33.38
CA TRP E 732 26.31 18.79 32.15
C TRP E 732 27.31 19.85 31.73
N SER E 733 28.13 20.33 32.68
CA SER E 733 29.24 21.25 32.41
C SER E 733 28.77 22.57 31.83
N ASN E 734 27.59 23.02 32.27
CA ASN E 734 27.04 24.34 31.91
C ASN E 734 26.93 24.50 30.39
N ALA E 735 26.12 23.65 29.78
CA ALA E 735 25.90 23.67 28.35
C ALA E 735 24.41 23.51 28.06
N THR E 736 23.89 24.31 27.15
CA THR E 736 22.49 24.22 26.79
C THR E 736 22.27 23.03 25.86
N CYS E 737 20.99 22.73 25.59
CA CYS E 737 20.68 21.62 24.70
C CYS E 737 21.08 21.91 23.26
N LEU E 738 21.04 23.18 22.84
CA LEU E 738 21.50 23.53 21.51
C LEU E 738 22.98 23.22 21.33
N GLN E 739 23.80 23.54 22.34
CA GLN E 739 25.23 23.27 22.24
C GLN E 739 25.50 21.77 22.19
N LEU E 740 24.75 20.98 22.96
CA LEU E 740 24.91 19.53 22.91
C LEU E 740 24.49 18.96 21.57
N ALA E 741 23.42 19.50 20.99
CA ALA E 741 22.97 19.04 19.68
C ALA E 741 23.93 19.43 18.57
N VAL E 742 24.52 20.61 18.64
CA VAL E 742 25.49 21.04 17.63
C VAL E 742 26.77 20.23 17.77
N ALA E 743 27.22 19.98 19.01
CA ALA E 743 28.43 19.19 19.21
C ALA E 743 28.28 17.76 18.74
N ALA E 744 27.05 17.26 18.61
CA ALA E 744 26.79 15.91 18.11
C ALA E 744 26.52 15.88 16.62
N LYS E 745 26.61 17.02 15.93
CA LYS E 745 26.32 17.13 14.50
C LYS E 745 24.94 16.57 14.16
N HIS E 746 23.98 16.87 15.03
CA HIS E 746 22.61 16.37 14.89
C HIS E 746 21.84 17.34 14.01
N ARG E 747 21.80 17.07 12.71
CA ARG E 747 21.21 18.01 11.77
C ARG E 747 19.68 18.01 11.82
N ASP E 748 19.07 16.89 12.22
CA ASP E 748 17.62 16.82 12.27
C ASP E 748 17.03 17.50 13.51
N PHE E 749 17.87 17.86 14.48
CA PHE E 749 17.40 18.55 15.68
C PHE E 749 17.44 20.06 15.51
N ILE E 750 18.54 20.59 14.96
CA ILE E 750 18.64 22.03 14.71
C ILE E 750 17.68 22.46 13.60
N ALA E 751 17.35 21.56 12.68
CA ALA E 751 16.47 21.90 11.56
C ALA E 751 15.00 21.83 11.92
N HIS E 752 14.66 21.49 13.16
CA HIS E 752 13.27 21.45 13.58
C HIS E 752 12.70 22.87 13.65
N THR E 753 11.37 22.95 13.65
CA THR E 753 10.71 24.26 13.64
C THR E 753 11.01 25.05 14.92
N CYS E 754 10.98 24.37 16.08
CA CYS E 754 11.21 25.07 17.34
C CYS E 754 12.64 25.61 17.42
N SER E 755 13.62 24.79 17.00
CA SER E 755 15.00 25.25 17.01
C SER E 755 15.20 26.42 16.05
N GLN E 756 14.54 26.37 14.89
CA GLN E 756 14.66 27.46 13.94
C GLN E 756 14.04 28.75 14.47
N MET E 757 12.90 28.66 15.14
CA MET E 757 12.30 29.86 15.70
C MET E 757 13.16 30.42 16.84
N LEU E 758 13.74 29.55 17.65
CA LEU E 758 14.65 30.01 18.70
C LEU E 758 15.86 30.69 18.11
N LEU E 759 16.41 30.14 17.02
CA LEU E 759 17.56 30.77 16.37
C LEU E 759 17.18 32.11 15.76
N THR E 760 15.97 32.21 15.20
CA THR E 760 15.52 33.50 14.69
C THR E 760 15.41 34.53 15.79
N ASP E 761 14.88 34.12 16.96
CA ASP E 761 14.78 35.03 18.08
C ASP E 761 16.16 35.47 18.58
N MET E 762 17.12 34.54 18.63
CA MET E 762 18.49 34.90 19.01
C MET E 762 19.13 35.82 17.98
N TRP E 763 18.85 35.61 16.69
CA TRP E 763 19.45 36.41 15.63
C TRP E 763 18.89 37.83 15.62
N MET E 764 17.59 37.97 15.89
CA MET E 764 16.96 39.28 15.86
C MET E 764 17.40 40.18 17.01
N GLY E 765 17.93 39.61 18.09
CA GLY E 765 18.40 40.40 19.21
C GLY E 765 17.28 40.86 20.13
N ARG E 766 17.38 42.09 20.63
CA ARG E 766 16.40 42.66 21.55
C ARG E 766 15.34 43.49 20.84
N LEU E 767 15.09 43.20 19.56
CA LEU E 767 14.08 43.91 18.79
C LEU E 767 12.89 42.99 18.52
N ARG E 768 11.74 43.60 18.26
CA ARG E 768 10.52 42.86 17.98
C ARG E 768 10.04 43.05 16.54
N MET E 769 10.82 43.72 15.70
CA MET E 769 10.44 43.92 14.31
C MET E 769 10.49 42.60 13.57
N ARG E 770 9.32 42.07 13.21
CA ARG E 770 9.22 40.79 12.52
C ARG E 770 8.48 40.86 11.20
N LYS E 771 7.93 42.02 10.83
CA LYS E 771 7.18 42.13 9.58
C LYS E 771 8.12 42.19 8.39
N ASN E 772 8.96 43.22 8.33
CA ASN E 772 9.88 43.43 7.21
C ASN E 772 11.21 43.92 7.77
N SER E 773 12.11 42.98 8.06
CA SER E 773 13.42 43.31 8.58
C SER E 773 14.35 43.66 7.42
N GLY E 774 15.60 43.96 7.75
CA GLY E 774 16.57 44.31 6.73
C GLY E 774 16.49 45.77 6.32
N LEU E 775 15.37 46.17 5.71
CA LEU E 775 15.21 47.55 5.29
C LEU E 775 15.22 48.49 6.48
N LYS E 776 14.52 48.12 7.56
CA LYS E 776 14.51 48.95 8.76
C LYS E 776 15.88 48.98 9.43
N VAL E 777 16.59 47.84 9.41
CA VAL E 777 17.94 47.80 9.97
C VAL E 777 18.88 48.66 9.15
N ILE E 778 18.76 48.61 7.82
CA ILE E 778 19.58 49.45 6.95
C ILE E 778 19.30 50.92 7.21
N LEU E 779 18.01 51.29 7.35
CA LEU E 779 17.66 52.67 7.66
C LEU E 779 18.22 53.10 9.00
N GLY E 780 18.16 52.22 10.00
CA GLY E 780 18.72 52.55 11.31
C GLY E 780 20.22 52.72 11.28
N ILE E 781 20.92 51.90 10.51
CA ILE E 781 22.37 52.06 10.38
C ILE E 781 22.71 53.36 9.66
N LEU E 782 22.00 53.67 8.57
CA LEU E 782 22.29 54.89 7.82
C LEU E 782 21.73 56.15 8.49
N LEU E 783 20.67 56.02 9.28
CA LEU E 783 20.05 57.16 9.98
C LEU E 783 19.99 56.82 11.47
N PRO E 784 21.04 57.14 12.22
CA PRO E 784 21.05 56.85 13.68
C PRO E 784 19.90 57.53 14.42
N PRO E 785 19.42 58.71 14.01
CA PRO E 785 18.17 59.20 14.62
C PRO E 785 16.98 58.27 14.43
N SER E 786 16.93 57.52 13.33
CA SER E 786 15.80 56.63 13.08
C SER E 786 15.79 55.42 14.00
N ILE E 787 16.87 55.20 14.77
CA ILE E 787 16.92 54.06 15.68
C ILE E 787 15.84 54.17 16.75
N LEU E 788 15.64 55.38 17.29
CA LEU E 788 14.68 55.57 18.38
C LEU E 788 13.27 55.68 17.84
N SER E 789 12.87 54.74 16.99
CA SER E 789 11.51 54.61 16.53
C SER E 789 11.06 53.17 16.41
N LEU E 790 11.89 52.21 16.81
CA LEU E 790 11.59 50.80 16.69
C LEU E 790 11.18 50.24 18.04
N GLU E 791 10.25 49.28 18.03
CA GLU E 791 9.83 48.63 19.26
C GLU E 791 10.92 47.67 19.75
N PHE E 792 11.01 47.53 21.07
CA PHE E 792 12.00 46.69 21.71
C PHE E 792 11.32 45.72 22.65
N LYS E 793 11.97 44.58 22.86
CA LYS E 793 11.48 43.60 23.82
C LYS E 793 11.87 43.99 25.23
N ASN E 794 11.02 43.62 26.19
CA ASN E 794 11.22 43.99 27.59
C ASN E 794 12.41 43.26 28.20
N GLY E 861 19.63 56.25 25.04
CA GLY E 861 20.71 55.89 25.95
C GLY E 861 21.09 54.43 25.84
N ARG E 862 20.36 53.57 26.54
CA ARG E 862 20.57 52.13 26.45
C ARG E 862 19.97 51.53 25.19
N LYS E 863 19.05 52.25 24.54
CA LYS E 863 18.44 51.74 23.31
C LYS E 863 19.45 51.64 22.18
N ILE E 864 20.36 52.60 22.09
CA ILE E 864 21.41 52.55 21.07
C ILE E 864 22.32 51.35 21.29
N TYR E 865 22.70 51.10 22.55
CA TYR E 865 23.54 49.94 22.86
C TYR E 865 22.84 48.64 22.53
N GLU E 866 21.53 48.55 22.78
CA GLU E 866 20.79 47.34 22.43
C GLU E 866 20.61 47.20 20.93
N PHE E 867 20.55 48.31 20.19
CA PHE E 867 20.40 48.24 18.74
C PHE E 867 21.71 47.80 18.09
N TYR E 868 22.84 48.35 18.51
CA TYR E 868 24.10 48.08 17.85
C TYR E 868 24.77 46.80 18.31
N ASN E 869 24.15 46.05 19.21
CA ASN E 869 24.70 44.77 19.65
C ASN E 869 23.88 43.57 19.17
N ALA E 870 22.78 43.80 18.45
CA ALA E 870 22.06 42.69 17.87
C ALA E 870 22.88 42.04 16.77
N PRO E 871 22.80 40.72 16.60
CA PRO E 871 23.56 40.06 15.53
C PRO E 871 23.20 40.55 14.14
N ILE E 872 21.92 40.87 13.90
CA ILE E 872 21.49 41.25 12.56
C ILE E 872 22.08 42.61 12.19
N VAL E 873 22.15 43.54 13.15
CA VAL E 873 22.73 44.85 12.87
C VAL E 873 24.22 44.73 12.60
N LYS E 874 24.93 43.88 13.34
CA LYS E 874 26.33 43.64 13.05
C LYS E 874 26.51 43.04 11.66
N PHE E 875 25.63 42.10 11.28
CA PHE E 875 25.73 41.49 9.96
C PHE E 875 25.54 42.53 8.87
N TRP E 876 24.55 43.41 9.02
CA TRP E 876 24.32 44.41 7.98
C TRP E 876 25.44 45.45 7.94
N PHE E 877 26.01 45.81 9.09
CA PHE E 877 27.16 46.70 9.10
C PHE E 877 28.33 46.07 8.34
N TYR E 878 28.60 44.78 8.59
CA TYR E 878 29.68 44.10 7.87
C TYR E 878 29.39 44.01 6.37
N THR E 879 28.13 43.77 6.01
CA THR E 879 27.78 43.68 4.60
C THR E 879 27.98 45.01 3.89
N LEU E 880 27.55 46.11 4.52
CA LEU E 880 27.75 47.42 3.90
C LEU E 880 29.23 47.77 3.78
N ALA E 881 30.02 47.43 4.80
CA ALA E 881 31.45 47.66 4.71
C ALA E 881 32.08 46.86 3.58
N TYR E 882 31.66 45.61 3.41
CA TYR E 882 32.21 44.79 2.33
C TYR E 882 31.80 45.33 0.96
N ILE E 883 30.58 45.82 0.83
CA ILE E 883 30.14 46.40 -0.44
C ILE E 883 30.98 47.64 -0.78
N GLY E 884 31.20 48.51 0.20
CA GLY E 884 32.05 49.67 -0.03
C GLY E 884 33.48 49.29 -0.38
N TYR E 885 34.00 48.26 0.27
CA TYR E 885 35.35 47.78 -0.04
C TYR E 885 35.44 47.27 -1.47
N LEU E 886 34.42 46.53 -1.92
CA LEU E 886 34.41 46.06 -3.30
C LEU E 886 34.35 47.22 -4.28
N MET E 887 33.55 48.24 -3.97
CA MET E 887 33.48 49.40 -4.86
C MET E 887 34.84 50.08 -4.97
N LEU E 888 35.54 50.25 -3.85
CA LEU E 888 36.85 50.89 -3.88
C LEU E 888 37.87 50.03 -4.63
N PHE E 889 37.80 48.71 -4.46
CA PHE E 889 38.72 47.82 -5.18
C PHE E 889 38.50 47.91 -6.69
N ASN E 890 37.24 47.91 -7.12
CA ASN E 890 36.94 48.08 -8.54
C ASN E 890 37.48 49.41 -9.05
N TYR E 891 37.29 50.47 -8.28
CA TYR E 891 37.78 51.79 -8.71
C TYR E 891 39.29 51.81 -8.86
N ILE E 892 40.02 51.22 -7.91
CA ILE E 892 41.48 51.31 -8.00
C ILE E 892 42.01 50.43 -9.13
N VAL E 893 41.35 49.31 -9.43
CA VAL E 893 41.91 48.50 -10.51
C VAL E 893 41.53 49.04 -11.89
N LEU E 894 40.35 49.68 -12.02
CA LEU E 894 39.91 50.11 -13.34
C LEU E 894 40.71 51.31 -13.84
N VAL E 895 40.90 52.32 -13.00
CA VAL E 895 41.58 53.53 -13.41
C VAL E 895 43.09 53.34 -13.32
N LYS E 896 43.85 54.27 -13.90
CA LYS E 896 45.30 54.14 -13.93
C LYS E 896 45.90 54.29 -12.54
N MET E 897 46.87 53.44 -12.23
CA MET E 897 47.55 53.46 -10.94
C MET E 897 48.83 54.28 -11.07
N GLU E 898 49.01 55.22 -10.15
CA GLU E 898 50.15 56.13 -10.18
C GLU E 898 51.33 55.50 -9.45
N ARG E 899 52.39 56.31 -9.26
CA ARG E 899 53.59 55.81 -8.60
C ARG E 899 53.32 55.45 -7.15
N TRP E 900 52.54 56.26 -6.45
CA TRP E 900 52.23 56.03 -5.05
C TRP E 900 50.73 55.83 -4.87
N PRO E 901 50.32 55.03 -3.88
CA PRO E 901 48.89 54.73 -3.73
C PRO E 901 48.06 55.98 -3.46
N SER E 902 46.85 55.99 -4.02
CA SER E 902 45.90 57.07 -3.78
C SER E 902 45.16 56.80 -2.48
N THR E 903 44.15 57.63 -2.18
CA THR E 903 43.40 57.46 -0.94
C THR E 903 42.64 56.15 -0.93
N GLN E 904 41.99 55.82 -2.05
CA GLN E 904 41.19 54.59 -2.11
C GLN E 904 42.07 53.35 -1.95
N GLU E 905 43.27 53.38 -2.53
CA GLU E 905 44.17 52.25 -2.38
C GLU E 905 44.62 52.08 -0.93
N TRP E 906 44.85 53.21 -0.24
CA TRP E 906 45.19 53.12 1.17
C TRP E 906 44.03 52.56 2.00
N ILE E 907 42.80 52.94 1.67
CA ILE E 907 41.65 52.38 2.38
C ILE E 907 41.55 50.88 2.14
N VAL E 908 41.79 50.44 0.91
CA VAL E 908 41.74 49.01 0.60
C VAL E 908 42.82 48.25 1.36
N ILE E 909 44.03 48.80 1.39
CA ILE E 909 45.13 48.16 2.11
C ILE E 909 44.82 48.09 3.60
N SER E 910 44.23 49.15 4.16
CA SER E 910 43.84 49.13 5.56
C SER E 910 42.78 48.06 5.83
N TYR E 911 41.83 47.91 4.91
CA TYR E 911 40.81 46.87 5.08
C TYR E 911 41.46 45.49 5.11
N ILE E 912 42.39 45.24 4.19
CA ILE E 912 43.05 43.92 4.14
C ILE E 912 43.84 43.68 5.42
N PHE E 913 44.57 44.70 5.88
CA PHE E 913 45.37 44.55 7.10
C PHE E 913 44.51 44.27 8.31
N THR E 914 43.41 45.02 8.47
CA THR E 914 42.53 44.79 9.61
C THR E 914 41.83 43.45 9.53
N LEU E 915 41.48 42.99 8.32
CA LEU E 915 40.90 41.67 8.17
C LEU E 915 41.88 40.58 8.57
N GLY E 916 43.15 40.74 8.20
CA GLY E 916 44.16 39.78 8.63
C GLY E 916 44.34 39.76 10.13
N ILE E 917 44.34 40.95 10.76
CA ILE E 917 44.44 41.03 12.22
C ILE E 917 43.24 40.35 12.88
N GLU E 918 42.04 40.55 12.33
CA GLU E 918 40.86 39.90 12.87
C GLU E 918 40.92 38.39 12.72
N LYS E 919 41.45 37.90 11.60
CA LYS E 919 41.61 36.46 11.43
C LYS E 919 42.59 35.89 12.44
N MET E 920 43.70 36.59 12.68
CA MET E 920 44.65 36.14 13.70
C MET E 920 44.02 36.14 15.09
N ARG E 921 43.21 37.16 15.40
CA ARG E 921 42.53 37.20 16.69
C ARG E 921 41.57 36.05 16.83
N GLU E 922 40.84 35.71 15.77
CA GLU E 922 39.95 34.54 15.83
C GLU E 922 40.72 33.25 15.98
N ILE E 923 41.91 33.15 15.37
CA ILE E 923 42.76 31.97 15.59
C ILE E 923 43.18 31.87 17.04
N LEU E 924 43.57 32.99 17.64
CA LEU E 924 44.10 32.98 19.00
C LEU E 924 43.06 32.55 20.02
N MET E 925 41.81 32.97 19.85
CA MET E 925 40.75 32.70 20.81
C MET E 925 39.93 31.46 20.45
N SER E 926 40.57 30.46 19.84
CA SER E 926 39.89 29.22 19.50
C SER E 926 39.76 28.35 20.76
N GLU E 927 39.27 27.12 20.57
CA GLU E 927 38.97 26.24 21.70
C GLU E 927 40.20 25.54 22.29
N PRO E 928 41.09 24.93 21.50
CA PRO E 928 42.25 24.25 22.11
C PRO E 928 43.20 25.22 22.77
N GLY E 929 44.02 24.68 23.67
CA GLY E 929 44.97 25.45 24.44
C GLY E 929 46.35 25.61 23.83
N LYS E 930 46.58 25.10 22.62
CA LYS E 930 47.88 25.20 21.97
C LYS E 930 47.75 26.00 20.69
N LEU E 931 48.76 26.84 20.40
CA LEU E 931 48.74 27.66 19.20
C LEU E 931 48.75 26.81 17.94
N LEU E 932 49.56 25.75 17.91
CA LEU E 932 49.62 24.88 16.74
C LEU E 932 48.34 24.07 16.56
N GLN E 933 47.68 23.68 17.66
CA GLN E 933 46.45 22.89 17.54
C GLN E 933 45.29 23.73 17.07
N LYS E 934 45.22 25.00 17.46
CA LYS E 934 44.13 25.87 17.02
C LYS E 934 44.21 26.15 15.53
N VAL E 935 45.40 26.07 14.94
CA VAL E 935 45.56 26.30 13.51
C VAL E 935 44.79 25.26 12.71
N LYS E 936 44.89 23.99 13.12
CA LYS E 936 44.16 22.93 12.42
C LYS E 936 42.66 23.12 12.51
N VAL E 937 42.16 23.46 13.70
CA VAL E 937 40.73 23.66 13.88
C VAL E 937 40.24 24.86 13.09
N TRP E 938 41.05 25.91 12.98
CA TRP E 938 40.65 27.07 12.18
C TRP E 938 40.74 26.76 10.68
N LEU E 939 41.63 25.85 10.30
CA LEU E 939 41.79 25.51 8.89
C LEU E 939 40.82 24.42 8.46
N GLN E 940 39.93 24.00 9.36
CA GLN E 940 38.88 23.04 9.00
C GLN E 940 37.94 23.55 7.92
N GLU E 941 37.55 24.82 7.99
CA GLU E 941 36.66 25.39 6.98
C GLU E 941 37.45 25.84 5.76
N TYR E 942 36.80 25.76 4.59
CA TYR E 942 37.47 26.13 3.35
C TYR E 942 37.57 27.64 3.18
N TRP E 943 36.58 28.39 3.67
CA TRP E 943 36.59 29.83 3.51
C TRP E 943 37.77 30.46 4.23
N ASN E 944 38.13 29.93 5.40
CA ASN E 944 39.29 30.43 6.14
C ASN E 944 40.59 30.19 5.37
N VAL E 945 40.75 29.01 4.77
CA VAL E 945 41.94 28.72 3.99
C VAL E 945 42.03 29.64 2.78
N THR E 946 40.91 29.83 2.07
CA THR E 946 40.92 30.71 0.91
C THR E 946 41.19 32.16 1.30
N ASP E 947 40.64 32.61 2.43
CA ASP E 947 40.92 33.96 2.89
C ASP E 947 42.39 34.13 3.23
N LEU E 948 43.01 33.13 3.87
CA LEU E 948 44.43 33.21 4.18
C LEU E 948 45.26 33.28 2.91
N ILE E 949 44.93 32.46 1.91
CA ILE E 949 45.67 32.48 0.65
C ILE E 949 45.51 33.83 -0.05
N ALA E 950 44.28 34.37 -0.05
CA ALA E 950 44.03 35.65 -0.69
C ALA E 950 44.76 36.79 0.00
N ILE E 951 44.81 36.77 1.34
CA ILE E 951 45.51 37.82 2.06
C ILE E 951 47.01 37.75 1.78
N LEU E 952 47.57 36.53 1.74
CA LEU E 952 48.98 36.40 1.40
C LEU E 952 49.27 36.89 -0.02
N LEU E 953 48.39 36.54 -0.96
CA LEU E 953 48.59 36.98 -2.34
C LEU E 953 48.47 38.50 -2.46
N PHE E 954 47.54 39.11 -1.73
CA PHE E 954 47.43 40.57 -1.75
C PHE E 954 48.64 41.23 -1.13
N SER E 955 49.20 40.63 -0.06
CA SER E 955 50.42 41.18 0.52
C SER E 955 51.58 41.11 -0.46
N VAL E 956 51.71 40.00 -1.18
CA VAL E 956 52.75 39.88 -2.20
C VAL E 956 52.56 40.93 -3.29
N GLY E 957 51.32 41.10 -3.75
CA GLY E 957 51.05 42.08 -4.79
C GLY E 957 51.29 43.51 -4.34
N MET E 958 50.99 43.81 -3.07
CA MET E 958 51.25 45.15 -2.55
C MET E 958 52.74 45.39 -2.40
N ILE E 959 53.50 44.37 -2.00
CA ILE E 959 54.96 44.52 -1.90
C ILE E 959 55.55 44.76 -3.28
N LEU E 960 55.11 43.99 -4.28
CA LEU E 960 55.63 44.18 -5.63
C LEU E 960 55.16 45.47 -6.27
N ARG E 961 54.05 46.05 -5.80
CA ARG E 961 53.51 47.25 -6.42
C ARG E 961 54.38 48.47 -6.14
N LEU E 962 55.00 48.53 -4.97
CA LEU E 962 55.81 49.68 -4.57
C LEU E 962 57.26 49.52 -5.04
N GLN E 963 57.43 49.28 -6.33
CA GLN E 963 58.73 49.04 -6.93
C GLN E 963 58.77 49.76 -8.28
N ASP E 964 59.71 49.37 -9.14
CA ASP E 964 59.83 49.96 -10.47
C ASP E 964 58.66 49.51 -11.36
N GLN E 965 58.72 49.89 -12.64
CA GLN E 965 57.59 49.69 -13.54
C GLN E 965 57.20 48.24 -13.77
N PRO E 966 58.12 47.30 -14.10
CA PRO E 966 57.67 45.91 -14.32
C PRO E 966 57.09 45.27 -13.07
N PHE E 967 57.71 45.50 -11.92
CA PHE E 967 57.15 44.96 -10.68
C PHE E 967 55.83 45.63 -10.33
N ARG E 968 55.68 46.91 -10.69
CA ARG E 968 54.38 47.56 -10.51
C ARG E 968 53.30 46.90 -11.36
N SER E 969 53.63 46.56 -12.62
CA SER E 969 52.66 45.87 -13.47
C SER E 969 52.32 44.49 -12.91
N ASP E 970 53.33 43.78 -12.40
CA ASP E 970 53.06 42.47 -11.80
C ASP E 970 52.15 42.59 -10.58
N GLY E 971 52.40 43.60 -9.74
CA GLY E 971 51.50 43.83 -8.61
C GLY E 971 50.09 44.16 -9.04
N ARG E 972 49.95 44.93 -10.12
CA ARG E 972 48.62 45.25 -10.63
C ARG E 972 47.90 43.99 -11.11
N VAL E 973 48.62 43.09 -11.78
CA VAL E 973 48.02 41.85 -12.24
C VAL E 973 47.58 40.99 -11.05
N ILE E 974 48.41 40.94 -10.01
CA ILE E 974 48.02 40.22 -8.79
C ILE E 974 46.78 40.84 -8.17
N TYR E 975 46.68 42.17 -8.22
CA TYR E 975 45.47 42.85 -7.75
C TYR E 975 44.24 42.40 -8.53
N CYS E 976 44.37 42.29 -9.85
CA CYS E 976 43.23 41.87 -10.67
C CYS E 976 42.78 40.45 -10.31
N VAL E 977 43.73 39.52 -10.16
CA VAL E 977 43.36 38.16 -9.78
C VAL E 977 42.69 38.15 -8.40
N ASN E 978 43.22 38.95 -7.47
CA ASN E 978 42.62 39.01 -6.15
C ASN E 978 41.20 39.56 -6.20
N ILE E 979 40.94 40.51 -7.10
CA ILE E 979 39.59 41.05 -7.19
C ILE E 979 38.63 40.00 -7.71
N ILE E 980 39.11 39.06 -8.53
CA ILE E 980 38.25 37.92 -8.90
C ILE E 980 37.82 37.17 -7.65
N TYR E 981 38.76 36.87 -6.76
CA TYR E 981 38.40 36.14 -5.54
C TYR E 981 37.43 36.93 -4.67
N TRP E 982 37.68 38.22 -4.49
CA TRP E 982 36.81 39.00 -3.62
C TRP E 982 35.43 39.22 -4.20
N TYR E 983 35.29 39.17 -5.53
CA TYR E 983 33.97 39.14 -6.14
C TYR E 983 33.28 37.80 -5.88
N ILE E 984 34.03 36.70 -5.99
CA ILE E 984 33.44 35.39 -5.76
C ILE E 984 32.97 35.23 -4.32
N ARG E 985 33.68 35.84 -3.38
CA ARG E 985 33.34 35.68 -1.96
C ARG E 985 32.02 36.33 -1.56
N LEU E 986 31.24 36.91 -2.48
CA LEU E 986 29.92 37.44 -2.12
C LEU E 986 28.90 36.34 -1.89
N LEU E 987 29.18 35.11 -2.33
CA LEU E 987 28.25 34.01 -2.07
C LEU E 987 28.16 33.68 -0.59
N ASP E 988 29.26 33.92 0.15
CA ASP E 988 29.21 33.74 1.60
C ASP E 988 28.22 34.71 2.24
N ILE E 989 28.18 35.95 1.76
CA ILE E 989 27.19 36.91 2.24
C ILE E 989 25.79 36.52 1.79
N PHE E 990 25.66 36.04 0.55
CA PHE E 990 24.36 35.64 0.02
C PHE E 990 23.79 34.44 0.78
N GLY E 991 24.65 33.62 1.39
CA GLY E 991 24.19 32.45 2.09
C GLY E 991 23.33 32.67 3.32
N VAL E 992 22.99 33.92 3.61
CA VAL E 992 22.08 34.21 4.71
C VAL E 992 20.62 34.21 4.24
N ASN E 993 20.38 34.48 2.96
CA ASN E 993 19.02 34.44 2.43
C ASN E 993 18.48 33.02 2.46
N LYS E 994 17.17 32.90 2.64
CA LYS E 994 16.55 31.59 2.81
C LYS E 994 16.63 30.76 1.53
N TYR E 995 16.70 31.41 0.37
CA TYR E 995 16.69 30.71 -0.91
C TYR E 995 18.01 30.73 -1.64
N LEU E 996 18.98 31.53 -1.20
CA LEU E 996 20.26 31.64 -1.88
C LEU E 996 21.38 30.86 -1.21
N GLY E 997 21.09 30.10 -0.16
CA GLY E 997 22.08 29.24 0.46
C GLY E 997 22.05 27.81 -0.05
N PRO E 998 20.85 27.21 -0.02
CA PRO E 998 20.70 25.88 -0.65
C PRO E 998 21.13 25.85 -2.10
N TYR E 999 20.88 26.92 -2.86
CA TYR E 999 21.31 26.95 -4.25
C TYR E 999 22.83 26.91 -4.36
N VAL E 1000 23.53 27.61 -3.47
CA VAL E 1000 24.99 27.61 -3.50
C VAL E 1000 25.53 26.22 -3.17
N MET E 1001 24.93 25.55 -2.18
CA MET E 1001 25.43 24.21 -1.87
C MET E 1001 25.13 23.21 -2.98
N MET E 1002 23.96 23.33 -3.63
CA MET E 1002 23.69 22.53 -4.81
C MET E 1002 24.73 22.78 -5.89
N ILE E 1003 25.12 24.05 -6.07
CA ILE E 1003 26.17 24.39 -7.02
C ILE E 1003 27.46 23.66 -6.68
N GLY E 1004 27.79 23.57 -5.40
CA GLY E 1004 28.99 22.85 -5.00
C GLY E 1004 28.99 21.39 -5.42
N LYS E 1005 27.90 20.68 -5.13
CA LYS E 1005 27.86 19.25 -5.50
C LYS E 1005 27.82 19.04 -7.02
N MET E 1006 27.04 19.86 -7.72
CA MET E 1006 27.03 19.77 -9.16
C MET E 1006 28.38 20.10 -9.77
N MET E 1007 29.22 20.86 -9.06
CA MET E 1007 30.59 21.09 -9.52
C MET E 1007 31.38 19.79 -9.56
N ILE E 1008 31.22 18.93 -8.55
CA ILE E 1008 31.90 17.64 -8.57
C ILE E 1008 31.44 16.80 -9.77
N ASP E 1009 30.13 16.73 -9.99
CA ASP E 1009 29.64 15.95 -11.13
C ASP E 1009 30.15 16.52 -12.47
N MET E 1010 30.15 17.84 -12.59
CA MET E 1010 30.65 18.49 -13.79
C MET E 1010 32.14 18.23 -13.98
N MET E 1011 32.90 18.09 -12.90
CA MET E 1011 34.30 17.73 -13.01
C MET E 1011 34.50 16.38 -13.69
N TYR E 1012 33.71 15.39 -13.26
CA TYR E 1012 33.81 14.07 -13.90
C TYR E 1012 33.55 14.16 -15.40
N PHE E 1013 32.45 14.82 -15.79
CA PHE E 1013 32.18 14.89 -17.23
C PHE E 1013 33.16 15.77 -17.98
N VAL E 1014 33.78 16.75 -17.31
CA VAL E 1014 34.80 17.57 -17.94
C VAL E 1014 36.03 16.74 -18.30
N ILE E 1015 36.37 15.75 -17.47
CA ILE E 1015 37.50 14.88 -17.80
C ILE E 1015 37.28 14.17 -19.15
N ILE E 1016 36.10 13.59 -19.33
CA ILE E 1016 35.82 12.86 -20.58
C ILE E 1016 35.84 13.81 -21.78
N MET E 1017 35.19 14.97 -21.63
CA MET E 1017 35.18 15.95 -22.72
C MET E 1017 36.59 16.42 -23.05
N LEU E 1018 37.45 16.53 -22.04
CA LEU E 1018 38.83 16.94 -22.27
C LEU E 1018 39.59 15.91 -23.08
N VAL E 1019 39.35 14.62 -22.81
CA VAL E 1019 39.99 13.57 -23.61
C VAL E 1019 39.59 13.69 -25.07
N VAL E 1020 38.28 13.84 -25.33
CA VAL E 1020 37.81 13.94 -26.71
C VAL E 1020 38.37 15.18 -27.40
N LEU E 1021 38.36 16.31 -26.68
CA LEU E 1021 38.87 17.56 -27.24
C LEU E 1021 40.34 17.47 -27.59
N MET E 1022 41.14 16.86 -26.71
CA MET E 1022 42.57 16.71 -27.00
C MET E 1022 42.79 15.85 -28.23
N SER E 1023 42.02 14.76 -28.35
CA SER E 1023 42.17 13.90 -29.53
C SER E 1023 41.92 14.67 -30.82
N PHE E 1024 40.79 15.40 -30.88
CA PHE E 1024 40.47 16.14 -32.10
C PHE E 1024 41.50 17.23 -32.38
N GLY E 1025 41.93 17.95 -31.35
CA GLY E 1025 42.87 19.05 -31.57
C GLY E 1025 44.21 18.56 -32.07
N VAL E 1026 44.73 17.48 -31.48
CA VAL E 1026 46.00 16.92 -31.95
C VAL E 1026 45.88 16.45 -33.39
N ALA E 1027 44.77 15.78 -33.71
CA ALA E 1027 44.59 15.30 -35.08
C ALA E 1027 44.59 16.45 -36.09
N ARG E 1028 43.81 17.50 -35.80
CA ARG E 1028 43.72 18.62 -36.75
C ARG E 1028 45.05 19.33 -36.89
N GLN E 1029 45.73 19.60 -35.76
CA GLN E 1029 47.00 20.31 -35.82
C GLN E 1029 48.05 19.50 -36.57
N ALA E 1030 48.07 18.18 -36.39
CA ALA E 1030 49.05 17.37 -37.09
C ALA E 1030 48.72 17.26 -38.58
N ILE E 1031 47.44 17.18 -38.95
CA ILE E 1031 47.08 17.06 -40.36
C ILE E 1031 47.38 18.34 -41.10
N LEU E 1032 46.97 19.49 -40.55
CA LEU E 1032 47.04 20.72 -41.33
C LEU E 1032 48.46 21.27 -41.44
N PHE E 1033 49.25 21.21 -40.38
CA PHE E 1033 50.59 21.82 -40.35
C PHE E 1033 51.63 20.73 -40.17
N PRO E 1034 52.23 20.22 -41.24
CA PRO E 1034 53.19 19.12 -41.14
C PRO E 1034 54.65 19.53 -41.13
N ASN E 1035 54.97 20.82 -41.05
CA ASN E 1035 56.35 21.30 -41.13
C ASN E 1035 56.62 22.31 -40.03
N GLU E 1036 56.25 21.98 -38.79
CA GLU E 1036 56.40 22.88 -37.67
C GLU E 1036 57.55 22.42 -36.78
N GLU E 1037 58.42 23.35 -36.42
CA GLU E 1037 59.48 23.07 -35.47
C GLU E 1037 58.89 22.94 -34.06
N PRO E 1038 59.56 22.19 -33.17
CA PRO E 1038 59.05 22.07 -31.80
C PRO E 1038 59.04 23.38 -31.05
N SER E 1039 57.85 23.86 -30.70
CA SER E 1039 57.68 25.11 -29.99
C SER E 1039 56.48 25.01 -29.07
N TRP E 1040 56.46 25.85 -28.04
CA TRP E 1040 55.36 25.84 -27.09
C TRP E 1040 54.05 26.32 -27.68
N LYS E 1041 54.07 26.92 -28.87
CA LYS E 1041 52.83 27.29 -29.54
C LYS E 1041 52.06 26.06 -30.00
N LEU E 1042 52.72 24.91 -30.16
CA LEU E 1042 52.01 23.68 -30.50
C LEU E 1042 51.08 23.25 -29.37
N ALA E 1043 51.52 23.40 -28.12
CA ALA E 1043 50.70 23.03 -26.99
C ALA E 1043 49.51 23.96 -26.79
N LYS E 1044 49.51 25.14 -27.42
CA LYS E 1044 48.40 26.07 -27.32
C LYS E 1044 47.33 25.79 -28.36
N ASN E 1045 47.72 25.46 -29.59
CA ASN E 1045 46.77 25.22 -30.67
C ASN E 1045 45.93 23.98 -30.45
N ILE E 1046 46.36 23.05 -29.59
CA ILE E 1046 45.60 21.84 -29.34
C ILE E 1046 44.34 22.14 -28.53
N PHE E 1047 44.46 22.96 -27.49
CA PHE E 1047 43.38 23.17 -26.54
C PHE E 1047 42.52 24.38 -26.91
N TYR E 1048 43.12 25.43 -27.45
CA TYR E 1048 42.47 26.72 -27.66
C TYR E 1048 41.26 26.64 -28.60
N MET E 1049 41.54 26.34 -29.87
CA MET E 1049 40.49 26.39 -30.88
C MET E 1049 39.41 25.34 -30.70
N PRO E 1050 39.72 24.06 -30.43
CA PRO E 1050 38.64 23.11 -30.15
C PRO E 1050 37.81 23.46 -28.95
N TYR E 1051 38.38 24.14 -27.94
CA TYR E 1051 37.58 24.52 -26.79
C TYR E 1051 36.64 25.67 -27.12
N TRP E 1052 37.12 26.66 -27.87
CA TRP E 1052 36.21 27.73 -28.26
C TRP E 1052 35.19 27.26 -29.31
N MET E 1053 35.47 26.15 -29.99
CA MET E 1053 34.57 25.67 -31.02
C MET E 1053 33.25 25.18 -30.47
N ILE E 1054 33.25 24.52 -29.30
CA ILE E 1054 32.03 23.94 -28.76
C ILE E 1054 31.15 24.95 -28.04
N TYR E 1055 31.53 26.23 -28.02
CA TYR E 1055 30.72 27.28 -27.42
C TYR E 1055 30.15 28.23 -28.48
N GLY E 1056 29.97 27.73 -29.70
CA GLY E 1056 29.35 28.49 -30.75
C GLY E 1056 30.29 29.11 -31.77
N GLU E 1057 31.59 29.17 -31.48
CA GLU E 1057 32.55 29.70 -32.44
C GLU E 1057 33.05 28.59 -33.35
N VAL E 1058 32.22 28.25 -34.35
CA VAL E 1058 32.46 27.08 -35.19
C VAL E 1058 32.84 27.55 -36.59
N PHE E 1059 33.55 28.68 -36.67
CA PHE E 1059 34.00 29.27 -37.92
C PHE E 1059 34.68 28.24 -38.80
N ALA E 1060 34.06 27.96 -39.95
CA ALA E 1060 34.50 26.88 -40.83
C ALA E 1060 35.53 27.30 -41.84
N ASP E 1061 35.95 28.56 -41.85
CA ASP E 1061 37.06 28.98 -42.71
C ASP E 1061 38.40 28.85 -42.01
N GLN E 1062 38.43 29.02 -40.69
CA GLN E 1062 39.68 28.88 -39.95
C GLN E 1062 40.08 27.42 -39.82
N ILE E 1063 39.13 26.52 -39.69
CA ILE E 1063 39.38 25.08 -39.67
C ILE E 1063 39.04 24.51 -41.03
N ASP E 1064 39.94 23.70 -41.58
CA ASP E 1064 39.89 23.21 -42.96
C ASP E 1064 39.78 24.39 -43.92
N PRO E 1065 40.85 25.15 -44.12
CA PRO E 1065 40.79 26.29 -45.04
C PRO E 1065 40.61 25.82 -46.47
N PRO E 1066 40.02 26.66 -47.33
CA PRO E 1066 39.80 26.24 -48.72
C PRO E 1066 41.09 26.20 -49.52
N CYS E 1067 41.85 25.12 -49.37
CA CYS E 1067 43.10 24.95 -50.09
C CYS E 1067 42.98 23.86 -51.14
N GLN E 1080 46.37 30.34 -58.13
CA GLN E 1080 45.63 31.22 -57.24
C GLN E 1080 45.49 30.61 -55.85
N LEU E 1081 44.67 29.58 -55.74
CA LEU E 1081 44.45 28.92 -54.47
C LEU E 1081 45.71 28.21 -53.99
N PRO E 1082 46.01 28.24 -52.70
CA PRO E 1082 47.19 27.54 -52.18
C PRO E 1082 47.02 26.04 -52.30
N PRO E 1083 48.12 25.29 -52.38
CA PRO E 1083 48.00 23.84 -52.54
C PRO E 1083 47.34 23.19 -51.33
N CYS E 1084 46.53 22.16 -51.61
CA CYS E 1084 45.83 21.45 -50.56
C CYS E 1084 46.76 20.44 -49.89
N LYS E 1085 46.74 20.40 -48.57
CA LYS E 1085 47.57 19.47 -47.83
C LYS E 1085 47.06 18.05 -48.02
N THR E 1086 47.96 17.09 -47.82
CA THR E 1086 47.60 15.69 -48.00
C THR E 1086 46.63 15.25 -46.91
N GLY E 1087 45.48 14.72 -47.33
CA GLY E 1087 44.47 14.28 -46.38
C GLY E 1087 43.85 15.39 -45.57
N ALA E 1088 43.63 16.56 -46.17
CA ALA E 1088 42.96 17.66 -45.48
C ALA E 1088 41.45 17.58 -45.56
N TRP E 1089 40.91 16.58 -46.28
CA TRP E 1089 39.47 16.37 -46.32
C TRP E 1089 38.96 15.63 -45.08
N ILE E 1090 39.86 15.08 -44.27
CA ILE E 1090 39.44 14.39 -43.06
C ILE E 1090 39.05 15.35 -41.96
N VAL E 1091 39.58 16.57 -41.98
CA VAL E 1091 39.34 17.52 -40.88
C VAL E 1091 37.86 17.87 -40.72
N PRO E 1092 37.10 18.20 -41.78
CA PRO E 1092 35.67 18.42 -41.56
C PRO E 1092 34.90 17.21 -41.07
N ALA E 1093 35.27 16.00 -41.51
CA ALA E 1093 34.59 14.81 -41.01
C ALA E 1093 34.84 14.61 -39.52
N ILE E 1094 36.10 14.78 -39.09
CA ILE E 1094 36.43 14.66 -37.68
C ILE E 1094 35.75 15.76 -36.88
N MET E 1095 35.63 16.95 -37.46
CA MET E 1095 34.93 18.04 -36.79
C MET E 1095 33.45 17.71 -36.59
N ALA E 1096 32.82 17.11 -37.61
CA ALA E 1096 31.43 16.73 -37.49
C ALA E 1096 31.23 15.71 -36.38
N CYS E 1097 32.08 14.68 -36.35
CA CYS E 1097 31.97 13.67 -35.30
C CYS E 1097 32.22 14.27 -33.92
N TYR E 1098 33.21 15.16 -33.81
CA TYR E 1098 33.54 15.77 -32.52
C TYR E 1098 32.39 16.66 -32.02
N LEU E 1099 31.80 17.45 -32.91
CA LEU E 1099 30.68 18.29 -32.50
C LEU E 1099 29.47 17.44 -32.09
N LEU E 1100 29.20 16.37 -32.84
CA LEU E 1100 28.07 15.51 -32.48
C LEU E 1100 28.28 14.85 -31.13
N VAL E 1101 29.51 14.42 -30.84
CA VAL E 1101 29.77 13.79 -29.55
C VAL E 1101 29.69 14.81 -28.42
N ALA E 1102 30.31 15.98 -28.59
CA ALA E 1102 30.42 16.93 -27.48
C ALA E 1102 29.11 17.64 -27.20
N ASN E 1103 28.38 18.08 -28.22
CA ASN E 1103 27.24 18.97 -28.01
C ASN E 1103 25.89 18.26 -28.01
N ILE E 1104 25.85 16.95 -28.28
CA ILE E 1104 24.57 16.27 -28.35
C ILE E 1104 24.53 15.12 -27.34
N LEU E 1105 25.67 14.52 -27.07
CA LEU E 1105 25.73 13.33 -26.24
C LEU E 1105 26.15 13.63 -24.80
N LEU E 1106 27.32 14.22 -24.61
CA LEU E 1106 27.85 14.39 -23.27
C LEU E 1106 27.09 15.46 -22.50
N VAL E 1107 26.74 16.57 -23.15
CA VAL E 1107 26.03 17.62 -22.44
C VAL E 1107 24.61 17.18 -22.09
N ASN E 1108 23.95 16.43 -22.98
CA ASN E 1108 22.63 15.91 -22.66
C ASN E 1108 22.68 14.88 -21.55
N LEU E 1109 23.72 14.04 -21.54
CA LEU E 1109 23.89 13.10 -20.44
C LEU E 1109 24.14 13.83 -19.13
N LEU E 1110 24.89 14.93 -19.17
CA LEU E 1110 25.11 15.73 -17.97
C LEU E 1110 23.83 16.37 -17.49
N ILE E 1111 22.99 16.84 -18.40
CA ILE E 1111 21.68 17.37 -18.02
C ILE E 1111 20.84 16.29 -17.34
N ALA E 1112 20.87 15.08 -17.89
CA ALA E 1112 20.13 13.98 -17.27
C ALA E 1112 20.68 13.65 -15.87
N VAL E 1113 22.00 13.69 -15.71
CA VAL E 1113 22.61 13.41 -14.41
C VAL E 1113 22.20 14.45 -13.39
N PHE E 1114 22.23 15.74 -13.78
CA PHE E 1114 21.78 16.79 -12.88
C PHE E 1114 20.30 16.66 -12.56
N ASN E 1115 19.51 16.20 -13.54
CA ASN E 1115 18.07 16.14 -13.36
C ASN E 1115 17.67 15.02 -12.41
N ASN E 1116 18.29 13.85 -12.54
CA ASN E 1116 17.87 12.68 -11.79
C ASN E 1116 18.50 12.60 -10.40
N THR E 1117 19.39 13.52 -10.04
CA THR E 1117 19.98 13.58 -8.70
C THR E 1117 19.78 14.96 -8.10
N PHE E 1118 18.57 15.51 -8.20
CA PHE E 1118 18.29 16.85 -7.70
C PHE E 1118 17.51 16.84 -6.40
N PHE E 1119 16.59 15.90 -6.22
CA PHE E 1119 15.76 15.90 -5.02
C PHE E 1119 16.59 15.63 -3.76
N GLU E 1120 17.47 14.63 -3.83
CA GLU E 1120 18.32 14.31 -2.68
C GLU E 1120 19.25 15.47 -2.35
N VAL E 1121 19.87 16.05 -3.38
CA VAL E 1121 20.79 17.16 -3.16
C VAL E 1121 20.06 18.36 -2.57
N LYS E 1122 18.84 18.63 -3.05
CA LYS E 1122 18.06 19.74 -2.53
C LYS E 1122 17.71 19.55 -1.06
N SER E 1123 17.26 18.34 -0.70
CA SER E 1123 16.90 18.09 0.69
C SER E 1123 18.11 18.17 1.60
N ILE E 1124 19.25 17.61 1.16
CA ILE E 1124 20.47 17.66 1.97
C ILE E 1124 20.93 19.11 2.14
N SER E 1125 20.85 19.90 1.08
CA SER E 1125 21.27 21.30 1.17
C SER E 1125 20.38 22.09 2.13
N ASN E 1126 19.07 21.84 2.09
CA ASN E 1126 18.17 22.51 3.02
C ASN E 1126 18.52 22.17 4.47
N GLN E 1127 18.73 20.88 4.75
CA GLN E 1127 19.06 20.48 6.12
C GLN E 1127 20.39 21.08 6.57
N VAL E 1128 21.40 21.08 5.70
CA VAL E 1128 22.71 21.60 6.08
C VAL E 1128 22.65 23.11 6.30
N TRP E 1129 21.88 23.83 5.48
CA TRP E 1129 21.76 25.27 5.70
C TRP E 1129 21.06 25.58 7.02
N LYS E 1130 19.98 24.84 7.32
CA LYS E 1130 19.31 25.04 8.59
C LYS E 1130 20.22 24.69 9.76
N PHE E 1131 21.14 23.75 9.58
CA PHE E 1131 22.09 23.43 10.65
C PHE E 1131 23.13 24.53 10.82
N GLN E 1132 23.63 25.09 9.71
CA GLN E 1132 24.69 26.09 9.78
C GLN E 1132 24.18 27.48 10.17
N ARG E 1133 22.86 27.67 10.17
CA ARG E 1133 22.32 28.93 10.70
C ARG E 1133 22.79 29.20 12.12
N TYR E 1134 22.91 28.15 12.94
CA TYR E 1134 23.38 28.33 14.32
C TYR E 1134 24.80 28.86 14.35
N GLN E 1135 25.68 28.29 13.53
CA GLN E 1135 27.07 28.75 13.51
C GLN E 1135 27.16 30.18 13.03
N LEU E 1136 26.35 30.54 12.03
CA LEU E 1136 26.33 31.93 11.57
C LEU E 1136 25.92 32.88 12.69
N ILE E 1137 24.84 32.54 13.39
CA ILE E 1137 24.34 33.40 14.46
C ILE E 1137 25.37 33.53 15.58
N MET E 1138 26.00 32.41 15.95
CA MET E 1138 27.00 32.45 17.02
C MET E 1138 28.22 33.27 16.63
N THR E 1139 28.72 33.09 15.40
CA THR E 1139 29.92 33.81 15.00
C THR E 1139 29.65 35.29 14.76
N PHE E 1140 28.40 35.69 14.51
CA PHE E 1140 28.10 37.12 14.48
C PHE E 1140 27.73 37.67 15.84
N HIS E 1141 27.37 36.80 16.80
CA HIS E 1141 27.16 37.25 18.17
C HIS E 1141 28.49 37.48 18.89
N GLU E 1142 29.50 36.68 18.57
CA GLU E 1142 30.80 36.82 19.22
C GLU E 1142 31.66 37.93 18.61
N ARG E 1143 31.31 38.42 17.42
CA ARG E 1143 32.11 39.43 16.73
C ARG E 1143 31.98 40.79 17.39
N PRO E 1144 32.98 41.67 17.20
CA PRO E 1144 32.84 43.05 17.69
C PRO E 1144 31.78 43.82 16.92
N VAL E 1145 31.59 45.08 17.32
CA VAL E 1145 30.53 45.89 16.72
C VAL E 1145 30.99 46.56 15.44
N LEU E 1146 32.18 47.15 15.44
CA LEU E 1146 32.62 47.94 14.31
C LEU E 1146 33.11 47.03 13.18
N PRO E 1147 32.80 47.38 11.93
CA PRO E 1147 33.24 46.57 10.79
C PRO E 1147 34.74 46.70 10.56
N PRO E 1148 35.32 45.82 9.74
CA PRO E 1148 36.79 45.78 9.59
C PRO E 1148 37.42 47.08 9.08
N PRO E 1149 36.73 47.94 8.31
CA PRO E 1149 37.36 49.22 7.99
C PRO E 1149 37.73 50.05 9.21
N LEU E 1150 36.92 50.00 10.26
CA LEU E 1150 37.17 50.75 11.49
C LEU E 1150 37.11 49.85 12.71
N ILE E 1151 37.55 48.60 12.56
CA ILE E 1151 37.59 47.67 13.70
C ILE E 1151 38.88 47.82 14.49
N ILE E 1152 39.82 48.61 13.99
CA ILE E 1152 41.08 48.82 14.69
C ILE E 1152 40.86 49.52 16.02
N PHE E 1153 39.78 50.29 16.16
CA PHE E 1153 39.43 50.88 17.45
C PHE E 1153 39.01 49.81 18.44
N SER E 1154 38.20 48.84 18.00
CA SER E 1154 37.75 47.77 18.88
C SER E 1154 38.88 46.82 19.25
N HIS E 1155 39.94 46.73 18.44
CA HIS E 1155 41.08 45.90 18.79
C HIS E 1155 41.95 46.55 19.86
N MET E 1156 42.06 47.88 19.86
CA MET E 1156 42.86 48.55 20.89
C MET E 1156 42.20 48.49 22.26
N THR E 1157 40.86 48.53 22.28
CA THR E 1157 40.16 48.46 23.56
C THR E 1157 40.33 47.10 24.22
N MET E 1158 40.44 46.03 23.43
CA MET E 1158 40.71 44.72 24.01
C MET E 1158 42.07 44.68 24.67
N ILE E 1159 43.07 45.35 24.10
CA ILE E 1159 44.38 45.44 24.73
C ILE E 1159 44.29 46.26 26.02
N PHE E 1160 43.53 47.36 25.99
CA PHE E 1160 43.39 48.18 27.19
C PHE E 1160 42.62 47.44 28.28
N GLN E 1161 41.61 46.66 27.91
CA GLN E 1161 40.86 45.86 28.86
C GLN E 1161 41.57 44.56 29.23
N HIS E 1162 42.70 44.26 28.58
CA HIS E 1162 43.46 43.07 28.93
C HIS E 1162 44.12 43.20 30.31
N VAL E 1163 44.52 44.42 30.68
CA VAL E 1163 45.19 44.64 31.97
C VAL E 1163 44.23 44.59 33.15
N CYS E 1164 42.92 44.60 32.89
CA CYS E 1164 41.93 44.57 33.96
C CYS E 1164 41.65 43.13 34.40
N ARG E 1177 27.07 35.56 29.75
CA ARG E 1177 26.16 35.54 28.61
C ARG E 1177 24.71 35.44 29.08
N ASP E 1178 24.08 36.59 29.34
CA ASP E 1178 22.70 36.59 29.79
C ASP E 1178 21.76 36.00 28.73
N TYR E 1179 22.01 36.32 27.47
CA TYR E 1179 21.30 35.68 26.37
C TYR E 1179 22.21 35.73 25.14
N GLY E 1180 21.88 34.90 24.16
CA GLY E 1180 22.74 34.74 23.01
C GLY E 1180 23.42 33.38 23.04
N LEU E 1181 23.77 32.93 24.24
CA LEU E 1181 24.23 31.56 24.46
C LEU E 1181 23.32 30.80 25.41
N LYS E 1182 23.05 31.34 26.60
CA LYS E 1182 22.33 30.60 27.62
C LYS E 1182 21.15 31.40 28.16
N LEU E 1183 20.53 30.87 29.21
CA LEU E 1183 19.40 31.54 29.85
C LEU E 1183 19.33 31.05 31.29
N PHE E 1184 19.65 31.92 32.24
CA PHE E 1184 19.71 31.55 33.65
C PHE E 1184 18.37 31.81 34.31
N ILE E 1185 17.85 30.81 35.01
CA ILE E 1185 16.53 30.89 35.63
C ILE E 1185 16.63 30.46 37.08
N THR E 1186 15.63 30.86 37.86
CA THR E 1186 15.60 30.59 39.29
C THR E 1186 15.17 29.14 39.54
N ASP E 1187 14.99 28.80 40.81
CA ASP E 1187 14.63 27.43 41.17
C ASP E 1187 13.17 27.12 40.88
N ASP E 1188 12.28 28.11 41.03
CA ASP E 1188 10.87 27.90 40.68
C ASP E 1188 10.71 27.61 39.19
N GLU E 1189 11.39 28.39 38.36
CA GLU E 1189 11.33 28.16 36.92
C GLU E 1189 11.95 26.82 36.55
N LEU E 1190 13.04 26.43 37.22
CA LEU E 1190 13.64 25.14 36.96
C LEU E 1190 12.70 24.00 37.32
N LYS E 1191 12.01 24.12 38.46
CA LYS E 1191 11.04 23.11 38.86
C LYS E 1191 9.89 23.02 37.87
N LYS E 1192 9.39 24.17 37.41
CA LYS E 1192 8.30 24.17 36.43
C LYS E 1192 8.75 23.55 35.11
N VAL E 1193 9.99 23.84 34.69
CA VAL E 1193 10.53 23.24 33.46
C VAL E 1193 10.65 21.73 33.61
N HIS E 1194 11.13 21.26 34.77
CA HIS E 1194 11.25 19.82 34.99
C HIS E 1194 9.89 19.13 34.97
N ASP E 1195 8.89 19.75 35.60
CA ASP E 1195 7.55 19.16 35.58
C ASP E 1195 6.98 19.13 34.18
N PHE E 1196 7.20 20.20 33.40
CA PHE E 1196 6.73 20.22 32.01
C PHE E 1196 7.41 19.13 31.17
N GLU E 1197 8.72 18.93 31.38
CA GLU E 1197 9.42 17.90 30.62
C GLU E 1197 8.94 16.51 30.98
N GLU E 1198 8.71 16.25 32.27
CA GLU E 1198 8.17 14.94 32.67
C GLU E 1198 6.79 14.71 32.09
N GLN E 1199 5.94 15.74 32.10
CA GLN E 1199 4.63 15.61 31.48
C GLN E 1199 4.75 15.31 29.99
N CYS E 1200 5.66 15.99 29.30
CA CYS E 1200 5.84 15.77 27.87
C CYS E 1200 6.31 14.35 27.58
N ILE E 1201 7.27 13.85 28.35
CA ILE E 1201 7.79 12.52 28.05
C ILE E 1201 6.77 11.44 28.36
N GLU E 1202 6.00 11.59 29.45
CA GLU E 1202 4.98 10.58 29.74
C GLU E 1202 3.86 10.63 28.71
N GLU E 1203 3.51 11.83 28.23
CA GLU E 1203 2.52 11.95 27.16
C GLU E 1203 3.03 11.31 25.87
N TYR E 1204 4.32 11.49 25.58
CA TYR E 1204 4.90 10.89 24.37
C TYR E 1204 4.85 9.37 24.43
N PHE E 1205 5.23 8.80 25.58
CA PHE E 1205 5.18 7.34 25.70
C PHE E 1205 3.75 6.82 25.63
N ARG E 1206 2.81 7.51 26.27
CA ARG E 1206 1.42 7.08 26.21
C ARG E 1206 0.88 7.12 24.79
N GLU E 1207 1.18 8.20 24.05
CA GLU E 1207 0.74 8.30 22.66
C GLU E 1207 1.37 7.23 21.80
N LYS E 1208 2.66 6.94 22.01
CA LYS E 1208 3.33 5.90 21.24
C LYS E 1208 2.69 4.53 21.49
N ASP E 1209 2.41 4.21 22.75
CA ASP E 1209 1.77 2.93 23.05
C ASP E 1209 0.37 2.84 22.46
N ASP E 1210 -0.41 3.93 22.57
CA ASP E 1210 -1.76 3.91 22.01
C ASP E 1210 -1.75 3.78 20.50
N ARG E 1211 -0.79 4.42 19.83
CA ARG E 1211 -0.69 4.30 18.39
C ARG E 1211 -0.23 2.91 17.98
N PHE E 1212 0.66 2.29 18.75
CA PHE E 1212 1.08 0.93 18.44
C PHE E 1212 -0.05 -0.07 18.62
N ASN E 1213 -0.84 0.07 19.69
CA ASN E 1213 -1.89 -0.90 19.98
C ASN E 1213 -3.05 -0.82 19.00
N SER E 1214 -3.17 0.28 18.25
CA SER E 1214 -4.28 0.46 17.32
C SER E 1214 -3.88 0.18 15.88
N SER E 1215 -2.67 -0.33 15.65
CA SER E 1215 -2.26 -0.66 14.29
C SER E 1215 -2.99 -1.91 13.81
N ASN E 1216 -3.06 -2.05 12.48
CA ASN E 1216 -3.74 -3.21 11.90
C ASN E 1216 -3.00 -4.50 12.19
N ASP E 1217 -1.67 -4.47 12.14
CA ASP E 1217 -0.89 -5.69 12.34
C ASP E 1217 -1.07 -6.24 13.75
N GLU E 1218 -1.04 -5.36 14.76
CA GLU E 1218 -1.22 -5.81 16.13
C GLU E 1218 -2.62 -6.37 16.35
N ARG E 1219 -3.63 -5.71 15.78
CA ARG E 1219 -5.00 -6.22 15.91
C ARG E 1219 -5.14 -7.58 15.25
N ILE E 1220 -4.53 -7.76 14.08
CA ILE E 1220 -4.61 -9.05 13.39
C ILE E 1220 -3.91 -10.13 14.20
N ARG E 1221 -2.75 -9.82 14.77
CA ARG E 1221 -2.02 -10.82 15.56
C ARG E 1221 -2.80 -11.21 16.80
N VAL E 1222 -3.35 -10.22 17.52
CA VAL E 1222 -4.10 -10.50 18.73
C VAL E 1222 -5.36 -11.29 18.40
N THR E 1223 -6.05 -10.92 17.31
CA THR E 1223 -7.24 -11.65 16.91
C THR E 1223 -6.91 -13.10 16.57
N SER E 1224 -5.80 -13.33 15.87
CA SER E 1224 -5.40 -14.69 15.53
C SER E 1224 -5.10 -15.52 16.77
N GLU E 1225 -4.36 -14.94 17.73
CA GLU E 1225 -4.04 -15.67 18.94
C GLU E 1225 -5.30 -16.01 19.74
N ARG E 1226 -6.20 -15.04 19.89
CA ARG E 1226 -7.42 -15.30 20.64
C ARG E 1226 -8.31 -16.31 19.92
N VAL E 1227 -8.35 -16.28 18.59
CA VAL E 1227 -9.12 -17.25 17.84
C VAL E 1227 -8.56 -18.65 18.04
N GLU E 1228 -7.23 -18.79 18.04
CA GLU E 1228 -6.62 -20.08 18.28
C GLU E 1228 -6.96 -20.61 19.68
N ASN E 1229 -6.85 -19.74 20.69
CA ASN E 1229 -7.19 -20.16 22.05
C ASN E 1229 -8.66 -20.55 22.16
N MET E 1230 -9.55 -19.77 21.55
CA MET E 1230 -10.97 -20.08 21.60
C MET E 1230 -11.28 -21.39 20.88
N SER E 1231 -10.61 -21.66 19.76
CA SER E 1231 -10.82 -22.92 19.06
C SER E 1231 -10.40 -24.09 19.92
N MET E 1232 -9.24 -23.98 20.58
CA MET E 1232 -8.79 -25.06 21.45
C MET E 1232 -9.78 -25.27 22.61
N ARG E 1233 -10.26 -24.18 23.21
CA ARG E 1233 -11.19 -24.29 24.31
C ARG E 1233 -12.52 -24.89 23.87
N LEU E 1234 -12.99 -24.53 22.67
CA LEU E 1234 -14.24 -25.06 22.17
C LEU E 1234 -14.13 -26.53 21.85
N GLU E 1235 -12.99 -26.97 21.30
CA GLU E 1235 -12.78 -28.39 21.07
C GLU E 1235 -12.74 -29.14 22.40
N GLU E 1236 -12.11 -28.55 23.42
CA GLU E 1236 -12.11 -29.16 24.74
C GLU E 1236 -13.52 -29.31 25.30
N VAL E 1237 -14.35 -28.27 25.14
CA VAL E 1237 -15.72 -28.32 25.65
C VAL E 1237 -16.53 -29.37 24.89
N ASN E 1238 -16.41 -29.41 23.56
CA ASN E 1238 -17.19 -30.35 22.77
C ASN E 1238 -16.76 -31.79 23.05
N GLU E 1239 -15.46 -32.02 23.26
CA GLU E 1239 -15.00 -33.36 23.59
C GLU E 1239 -15.57 -33.85 24.91
N ARG E 1240 -15.84 -32.94 25.84
CA ARG E 1240 -16.44 -33.27 27.13
C ARG E 1240 -17.96 -33.25 27.01
N GLU E 1241 -18.52 -34.35 26.50
CA GLU E 1241 -19.96 -34.50 26.38
C GLU E 1241 -20.40 -35.82 26.99
N HIS E 1242 -21.51 -35.79 27.71
CA HIS E 1242 -22.00 -36.97 28.42
C HIS E 1242 -23.36 -37.43 27.90
N SER E 1243 -24.20 -36.50 27.45
CA SER E 1243 -25.53 -36.84 26.96
C SER E 1243 -25.46 -37.57 25.62
N UNK F 1 45.17 -37.72 23.81
CA UNK F 1 44.25 -36.77 24.44
C UNK F 1 43.93 -37.20 25.87
N UNK F 2 43.38 -36.27 26.65
CA UNK F 2 43.07 -36.54 28.05
C UNK F 2 41.69 -37.17 28.21
N UNK F 3 41.34 -38.08 27.30
CA UNK F 3 40.07 -38.79 27.38
C UNK F 3 40.32 -40.25 27.74
N UNK F 4 41.60 -40.64 27.67
CA UNK F 4 42.00 -42.00 28.02
C UNK F 4 42.38 -42.08 29.50
N UNK F 5 41.69 -41.30 30.32
CA UNK F 5 41.93 -41.29 31.76
C UNK F 5 40.87 -42.12 32.47
N UNK F 6 40.20 -42.99 31.72
CA UNK F 6 39.15 -43.84 32.27
C UNK F 6 39.53 -45.31 32.12
N UNK F 7 38.51 -46.16 31.96
CA UNK F 7 38.73 -47.60 31.83
C UNK F 7 37.55 -48.27 31.13
N UNK F 8 37.43 -49.59 31.30
CA UNK F 8 36.35 -50.35 30.69
C UNK F 8 36.14 -51.66 31.44
N UNK F 9 35.40 -52.57 30.82
CA UNK F 9 35.10 -53.86 31.44
C UNK F 9 34.79 -54.92 30.40
N UNK F 10 35.60 -55.98 30.37
CA UNK F 10 35.38 -57.09 29.43
C UNK F 10 35.52 -58.42 30.15
N UNK F 11 34.64 -59.37 29.82
CA UNK F 11 34.64 -60.67 30.46
C UNK F 11 35.85 -61.49 30.05
N UNK F 12 36.64 -61.91 31.05
CA UNK F 12 37.84 -62.70 30.80
C UNK F 12 37.51 -64.18 30.70
N UNK F 13 37.58 -64.88 31.83
CA UNK F 13 37.28 -66.31 31.86
C UNK F 13 35.85 -66.56 32.31
N UNK F 14 34.92 -66.48 31.37
CA UNK F 14 33.50 -66.67 31.66
C UNK F 14 33.03 -68.05 31.23
N UNK F 15 32.07 -68.60 31.97
CA UNK F 15 31.51 -69.91 31.66
C UNK F 15 30.08 -70.02 32.17
N UNK F 16 29.14 -70.21 31.26
CA UNK F 16 27.73 -70.32 31.61
C UNK F 16 26.97 -71.14 30.58
N UNK F 17 25.80 -71.63 30.97
CA UNK F 17 24.94 -72.46 30.12
C UNK F 17 25.67 -73.68 29.58
N ILE G 129 -42.01 -64.60 -22.44
CA ILE G 129 -41.42 -65.75 -23.12
C ILE G 129 -40.13 -66.17 -22.46
N SER G 130 -39.51 -67.23 -22.98
CA SER G 130 -38.26 -67.75 -22.44
C SER G 130 -37.05 -67.14 -23.13
N LYS G 131 -37.03 -65.80 -23.21
CA LYS G 131 -35.95 -65.03 -23.82
C LYS G 131 -35.73 -65.46 -25.27
N HIS G 132 -36.76 -65.24 -26.09
CA HIS G 132 -36.71 -65.51 -27.53
C HIS G 132 -36.65 -64.16 -28.23
N THR G 133 -35.44 -63.64 -28.41
CA THR G 133 -35.21 -62.32 -28.97
C THR G 133 -34.35 -62.42 -30.22
N GLN G 134 -34.20 -61.29 -30.90
CA GLN G 134 -33.41 -61.21 -32.12
C GLN G 134 -32.01 -60.71 -31.79
N LEU G 135 -31.00 -61.34 -32.37
CA LEU G 135 -29.60 -61.03 -32.08
C LEU G 135 -29.06 -59.99 -33.07
N SER G 136 -29.72 -58.84 -33.10
CA SER G 136 -29.34 -57.78 -34.01
C SER G 136 -28.03 -57.14 -33.57
N PRO G 137 -27.29 -56.53 -34.49
CA PRO G 137 -26.06 -55.82 -34.10
C PRO G 137 -26.37 -54.50 -33.40
N THR G 138 -25.34 -53.93 -32.79
CA THR G 138 -25.48 -52.66 -32.11
C THR G 138 -25.71 -51.53 -33.10
N ASP G 139 -26.53 -50.56 -32.68
CA ASP G 139 -26.90 -49.46 -33.57
C ASP G 139 -26.95 -48.12 -32.86
N ALA G 140 -26.29 -47.97 -31.71
CA ALA G 140 -26.39 -46.72 -30.95
C ALA G 140 -25.08 -46.54 -30.17
N PHE G 141 -24.24 -45.62 -30.64
CA PHE G 141 -23.02 -45.28 -29.95
C PHE G 141 -22.58 -43.89 -30.38
N GLY G 142 -21.74 -43.26 -29.56
CA GLY G 142 -21.23 -41.95 -29.87
C GLY G 142 -21.11 -41.03 -28.67
N THR G 143 -21.64 -39.81 -28.79
CA THR G 143 -21.55 -38.82 -27.74
C THR G 143 -22.88 -38.08 -27.67
N ILE G 144 -23.33 -37.77 -26.47
CA ILE G 144 -24.59 -37.06 -26.26
C ILE G 144 -24.32 -35.76 -25.52
N GLU G 145 -24.96 -34.69 -25.98
CA GLU G 145 -24.91 -33.39 -25.33
C GLU G 145 -26.18 -33.20 -24.52
N PHE G 146 -26.04 -33.06 -23.21
CA PHE G 146 -27.18 -32.90 -22.32
C PHE G 146 -27.66 -31.46 -22.40
N GLN G 147 -28.62 -31.21 -23.29
CA GLN G 147 -29.22 -29.89 -23.39
C GLN G 147 -30.11 -29.63 -22.18
N GLY G 148 -30.16 -28.37 -21.77
CA GLY G 148 -31.01 -27.97 -20.68
C GLY G 148 -30.30 -27.55 -19.42
N GLY G 149 -29.28 -28.28 -18.99
CA GLY G 149 -28.57 -27.92 -17.77
C GLY G 149 -27.67 -26.72 -17.98
N GLY G 150 -27.18 -26.16 -16.87
CA GLY G 150 -26.27 -25.03 -16.96
C GLY G 150 -24.83 -25.45 -17.22
N HIS G 151 -24.60 -26.75 -17.36
CA HIS G 151 -23.28 -27.30 -17.57
C HIS G 151 -23.16 -27.86 -18.99
N SER G 152 -22.05 -27.57 -19.65
CA SER G 152 -21.75 -28.16 -20.95
C SER G 152 -21.02 -29.47 -20.72
N ASN G 153 -21.77 -30.56 -20.65
CA ASN G 153 -21.22 -31.87 -20.31
C ASN G 153 -21.35 -32.82 -21.50
N LYS G 154 -20.25 -33.48 -21.84
CA LYS G 154 -20.24 -34.51 -22.86
C LYS G 154 -20.22 -35.87 -22.19
N ALA G 155 -20.91 -36.84 -22.80
CA ALA G 155 -20.96 -38.19 -22.25
C ALA G 155 -20.94 -39.19 -23.38
N MET G 156 -19.87 -39.98 -23.46
CA MET G 156 -19.82 -41.08 -24.41
C MET G 156 -20.80 -42.17 -23.98
N TYR G 157 -21.31 -42.91 -24.96
CA TYR G 157 -22.28 -43.95 -24.67
C TYR G 157 -22.24 -45.01 -25.76
N VAL G 158 -22.50 -46.26 -25.37
CA VAL G 158 -22.65 -47.36 -26.30
C VAL G 158 -23.86 -48.18 -25.88
N ARG G 159 -24.41 -48.94 -26.82
CA ARG G 159 -25.51 -49.86 -26.56
C ARG G 159 -25.05 -51.26 -26.93
N VAL G 160 -24.88 -52.12 -25.92
CA VAL G 160 -24.40 -53.47 -26.12
C VAL G 160 -25.36 -54.44 -25.43
N SER G 161 -25.28 -55.70 -25.82
CA SER G 161 -26.09 -56.74 -25.21
C SER G 161 -25.62 -56.99 -23.78
N PHE G 162 -26.53 -57.49 -22.95
CA PHE G 162 -26.22 -57.78 -21.56
C PHE G 162 -25.33 -58.99 -21.38
N ASP G 163 -25.06 -59.74 -22.45
CA ASP G 163 -24.19 -60.92 -22.40
C ASP G 163 -22.81 -60.64 -22.98
N THR G 164 -22.44 -59.37 -23.13
CA THR G 164 -21.16 -59.02 -23.72
C THR G 164 -20.02 -59.41 -22.80
N LYS G 165 -18.93 -59.91 -23.39
CA LYS G 165 -17.79 -60.35 -22.61
C LYS G 165 -17.10 -59.16 -21.94
N PRO G 166 -16.68 -59.30 -20.68
CA PRO G 166 -16.01 -58.19 -19.99
C PRO G 166 -14.72 -57.75 -20.65
N ASP G 167 -14.01 -58.66 -21.32
CA ASP G 167 -12.74 -58.29 -21.94
C ASP G 167 -12.94 -57.27 -23.07
N LEU G 168 -13.95 -57.49 -23.90
CA LEU G 168 -14.22 -56.55 -24.99
C LEU G 168 -14.68 -55.20 -24.44
N LEU G 169 -15.46 -55.20 -23.36
CA LEU G 169 -15.88 -53.95 -22.73
C LEU G 169 -14.68 -53.20 -22.18
N LEU G 170 -13.74 -53.91 -21.55
CA LEU G 170 -12.53 -53.26 -21.05
C LEU G 170 -11.68 -52.72 -22.19
N HIS G 171 -11.62 -53.45 -23.30
CA HIS G 171 -10.90 -52.98 -24.48
C HIS G 171 -11.51 -51.69 -25.01
N LEU G 172 -12.84 -51.64 -25.09
CA LEU G 172 -13.52 -50.44 -25.54
C LEU G 172 -13.28 -49.27 -24.59
N MET G 173 -13.33 -49.54 -23.28
CA MET G 173 -13.19 -48.49 -22.29
C MET G 173 -11.76 -47.97 -22.20
N THR G 174 -10.78 -48.80 -22.53
CA THR G 174 -9.39 -48.40 -22.41
C THR G 174 -8.84 -47.79 -23.68
N LYS G 175 -9.07 -48.41 -24.84
CA LYS G 175 -8.46 -47.96 -26.09
C LYS G 175 -9.32 -46.98 -26.86
N GLU G 176 -10.62 -47.26 -27.00
CA GLU G 176 -11.48 -46.37 -27.77
C GLU G 176 -11.76 -45.07 -27.02
N TRP G 177 -12.00 -45.17 -25.71
CA TRP G 177 -12.32 -43.99 -24.91
C TRP G 177 -11.09 -43.36 -24.27
N GLN G 178 -9.89 -43.93 -24.49
CA GLN G 178 -8.62 -43.35 -24.06
C GLN G 178 -8.57 -43.13 -22.55
N LEU G 179 -9.12 -44.07 -21.79
CA LEU G 179 -9.12 -44.01 -20.33
C LEU G 179 -7.96 -44.82 -19.77
N GLU G 180 -7.20 -44.23 -18.87
CA GLU G 180 -6.13 -44.94 -18.19
C GLU G 180 -6.71 -45.98 -17.24
N LEU G 181 -5.92 -47.02 -16.98
CA LEU G 181 -6.35 -48.06 -16.05
C LEU G 181 -6.46 -47.48 -14.65
N PRO G 182 -7.58 -47.67 -13.96
CA PRO G 182 -7.78 -47.00 -12.67
C PRO G 182 -6.89 -47.61 -11.59
N LYS G 183 -6.58 -46.77 -10.60
CA LYS G 183 -5.91 -47.24 -9.39
C LYS G 183 -6.89 -47.66 -8.30
N LEU G 184 -8.18 -47.44 -8.51
CA LEU G 184 -9.20 -47.73 -7.51
C LEU G 184 -10.55 -47.78 -8.19
N LEU G 185 -11.43 -48.64 -7.69
CA LEU G 185 -12.79 -48.78 -8.20
C LEU G 185 -13.76 -48.65 -7.03
N ILE G 186 -14.82 -47.87 -7.24
CA ILE G 186 -15.82 -47.63 -6.21
C ILE G 186 -17.19 -48.01 -6.76
N SER G 187 -17.93 -48.80 -5.99
CA SER G 187 -19.30 -49.18 -6.34
C SER G 187 -20.26 -48.51 -5.37
N VAL G 188 -21.33 -47.92 -5.93
CA VAL G 188 -22.21 -47.02 -5.19
C VAL G 188 -23.61 -47.61 -5.11
N HIS G 189 -23.70 -48.93 -4.93
CA HIS G 189 -24.99 -49.61 -4.79
C HIS G 189 -25.86 -48.92 -3.75
N GLY G 190 -27.13 -48.76 -4.08
CA GLY G 190 -28.06 -48.08 -3.20
C GLY G 190 -29.50 -48.35 -3.58
N GLY G 191 -30.40 -47.56 -3.00
CA GLY G 191 -31.81 -47.73 -3.22
C GLY G 191 -32.25 -47.25 -4.59
N LEU G 192 -33.40 -47.74 -5.04
CA LEU G 192 -33.92 -47.39 -6.35
C LEU G 192 -34.93 -46.25 -6.29
N GLN G 193 -35.65 -46.12 -5.18
CA GLN G 193 -36.63 -45.06 -5.03
C GLN G 193 -35.93 -43.74 -4.70
N ASN G 194 -36.56 -42.64 -5.08
CA ASN G 194 -35.96 -41.32 -4.87
C ASN G 194 -36.09 -40.90 -3.41
N PHE G 195 -35.20 -41.45 -2.58
CA PHE G 195 -35.16 -41.07 -1.18
C PHE G 195 -34.49 -39.71 -1.04
N GLU G 196 -34.60 -39.12 0.14
CA GLU G 196 -34.03 -37.81 0.43
C GLU G 196 -33.14 -37.91 1.65
N LEU G 197 -31.89 -37.47 1.51
CA LEU G 197 -30.96 -37.44 2.64
C LEU G 197 -31.04 -36.10 3.35
N GLN G 198 -31.00 -36.14 4.67
CA GLN G 198 -31.05 -34.93 5.46
C GLN G 198 -29.79 -34.09 5.23
N PRO G 199 -29.89 -32.77 5.39
CA PRO G 199 -28.71 -31.92 5.24
C PRO G 199 -27.66 -32.22 6.30
N LYS G 200 -26.45 -31.74 6.05
CA LYS G 200 -25.24 -31.91 6.86
C LYS G 200 -24.71 -33.34 6.81
N LEU G 201 -25.40 -34.26 6.16
CA LEU G 201 -24.93 -35.62 5.95
C LEU G 201 -24.64 -35.92 4.49
N LYS G 202 -25.55 -35.54 3.58
CA LYS G 202 -25.30 -35.73 2.16
C LYS G 202 -24.18 -34.82 1.67
N GLN G 203 -24.00 -33.65 2.29
CA GLN G 203 -22.96 -32.72 1.85
C GLN G 203 -21.58 -33.28 2.14
N VAL G 204 -21.35 -33.74 3.37
CA VAL G 204 -20.04 -34.30 3.72
C VAL G 204 -19.80 -35.60 2.96
N PHE G 205 -20.85 -36.39 2.74
CA PHE G 205 -20.71 -37.60 1.94
C PHE G 205 -20.27 -37.28 0.52
N GLY G 206 -20.91 -36.28 -0.10
CA GLY G 206 -20.54 -35.90 -1.44
C GLY G 206 -19.13 -35.35 -1.52
N LYS G 207 -18.76 -34.50 -0.56
CA LYS G 207 -17.40 -33.95 -0.55
C LYS G 207 -16.36 -35.04 -0.37
N GLY G 208 -16.61 -35.99 0.52
CA GLY G 208 -15.66 -37.08 0.71
C GLY G 208 -15.54 -37.99 -0.50
N LEU G 209 -16.68 -38.31 -1.14
CA LEU G 209 -16.62 -39.13 -2.34
C LEU G 209 -15.86 -38.42 -3.46
N ILE G 210 -16.11 -37.12 -3.63
CA ILE G 210 -15.41 -36.34 -4.65
C ILE G 210 -13.92 -36.30 -4.36
N LYS G 211 -13.54 -36.07 -3.10
CA LYS G 211 -12.12 -36.00 -2.76
C LYS G 211 -11.44 -37.33 -2.97
N ALA G 212 -12.10 -38.43 -2.59
CA ALA G 212 -11.51 -39.75 -2.79
C ALA G 212 -11.36 -40.09 -4.27
N ALA G 213 -12.34 -39.70 -5.09
CA ALA G 213 -12.27 -40.00 -6.52
C ALA G 213 -11.37 -39.05 -7.29
N MET G 214 -11.04 -37.89 -6.72
CA MET G 214 -10.22 -36.90 -7.42
C MET G 214 -8.76 -36.97 -7.02
N THR G 215 -8.47 -37.06 -5.72
CA THR G 215 -7.07 -37.18 -5.29
C THR G 215 -6.46 -38.49 -5.78
N THR G 216 -7.23 -39.57 -5.73
CA THR G 216 -6.81 -40.87 -6.23
C THR G 216 -7.45 -41.12 -7.58
N GLY G 217 -6.64 -41.43 -8.58
CA GLY G 217 -7.18 -41.74 -9.89
C GLY G 217 -8.05 -42.99 -9.86
N ALA G 218 -9.36 -42.80 -9.94
CA ALA G 218 -10.29 -43.90 -9.68
C ALA G 218 -11.50 -43.78 -10.59
N TRP G 219 -12.19 -44.90 -10.75
CA TRP G 219 -13.44 -44.98 -11.48
C TRP G 219 -14.59 -45.16 -10.51
N ILE G 220 -15.75 -44.59 -10.86
CA ILE G 220 -16.96 -44.71 -10.06
C ILE G 220 -18.00 -45.44 -10.89
N PHE G 221 -18.50 -46.56 -10.38
CA PHE G 221 -19.55 -47.32 -11.04
C PHE G 221 -20.89 -47.00 -10.39
N THR G 222 -21.82 -46.46 -11.16
CA THR G 222 -23.14 -46.09 -10.67
C THR G 222 -24.22 -46.75 -11.53
N GLY G 223 -25.46 -46.59 -11.09
CA GLY G 223 -26.58 -47.13 -11.86
C GLY G 223 -26.76 -46.44 -13.20
N GLY G 224 -26.65 -45.12 -13.21
CA GLY G 224 -26.72 -44.37 -14.45
C GLY G 224 -27.97 -43.53 -14.60
N VAL G 225 -29.12 -44.08 -14.22
CA VAL G 225 -30.36 -43.33 -14.32
C VAL G 225 -30.46 -42.35 -13.15
N ASN G 226 -31.37 -41.39 -13.27
CA ASN G 226 -31.50 -40.32 -12.27
C ASN G 226 -32.52 -40.69 -11.21
N THR G 227 -32.29 -41.82 -10.56
CA THR G 227 -33.15 -42.29 -9.48
C THR G 227 -32.30 -42.77 -8.31
N GLY G 228 -32.73 -42.44 -7.09
CA GLY G 228 -32.10 -42.97 -5.90
C GLY G 228 -30.82 -42.25 -5.51
N VAL G 229 -29.82 -43.01 -5.06
CA VAL G 229 -28.55 -42.43 -4.64
C VAL G 229 -27.78 -41.86 -5.83
N ILE G 230 -28.14 -42.26 -7.05
CA ILE G 230 -27.46 -41.75 -8.23
C ILE G 230 -27.71 -40.26 -8.39
N ARG G 231 -28.89 -39.77 -7.99
CA ARG G 231 -29.14 -38.33 -8.00
C ARG G 231 -28.23 -37.62 -7.00
N HIS G 232 -28.01 -38.23 -5.84
CA HIS G 232 -27.09 -37.64 -4.86
C HIS G 232 -25.66 -37.60 -5.40
N VAL G 233 -25.23 -38.66 -6.06
CA VAL G 233 -23.90 -38.67 -6.68
C VAL G 233 -23.82 -37.60 -7.78
N GLY G 234 -24.91 -37.44 -8.53
CA GLY G 234 -24.91 -36.43 -9.58
C GLY G 234 -24.80 -35.02 -9.05
N ASP G 235 -25.54 -34.70 -7.98
CA ASP G 235 -25.43 -33.35 -7.44
C ASP G 235 -24.10 -33.15 -6.71
N ALA G 236 -23.52 -34.21 -6.15
CA ALA G 236 -22.19 -34.11 -5.59
C ALA G 236 -21.16 -33.80 -6.67
N LEU G 237 -21.27 -34.45 -7.83
CA LEU G 237 -20.39 -34.14 -8.95
C LEU G 237 -20.63 -32.73 -9.46
N LYS G 238 -21.89 -32.29 -9.50
CA LYS G 238 -22.21 -30.96 -10.01
C LYS G 238 -21.66 -29.87 -9.11
N ASP G 239 -21.76 -30.05 -7.79
CA ASP G 239 -21.25 -29.05 -6.86
C ASP G 239 -19.73 -28.95 -6.92
N HIS G 240 -19.05 -30.09 -7.09
CA HIS G 240 -17.59 -30.07 -7.19
C HIS G 240 -17.12 -29.38 -8.47
N ALA G 241 -17.83 -29.60 -9.59
CA ALA G 241 -17.40 -29.09 -10.87
C ALA G 241 -17.46 -27.57 -10.96
N SER G 242 -18.13 -26.91 -10.03
CA SER G 242 -18.23 -25.46 -10.02
C SER G 242 -17.15 -24.80 -9.17
N LYS G 243 -16.25 -25.58 -8.57
CA LYS G 243 -15.22 -25.01 -7.71
C LYS G 243 -13.82 -25.54 -7.97
N SER G 244 -13.67 -26.71 -8.59
CA SER G 244 -12.36 -27.34 -8.72
C SER G 244 -12.12 -27.78 -10.16
N ARG G 245 -10.84 -27.94 -10.49
CA ARG G 245 -10.43 -28.41 -11.80
C ARG G 245 -10.54 -29.93 -11.85
N GLY G 246 -10.09 -30.52 -12.95
CA GLY G 246 -10.04 -31.96 -13.09
C GLY G 246 -11.39 -32.56 -13.43
N LYS G 247 -11.34 -33.84 -13.82
CA LYS G 247 -12.53 -34.59 -14.20
C LYS G 247 -12.57 -35.91 -13.42
N ILE G 248 -13.78 -36.37 -13.15
CA ILE G 248 -14.01 -37.63 -12.45
C ILE G 248 -14.57 -38.63 -13.45
N CYS G 249 -13.96 -39.81 -13.53
CA CYS G 249 -14.37 -40.83 -14.49
C CYS G 249 -15.56 -41.62 -13.92
N THR G 250 -16.72 -40.97 -13.94
CA THR G 250 -17.94 -41.60 -13.49
C THR G 250 -18.56 -42.39 -14.64
N ILE G 251 -18.85 -43.67 -14.41
CA ILE G 251 -19.34 -44.57 -15.44
C ILE G 251 -20.68 -45.12 -15.00
N GLY G 252 -21.69 -44.99 -15.85
CA GLY G 252 -23.02 -45.47 -15.55
C GLY G 252 -23.38 -46.69 -16.38
N ILE G 253 -23.82 -47.74 -15.70
CA ILE G 253 -24.23 -48.98 -16.35
C ILE G 253 -25.73 -49.12 -16.13
N ALA G 254 -26.53 -48.67 -17.09
CA ALA G 254 -27.97 -48.61 -16.95
C ALA G 254 -28.65 -49.50 -17.99
N PRO G 255 -29.79 -50.10 -17.64
CA PRO G 255 -30.56 -50.84 -18.65
C PRO G 255 -31.14 -49.91 -19.70
N TRP G 256 -31.25 -50.44 -20.92
CA TRP G 256 -31.73 -49.63 -22.04
C TRP G 256 -33.23 -49.39 -21.97
N GLY G 257 -33.97 -50.24 -21.27
CA GLY G 257 -35.41 -50.15 -21.26
C GLY G 257 -36.01 -49.12 -20.33
N ILE G 258 -35.20 -48.36 -19.60
CA ILE G 258 -35.72 -47.40 -18.62
C ILE G 258 -35.48 -45.95 -19.03
N VAL G 259 -34.69 -45.70 -20.07
CA VAL G 259 -34.44 -44.33 -20.50
C VAL G 259 -35.73 -43.72 -21.05
N GLU G 260 -35.92 -42.43 -20.80
CA GLU G 260 -37.14 -41.76 -21.23
C GLU G 260 -37.24 -41.64 -22.74
N ASN G 261 -36.11 -41.66 -23.44
CA ASN G 261 -36.07 -41.58 -24.90
C ASN G 261 -35.19 -42.71 -25.43
N GLN G 262 -35.82 -43.84 -25.77
CA GLN G 262 -35.09 -44.88 -26.49
C GLN G 262 -34.64 -44.36 -27.86
N GLU G 263 -35.42 -43.47 -28.46
CA GLU G 263 -35.00 -42.79 -29.67
C GLU G 263 -34.03 -41.66 -29.32
N ASP G 264 -33.72 -40.81 -30.29
CA ASP G 264 -32.82 -39.67 -30.14
C ASP G 264 -31.41 -40.07 -29.74
N LEU G 265 -31.11 -41.37 -29.76
CA LEU G 265 -29.77 -41.87 -29.43
C LEU G 265 -29.28 -42.88 -30.45
N ILE G 266 -30.00 -43.09 -31.55
CA ILE G 266 -29.67 -44.14 -32.50
C ILE G 266 -28.58 -43.71 -33.47
N GLY G 267 -28.19 -42.43 -33.44
CA GLY G 267 -27.16 -41.95 -34.33
C GLY G 267 -25.80 -42.52 -33.98
N ARG G 268 -25.21 -43.24 -34.93
CA ARG G 268 -23.97 -43.96 -34.69
C ARG G 268 -22.78 -43.04 -34.95
N ASP G 269 -21.96 -42.85 -33.92
CA ASP G 269 -20.75 -42.01 -33.98
C ASP G 269 -21.08 -40.58 -34.44
N VAL G 270 -22.11 -40.00 -33.82
CA VAL G 270 -22.51 -38.64 -34.12
C VAL G 270 -23.17 -38.06 -32.87
N VAL G 271 -22.95 -36.77 -32.63
CA VAL G 271 -23.49 -36.11 -31.45
C VAL G 271 -25.00 -36.05 -31.54
N ARG G 272 -25.67 -36.55 -30.51
CA ARG G 272 -27.14 -36.55 -30.44
C ARG G 272 -27.59 -35.73 -29.24
N PRO G 273 -28.30 -34.62 -29.44
CA PRO G 273 -28.78 -33.84 -28.30
C PRO G 273 -29.76 -34.62 -27.45
N TYR G 274 -29.70 -34.39 -26.15
CA TYR G 274 -30.54 -35.08 -25.18
C TYR G 274 -31.13 -34.07 -24.21
N GLN G 275 -32.35 -34.34 -23.77
CA GLN G 275 -33.11 -33.42 -22.93
C GLN G 275 -33.17 -33.95 -21.51
N THR G 276 -32.86 -33.10 -20.54
CA THR G 276 -32.89 -33.47 -19.13
C THR G 276 -34.24 -33.19 -18.48
N MET G 277 -35.21 -32.69 -19.24
CA MET G 277 -36.54 -32.44 -18.68
C MET G 277 -37.20 -33.76 -18.28
N SER G 278 -37.78 -33.79 -17.09
CA SER G 278 -38.40 -34.99 -16.55
C SER G 278 -39.91 -34.87 -16.63
N ASN G 279 -40.55 -35.89 -17.24
CA ASN G 279 -42.00 -35.95 -17.30
C ASN G 279 -42.48 -37.00 -16.31
N PRO G 280 -43.14 -36.60 -15.21
CA PRO G 280 -43.54 -37.60 -14.20
C PRO G 280 -44.54 -38.63 -14.70
N MET G 281 -45.29 -38.33 -15.76
CA MET G 281 -46.31 -39.25 -16.26
C MET G 281 -45.79 -40.15 -17.37
N SER G 282 -44.49 -40.09 -17.68
CA SER G 282 -43.92 -40.93 -18.72
C SER G 282 -43.56 -42.33 -18.25
N LYS G 283 -43.69 -42.61 -16.95
CA LYS G 283 -43.44 -43.91 -16.34
C LYS G 283 -42.00 -44.38 -16.50
N LEU G 284 -41.09 -43.51 -16.92
CA LEU G 284 -39.68 -43.85 -17.06
C LEU G 284 -38.83 -42.80 -16.37
N THR G 285 -37.51 -42.86 -16.54
CA THR G 285 -36.62 -41.89 -15.93
C THR G 285 -35.59 -41.42 -16.94
N VAL G 286 -35.08 -40.22 -16.73
CA VAL G 286 -34.12 -39.61 -17.63
C VAL G 286 -32.72 -40.06 -17.27
N LEU G 287 -31.82 -39.98 -18.24
CA LEU G 287 -30.42 -40.32 -17.99
C LEU G 287 -29.77 -39.22 -17.16
N ASN G 288 -29.09 -39.63 -16.09
CA ASN G 288 -28.48 -38.66 -15.19
C ASN G 288 -27.29 -38.00 -15.86
N SER G 289 -27.26 -36.67 -15.85
CA SER G 289 -26.13 -35.95 -16.41
C SER G 289 -24.95 -36.01 -15.45
N MET G 290 -23.89 -35.28 -15.78
CA MET G 290 -22.65 -35.26 -15.01
C MET G 290 -22.02 -36.65 -14.90
N HIS G 291 -22.24 -37.50 -15.89
CA HIS G 291 -21.59 -38.80 -15.98
C HIS G 291 -20.72 -38.84 -17.23
N SER G 292 -19.49 -39.31 -17.07
CA SER G 292 -18.52 -39.27 -18.16
C SER G 292 -18.85 -40.27 -19.26
N HIS G 293 -19.27 -41.49 -18.90
CA HIS G 293 -19.52 -42.52 -19.89
C HIS G 293 -20.72 -43.36 -19.46
N PHE G 294 -21.36 -43.99 -20.43
CA PHE G 294 -22.53 -44.84 -20.20
C PHE G 294 -22.35 -46.17 -20.90
N ILE G 295 -22.86 -47.23 -20.27
CA ILE G 295 -22.86 -48.58 -20.84
C ILE G 295 -24.31 -49.05 -20.78
N LEU G 296 -25.03 -48.91 -21.90
CA LEU G 296 -26.45 -49.23 -21.96
C LEU G 296 -26.61 -50.68 -22.38
N ALA G 297 -27.03 -51.53 -21.43
CA ALA G 297 -27.19 -52.96 -21.67
C ALA G 297 -28.66 -53.30 -21.74
N ASP G 298 -29.05 -54.05 -22.78
CA ASP G 298 -30.44 -54.41 -23.01
C ASP G 298 -30.58 -55.93 -23.08
N ASN G 299 -31.64 -56.45 -22.46
CA ASN G 299 -32.00 -57.86 -22.57
C ASN G 299 -33.15 -58.09 -23.53
N GLY G 300 -33.59 -57.04 -24.24
CA GLY G 300 -34.69 -57.13 -25.17
C GLY G 300 -36.01 -56.61 -24.64
N THR G 301 -36.15 -56.47 -23.33
CA THR G 301 -37.39 -56.00 -22.74
C THR G 301 -37.42 -54.47 -22.73
N THR G 302 -38.43 -53.90 -22.08
CA THR G 302 -38.57 -52.44 -21.99
C THR G 302 -39.42 -52.12 -20.78
N GLY G 303 -38.91 -51.27 -19.90
CA GLY G 303 -39.63 -50.87 -18.71
C GLY G 303 -39.35 -51.67 -17.46
N LYS G 304 -38.31 -52.49 -17.46
CA LYS G 304 -37.98 -53.31 -16.30
C LYS G 304 -36.47 -53.35 -16.12
N TYR G 305 -36.06 -53.56 -14.87
CA TYR G 305 -34.65 -53.61 -14.51
C TYR G 305 -34.12 -55.04 -14.61
N GLY G 306 -32.92 -55.27 -14.08
CA GLY G 306 -32.33 -56.59 -14.03
C GLY G 306 -31.44 -56.95 -15.19
N ALA G 307 -31.21 -56.04 -16.13
CA ALA G 307 -30.40 -56.32 -17.31
C ALA G 307 -28.97 -55.83 -17.19
N GLU G 308 -28.57 -55.33 -16.03
CA GLU G 308 -27.24 -54.75 -15.88
C GLU G 308 -26.49 -55.20 -14.63
N VAL G 309 -27.15 -55.86 -13.68
CA VAL G 309 -26.48 -56.21 -12.43
C VAL G 309 -25.40 -57.26 -12.67
N LYS G 310 -25.74 -58.31 -13.43
CA LYS G 310 -24.77 -59.37 -13.69
C LYS G 310 -23.61 -58.87 -14.53
N LEU G 311 -23.88 -58.05 -15.54
CA LEU G 311 -22.81 -57.50 -16.36
C LEU G 311 -21.89 -56.59 -15.54
N ARG G 312 -22.47 -55.77 -14.68
CA ARG G 312 -21.67 -54.89 -13.83
C ARG G 312 -20.79 -55.70 -12.88
N ARG G 313 -21.34 -56.75 -12.28
CA ARG G 313 -20.54 -57.59 -11.39
C ARG G 313 -19.44 -58.31 -12.13
N GLN G 314 -19.73 -58.81 -13.34
CA GLN G 314 -18.69 -59.47 -14.13
C GLN G 314 -17.59 -58.51 -14.53
N LEU G 315 -17.96 -57.27 -14.89
CA LEU G 315 -16.94 -56.27 -15.23
C LEU G 315 -16.10 -55.91 -14.02
N GLU G 316 -16.72 -55.79 -12.85
CA GLU G 316 -15.95 -55.52 -11.63
C GLU G 316 -14.99 -56.66 -11.32
N LYS G 317 -15.45 -57.92 -11.49
CA LYS G 317 -14.57 -59.06 -11.27
C LYS G 317 -13.39 -59.05 -12.24
N HIS G 318 -13.67 -58.74 -13.51
CA HIS G 318 -12.59 -58.78 -14.51
C HIS G 318 -11.61 -57.64 -14.32
N ILE G 319 -12.07 -56.45 -13.90
CA ILE G 319 -11.15 -55.35 -13.68
C ILE G 319 -10.42 -55.48 -12.35
N SER G 320 -10.98 -56.22 -11.39
CA SER G 320 -10.27 -56.44 -10.14
C SER G 320 -9.03 -57.32 -10.34
N LEU G 321 -9.13 -58.32 -11.22
CA LEU G 321 -8.00 -59.17 -11.52
C LEU G 321 -6.99 -58.52 -12.44
N GLN G 322 -7.31 -57.35 -13.00
CA GLN G 322 -6.38 -56.65 -13.87
C GLN G 322 -5.19 -56.15 -13.07
N LYS G 323 -4.00 -56.23 -13.69
CA LYS G 323 -2.77 -55.89 -12.98
C LYS G 323 -2.55 -54.39 -12.99
N ILE G 324 -2.22 -53.84 -11.82
CA ILE G 324 -1.85 -52.44 -11.68
C ILE G 324 -0.43 -52.28 -12.20
N ASN G 325 0.01 -51.03 -12.38
CA ASN G 325 1.32 -50.78 -12.97
C ASN G 325 2.46 -51.32 -12.11
N THR G 326 2.25 -51.43 -10.80
CA THR G 326 3.31 -51.92 -9.91
C THR G 326 3.57 -53.40 -10.17
N ARG G 327 4.86 -53.77 -10.17
CA ARG G 327 5.29 -55.13 -10.42
C ARG G 327 5.27 -55.99 -9.16
N ILE G 328 4.59 -55.55 -8.11
CA ILE G 328 4.48 -56.36 -6.89
C ILE G 328 3.67 -57.62 -7.18
N GLY G 329 2.54 -57.48 -7.86
CA GLY G 329 1.68 -58.60 -8.15
C GLY G 329 0.28 -58.44 -7.58
N GLN G 330 -0.13 -57.18 -7.38
CA GLN G 330 -1.43 -56.86 -6.82
C GLN G 330 -2.32 -56.22 -7.88
N GLY G 331 -3.60 -56.56 -7.84
CA GLY G 331 -4.57 -56.01 -8.78
C GLY G 331 -5.16 -54.69 -8.30
N VAL G 332 -6.15 -54.22 -9.05
CA VAL G 332 -6.82 -52.97 -8.73
C VAL G 332 -7.75 -53.19 -7.55
N PRO G 333 -7.58 -52.44 -6.45
CA PRO G 333 -8.48 -52.60 -5.31
C PRO G 333 -9.89 -52.12 -5.65
N VAL G 334 -10.88 -52.82 -5.07
CA VAL G 334 -12.28 -52.53 -5.30
C VAL G 334 -12.97 -52.36 -3.96
N VAL G 335 -13.75 -51.29 -3.81
CA VAL G 335 -14.52 -51.04 -2.60
C VAL G 335 -15.98 -50.82 -2.99
N ALA G 336 -16.86 -51.02 -2.02
CA ALA G 336 -18.30 -50.85 -2.24
C ALA G 336 -18.83 -49.84 -1.24
N LEU G 337 -19.69 -48.94 -1.71
CA LEU G 337 -20.29 -47.91 -0.87
C LEU G 337 -21.80 -48.09 -0.88
N ILE G 338 -22.39 -48.16 0.31
CA ILE G 338 -23.82 -48.44 0.47
C ILE G 338 -24.48 -47.24 1.12
N VAL G 339 -25.45 -46.64 0.42
CA VAL G 339 -26.28 -45.58 0.95
C VAL G 339 -27.73 -45.94 0.64
N GLU G 340 -28.58 -45.89 1.66
CA GLU G 340 -29.98 -46.36 1.58
C GLU G 340 -29.96 -47.83 1.17
N GLY G 341 -31.00 -48.33 0.50
CA GLY G 341 -30.94 -49.68 0.00
C GLY G 341 -32.26 -50.40 -0.08
N GLY G 342 -32.28 -51.65 0.37
CA GLY G 342 -33.46 -52.47 0.32
C GLY G 342 -33.14 -53.92 0.66
N PRO G 343 -34.10 -54.81 0.41
CA PRO G 343 -33.86 -56.24 0.67
C PRO G 343 -32.73 -56.82 -0.16
N ASN G 344 -32.55 -56.36 -1.40
CA ASN G 344 -31.50 -56.89 -2.25
C ASN G 344 -30.12 -56.32 -1.93
N VAL G 345 -30.06 -55.20 -1.20
CA VAL G 345 -28.78 -54.63 -0.81
C VAL G 345 -28.06 -55.57 0.15
N ILE G 346 -28.80 -56.21 1.05
CA ILE G 346 -28.19 -57.21 1.93
C ILE G 346 -27.64 -58.37 1.11
N SER G 347 -28.36 -58.77 0.06
CA SER G 347 -27.90 -59.87 -0.79
C SER G 347 -26.61 -59.51 -1.52
N ILE G 348 -26.54 -58.30 -2.08
CA ILE G 348 -25.32 -57.94 -2.82
C ILE G 348 -24.16 -57.70 -1.87
N VAL G 349 -24.43 -57.21 -0.65
CA VAL G 349 -23.38 -57.08 0.35
C VAL G 349 -22.83 -58.47 0.73
N LEU G 350 -23.73 -59.43 0.93
CA LEU G 350 -23.30 -60.78 1.24
C LEU G 350 -22.50 -61.39 0.09
N GLU G 351 -22.92 -61.15 -1.15
CA GLU G 351 -22.16 -61.65 -2.29
C GLU G 351 -20.78 -61.00 -2.38
N TYR G 352 -20.68 -59.71 -2.06
CA TYR G 352 -19.38 -59.05 -2.03
C TYR G 352 -18.48 -59.65 -0.97
N LEU G 353 -19.01 -59.89 0.22
CA LEU G 353 -18.21 -60.44 1.30
C LEU G 353 -17.83 -61.90 1.07
N ARG G 354 -18.56 -62.61 0.21
CA ARG G 354 -18.31 -64.02 -0.05
C ARG G 354 -17.46 -64.26 -1.29
N ASP G 355 -16.97 -63.21 -1.94
CA ASP G 355 -16.11 -63.39 -3.10
C ASP G 355 -14.80 -64.03 -2.68
N THR G 356 -14.19 -64.77 -3.62
CA THR G 356 -12.92 -65.43 -3.31
C THR G 356 -11.83 -64.43 -2.94
N PRO G 357 -11.62 -63.32 -3.67
CA PRO G 357 -10.97 -62.17 -3.05
C PRO G 357 -12.00 -61.30 -2.36
N PRO G 358 -11.95 -61.21 -1.03
CA PRO G 358 -12.96 -60.43 -0.31
C PRO G 358 -12.92 -58.95 -0.68
N VAL G 359 -14.09 -58.33 -0.73
CA VAL G 359 -14.25 -56.94 -1.13
C VAL G 359 -14.85 -56.18 0.04
N PRO G 360 -14.16 -55.21 0.62
CA PRO G 360 -14.73 -54.45 1.74
C PRO G 360 -15.87 -53.56 1.28
N VAL G 361 -16.78 -53.28 2.23
CA VAL G 361 -17.91 -52.40 1.96
C VAL G 361 -17.95 -51.31 3.02
N VAL G 362 -18.61 -50.21 2.68
CA VAL G 362 -18.78 -49.06 3.56
C VAL G 362 -20.27 -48.69 3.55
N VAL G 363 -20.84 -48.51 4.74
CA VAL G 363 -22.26 -48.21 4.88
C VAL G 363 -22.41 -46.89 5.62
N CYS G 364 -23.65 -46.39 5.64
CA CYS G 364 -24.00 -45.14 6.32
C CYS G 364 -25.25 -45.37 7.16
N ASP G 365 -25.40 -44.53 8.20
CA ASP G 365 -26.45 -44.72 9.19
C ASP G 365 -27.65 -43.81 8.99
N GLY G 366 -27.44 -42.56 8.58
CA GLY G 366 -28.54 -41.62 8.43
C GLY G 366 -29.37 -41.80 7.19
N SER G 367 -29.42 -43.00 6.63
CA SER G 367 -30.19 -43.24 5.41
C SER G 367 -31.62 -43.64 5.74
N GLY G 368 -31.81 -44.58 6.66
CA GLY G 368 -33.13 -45.03 7.05
C GLY G 368 -33.59 -46.29 6.35
N ARG G 369 -32.70 -46.96 5.64
CA ARG G 369 -33.01 -48.17 4.92
C ARG G 369 -32.14 -49.30 5.47
N ALA G 370 -32.07 -50.42 4.75
CA ALA G 370 -31.32 -51.59 5.22
C ALA G 370 -29.85 -51.30 5.48
N SER G 371 -29.31 -50.22 4.92
CA SER G 371 -27.98 -49.77 5.32
C SER G 371 -27.97 -49.39 6.79
N ASP G 372 -28.99 -48.67 7.25
CA ASP G 372 -29.11 -48.36 8.68
C ASP G 372 -29.32 -49.63 9.50
N ILE G 373 -30.11 -50.58 8.98
CA ILE G 373 -30.29 -51.86 9.65
C ILE G 373 -28.97 -52.61 9.74
N LEU G 374 -28.18 -52.58 8.66
CA LEU G 374 -26.88 -53.24 8.66
C LEU G 374 -25.94 -52.59 9.68
N ALA G 375 -25.96 -51.26 9.76
CA ALA G 375 -25.13 -50.55 10.72
C ALA G 375 -25.55 -50.86 12.15
N PHE G 376 -26.86 -50.96 12.40
CA PHE G 376 -27.34 -51.34 13.72
C PHE G 376 -26.92 -52.77 14.08
N GLY G 377 -27.01 -53.69 13.11
CA GLY G 377 -26.59 -55.06 13.34
C GLY G 377 -25.09 -55.22 13.45
N HIS G 378 -24.32 -54.25 12.97
CA HIS G 378 -22.86 -54.29 13.15
C HIS G 378 -22.50 -54.26 14.64
N LYS G 379 -23.20 -53.45 15.42
CA LYS G 379 -23.05 -53.48 16.86
C LYS G 379 -23.61 -54.77 17.44
N TYR G 380 -23.03 -55.21 18.56
CA TYR G 380 -23.45 -56.41 19.29
C TYR G 380 -23.35 -57.66 18.41
N SER G 381 -22.11 -57.99 18.06
CA SER G 381 -21.81 -59.22 17.36
C SER G 381 -22.06 -60.43 18.26
N GLU G 382 -22.36 -61.56 17.63
CA GLU G 382 -22.61 -62.80 18.37
C GLU G 382 -21.28 -63.48 18.72
N VAL G 397 -31.30 -59.70 20.88
CA VAL G 397 -31.93 -58.58 20.19
C VAL G 397 -32.67 -59.11 18.96
N THR G 398 -33.09 -60.36 19.03
CA THR G 398 -33.80 -61.00 17.93
C THR G 398 -35.29 -60.68 17.93
N ILE G 399 -35.79 -59.96 18.93
CA ILE G 399 -37.20 -59.56 18.97
C ILE G 399 -37.41 -58.21 18.30
N GLN G 400 -36.39 -57.65 17.67
CA GLN G 400 -36.48 -56.40 16.93
C GLN G 400 -36.50 -56.64 15.42
N LYS G 401 -37.19 -57.69 14.98
CA LYS G 401 -37.25 -58.06 13.57
C LYS G 401 -38.54 -57.61 12.92
N THR G 402 -39.30 -56.73 13.57
CA THR G 402 -40.54 -56.21 13.03
C THR G 402 -40.34 -54.73 12.68
N PHE G 403 -40.53 -54.40 11.41
CA PHE G 403 -40.40 -53.02 10.95
C PHE G 403 -41.49 -52.61 9.97
N THR G 404 -42.48 -53.48 9.70
CA THR G 404 -43.50 -53.26 8.68
C THR G 404 -42.87 -52.96 7.32
N TYR G 405 -41.74 -53.62 7.06
CA TYR G 405 -40.96 -53.40 5.84
C TYR G 405 -40.94 -54.61 4.92
N THR G 406 -41.11 -55.82 5.46
CA THR G 406 -41.20 -57.04 4.66
C THR G 406 -42.48 -57.78 5.06
N ARG G 407 -42.62 -59.02 4.59
CA ARG G 407 -43.83 -59.78 4.90
C ARG G 407 -43.83 -60.25 6.35
N THR G 408 -44.09 -59.31 7.26
CA THR G 408 -44.24 -59.54 8.70
C THR G 408 -43.05 -60.29 9.28
N GLN G 409 -43.28 -60.97 10.41
CA GLN G 409 -42.27 -61.83 11.00
C GLN G 409 -42.17 -63.18 10.30
N ALA G 410 -43.15 -63.51 9.45
CA ALA G 410 -43.09 -64.75 8.69
C ALA G 410 -41.93 -64.74 7.70
N GLN G 411 -41.69 -63.62 7.04
CA GLN G 411 -40.57 -63.47 6.12
C GLN G 411 -39.50 -62.59 6.76
N HIS G 412 -38.26 -63.05 6.72
CA HIS G 412 -37.16 -62.35 7.35
C HIS G 412 -35.89 -62.54 6.52
N LEU G 413 -35.00 -61.56 6.59
CA LEU G 413 -33.67 -61.64 6.01
C LEU G 413 -32.60 -61.87 7.08
N PHE G 414 -32.99 -62.47 8.20
CA PHE G 414 -32.07 -62.59 9.32
C PHE G 414 -30.95 -63.57 9.03
N ILE G 415 -31.19 -64.56 8.18
CA ILE G 415 -30.14 -65.53 7.85
C ILE G 415 -28.98 -64.83 7.14
N ILE G 416 -29.29 -64.07 6.09
CA ILE G 416 -28.25 -63.34 5.37
C ILE G 416 -27.66 -62.24 6.24
N LEU G 417 -28.49 -61.60 7.07
CA LEU G 417 -27.98 -60.57 7.97
C LEU G 417 -26.97 -61.14 8.96
N MET G 418 -27.26 -62.30 9.54
CA MET G 418 -26.35 -62.88 10.51
C MET G 418 -25.12 -63.48 9.82
N GLU G 419 -25.25 -63.93 8.58
CA GLU G 419 -24.05 -64.33 7.85
C GLU G 419 -23.14 -63.13 7.58
N CYS G 420 -23.71 -61.99 7.19
CA CYS G 420 -22.92 -60.79 7.01
C CYS G 420 -22.26 -60.35 8.31
N MET G 421 -22.99 -60.43 9.42
CA MET G 421 -22.40 -60.10 10.71
C MET G 421 -21.39 -61.14 11.17
N LYS G 422 -21.44 -62.36 10.63
CA LYS G 422 -20.38 -63.33 10.86
C LYS G 422 -19.13 -62.94 10.10
N LYS G 423 -19.28 -62.31 8.94
CA LYS G 423 -18.14 -61.80 8.16
C LYS G 423 -17.99 -60.29 8.33
N LYS G 424 -18.21 -59.80 9.55
CA LYS G 424 -18.24 -58.37 9.85
C LYS G 424 -16.86 -57.73 9.94
N GLU G 425 -15.78 -58.47 9.67
CA GLU G 425 -14.45 -57.88 9.74
C GLU G 425 -14.21 -56.87 8.62
N LEU G 426 -15.01 -56.92 7.57
CA LEU G 426 -14.85 -56.01 6.44
C LEU G 426 -15.84 -54.86 6.43
N ILE G 427 -16.90 -54.92 7.25
CA ILE G 427 -17.88 -53.86 7.27
C ILE G 427 -17.27 -52.62 7.93
N THR G 428 -17.51 -51.46 7.32
CA THR G 428 -17.08 -50.18 7.88
C THR G 428 -18.29 -49.27 7.97
N VAL G 429 -18.49 -48.68 9.14
CA VAL G 429 -19.65 -47.83 9.40
C VAL G 429 -19.17 -46.41 9.63
N PHE G 430 -19.76 -45.47 8.90
CA PHE G 430 -19.40 -44.06 8.98
C PHE G 430 -20.50 -43.30 9.71
N ARG G 431 -20.20 -42.79 10.90
CA ARG G 431 -21.14 -42.05 11.71
C ARG G 431 -20.60 -40.66 12.00
N MET G 432 -21.49 -39.68 11.98
CA MET G 432 -21.09 -38.28 12.19
C MET G 432 -20.88 -38.01 13.67
N GLY G 433 -19.62 -38.00 14.09
CA GLY G 433 -19.28 -37.61 15.44
C GLY G 433 -19.39 -38.70 16.47
N SER G 434 -20.01 -39.83 16.13
CA SER G 434 -20.16 -40.92 17.08
C SER G 434 -18.90 -41.76 17.15
N GLU G 435 -18.52 -42.37 16.02
CA GLU G 435 -17.32 -43.21 15.96
C GLU G 435 -16.14 -42.41 15.44
N GLY G 436 -15.07 -43.11 15.10
CA GLY G 436 -13.93 -42.49 14.46
C GLY G 436 -14.15 -42.35 12.96
N HIS G 437 -13.09 -41.91 12.28
CA HIS G 437 -13.11 -41.67 10.83
C HIS G 437 -14.24 -40.70 10.45
N GLN G 438 -14.12 -39.48 10.95
CA GLN G 438 -15.11 -38.44 10.67
C GLN G 438 -15.12 -38.02 9.21
N ASP G 439 -14.09 -38.37 8.44
CA ASP G 439 -14.02 -38.08 7.01
C ASP G 439 -14.29 -39.35 6.24
N ILE G 440 -15.28 -39.29 5.35
CA ILE G 440 -15.67 -40.48 4.58
C ILE G 440 -14.58 -40.86 3.59
N ASP G 441 -13.90 -39.87 3.00
CA ASP G 441 -12.79 -40.17 2.10
C ASP G 441 -11.66 -40.89 2.82
N LEU G 442 -11.48 -40.61 4.11
CA LEU G 442 -10.54 -41.40 4.90
C LEU G 442 -11.12 -42.77 5.23
N ALA G 443 -12.45 -42.84 5.42
CA ALA G 443 -13.09 -44.11 5.71
C ALA G 443 -12.97 -45.08 4.55
N ILE G 444 -13.08 -44.59 3.31
CA ILE G 444 -12.96 -45.47 2.15
C ILE G 444 -11.52 -45.98 2.01
N LEU G 445 -10.54 -45.08 2.12
CA LEU G 445 -9.16 -45.47 1.86
C LEU G 445 -8.61 -46.35 2.96
N THR G 446 -8.96 -46.08 4.22
CA THR G 446 -8.49 -46.92 5.32
C THR G 446 -9.09 -48.31 5.27
N ALA G 447 -10.30 -48.45 4.73
CA ALA G 447 -10.90 -49.78 4.59
C ALA G 447 -10.21 -50.59 3.50
N LEU G 448 -9.61 -49.92 2.51
CA LEU G 448 -8.94 -50.64 1.43
C LEU G 448 -7.63 -51.25 1.89
N LEU G 449 -6.89 -50.55 2.76
CA LEU G 449 -5.61 -51.06 3.22
C LEU G 449 -5.78 -52.31 4.08
N LYS G 450 -6.71 -52.27 5.04
CA LYS G 450 -6.96 -53.43 5.87
C LYS G 450 -7.74 -54.50 5.12
N GLY G 451 -8.54 -54.12 4.13
CA GLY G 451 -9.33 -55.08 3.38
C GLY G 451 -8.51 -55.93 2.43
N ALA G 452 -7.34 -55.45 2.01
CA ALA G 452 -6.49 -56.24 1.13
C ALA G 452 -5.80 -57.38 1.87
N ASN G 453 -5.62 -57.25 3.18
CA ASN G 453 -4.95 -58.25 4.02
C ASN G 453 -3.56 -58.59 3.48
N ALA G 454 -2.85 -57.55 3.05
CA ALA G 454 -1.51 -57.68 2.52
C ALA G 454 -0.49 -57.20 3.54
N SER G 455 0.79 -57.29 3.16
CA SER G 455 1.87 -56.90 4.05
C SER G 455 2.04 -55.38 4.04
N ALA G 456 2.94 -54.91 4.91
CA ALA G 456 3.27 -53.49 4.94
C ALA G 456 3.86 -52.97 3.63
N PRO G 457 4.79 -53.68 2.94
CA PRO G 457 5.25 -53.16 1.64
C PRO G 457 4.13 -52.98 0.63
N ASP G 458 3.16 -53.88 0.59
CA ASP G 458 2.06 -53.73 -0.36
C ASP G 458 1.18 -52.55 -0.02
N GLN G 459 0.92 -52.32 1.27
CA GLN G 459 0.17 -51.14 1.68
C GLN G 459 0.92 -49.86 1.32
N LEU G 460 2.24 -49.85 1.51
CA LEU G 460 3.03 -48.69 1.15
C LEU G 460 3.02 -48.46 -0.35
N SER G 461 3.09 -49.54 -1.14
CA SER G 461 3.03 -49.39 -2.59
C SER G 461 1.68 -48.84 -3.02
N LEU G 462 0.60 -49.31 -2.40
CA LEU G 462 -0.73 -48.80 -2.73
C LEU G 462 -0.86 -47.33 -2.39
N ALA G 463 -0.37 -46.93 -1.21
CA ALA G 463 -0.43 -45.53 -0.82
C ALA G 463 0.44 -44.67 -1.73
N LEU G 464 1.58 -45.20 -2.18
CA LEU G 464 2.41 -44.49 -3.14
C LEU G 464 1.69 -44.32 -4.47
N ALA G 465 0.98 -45.35 -4.93
CA ALA G 465 0.25 -45.25 -6.18
C ALA G 465 -0.88 -44.24 -6.09
N TRP G 466 -1.58 -44.19 -4.95
CA TRP G 466 -2.65 -43.23 -4.77
C TRP G 466 -2.15 -41.81 -4.49
N ASN G 467 -0.85 -41.65 -4.25
CA ASN G 467 -0.25 -40.35 -3.93
C ASN G 467 -0.91 -39.70 -2.72
N ARG G 468 -1.13 -40.50 -1.68
CA ARG G 468 -1.70 -40.03 -0.42
C ARG G 468 -0.66 -40.21 0.67
N VAL G 469 0.06 -39.12 0.99
CA VAL G 469 1.11 -39.21 2.00
C VAL G 469 0.51 -39.32 3.40
N ASP G 470 -0.61 -38.64 3.67
CA ASP G 470 -1.20 -38.67 5.01
C ASP G 470 -1.75 -40.05 5.36
N ILE G 471 -2.26 -40.78 4.37
CA ILE G 471 -2.76 -42.13 4.61
C ILE G 471 -1.62 -43.03 5.10
N ALA G 472 -0.48 -42.96 4.44
CA ALA G 472 0.67 -43.76 4.87
C ALA G 472 1.24 -43.26 6.19
N ARG G 473 1.18 -41.96 6.43
CA ARG G 473 1.72 -41.40 7.67
C ARG G 473 0.90 -41.83 8.87
N SER G 474 -0.43 -41.82 8.75
CA SER G 474 -1.29 -42.10 9.88
C SER G 474 -1.61 -43.57 10.07
N GLN G 475 -1.47 -44.39 9.03
CA GLN G 475 -1.81 -45.80 9.12
C GLN G 475 -0.60 -46.72 8.96
N ILE G 476 0.14 -46.58 7.86
CA ILE G 476 1.21 -47.53 7.56
C ILE G 476 2.39 -47.36 8.50
N PHE G 477 2.80 -46.12 8.76
CA PHE G 477 3.96 -45.87 9.62
C PHE G 477 3.49 -45.66 11.05
N ILE G 478 3.36 -46.77 11.78
CA ILE G 478 2.96 -46.78 13.18
C ILE G 478 3.93 -47.65 13.96
N TYR G 479 3.64 -47.81 15.25
CA TYR G 479 4.51 -48.59 16.12
C TYR G 479 4.46 -50.07 15.77
N GLY G 480 5.63 -50.67 15.63
CA GLY G 480 5.71 -52.12 15.44
C GLY G 480 5.16 -52.61 14.13
N GLN G 481 5.83 -52.29 13.02
CA GLN G 481 5.39 -52.72 11.70
C GLN G 481 6.19 -53.86 11.12
N GLN G 482 7.47 -53.98 11.48
CA GLN G 482 8.32 -55.10 11.08
C GLN G 482 8.41 -55.21 9.54
N TRP G 483 9.03 -54.20 8.96
CA TRP G 483 9.25 -54.21 7.53
C TRP G 483 10.23 -55.32 7.15
N PRO G 484 10.01 -56.02 6.04
CA PRO G 484 11.00 -56.97 5.55
C PRO G 484 12.28 -56.25 5.15
N VAL G 485 13.39 -56.98 5.23
CA VAL G 485 14.69 -56.39 4.90
C VAL G 485 14.76 -56.12 3.40
N GLY G 486 15.13 -54.90 3.04
CA GLY G 486 15.20 -54.53 1.64
C GLY G 486 13.91 -54.04 1.04
N SER G 487 12.91 -53.71 1.86
CA SER G 487 11.63 -53.23 1.39
C SER G 487 11.56 -51.70 1.31
N LEU G 488 12.04 -51.01 2.34
CA LEU G 488 12.07 -49.56 2.31
C LEU G 488 12.98 -49.04 1.20
N GLU G 489 14.04 -49.78 0.87
CA GLU G 489 14.90 -49.39 -0.24
C GLU G 489 14.14 -49.41 -1.56
N GLN G 490 13.36 -50.47 -1.78
CA GLN G 490 12.57 -50.55 -3.01
C GLN G 490 11.47 -49.49 -3.03
N ALA G 491 10.87 -49.22 -1.86
CA ALA G 491 9.88 -48.15 -1.79
C ALA G 491 10.49 -46.79 -2.12
N MET G 492 11.70 -46.54 -1.63
CA MET G 492 12.39 -45.30 -1.95
C MET G 492 12.70 -45.20 -3.43
N LEU G 493 13.14 -46.31 -4.04
CA LEU G 493 13.41 -46.30 -5.48
C LEU G 493 12.15 -46.02 -6.28
N ASP G 494 11.04 -46.65 -5.91
CA ASP G 494 9.78 -46.43 -6.61
C ASP G 494 9.29 -44.99 -6.44
N ALA G 495 9.42 -44.44 -5.24
CA ALA G 495 9.02 -43.05 -5.03
C ALA G 495 9.92 -42.07 -5.76
N LEU G 496 11.20 -42.41 -5.91
CA LEU G 496 12.12 -41.54 -6.64
C LEU G 496 11.83 -41.57 -8.14
N VAL G 497 11.49 -42.74 -8.67
CA VAL G 497 11.18 -42.84 -10.10
C VAL G 497 9.89 -42.08 -10.42
N LEU G 498 8.87 -42.23 -9.58
CA LEU G 498 7.55 -41.67 -9.86
C LEU G 498 7.42 -40.21 -9.49
N ASP G 499 8.50 -39.56 -9.02
CA ASP G 499 8.49 -38.15 -8.63
C ASP G 499 7.45 -37.90 -7.53
N ARG G 500 7.68 -38.53 -6.38
CA ARG G 500 6.85 -38.37 -5.19
C ARG G 500 7.73 -37.78 -4.10
N VAL G 501 7.78 -36.46 -4.04
CA VAL G 501 8.66 -35.78 -3.09
C VAL G 501 8.23 -36.05 -1.65
N ASP G 502 6.92 -36.02 -1.39
CA ASP G 502 6.43 -36.21 -0.03
C ASP G 502 6.77 -37.60 0.49
N PHE G 503 6.64 -38.61 -0.36
CA PHE G 503 6.99 -39.97 0.07
C PHE G 503 8.48 -40.13 0.25
N VAL G 504 9.29 -39.46 -0.56
CA VAL G 504 10.74 -39.50 -0.36
C VAL G 504 11.10 -38.90 1.00
N LYS G 505 10.49 -37.76 1.33
CA LYS G 505 10.75 -37.14 2.63
C LYS G 505 10.27 -38.04 3.77
N LEU G 506 9.10 -38.66 3.61
CA LEU G 506 8.58 -39.52 4.66
C LEU G 506 9.45 -40.76 4.86
N LEU G 507 9.93 -41.36 3.78
CA LEU G 507 10.79 -42.53 3.90
C LEU G 507 12.15 -42.16 4.48
N ILE G 508 12.68 -40.98 4.13
CA ILE G 508 13.91 -40.51 4.74
C ILE G 508 13.71 -40.32 6.24
N GLU G 509 12.61 -39.68 6.63
CA GLU G 509 12.35 -39.46 8.06
C GLU G 509 12.17 -40.77 8.81
N ASN G 510 11.69 -41.82 8.14
CA ASN G 510 11.34 -43.08 8.80
C ASN G 510 12.41 -44.15 8.62
N GLY G 511 13.69 -43.77 8.55
CA GLY G 511 14.73 -44.76 8.69
C GLY G 511 15.76 -44.88 7.57
N VAL G 512 15.32 -44.76 6.32
CA VAL G 512 16.22 -45.04 5.20
C VAL G 512 17.31 -43.98 5.14
N SER G 513 18.48 -44.40 4.64
CA SER G 513 19.65 -43.53 4.54
C SER G 513 20.10 -43.49 3.08
N MET G 514 20.36 -42.28 2.58
CA MET G 514 20.69 -42.13 1.18
C MET G 514 22.11 -42.56 0.86
N HIS G 515 22.99 -42.63 1.85
CA HIS G 515 24.38 -43.00 1.59
C HIS G 515 24.49 -44.46 1.18
N ARG G 516 23.76 -45.35 1.87
CA ARG G 516 23.81 -46.77 1.52
C ARG G 516 22.86 -47.11 0.38
N PHE G 517 21.77 -46.34 0.21
CA PHE G 517 20.80 -46.63 -0.83
C PHE G 517 21.41 -46.45 -2.22
N LEU G 518 22.12 -45.36 -2.43
CA LEU G 518 22.55 -44.99 -3.78
C LEU G 518 23.78 -45.78 -4.18
N THR G 519 23.65 -46.58 -5.24
CA THR G 519 24.76 -47.29 -5.84
C THR G 519 24.82 -46.93 -7.32
N ILE G 520 25.85 -47.43 -8.00
CA ILE G 520 26.03 -47.14 -9.42
C ILE G 520 24.89 -47.73 -10.23
N SER G 521 24.51 -48.97 -9.93
CA SER G 521 23.43 -49.62 -10.67
C SER G 521 22.10 -48.90 -10.45
N ARG G 522 21.84 -48.47 -9.22
CA ARG G 522 20.59 -47.76 -8.93
C ARG G 522 20.53 -46.42 -9.65
N LEU G 523 21.66 -45.70 -9.70
CA LEU G 523 21.69 -44.44 -10.43
C LEU G 523 21.51 -44.66 -11.92
N GLU G 524 22.11 -45.73 -12.45
CA GLU G 524 21.89 -46.09 -13.85
C GLU G 524 20.42 -46.38 -14.12
N GLU G 525 19.76 -47.08 -13.19
CA GLU G 525 18.34 -47.35 -13.34
C GLU G 525 17.53 -46.06 -13.29
N LEU G 526 17.90 -45.13 -12.41
CA LEU G 526 17.21 -43.85 -12.32
C LEU G 526 17.35 -43.05 -13.60
N TYR G 527 18.52 -43.08 -14.23
CA TYR G 527 18.72 -42.33 -15.46
C TYR G 527 18.04 -42.94 -16.67
N ASN G 528 17.48 -44.14 -16.55
CA ASN G 528 16.83 -44.83 -17.67
C ASN G 528 15.39 -45.19 -17.31
N THR G 529 14.67 -44.25 -16.74
CA THR G 529 13.27 -44.46 -16.38
C THR G 529 12.35 -43.95 -17.47
N ARG G 530 11.10 -44.40 -17.42
CA ARG G 530 10.07 -43.94 -18.33
C ARG G 530 8.90 -43.28 -17.61
N HIS G 531 8.83 -43.35 -16.29
CA HIS G 531 7.78 -42.71 -15.53
C HIS G 531 8.10 -41.23 -15.33
N GLY G 532 7.13 -40.51 -14.76
CA GLY G 532 7.31 -39.12 -14.47
C GLY G 532 7.12 -38.23 -15.68
N PRO G 533 7.31 -36.93 -15.52
CA PRO G 533 7.08 -35.99 -16.62
C PRO G 533 8.15 -36.11 -17.69
N SER G 534 7.91 -35.43 -18.80
CA SER G 534 8.81 -35.46 -19.94
C SER G 534 10.07 -34.66 -19.66
N ASN G 535 11.13 -34.98 -20.41
CA ASN G 535 12.42 -34.33 -20.24
C ASN G 535 13.18 -34.41 -21.56
N THR G 536 14.22 -33.58 -21.67
CA THR G 536 15.02 -33.48 -22.89
C THR G 536 16.39 -34.13 -22.75
N LEU G 537 16.52 -35.10 -21.85
CA LEU G 537 17.80 -35.75 -21.64
C LEU G 537 18.20 -36.61 -22.84
N TYR G 538 17.24 -37.30 -23.45
CA TYR G 538 17.54 -38.17 -24.57
C TYR G 538 18.07 -37.37 -25.76
N HIS G 539 17.49 -36.21 -26.03
CA HIS G 539 17.97 -35.37 -27.13
C HIS G 539 19.40 -34.92 -26.88
N LEU G 540 19.73 -34.54 -25.64
CA LEU G 540 21.10 -34.13 -25.33
C LEU G 540 22.08 -35.29 -25.48
N VAL G 541 21.70 -36.47 -25.00
CA VAL G 541 22.58 -37.63 -25.13
C VAL G 541 22.78 -37.97 -26.61
N ARG G 542 21.73 -37.84 -27.42
CA ARG G 542 21.87 -38.07 -28.85
C ARG G 542 22.80 -37.04 -29.48
N ASP G 543 22.69 -35.78 -29.06
CA ASP G 543 23.50 -34.72 -29.66
C ASP G 543 24.98 -34.87 -29.28
N VAL G 544 25.26 -35.37 -28.06
CA VAL G 544 26.64 -35.44 -27.60
C VAL G 544 27.39 -36.57 -28.31
N LYS G 545 26.90 -37.80 -28.15
CA LYS G 545 27.58 -38.97 -28.69
C LYS G 545 27.21 -39.22 -30.16
N LYS G 546 27.83 -38.47 -31.07
CA LYS G 546 27.73 -38.68 -32.52
C LYS G 546 26.33 -38.39 -33.01
N GLY G 547 26.13 -38.44 -34.33
CA GLY G 547 24.85 -38.14 -34.92
C GLY G 547 23.83 -39.27 -34.85
N ASN G 548 24.30 -40.47 -34.50
CA ASN G 548 23.45 -41.66 -34.55
C ASN G 548 23.49 -42.43 -33.24
N LEU G 549 22.31 -42.82 -32.76
CA LEU G 549 22.17 -43.59 -31.54
C LEU G 549 21.20 -44.75 -31.77
N PRO G 550 21.50 -45.95 -31.27
CA PRO G 550 20.55 -47.05 -31.41
C PRO G 550 19.28 -46.78 -30.61
N PRO G 551 18.14 -47.31 -31.06
CA PRO G 551 16.88 -47.02 -30.37
C PRO G 551 16.83 -47.58 -28.96
N ASP G 552 17.11 -48.88 -28.84
CA ASP G 552 17.12 -49.56 -27.55
C ASP G 552 18.50 -49.38 -26.89
N TYR G 553 18.72 -48.19 -26.35
CA TYR G 553 20.01 -47.82 -25.80
C TYR G 553 19.87 -47.52 -24.31
N ARG G 554 20.75 -48.12 -23.52
CA ARG G 554 20.83 -47.83 -22.09
C ARG G 554 21.84 -46.71 -21.86
N ILE G 555 21.41 -45.64 -21.20
CA ILE G 555 22.26 -44.47 -21.00
C ILE G 555 23.19 -44.77 -19.83
N SER G 556 24.49 -44.84 -20.12
CA SER G 556 25.49 -45.11 -19.09
C SER G 556 25.95 -43.80 -18.45
N LEU G 557 26.58 -43.93 -17.28
CA LEU G 557 27.06 -42.77 -16.55
C LEU G 557 28.15 -42.02 -17.30
N ILE G 558 28.87 -42.69 -18.20
CA ILE G 558 29.86 -42.00 -19.03
C ILE G 558 29.18 -40.99 -19.94
N ASP G 559 28.03 -41.35 -20.50
CA ASP G 559 27.28 -40.41 -21.33
C ASP G 559 26.78 -39.23 -20.53
N ILE G 560 26.36 -39.46 -19.29
CA ILE G 560 25.92 -38.38 -18.43
C ILE G 560 27.09 -37.45 -18.09
N GLY G 561 28.27 -38.03 -17.84
CA GLY G 561 29.44 -37.19 -17.64
C GLY G 561 29.78 -36.36 -18.86
N LEU G 562 29.67 -36.95 -20.05
CA LEU G 562 29.92 -36.21 -21.28
C LEU G 562 28.93 -35.08 -21.46
N VAL G 563 27.65 -35.32 -21.20
CA VAL G 563 26.66 -34.27 -21.40
C VAL G 563 26.81 -33.17 -20.34
N ILE G 564 27.23 -33.53 -19.12
CA ILE G 564 27.50 -32.50 -18.11
C ILE G 564 28.68 -31.64 -18.53
N GLU G 565 29.75 -32.26 -19.05
CA GLU G 565 30.89 -31.49 -19.51
C GLU G 565 30.52 -30.59 -20.69
N TYR G 566 29.65 -31.09 -21.58
CA TYR G 566 29.22 -30.27 -22.70
C TYR G 566 28.33 -29.11 -22.26
N LEU G 567 27.51 -29.32 -21.23
CA LEU G 567 26.61 -28.26 -20.77
C LEU G 567 27.35 -27.21 -19.95
N MET G 568 28.34 -27.62 -19.15
CA MET G 568 28.97 -26.67 -18.23
C MET G 568 29.90 -25.71 -18.95
N GLY G 569 30.94 -26.23 -19.59
CA GLY G 569 31.87 -25.36 -20.27
C GLY G 569 33.06 -26.12 -20.78
N GLY G 570 34.00 -25.35 -21.37
CA GLY G 570 35.19 -25.96 -21.95
C GLY G 570 36.13 -26.54 -20.91
N ALA G 571 36.32 -25.83 -19.79
CA ALA G 571 37.28 -26.24 -18.78
C ALA G 571 36.73 -27.23 -17.77
N TYR G 572 35.42 -27.46 -17.77
CA TYR G 572 34.82 -28.34 -16.77
C TYR G 572 35.14 -29.80 -17.07
N ARG G 573 35.30 -30.59 -16.01
CA ARG G 573 35.63 -32.00 -16.12
C ARG G 573 34.85 -32.77 -15.06
N CYS G 574 33.79 -33.45 -15.48
CA CYS G 574 32.96 -34.20 -14.55
C CYS G 574 33.71 -35.41 -14.01
N ASN G 575 33.29 -35.86 -12.82
CA ASN G 575 33.93 -37.01 -12.19
C ASN G 575 33.63 -38.32 -12.91
N TYR G 576 32.59 -38.35 -13.74
CA TYR G 576 32.23 -39.59 -14.41
C TYR G 576 33.20 -39.93 -15.53
N THR G 577 33.80 -38.92 -16.16
CA THR G 577 34.71 -39.14 -17.28
C THR G 577 36.16 -39.30 -16.84
N ARG G 578 36.44 -39.23 -15.54
CA ARG G 578 37.80 -39.42 -15.07
C ARG G 578 38.22 -40.88 -15.19
N LYS G 579 39.53 -41.09 -15.24
CA LYS G 579 40.06 -42.43 -15.45
C LYS G 579 39.75 -43.36 -14.27
N ARG G 580 39.76 -42.83 -13.05
CA ARG G 580 39.47 -43.65 -11.88
C ARG G 580 38.05 -44.19 -11.93
N PHE G 581 37.08 -43.33 -12.23
CA PHE G 581 35.70 -43.79 -12.34
C PHE G 581 35.52 -44.71 -13.53
N ARG G 582 36.25 -44.47 -14.62
CA ARG G 582 36.17 -45.36 -15.76
C ARG G 582 36.65 -46.77 -15.41
N THR G 583 37.75 -46.85 -14.65
CA THR G 583 38.23 -48.16 -14.22
C THR G 583 37.26 -48.81 -13.24
N LEU G 584 36.65 -48.02 -12.35
CA LEU G 584 35.69 -48.58 -11.41
C LEU G 584 34.45 -49.10 -12.14
N TYR G 585 34.00 -48.39 -13.16
CA TYR G 585 32.85 -48.78 -13.96
C TYR G 585 33.17 -49.86 -14.98
N HIS G 586 34.45 -50.11 -15.25
CA HIS G 586 34.84 -51.12 -16.24
C HIS G 586 34.44 -52.52 -15.78
N ASN G 587 34.59 -52.82 -14.50
CA ASN G 587 34.32 -54.16 -13.97
C ASN G 587 32.98 -54.22 -13.24
N LEU G 588 31.99 -53.52 -13.76
CA LEU G 588 30.63 -53.57 -13.18
C LEU G 588 29.60 -53.74 -14.28
N ASN G 632 29.59 -49.72 -6.54
CA ASN G 632 30.12 -49.45 -5.22
C ASN G 632 29.22 -48.46 -4.49
N HIS G 633 29.76 -47.29 -4.14
CA HIS G 633 29.02 -46.27 -3.42
C HIS G 633 29.54 -44.90 -3.85
N PHE G 634 28.87 -43.86 -3.35
CA PHE G 634 29.27 -42.48 -3.58
C PHE G 634 29.48 -41.77 -2.25
N PRO G 635 30.56 -41.00 -2.12
CA PRO G 635 30.78 -40.28 -0.85
C PRO G 635 29.72 -39.22 -0.57
N PHE G 636 29.31 -38.48 -1.59
CA PHE G 636 28.25 -37.48 -1.47
C PHE G 636 27.11 -37.85 -2.41
N PRO G 637 26.08 -38.52 -1.92
CA PRO G 637 25.02 -39.00 -2.81
C PRO G 637 24.10 -37.89 -3.29
N PHE G 638 23.93 -36.86 -2.47
CA PHE G 638 23.01 -35.78 -2.82
C PHE G 638 23.52 -34.93 -3.97
N HIS G 639 24.83 -34.88 -4.19
CA HIS G 639 25.35 -34.21 -5.37
C HIS G 639 24.82 -34.86 -6.64
N GLU G 640 24.98 -36.18 -6.75
CA GLU G 640 24.51 -36.89 -7.93
C GLU G 640 23.00 -36.88 -8.02
N LEU G 641 22.31 -36.95 -6.88
CA LEU G 641 20.86 -36.90 -6.91
C LEU G 641 20.34 -35.54 -7.39
N MET G 642 20.97 -34.45 -6.95
CA MET G 642 20.54 -33.14 -7.41
C MET G 642 20.87 -32.93 -8.88
N VAL G 643 22.00 -33.45 -9.34
CA VAL G 643 22.31 -33.36 -10.77
C VAL G 643 21.28 -34.14 -11.58
N TRP G 644 20.89 -35.33 -11.10
CA TRP G 644 19.88 -36.12 -11.78
C TRP G 644 18.54 -35.39 -11.81
N ALA G 645 18.15 -34.77 -10.71
CA ALA G 645 16.90 -34.05 -10.67
C ALA G 645 16.92 -32.83 -11.58
N VAL G 646 18.06 -32.15 -11.68
CA VAL G 646 18.16 -30.98 -12.55
C VAL G 646 18.09 -31.40 -14.01
N LEU G 647 18.80 -32.48 -14.38
CA LEU G 647 18.85 -32.88 -15.78
C LEU G 647 17.51 -33.42 -16.28
N MET G 648 16.59 -33.77 -15.37
CA MET G 648 15.31 -34.34 -15.77
C MET G 648 14.13 -33.42 -15.49
N LYS G 649 14.38 -32.12 -15.28
CA LYS G 649 13.32 -31.11 -15.11
C LYS G 649 12.36 -31.45 -13.97
N ARG G 650 12.95 -31.85 -12.84
CA ARG G 650 12.18 -32.15 -11.63
C ARG G 650 12.55 -31.09 -10.60
N GLN G 651 11.81 -29.98 -10.59
CA GLN G 651 12.21 -28.83 -9.79
C GLN G 651 12.03 -29.08 -8.30
N LYS G 652 10.90 -29.69 -7.90
CA LYS G 652 10.67 -29.95 -6.48
C LYS G 652 11.69 -30.94 -5.93
N MET G 653 12.02 -31.97 -6.71
CA MET G 653 13.03 -32.94 -6.28
C MET G 653 14.40 -32.28 -6.12
N ALA G 654 14.76 -31.41 -7.07
CA ALA G 654 16.03 -30.71 -6.97
C ALA G 654 16.08 -29.77 -5.77
N LEU G 655 14.97 -29.07 -5.50
CA LEU G 655 14.93 -28.19 -4.35
C LEU G 655 14.99 -28.97 -3.04
N PHE G 656 14.40 -30.17 -3.00
CA PHE G 656 14.53 -31.01 -1.81
C PHE G 656 15.97 -31.49 -1.64
N PHE G 657 16.61 -31.90 -2.73
CA PHE G 657 17.97 -32.41 -2.63
C PHE G 657 19.00 -31.32 -2.39
N TRP G 658 18.66 -30.06 -2.67
CA TRP G 658 19.64 -28.98 -2.54
C TRP G 658 19.98 -28.73 -1.07
N GLN G 659 18.99 -28.76 -0.18
CA GLN G 659 19.22 -28.39 1.20
C GLN G 659 19.80 -29.52 2.04
N HIS G 660 19.99 -30.71 1.47
CA HIS G 660 20.60 -31.83 2.17
C HIS G 660 22.01 -32.05 1.63
N GLY G 661 22.97 -32.21 2.53
CA GLY G 661 24.36 -32.40 2.15
C GLY G 661 25.15 -31.11 2.23
N GLU G 662 26.44 -31.23 1.91
CA GLU G 662 27.35 -30.11 1.98
C GLU G 662 27.46 -29.42 0.62
N GLU G 663 28.14 -28.27 0.62
CA GLU G 663 28.38 -27.46 -0.58
C GLU G 663 27.07 -27.03 -1.23
N ALA G 664 26.23 -26.36 -0.44
CA ALA G 664 24.92 -25.93 -0.94
C ALA G 664 25.06 -24.84 -1.98
N MET G 665 25.95 -23.87 -1.76
CA MET G 665 26.12 -22.76 -2.69
C MET G 665 26.68 -23.24 -4.02
N ALA G 666 27.64 -24.15 -3.99
CA ALA G 666 28.18 -24.71 -5.22
C ALA G 666 27.12 -25.48 -5.99
N LYS G 667 26.28 -26.24 -5.29
CA LYS G 667 25.20 -26.95 -5.95
C LYS G 667 24.21 -26.00 -6.57
N ALA G 668 23.89 -24.90 -5.89
CA ALA G 668 22.97 -23.92 -6.46
C ALA G 668 23.53 -23.30 -7.73
N LEU G 669 24.81 -22.93 -7.70
CA LEU G 669 25.41 -22.29 -8.88
C LEU G 669 25.51 -23.28 -10.04
N VAL G 670 25.88 -24.53 -9.76
CA VAL G 670 25.97 -25.55 -10.80
C VAL G 670 24.60 -25.81 -11.40
N ALA G 671 23.56 -25.88 -10.56
CA ALA G 671 22.21 -26.08 -11.07
C ALA G 671 21.76 -24.92 -11.94
N CYS G 672 22.09 -23.68 -11.54
CA CYS G 672 21.74 -22.52 -12.35
C CYS G 672 22.40 -22.58 -13.72
N LYS G 673 23.69 -22.91 -13.75
CA LYS G 673 24.39 -23.01 -15.03
C LYS G 673 23.82 -24.13 -15.89
N LEU G 674 23.52 -25.28 -15.30
CA LEU G 674 22.98 -26.39 -16.06
C LEU G 674 21.62 -26.06 -16.64
N CYS G 675 20.76 -25.42 -15.85
CA CYS G 675 19.43 -25.04 -16.34
C CYS G 675 19.54 -24.02 -17.47
N LYS G 676 20.44 -23.04 -17.34
CA LYS G 676 20.62 -22.07 -18.42
C LYS G 676 21.10 -22.75 -19.71
N ALA G 677 22.07 -23.67 -19.59
CA ALA G 677 22.58 -24.35 -20.78
C ALA G 677 21.51 -25.22 -21.42
N MET G 678 20.71 -25.92 -20.60
CA MET G 678 19.63 -26.74 -21.16
C MET G 678 18.58 -25.88 -21.84
N ALA G 679 18.27 -24.71 -21.26
CA ALA G 679 17.32 -23.81 -21.92
C ALA G 679 17.84 -23.34 -23.27
N HIS G 680 19.13 -22.99 -23.33
CA HIS G 680 19.70 -22.57 -24.60
C HIS G 680 19.66 -23.70 -25.63
N GLU G 681 20.00 -24.92 -25.21
CA GLU G 681 20.00 -26.05 -26.14
C GLU G 681 18.59 -26.37 -26.62
N ALA G 682 17.59 -26.28 -25.73
CA ALA G 682 16.22 -26.55 -26.14
C ALA G 682 15.70 -25.47 -27.08
N SER G 683 16.04 -24.20 -26.83
CA SER G 683 15.63 -23.14 -27.73
C SER G 683 16.32 -23.25 -29.08
N GLU G 684 17.55 -23.79 -29.10
CA GLU G 684 18.24 -24.00 -30.37
C GLU G 684 17.54 -25.04 -31.23
N ASN G 685 17.04 -26.11 -30.61
CA ASN G 685 16.45 -27.23 -31.34
C ASN G 685 14.93 -27.12 -31.47
N ASP G 686 14.41 -25.90 -31.51
CA ASP G 686 12.99 -25.57 -31.75
C ASP G 686 12.04 -26.49 -30.97
N MET G 687 12.12 -26.39 -29.65
CA MET G 687 11.23 -27.13 -28.77
C MET G 687 9.88 -26.42 -28.70
N VAL G 688 9.04 -26.84 -27.75
CA VAL G 688 7.69 -26.28 -27.63
C VAL G 688 7.68 -24.87 -27.06
N ASP G 689 8.85 -24.33 -26.72
CA ASP G 689 9.06 -22.97 -26.21
C ASP G 689 8.46 -22.75 -24.83
N ASP G 690 7.78 -23.75 -24.27
CA ASP G 690 7.42 -23.72 -22.85
C ASP G 690 8.48 -24.41 -21.99
N ILE G 691 9.17 -25.40 -22.55
CA ILE G 691 10.30 -26.01 -21.86
C ILE G 691 11.39 -24.96 -21.61
N SER G 692 11.64 -24.10 -22.60
CA SER G 692 12.64 -23.05 -22.42
C SER G 692 12.25 -22.08 -21.31
N GLN G 693 10.98 -21.71 -21.25
CA GLN G 693 10.51 -20.82 -20.19
C GLN G 693 10.64 -21.48 -18.83
N GLU G 694 10.27 -22.76 -18.73
CA GLU G 694 10.39 -23.47 -17.46
C GLU G 694 11.84 -23.58 -17.02
N LEU G 695 12.75 -23.86 -17.95
CA LEU G 695 14.16 -23.98 -17.61
C LEU G 695 14.74 -22.64 -17.18
N ASN G 696 14.34 -21.55 -17.85
CA ASN G 696 14.79 -20.23 -17.42
C ASN G 696 14.27 -19.87 -16.03
N HIS G 697 13.02 -20.23 -15.74
CA HIS G 697 12.48 -19.99 -14.40
C HIS G 697 13.24 -20.80 -13.35
N ASN G 698 13.58 -22.05 -13.67
CA ASN G 698 14.38 -22.85 -12.75
C ASN G 698 15.75 -22.24 -12.51
N SER G 699 16.38 -21.75 -13.57
CA SER G 699 17.69 -21.12 -13.44
C SER G 699 17.61 -19.88 -12.57
N ARG G 700 16.58 -19.06 -12.76
CA ARG G 700 16.41 -17.87 -11.93
C ARG G 700 16.18 -18.25 -10.47
N ASP G 701 15.39 -19.30 -10.22
CA ASP G 701 15.14 -19.73 -8.85
C ASP G 701 16.43 -20.18 -8.16
N PHE G 702 17.24 -20.96 -8.87
CA PHE G 702 18.49 -21.42 -8.26
C PHE G 702 19.47 -20.27 -8.05
N GLY G 703 19.53 -19.32 -8.98
CA GLY G 703 20.37 -18.16 -8.77
C GLY G 703 19.94 -17.33 -7.57
N GLN G 704 18.63 -17.15 -7.41
CA GLN G 704 18.14 -16.41 -6.24
C GLN G 704 18.46 -17.15 -4.95
N LEU G 705 18.35 -18.47 -4.95
CA LEU G 705 18.73 -19.24 -3.77
C LEU G 705 20.19 -19.04 -3.42
N ALA G 706 21.08 -19.07 -4.43
CA ALA G 706 22.49 -18.85 -4.16
C ALA G 706 22.76 -17.46 -3.62
N VAL G 707 22.10 -16.45 -4.17
CA VAL G 707 22.30 -15.08 -3.69
C VAL G 707 21.83 -14.92 -2.27
N GLU G 708 20.66 -15.49 -1.94
CA GLU G 708 20.15 -15.36 -0.58
C GLU G 708 21.02 -16.11 0.42
N LEU G 709 21.55 -17.28 0.03
CA LEU G 709 22.45 -18.00 0.91
C LEU G 709 23.74 -17.21 1.14
N LEU G 710 24.27 -16.58 0.10
CA LEU G 710 25.46 -15.74 0.27
C LEU G 710 25.16 -14.57 1.20
N ASP G 711 23.99 -13.96 1.06
CA ASP G 711 23.63 -12.84 1.93
C ASP G 711 23.55 -13.28 3.39
N GLN G 712 22.93 -14.44 3.65
CA GLN G 712 22.85 -14.95 5.00
C GLN G 712 24.22 -15.25 5.57
N SER G 713 25.08 -15.89 4.78
CA SER G 713 26.42 -16.25 5.25
C SER G 713 27.24 -15.00 5.57
N TYR G 714 27.17 -13.99 4.69
CA TYR G 714 27.92 -12.76 4.95
C TYR G 714 27.38 -12.00 6.15
N LYS G 715 26.06 -12.01 6.33
CA LYS G 715 25.48 -11.34 7.49
C LYS G 715 25.87 -12.02 8.79
N GLN G 716 26.00 -13.35 8.78
CA GLN G 716 26.36 -14.07 10.00
C GLN G 716 27.83 -13.84 10.34
N ASP G 717 28.74 -14.24 9.47
CA ASP G 717 30.18 -14.12 9.69
C ASP G 717 30.85 -13.77 8.37
N GLU G 718 31.77 -12.80 8.40
CA GLU G 718 32.34 -12.29 7.16
C GLU G 718 33.55 -13.07 6.68
N GLN G 719 34.48 -13.40 7.58
CA GLN G 719 35.70 -14.11 7.17
C GLN G 719 35.38 -15.50 6.65
N LEU G 720 34.49 -16.22 7.33
CA LEU G 720 34.08 -17.53 6.83
C LEU G 720 33.31 -17.41 5.52
N ALA G 721 32.56 -16.32 5.34
CA ALA G 721 31.87 -16.11 4.08
C ALA G 721 32.86 -15.92 2.94
N MET G 722 33.93 -15.16 3.17
CA MET G 722 34.97 -15.02 2.16
C MET G 722 35.68 -16.35 1.92
N LYS G 723 35.88 -17.15 2.97
CA LYS G 723 36.51 -18.44 2.80
C LYS G 723 35.63 -19.40 2.01
N LEU G 724 34.31 -19.20 2.06
CA LEU G 724 33.39 -20.03 1.29
C LEU G 724 33.53 -19.81 -0.21
N LEU G 725 33.85 -18.60 -0.64
CA LEU G 725 33.84 -18.25 -2.06
C LEU G 725 35.16 -18.54 -2.76
N THR G 726 36.21 -18.94 -2.03
CA THR G 726 37.52 -19.11 -2.64
C THR G 726 38.13 -20.48 -2.47
N TYR G 727 37.59 -21.34 -1.61
CA TYR G 727 38.23 -22.63 -1.39
C TYR G 727 37.93 -23.57 -2.55
N GLU G 728 38.95 -24.33 -2.93
CA GLU G 728 38.86 -25.19 -4.11
C GLU G 728 37.86 -26.31 -3.88
N LEU G 729 37.03 -26.58 -4.88
CA LEU G 729 35.99 -27.59 -4.81
C LEU G 729 36.46 -28.83 -5.53
N LYS G 730 36.80 -29.87 -4.77
CA LYS G 730 37.33 -31.09 -5.38
C LYS G 730 36.25 -31.84 -6.15
N ASN G 731 34.99 -31.76 -5.72
CA ASN G 731 33.91 -32.48 -6.38
C ASN G 731 33.46 -31.82 -7.67
N TRP G 732 33.82 -30.55 -7.89
CA TRP G 732 33.30 -29.82 -9.04
C TRP G 732 34.43 -29.37 -9.96
N SER G 733 35.35 -30.29 -10.28
CA SER G 733 36.42 -30.07 -11.25
C SER G 733 37.35 -28.94 -10.84
N ASN G 734 37.58 -28.81 -9.52
CA ASN G 734 38.54 -27.85 -8.96
C ASN G 734 38.24 -26.42 -9.41
N ALA G 735 37.07 -25.95 -9.02
CA ALA G 735 36.64 -24.60 -9.37
C ALA G 735 36.01 -23.95 -8.14
N THR G 736 36.36 -22.70 -7.89
CA THR G 736 35.79 -21.98 -6.76
C THR G 736 34.38 -21.52 -7.09
N CYS G 737 33.69 -20.99 -6.07
CA CYS G 737 32.33 -20.50 -6.29
C CYS G 737 32.31 -19.26 -7.15
N LEU G 738 33.35 -18.43 -7.08
CA LEU G 738 33.43 -17.26 -7.96
C LEU G 738 33.51 -17.67 -9.42
N GLN G 739 34.29 -18.70 -9.74
CA GLN G 739 34.39 -19.14 -11.12
C GLN G 739 33.07 -19.71 -11.62
N LEU G 740 32.35 -20.44 -10.76
CA LEU G 740 31.05 -20.96 -11.14
C LEU G 740 30.03 -19.84 -11.35
N ALA G 741 30.08 -18.81 -10.51
CA ALA G 741 29.17 -17.68 -10.66
C ALA G 741 29.48 -16.86 -11.90
N VAL G 742 30.76 -16.69 -12.23
CA VAL G 742 31.12 -15.95 -13.44
C VAL G 742 30.76 -16.75 -14.69
N ALA G 743 30.99 -18.06 -14.67
CA ALA G 743 30.64 -18.90 -15.81
C ALA G 743 29.15 -18.94 -16.06
N ALA G 744 28.33 -18.62 -15.07
CA ALA G 744 26.88 -18.58 -15.23
C ALA G 744 26.36 -17.19 -15.55
N LYS G 745 27.25 -16.20 -15.72
CA LYS G 745 26.87 -14.81 -15.97
C LYS G 745 25.90 -14.30 -14.91
N HIS G 746 26.15 -14.66 -13.67
CA HIS G 746 25.28 -14.29 -12.56
C HIS G 746 25.73 -12.94 -12.03
N ARG G 747 25.11 -11.87 -12.53
CA ARG G 747 25.55 -10.52 -12.20
C ARG G 747 25.16 -10.10 -10.79
N ASP G 748 24.08 -10.66 -10.25
CA ASP G 748 23.64 -10.28 -8.91
C ASP G 748 24.46 -10.96 -7.81
N PHE G 749 25.28 -11.95 -8.15
CA PHE G 749 26.12 -12.62 -7.17
C PHE G 749 27.48 -11.94 -7.04
N ILE G 750 28.11 -11.62 -8.16
CA ILE G 750 29.39 -10.91 -8.13
C ILE G 750 29.23 -9.49 -7.62
N ALA G 751 28.06 -8.88 -7.80
CA ALA G 751 27.83 -7.51 -7.36
C ALA G 751 27.47 -7.40 -5.89
N HIS G 752 27.40 -8.51 -5.17
CA HIS G 752 27.11 -8.46 -3.75
C HIS G 752 28.29 -7.84 -2.99
N THR G 753 28.02 -7.41 -1.76
CA THR G 753 29.04 -6.74 -0.96
C THR G 753 30.19 -7.68 -0.63
N CYS G 754 29.88 -8.93 -0.27
CA CYS G 754 30.94 -9.87 0.09
C CYS G 754 31.84 -10.19 -1.09
N SER G 755 31.24 -10.41 -2.28
CA SER G 755 32.04 -10.68 -3.46
C SER G 755 32.90 -9.48 -3.83
N GLN G 756 32.36 -8.27 -3.67
CA GLN G 756 33.13 -7.08 -3.98
C GLN G 756 34.30 -6.90 -3.02
N MET G 757 34.10 -7.17 -1.73
CA MET G 757 35.20 -7.06 -0.79
C MET G 757 36.26 -8.12 -1.05
N LEU G 758 35.84 -9.34 -1.42
CA LEU G 758 36.80 -10.38 -1.77
C LEU G 758 37.59 -9.98 -3.01
N LEU G 759 36.92 -9.39 -4.00
CA LEU G 759 37.63 -8.95 -5.20
C LEU G 759 38.59 -7.81 -4.89
N THR G 760 38.22 -6.91 -3.98
CA THR G 760 39.14 -5.86 -3.57
C THR G 760 40.37 -6.45 -2.88
N ASP G 761 40.17 -7.45 -2.02
CA ASP G 761 41.30 -8.10 -1.37
C ASP G 761 42.21 -8.79 -2.38
N MET G 762 41.62 -9.46 -3.38
CA MET G 762 42.42 -10.09 -4.43
C MET G 762 43.17 -9.05 -5.26
N TRP G 763 42.54 -7.92 -5.52
CA TRP G 763 43.14 -6.87 -6.35
C TRP G 763 44.28 -6.19 -5.63
N MET G 764 44.15 -5.98 -4.32
CA MET G 764 45.18 -5.29 -3.55
C MET G 764 46.45 -6.13 -3.39
N GLY G 765 46.36 -7.44 -3.56
CA GLY G 765 47.53 -8.29 -3.44
C GLY G 765 47.92 -8.60 -2.01
N ARG G 766 49.22 -8.64 -1.73
CA ARG G 766 49.73 -8.95 -0.39
C ARG G 766 50.02 -7.70 0.43
N LEU G 767 49.34 -6.60 0.15
CA LEU G 767 49.50 -5.36 0.87
C LEU G 767 48.26 -5.08 1.73
N ARG G 768 48.45 -4.27 2.77
CA ARG G 768 47.35 -3.92 3.66
C ARG G 768 47.01 -2.43 3.59
N MET G 769 47.59 -1.69 2.66
CA MET G 769 47.30 -0.28 2.51
C MET G 769 45.87 -0.10 1.99
N ARG G 770 44.98 0.38 2.83
CA ARG G 770 43.59 0.57 2.46
C ARG G 770 43.08 1.99 2.67
N LYS G 771 43.90 2.88 3.20
CA LYS G 771 43.45 4.26 3.43
C LYS G 771 43.43 5.06 2.12
N ASN G 772 44.59 5.20 1.49
CA ASN G 772 44.71 6.00 0.26
C ASN G 772 45.68 5.26 -0.66
N SER G 773 45.14 4.40 -1.51
CA SER G 773 45.94 3.66 -2.47
C SER G 773 46.19 4.51 -3.71
N GLY G 774 46.89 3.95 -4.68
CA GLY G 774 47.19 4.68 -5.89
C GLY G 774 48.39 5.58 -5.76
N LEU G 775 48.29 6.60 -4.90
CA LEU G 775 49.42 7.51 -4.70
C LEU G 775 50.62 6.78 -4.12
N LYS G 776 50.39 5.92 -3.13
CA LYS G 776 51.49 5.16 -2.55
C LYS G 776 52.05 4.16 -3.54
N VAL G 777 51.19 3.55 -4.36
CA VAL G 777 51.67 2.63 -5.39
C VAL G 777 52.49 3.38 -6.44
N ILE G 778 52.04 4.57 -6.83
CA ILE G 778 52.79 5.38 -7.78
C ILE G 778 54.16 5.75 -7.21
N LEU G 779 54.19 6.15 -5.93
CA LEU G 779 55.45 6.49 -5.28
C LEU G 779 56.37 5.28 -5.22
N GLY G 780 55.82 4.10 -4.91
CA GLY G 780 56.63 2.89 -4.88
C GLY G 780 57.19 2.51 -6.23
N ILE G 781 56.40 2.69 -7.30
CA ILE G 781 56.90 2.42 -8.64
C ILE G 781 57.99 3.41 -9.03
N LEU G 782 57.80 4.70 -8.76
CA LEU G 782 58.79 5.71 -9.11
C LEU G 782 59.98 5.74 -8.16
N LEU G 783 59.80 5.32 -6.90
CA LEU G 783 60.87 5.29 -5.91
C LEU G 783 60.96 3.88 -5.34
N PRO G 784 61.74 3.00 -5.96
CA PRO G 784 61.89 1.62 -5.47
C PRO G 784 62.40 1.54 -4.04
N PRO G 785 63.26 2.48 -3.58
CA PRO G 785 63.54 2.49 -2.13
C PRO G 785 62.33 2.70 -1.25
N SER G 786 61.31 3.42 -1.74
CA SER G 786 60.11 3.66 -0.94
C SER G 786 59.25 2.42 -0.77
N ILE G 787 59.54 1.35 -1.48
CA ILE G 787 58.76 0.12 -1.36
C ILE G 787 58.87 -0.46 0.05
N LEU G 788 60.08 -0.45 0.62
CA LEU G 788 60.31 -1.04 1.93
C LEU G 788 59.88 -0.09 3.04
N SER G 789 58.67 0.44 2.93
CA SER G 789 58.07 1.24 3.99
C SER G 789 56.57 0.96 4.14
N LEU G 790 56.02 0.01 3.39
CA LEU G 790 54.60 -0.29 3.40
C LEU G 790 54.35 -1.57 4.20
N GLU G 791 53.23 -1.60 4.89
CA GLU G 791 52.84 -2.80 5.64
C GLU G 791 52.40 -3.90 4.70
N PHE G 792 52.65 -5.14 5.10
CA PHE G 792 52.33 -6.31 4.30
C PHE G 792 51.51 -7.29 5.13
N LYS G 793 50.68 -8.07 4.44
CA LYS G 793 49.92 -9.11 5.10
C LYS G 793 50.77 -10.35 5.34
N ASN G 794 50.47 -11.05 6.42
CA ASN G 794 51.24 -12.22 6.83
C ASN G 794 51.06 -13.38 5.86
N GLY G 861 64.11 -8.21 0.03
CA GLY G 861 64.31 -9.46 -0.66
C GLY G 861 63.04 -10.01 -1.28
N ARG G 862 62.24 -10.70 -0.46
CA ARG G 862 60.95 -11.20 -0.92
C ARG G 862 59.88 -10.11 -0.94
N LYS G 863 60.12 -8.99 -0.24
CA LYS G 863 59.15 -7.90 -0.21
C LYS G 863 59.02 -7.26 -1.58
N ILE G 864 60.12 -7.12 -2.31
CA ILE G 864 60.06 -6.56 -3.65
C ILE G 864 59.26 -7.46 -4.58
N TYR G 865 59.48 -8.77 -4.49
CA TYR G 865 58.73 -9.70 -5.31
C TYR G 865 57.24 -9.67 -5.00
N GLU G 866 56.88 -9.53 -3.72
CA GLU G 866 55.47 -9.42 -3.37
C GLU G 866 54.88 -8.07 -3.78
N PHE G 867 55.69 -7.02 -3.84
CA PHE G 867 55.17 -5.73 -4.26
C PHE G 867 54.94 -5.69 -5.77
N TYR G 868 55.86 -6.23 -6.55
CA TYR G 868 55.77 -6.11 -8.00
C TYR G 868 54.89 -7.18 -8.64
N ASN G 869 54.28 -8.06 -7.84
CA ASN G 869 53.37 -9.06 -8.37
C ASN G 869 51.92 -8.82 -7.99
N ALA G 870 51.63 -7.77 -7.22
CA ALA G 870 50.25 -7.43 -6.94
C ALA G 870 49.57 -6.92 -8.21
N PRO G 871 48.28 -7.23 -8.39
CA PRO G 871 47.58 -6.75 -9.60
C PRO G 871 47.54 -5.24 -9.71
N ILE G 872 47.43 -4.53 -8.60
CA ILE G 872 47.31 -3.07 -8.65
C ILE G 872 48.62 -2.43 -9.12
N VAL G 873 49.75 -2.98 -8.70
CA VAL G 873 51.04 -2.45 -9.12
C VAL G 873 51.25 -2.70 -10.61
N LYS G 874 50.86 -3.88 -11.09
CA LYS G 874 50.93 -4.15 -12.53
C LYS G 874 50.04 -3.18 -13.30
N PHE G 875 48.84 -2.91 -12.79
CA PHE G 875 47.94 -1.99 -13.47
C PHE G 875 48.53 -0.59 -13.55
N TRP G 876 49.13 -0.11 -12.46
CA TRP G 876 49.70 1.23 -12.49
C TRP G 876 50.95 1.29 -13.36
N PHE G 877 51.75 0.22 -13.40
CA PHE G 877 52.88 0.17 -14.32
C PHE G 877 52.41 0.27 -15.77
N TYR G 878 51.36 -0.49 -16.12
CA TYR G 878 50.82 -0.43 -17.47
C TYR G 878 50.25 0.95 -17.78
N THR G 879 49.58 1.57 -16.81
CA THR G 879 49.01 2.89 -17.03
C THR G 879 50.10 3.93 -17.28
N LEU G 880 51.18 3.90 -16.50
CA LEU G 880 52.27 4.85 -16.71
C LEU G 880 52.94 4.62 -18.05
N ALA G 881 53.13 3.36 -18.44
CA ALA G 881 53.70 3.08 -19.75
C ALA G 881 52.83 3.61 -20.87
N TYR G 882 51.50 3.44 -20.74
CA TYR G 882 50.59 3.94 -21.76
C TYR G 882 50.60 5.46 -21.84
N ILE G 883 50.69 6.12 -20.69
CA ILE G 883 50.76 7.59 -20.70
C ILE G 883 52.02 8.06 -21.40
N GLY G 884 53.16 7.44 -21.10
CA GLY G 884 54.39 7.81 -21.78
C GLY G 884 54.34 7.54 -23.28
N TYR G 885 53.70 6.43 -23.67
CA TYR G 885 53.54 6.12 -25.08
C TYR G 885 52.69 7.17 -25.78
N LEU G 886 51.62 7.62 -25.12
CA LEU G 886 50.78 8.68 -25.71
C LEU G 886 51.57 9.97 -25.86
N MET G 887 52.39 10.32 -24.86
CA MET G 887 53.20 11.52 -24.96
C MET G 887 54.15 11.45 -26.15
N LEU G 888 54.82 10.30 -26.33
CA LEU G 888 55.73 10.16 -27.45
C LEU G 888 55.01 10.20 -28.79
N PHE G 889 53.81 9.60 -28.86
CA PHE G 889 53.04 9.64 -30.10
C PHE G 889 52.66 11.07 -30.46
N ASN G 890 52.20 11.85 -29.47
CA ASN G 890 51.88 13.25 -29.72
C ASN G 890 53.10 14.01 -30.19
N TYR G 891 54.26 13.76 -29.57
CA TYR G 891 55.47 14.46 -29.97
C TYR G 891 55.85 14.13 -31.41
N ILE G 892 55.77 12.86 -31.80
CA ILE G 892 56.22 12.52 -33.15
C ILE G 892 55.24 13.03 -34.20
N VAL G 893 53.95 13.12 -33.89
CA VAL G 893 53.04 13.62 -34.93
C VAL G 893 53.06 15.14 -35.01
N LEU G 894 53.29 15.84 -33.89
CA LEU G 894 53.21 17.30 -33.93
C LEU G 894 54.40 17.92 -34.66
N VAL G 895 55.61 17.48 -34.36
CA VAL G 895 56.81 18.06 -34.97
C VAL G 895 57.05 17.44 -36.34
N LYS G 896 57.95 18.06 -37.11
CA LYS G 896 58.21 17.59 -38.47
C LYS G 896 58.90 16.24 -38.46
N MET G 897 58.46 15.36 -39.36
CA MET G 897 59.01 14.02 -39.49
C MET G 897 60.08 14.03 -40.57
N GLU G 898 61.26 13.49 -40.26
CA GLU G 898 62.39 13.50 -41.17
C GLU G 898 62.33 12.27 -42.07
N ARG G 899 63.40 12.06 -42.85
CA ARG G 899 63.44 10.94 -43.78
C ARG G 899 63.45 9.60 -43.03
N TRP G 900 64.19 9.51 -41.93
CA TRP G 900 64.26 8.29 -41.16
C TRP G 900 63.74 8.53 -39.74
N PRO G 901 63.17 7.50 -39.11
CA PRO G 901 62.55 7.69 -37.80
C PRO G 901 63.55 8.14 -36.75
N SER G 902 63.09 9.01 -35.86
CA SER G 902 63.90 9.48 -34.74
C SER G 902 63.80 8.47 -33.60
N THR G 903 64.38 8.80 -32.45
CA THR G 903 64.38 7.88 -31.32
C THR G 903 62.96 7.64 -30.81
N GLN G 904 62.16 8.71 -30.69
CA GLN G 904 60.82 8.57 -30.18
C GLN G 904 59.95 7.72 -31.10
N GLU G 905 60.12 7.88 -32.41
CA GLU G 905 59.37 7.06 -33.36
C GLU G 905 59.74 5.60 -33.23
N TRP G 906 61.02 5.30 -33.01
CA TRP G 906 61.42 3.91 -32.81
C TRP G 906 60.84 3.34 -31.53
N ILE G 907 60.76 4.15 -30.47
CA ILE G 907 60.14 3.68 -29.23
C ILE G 907 58.66 3.38 -29.46
N VAL G 908 57.96 4.26 -30.20
CA VAL G 908 56.55 4.04 -30.49
C VAL G 908 56.35 2.76 -31.31
N ILE G 909 57.20 2.56 -32.32
CA ILE G 909 57.10 1.36 -33.15
C ILE G 909 57.36 0.12 -32.31
N SER G 910 58.33 0.18 -31.40
CA SER G 910 58.61 -0.95 -30.52
C SER G 910 57.42 -1.24 -29.61
N TYR G 911 56.76 -0.20 -29.10
CA TYR G 911 55.57 -0.40 -28.28
C TYR G 911 54.48 -1.11 -29.07
N ILE G 912 54.24 -0.67 -30.30
CA ILE G 912 53.20 -1.30 -31.12
C ILE G 912 53.53 -2.76 -31.40
N PHE G 913 54.81 -3.03 -31.73
CA PHE G 913 55.21 -4.41 -32.04
C PHE G 913 55.07 -5.31 -30.82
N THR G 914 55.51 -4.85 -29.65
CA THR G 914 55.37 -5.67 -28.45
C THR G 914 53.92 -5.85 -28.04
N LEU G 915 53.07 -4.84 -28.25
CA LEU G 915 51.66 -5.00 -27.97
C LEU G 915 51.03 -6.04 -28.87
N GLY G 916 51.41 -6.05 -30.16
CA GLY G 916 50.91 -7.07 -31.06
C GLY G 916 51.37 -8.47 -30.66
N ILE G 917 52.64 -8.59 -30.24
CA ILE G 917 53.13 -9.88 -29.77
C ILE G 917 52.37 -10.35 -28.53
N GLU G 918 52.08 -9.42 -27.62
CA GLU G 918 51.33 -9.76 -26.42
C GLU G 918 49.90 -10.19 -26.77
N LYS G 919 49.29 -9.53 -27.75
CA LYS G 919 47.95 -9.94 -28.18
C LYS G 919 47.97 -11.34 -28.77
N MET G 920 48.98 -11.64 -29.59
CA MET G 920 49.09 -12.99 -30.15
C MET G 920 49.31 -14.03 -29.05
N ARG G 921 50.12 -13.69 -28.04
CA ARG G 921 50.34 -14.60 -26.93
C ARG G 921 49.05 -14.85 -26.16
N GLU G 922 48.25 -13.81 -25.95
CA GLU G 922 46.96 -13.99 -25.28
C GLU G 922 46.00 -14.83 -26.13
N ILE G 923 46.07 -14.69 -27.45
CA ILE G 923 45.27 -15.55 -28.33
C ILE G 923 45.69 -17.01 -28.18
N LEU G 924 47.00 -17.26 -28.15
CA LEU G 924 47.50 -18.63 -28.12
C LEU G 924 47.11 -19.37 -26.85
N MET G 925 47.11 -18.68 -25.70
CA MET G 925 46.84 -19.30 -24.42
C MET G 925 45.39 -19.16 -24.00
N SER G 926 44.47 -19.18 -24.95
CA SER G 926 43.04 -19.10 -24.64
C SER G 926 42.55 -20.48 -24.19
N GLU G 927 41.24 -20.61 -23.99
CA GLU G 927 40.66 -21.83 -23.43
C GLU G 927 40.51 -22.98 -24.44
N PRO G 928 39.96 -22.77 -25.64
CA PRO G 928 39.81 -23.90 -26.57
C PRO G 928 41.16 -24.43 -27.05
N GLY G 929 41.11 -25.67 -27.53
CA GLY G 929 42.30 -26.36 -28.00
C GLY G 929 42.64 -26.20 -29.46
N LYS G 930 41.90 -25.38 -30.20
CA LYS G 930 42.15 -25.16 -31.63
C LYS G 930 42.51 -23.70 -31.87
N LEU G 931 43.46 -23.48 -32.77
CA LEU G 931 43.89 -22.11 -33.08
C LEU G 931 42.76 -21.30 -33.70
N LEU G 932 41.99 -21.91 -34.60
CA LEU G 932 40.87 -21.21 -35.24
C LEU G 932 39.74 -20.93 -34.25
N GLN G 933 39.50 -21.84 -33.31
CA GLN G 933 38.42 -21.64 -32.35
C GLN G 933 38.74 -20.56 -31.33
N LYS G 934 40.01 -20.45 -30.93
CA LYS G 934 40.40 -19.41 -29.97
C LYS G 934 40.27 -18.01 -30.55
N VAL G 935 40.35 -17.90 -31.89
CA VAL G 935 40.20 -16.59 -32.53
C VAL G 935 38.81 -16.02 -32.29
N LYS G 936 37.78 -16.86 -32.42
CA LYS G 936 36.42 -16.40 -32.18
C LYS G 936 36.21 -15.95 -30.74
N VAL G 937 36.73 -16.73 -29.79
CA VAL G 937 36.58 -16.38 -28.38
C VAL G 937 37.34 -15.10 -28.05
N TRP G 938 38.49 -14.88 -28.67
CA TRP G 938 39.23 -13.64 -28.43
C TRP G 938 38.57 -12.46 -29.13
N LEU G 939 37.85 -12.71 -30.23
CA LEU G 939 37.18 -11.64 -30.95
C LEU G 939 35.80 -11.35 -30.40
N GLN G 940 35.42 -12.01 -29.31
CA GLN G 940 34.16 -11.72 -28.63
C GLN G 940 34.08 -10.29 -28.11
N GLU G 941 35.16 -9.78 -27.53
CA GLU G 941 35.17 -8.42 -27.01
C GLU G 941 35.46 -7.42 -28.12
N TYR G 942 34.89 -6.22 -27.99
CA TYR G 942 35.06 -5.20 -29.01
C TYR G 942 36.44 -4.54 -28.94
N TRP G 943 36.99 -4.41 -27.73
CA TRP G 943 38.29 -3.76 -27.59
C TRP G 943 39.39 -4.54 -28.31
N ASN G 944 39.31 -5.87 -28.27
CA ASN G 944 40.29 -6.69 -28.98
C ASN G 944 40.21 -6.50 -30.48
N VAL G 945 39.00 -6.44 -31.03
CA VAL G 945 38.82 -6.21 -32.46
C VAL G 945 39.36 -4.85 -32.86
N THR G 946 39.04 -3.81 -32.08
CA THR G 946 39.53 -2.48 -32.39
C THR G 946 41.05 -2.39 -32.27
N ASP G 947 41.63 -3.06 -31.28
CA ASP G 947 43.09 -3.08 -31.15
C ASP G 947 43.73 -3.77 -32.35
N LEU G 948 43.15 -4.88 -32.82
CA LEU G 948 43.68 -5.56 -33.99
C LEU G 948 43.63 -4.66 -35.21
N ILE G 949 42.50 -3.97 -35.41
CA ILE G 949 42.37 -3.07 -36.55
C ILE G 949 43.38 -1.94 -36.46
N ALA G 950 43.54 -1.37 -35.26
CA ALA G 950 44.48 -0.26 -35.10
C ALA G 950 45.92 -0.71 -35.32
N ILE G 951 46.29 -1.89 -34.86
CA ILE G 951 47.64 -2.39 -35.08
C ILE G 951 47.90 -2.61 -36.56
N LEU G 952 46.92 -3.19 -37.28
CA LEU G 952 47.08 -3.37 -38.72
C LEU G 952 47.21 -2.04 -39.43
N LEU G 953 46.40 -1.05 -39.04
CA LEU G 953 46.48 0.27 -39.67
C LEU G 953 47.81 0.94 -39.39
N PHE G 954 48.33 0.80 -38.17
CA PHE G 954 49.64 1.37 -37.85
C PHE G 954 50.74 0.68 -38.63
N SER G 955 50.64 -0.63 -38.82
CA SER G 955 51.63 -1.34 -39.64
C SER G 955 51.60 -0.85 -41.08
N VAL G 956 50.41 -0.64 -41.64
CA VAL G 956 50.30 -0.11 -42.98
C VAL G 956 50.92 1.28 -43.07
N GLY G 957 50.61 2.13 -42.08
CA GLY G 957 51.16 3.48 -42.08
C GLY G 957 52.66 3.52 -41.91
N MET G 958 53.22 2.60 -41.12
CA MET G 958 54.66 2.52 -40.96
C MET G 958 55.34 2.02 -42.22
N ILE G 959 54.70 1.07 -42.92
CA ILE G 959 55.24 0.60 -44.19
C ILE G 959 55.25 1.72 -45.21
N LEU G 960 54.14 2.46 -45.31
CA LEU G 960 54.08 3.57 -46.26
C LEU G 960 54.98 4.73 -45.88
N ARG G 961 55.34 4.86 -44.60
CA ARG G 961 56.14 5.99 -44.17
C ARG G 961 57.57 5.92 -44.67
N LEU G 962 58.12 4.71 -44.78
CA LEU G 962 59.51 4.52 -45.21
C LEU G 962 59.62 4.42 -46.73
N GLN G 963 59.08 5.44 -47.40
CA GLN G 963 59.03 5.48 -48.86
C GLN G 963 59.34 6.92 -49.29
N ASP G 964 58.99 7.25 -50.53
CA ASP G 964 59.20 8.60 -51.06
C ASP G 964 58.22 9.58 -50.40
N GLN G 965 58.24 10.83 -50.88
CA GLN G 965 57.50 11.90 -50.21
C GLN G 965 55.99 11.70 -50.17
N PRO G 966 55.29 11.39 -51.27
CA PRO G 966 53.82 11.23 -51.15
C PRO G 966 53.41 10.07 -50.25
N PHE G 967 54.11 8.95 -50.35
CA PHE G 967 53.81 7.83 -49.45
C PHE G 967 54.17 8.17 -48.01
N ARG G 968 55.21 8.99 -47.81
CA ARG G 968 55.52 9.46 -46.46
C ARG G 968 54.38 10.31 -45.89
N SER G 969 53.81 11.19 -46.72
CA SER G 969 52.68 11.99 -46.26
C SER G 969 51.47 11.12 -45.95
N ASP G 970 51.22 10.10 -46.78
CA ASP G 970 50.12 9.19 -46.51
C ASP G 970 50.32 8.43 -45.20
N GLY G 971 51.55 7.98 -44.95
CA GLY G 971 51.84 7.33 -43.68
C GLY G 971 51.65 8.27 -42.49
N ARG G 972 52.01 9.54 -42.66
CA ARG G 972 51.81 10.51 -41.60
C ARG G 972 50.32 10.71 -41.30
N VAL G 973 49.50 10.76 -42.35
CA VAL G 973 48.05 10.91 -42.16
C VAL G 973 47.49 9.69 -41.44
N ILE G 974 47.95 8.49 -41.81
CA ILE G 974 47.51 7.29 -41.11
C ILE G 974 47.93 7.34 -39.65
N TYR G 975 49.12 7.89 -39.37
CA TYR G 975 49.55 8.07 -37.99
C TYR G 975 48.60 9.00 -37.23
N CYS G 976 48.16 10.07 -37.86
CA CYS G 976 47.23 11.00 -37.20
C CYS G 976 45.90 10.32 -36.86
N VAL G 977 45.34 9.56 -37.81
CA VAL G 977 44.10 8.85 -37.53
C VAL G 977 44.29 7.84 -36.40
N ASN G 978 45.42 7.14 -36.41
CA ASN G 978 45.70 6.17 -35.36
C ASN G 978 45.81 6.85 -34.00
N ILE G 979 46.37 8.06 -33.96
CA ILE G 979 46.48 8.75 -32.68
C ILE G 979 45.11 9.13 -32.15
N ILE G 980 44.14 9.37 -33.04
CA ILE G 980 42.76 9.56 -32.57
C ILE G 980 42.29 8.33 -31.81
N TYR G 981 42.53 7.14 -32.39
CA TYR G 981 42.08 5.92 -31.71
C TYR G 981 42.79 5.72 -30.37
N TRP G 982 44.10 5.95 -30.33
CA TRP G 982 44.84 5.72 -29.09
C TRP G 982 44.50 6.74 -28.03
N TYR G 983 44.04 7.93 -28.41
CA TYR G 983 43.50 8.86 -27.43
C TYR G 983 42.15 8.38 -26.91
N ILE G 984 41.30 7.85 -27.80
CA ILE G 984 39.99 7.38 -27.38
C ILE G 984 40.14 6.19 -26.42
N ARG G 985 41.14 5.35 -26.62
CA ARG G 985 41.29 4.14 -25.80
C ARG G 985 41.66 4.43 -24.34
N LEU G 986 41.73 5.69 -23.89
CA LEU G 986 41.97 5.96 -22.48
C LEU G 986 40.73 5.68 -21.62
N LEU G 987 39.55 5.54 -22.22
CA LEU G 987 38.37 5.22 -21.45
C LEU G 987 38.46 3.81 -20.87
N ASP G 988 39.16 2.91 -21.54
CA ASP G 988 39.40 1.58 -20.98
C ASP G 988 40.20 1.67 -19.69
N ILE G 989 41.20 2.54 -19.64
CA ILE G 989 41.96 2.75 -18.41
C ILE G 989 41.09 3.45 -17.37
N PHE G 990 40.27 4.42 -17.80
CA PHE G 990 39.40 5.13 -16.86
C PHE G 990 38.36 4.22 -16.23
N GLY G 991 38.00 3.13 -16.90
CA GLY G 991 36.99 2.23 -16.40
C GLY G 991 37.31 1.48 -15.13
N VAL G 992 38.45 1.78 -14.51
CA VAL G 992 38.78 1.20 -13.22
C VAL G 992 38.27 2.05 -12.06
N ASN G 993 38.09 3.36 -12.28
CA ASN G 993 37.55 4.23 -11.25
C ASN G 993 36.10 3.85 -10.97
N LYS G 994 35.69 4.06 -9.72
CA LYS G 994 34.35 3.64 -9.29
C LYS G 994 33.26 4.45 -9.96
N TYR G 995 33.55 5.68 -10.37
CA TYR G 995 32.55 6.57 -10.94
C TYR G 995 32.72 6.82 -12.43
N LEU G 996 33.84 6.40 -13.03
CA LEU G 996 34.09 6.65 -14.44
C LEU G 996 33.86 5.43 -15.32
N GLY G 997 33.38 4.32 -14.77
CA GLY G 997 33.02 3.18 -15.58
C GLY G 997 31.55 3.14 -15.95
N PRO G 998 30.67 3.26 -14.94
CA PRO G 998 29.25 3.40 -15.24
C PRO G 998 28.92 4.53 -16.19
N TYR G 999 29.64 5.66 -16.09
CA TYR G 999 29.39 6.77 -17.00
C TYR G 999 29.73 6.38 -18.44
N VAL G 1000 30.82 5.63 -18.63
CA VAL G 1000 31.19 5.21 -19.97
C VAL G 1000 30.14 4.25 -20.55
N MET G 1001 29.64 3.33 -19.74
CA MET G 1001 28.62 2.42 -20.27
C MET G 1001 27.30 3.14 -20.57
N MET G 1002 26.93 4.12 -19.73
CA MET G 1002 25.78 4.96 -20.05
C MET G 1002 26.00 5.69 -21.38
N ILE G 1003 27.22 6.17 -21.61
CA ILE G 1003 27.55 6.81 -22.87
C ILE G 1003 27.32 5.86 -24.03
N GLY G 1004 27.68 4.59 -23.86
CA GLY G 1004 27.46 3.62 -24.93
C GLY G 1004 25.99 3.46 -25.30
N LYS G 1005 25.11 3.30 -24.30
CA LYS G 1005 23.69 3.13 -24.61
C LYS G 1005 23.06 4.41 -25.19
N MET G 1006 23.41 5.55 -24.61
CA MET G 1006 22.93 6.81 -25.17
C MET G 1006 23.43 7.04 -26.58
N MET G 1007 24.55 6.42 -26.96
CA MET G 1007 25.00 6.50 -28.35
C MET G 1007 24.00 5.83 -29.29
N ILE G 1008 23.45 4.68 -28.88
CA ILE G 1008 22.43 4.04 -29.72
C ILE G 1008 21.20 4.94 -29.88
N ASP G 1009 20.73 5.50 -28.76
CA ASP G 1009 19.56 6.38 -28.87
C ASP G 1009 19.84 7.61 -29.76
N MET G 1010 21.04 8.19 -29.60
CA MET G 1010 21.43 9.32 -30.42
C MET G 1010 21.54 8.94 -31.88
N MET G 1011 21.91 7.70 -32.19
CA MET G 1011 21.93 7.25 -33.58
C MET G 1011 20.55 7.31 -34.20
N TYR G 1012 19.53 6.82 -33.48
CA TYR G 1012 18.18 6.89 -34.01
C TYR G 1012 17.77 8.32 -34.32
N PHE G 1013 17.97 9.24 -33.37
CA PHE G 1013 17.57 10.62 -33.65
C PHE G 1013 18.45 11.30 -34.71
N VAL G 1014 19.69 10.86 -34.87
CA VAL G 1014 20.55 11.39 -35.91
C VAL G 1014 20.01 11.04 -37.29
N ILE G 1015 19.41 9.86 -37.44
CA ILE G 1015 18.82 9.49 -38.73
C ILE G 1015 17.74 10.49 -39.15
N ILE G 1016 16.83 10.82 -38.23
CA ILE G 1016 15.74 11.74 -38.56
C ILE G 1016 16.29 13.13 -38.88
N MET G 1017 17.23 13.61 -38.05
CA MET G 1017 17.83 14.92 -38.31
C MET G 1017 18.54 14.95 -39.65
N LEU G 1018 19.15 13.83 -40.04
CA LEU G 1018 19.84 13.76 -41.32
C LEU G 1018 18.86 13.87 -42.48
N VAL G 1019 17.69 13.24 -42.36
CA VAL G 1019 16.68 13.38 -43.40
C VAL G 1019 16.27 14.85 -43.56
N VAL G 1020 15.99 15.52 -42.44
CA VAL G 1020 15.56 16.93 -42.51
C VAL G 1020 16.67 17.81 -43.10
N LEU G 1021 17.90 17.58 -42.66
CA LEU G 1021 19.05 18.35 -43.14
C LEU G 1021 19.26 18.18 -44.64
N MET G 1022 19.15 16.93 -45.13
CA MET G 1022 19.32 16.70 -46.56
C MET G 1022 18.24 17.41 -47.36
N SER G 1023 16.99 17.37 -46.87
CA SER G 1023 15.91 18.06 -47.58
C SER G 1023 16.20 19.55 -47.72
N PHE G 1024 16.55 20.21 -46.61
CA PHE G 1024 16.81 21.65 -46.67
C PHE G 1024 18.01 21.97 -47.55
N GLY G 1025 19.08 21.19 -47.43
CA GLY G 1025 20.28 21.47 -48.22
C GLY G 1025 20.05 21.34 -49.70
N VAL G 1026 19.36 20.27 -50.12
CA VAL G 1026 19.06 20.09 -51.53
C VAL G 1026 18.19 21.23 -52.03
N ALA G 1027 17.18 21.63 -51.25
CA ALA G 1027 16.32 22.72 -51.68
C ALA G 1027 17.09 24.01 -51.88
N ARG G 1028 17.93 24.38 -50.90
CA ARG G 1028 18.67 25.64 -51.01
C ARG G 1028 19.66 25.60 -52.17
N GLN G 1029 20.39 24.50 -52.33
CA GLN G 1029 21.38 24.40 -53.40
C GLN G 1029 20.70 24.47 -54.76
N ALA G 1030 19.54 23.83 -54.91
CA ALA G 1030 18.85 23.86 -56.20
C ALA G 1030 18.25 25.24 -56.48
N ILE G 1031 17.74 25.92 -55.46
CA ILE G 1031 17.14 27.24 -55.68
C ILE G 1031 18.20 28.27 -56.04
N LEU G 1032 19.29 28.31 -55.28
CA LEU G 1032 20.24 29.41 -55.45
C LEU G 1032 21.09 29.27 -56.71
N PHE G 1033 21.54 28.07 -57.04
CA PHE G 1033 22.47 27.84 -58.15
C PHE G 1033 21.79 26.98 -59.21
N PRO G 1034 21.19 27.57 -60.23
CA PRO G 1034 20.45 26.79 -61.24
C PRO G 1034 21.23 26.48 -62.52
N ASN G 1035 22.53 26.77 -62.58
CA ASN G 1035 23.31 26.58 -63.79
C ASN G 1035 24.63 25.89 -63.48
N GLU G 1036 24.56 24.80 -62.73
CA GLU G 1036 25.75 24.07 -62.29
C GLU G 1036 25.88 22.77 -63.07
N GLU G 1037 27.07 22.51 -63.60
CA GLU G 1037 27.36 21.25 -64.24
C GLU G 1037 27.46 20.14 -63.20
N PRO G 1038 27.21 18.89 -63.58
CA PRO G 1038 27.33 17.78 -62.62
C PRO G 1038 28.75 17.59 -62.13
N SER G 1039 28.97 17.82 -60.84
CA SER G 1039 30.28 17.69 -60.23
C SER G 1039 30.11 17.20 -58.80
N TRP G 1040 31.18 16.60 -58.27
CA TRP G 1040 31.13 16.09 -56.90
C TRP G 1040 31.06 17.18 -55.85
N LYS G 1041 31.29 18.44 -56.23
CA LYS G 1041 31.11 19.55 -55.29
C LYS G 1041 29.64 19.76 -54.94
N LEU G 1042 28.72 19.29 -55.79
CA LEU G 1042 27.30 19.37 -55.46
C LEU G 1042 26.97 18.51 -54.25
N ALA G 1043 27.58 17.33 -54.15
CA ALA G 1043 27.32 16.44 -53.02
C ALA G 1043 27.93 16.96 -51.72
N LYS G 1044 28.83 17.93 -51.80
CA LYS G 1044 29.42 18.51 -50.60
C LYS G 1044 28.59 19.67 -50.05
N ASN G 1045 28.05 20.52 -50.93
CA ASN G 1045 27.28 21.67 -50.50
C ASN G 1045 25.96 21.30 -49.84
N ILE G 1046 25.46 20.08 -50.04
CA ILE G 1046 24.21 19.67 -49.44
C ILE G 1046 24.37 19.43 -47.95
N PHE G 1047 25.45 18.77 -47.54
CA PHE G 1047 25.63 18.35 -46.15
C PHE G 1047 26.40 19.36 -45.32
N TYR G 1048 27.38 20.03 -45.92
CA TYR G 1048 28.34 20.87 -45.20
C TYR G 1048 27.67 22.04 -44.47
N MET G 1049 27.13 22.97 -45.25
CA MET G 1049 26.62 24.21 -44.67
C MET G 1049 25.40 24.00 -43.77
N PRO G 1050 24.38 23.22 -44.15
CA PRO G 1050 23.29 22.97 -43.20
C PRO G 1050 23.74 22.28 -41.93
N TYR G 1051 24.78 21.45 -41.98
CA TYR G 1051 25.24 20.82 -40.74
C TYR G 1051 25.96 21.81 -39.84
N TRP G 1052 26.80 22.67 -40.41
CA TRP G 1052 27.43 23.68 -39.56
C TRP G 1052 26.44 24.74 -39.10
N MET G 1053 25.30 24.86 -39.78
CA MET G 1053 24.33 25.89 -39.42
C MET G 1053 23.67 25.63 -38.07
N ILE G 1054 23.40 24.36 -37.74
CA ILE G 1054 22.68 24.06 -36.50
C ILE G 1054 23.58 24.06 -35.28
N TYR G 1055 24.86 24.37 -35.42
CA TYR G 1055 25.78 24.47 -34.30
C TYR G 1055 26.21 25.90 -34.04
N GLY G 1056 25.37 26.86 -34.41
CA GLY G 1056 25.61 28.26 -34.12
C GLY G 1056 26.15 29.07 -35.27
N GLU G 1057 26.63 28.45 -36.34
CA GLU G 1057 27.12 29.18 -37.50
C GLU G 1057 25.97 29.45 -38.47
N VAL G 1058 25.17 30.46 -38.15
CA VAL G 1058 23.91 30.72 -38.85
C VAL G 1058 24.05 32.01 -39.67
N PHE G 1059 25.27 32.25 -40.17
CA PHE G 1059 25.58 33.44 -40.97
C PHE G 1059 24.58 33.63 -42.08
N ALA G 1060 23.82 34.74 -41.99
CA ALA G 1060 22.70 35.00 -42.87
C ALA G 1060 23.08 35.72 -44.16
N ASP G 1061 24.36 36.06 -44.34
CA ASP G 1061 24.80 36.63 -45.61
C ASP G 1061 25.24 35.55 -46.59
N GLN G 1062 25.77 34.43 -46.09
CA GLN G 1062 26.18 33.35 -46.98
C GLN G 1062 24.97 32.59 -47.52
N ILE G 1063 23.93 32.45 -46.73
CA ILE G 1063 22.67 31.84 -47.17
C ILE G 1063 21.67 32.95 -47.46
N ASP G 1064 21.01 32.87 -48.61
CA ASP G 1064 20.18 33.92 -49.17
C ASP G 1064 20.96 35.23 -49.25
N PRO G 1065 21.89 35.35 -50.19
CA PRO G 1065 22.67 36.58 -50.31
C PRO G 1065 21.80 37.74 -50.75
N PRO G 1066 22.17 38.97 -50.41
CA PRO G 1066 21.34 40.12 -50.80
C PRO G 1066 21.43 40.42 -52.29
N CYS G 1067 20.67 39.66 -53.09
CA CYS G 1067 20.66 39.86 -54.53
C CYS G 1067 19.32 40.44 -54.98
N GLN G 1080 24.27 47.86 -59.74
CA GLN G 1080 25.14 47.62 -58.59
C GLN G 1080 24.92 46.22 -58.03
N LEU G 1081 23.77 46.02 -57.40
CA LEU G 1081 23.46 44.72 -56.81
C LEU G 1081 23.28 43.67 -57.90
N PRO G 1082 23.74 42.44 -57.67
CA PRO G 1082 23.56 41.38 -58.66
C PRO G 1082 22.10 41.00 -58.78
N PRO G 1083 21.67 40.47 -59.92
CA PRO G 1083 20.25 40.13 -60.09
C PRO G 1083 19.81 39.04 -59.13
N CYS G 1084 18.57 39.16 -58.66
CA CYS G 1084 18.02 38.19 -57.72
C CYS G 1084 17.52 36.96 -58.48
N LYS G 1085 17.85 35.78 -57.96
CA LYS G 1085 17.41 34.54 -58.59
C LYS G 1085 15.92 34.37 -58.40
N THR G 1086 15.33 33.57 -59.29
CA THR G 1086 13.89 33.34 -59.25
C THR G 1086 13.52 32.53 -58.02
N GLY G 1087 12.62 33.07 -57.20
CA GLY G 1087 12.21 32.38 -55.99
C GLY G 1087 13.29 32.25 -54.94
N ALA G 1088 14.14 33.25 -54.80
CA ALA G 1088 15.18 33.24 -53.76
C ALA G 1088 14.67 33.76 -52.42
N TRP G 1089 13.41 34.19 -52.36
CA TRP G 1089 12.80 34.60 -51.09
C TRP G 1089 12.33 33.40 -50.27
N ILE G 1090 12.29 32.21 -50.86
CA ILE G 1090 11.87 31.02 -50.12
C ILE G 1090 12.97 30.51 -49.20
N VAL G 1091 14.24 30.80 -49.52
CA VAL G 1091 15.34 30.24 -48.74
C VAL G 1091 15.32 30.68 -47.27
N PRO G 1092 15.12 31.96 -46.93
CA PRO G 1092 15.01 32.30 -45.50
C PRO G 1092 13.82 31.67 -44.80
N ALA G 1093 12.68 31.50 -45.48
CA ALA G 1093 11.54 30.85 -44.85
C ALA G 1093 11.84 29.38 -44.56
N ILE G 1094 12.44 28.69 -45.52
CA ILE G 1094 12.82 27.29 -45.30
C ILE G 1094 13.87 27.19 -44.21
N MET G 1095 14.78 28.17 -44.14
CA MET G 1095 15.78 28.18 -43.08
C MET G 1095 15.14 28.34 -41.72
N ALA G 1096 14.14 29.21 -41.61
CA ALA G 1096 13.44 29.40 -40.34
C ALA G 1096 12.75 28.12 -39.90
N CYS G 1097 12.04 27.46 -40.82
CA CYS G 1097 11.38 26.21 -40.48
C CYS G 1097 12.38 25.14 -40.09
N TYR G 1098 13.49 25.04 -40.83
CA TYR G 1098 14.50 24.03 -40.54
C TYR G 1098 15.15 24.24 -39.18
N LEU G 1099 15.48 25.49 -38.85
CA LEU G 1099 16.06 25.78 -37.54
C LEU G 1099 15.08 25.48 -36.42
N LEU G 1100 13.80 25.85 -36.61
CA LEU G 1100 12.81 25.58 -35.58
C LEU G 1100 12.64 24.08 -35.35
N VAL G 1101 12.65 23.29 -36.43
CA VAL G 1101 12.49 21.85 -36.27
C VAL G 1101 13.72 21.23 -35.63
N ALA G 1102 14.92 21.61 -36.08
CA ALA G 1102 16.13 20.94 -35.61
C ALA G 1102 16.52 21.34 -34.20
N ASN G 1103 16.46 22.62 -33.86
CA ASN G 1103 17.02 23.11 -32.60
C ASN G 1103 16.00 23.27 -31.48
N ILE G 1104 14.71 23.06 -31.73
CA ILE G 1104 13.71 23.26 -30.68
C ILE G 1104 12.93 21.98 -30.45
N LEU G 1105 12.76 21.17 -31.49
CA LEU G 1105 11.89 20.00 -31.41
C LEU G 1105 12.69 18.71 -31.20
N LEU G 1106 13.60 18.39 -32.11
CA LEU G 1106 14.27 17.10 -32.06
C LEU G 1106 15.27 17.03 -30.91
N VAL G 1107 16.02 18.11 -30.67
CA VAL G 1107 17.00 18.08 -29.59
C VAL G 1107 16.31 18.05 -28.23
N ASN G 1108 15.19 18.77 -28.08
CA ASN G 1108 14.45 18.71 -26.83
C ASN G 1108 13.82 17.34 -26.62
N LEU G 1109 13.32 16.72 -27.69
CA LEU G 1109 12.80 15.36 -27.57
C LEU G 1109 13.91 14.38 -27.19
N LEU G 1110 15.12 14.58 -27.72
CA LEU G 1110 16.24 13.74 -27.36
C LEU G 1110 16.63 13.93 -25.90
N ILE G 1111 16.58 15.17 -25.41
CA ILE G 1111 16.83 15.41 -23.98
C ILE G 1111 15.81 14.68 -23.13
N ALA G 1112 14.53 14.74 -23.53
CA ALA G 1112 13.49 14.02 -22.81
C ALA G 1112 13.73 12.51 -22.81
N VAL G 1113 14.16 11.98 -23.96
CA VAL G 1113 14.42 10.54 -24.07
C VAL G 1113 15.57 10.13 -23.15
N PHE G 1114 16.65 10.92 -23.14
CA PHE G 1114 17.74 10.64 -22.23
C PHE G 1114 17.31 10.77 -20.78
N ASN G 1115 16.41 11.70 -20.50
CA ASN G 1115 16.02 11.97 -19.12
C ASN G 1115 15.14 10.87 -18.56
N ASN G 1116 14.20 10.37 -19.36
CA ASN G 1116 13.22 9.41 -18.87
C ASN G 1116 13.69 7.96 -18.93
N THR G 1117 14.87 7.71 -19.47
CA THR G 1117 15.46 6.37 -19.49
C THR G 1117 16.85 6.38 -18.87
N PHE G 1118 17.01 7.04 -17.73
CA PHE G 1118 18.30 7.15 -17.07
C PHE G 1118 18.45 6.25 -15.86
N PHE G 1119 17.38 6.04 -15.10
CA PHE G 1119 17.49 5.23 -13.89
C PHE G 1119 17.81 3.78 -14.21
N GLU G 1120 17.11 3.20 -15.20
CA GLU G 1120 17.36 1.82 -15.58
C GLU G 1120 18.77 1.64 -16.14
N VAL G 1121 19.19 2.57 -17.00
CA VAL G 1121 20.53 2.48 -17.59
C VAL G 1121 21.59 2.62 -16.51
N LYS G 1122 21.38 3.52 -15.54
CA LYS G 1122 22.35 3.69 -14.47
C LYS G 1122 22.48 2.43 -13.62
N SER G 1123 21.35 1.83 -13.26
CA SER G 1123 21.41 0.61 -12.43
C SER G 1123 22.07 -0.54 -13.20
N ILE G 1124 21.72 -0.70 -14.48
CA ILE G 1124 22.31 -1.76 -15.28
C ILE G 1124 23.82 -1.54 -15.42
N SER G 1125 24.26 -0.30 -15.63
CA SER G 1125 25.67 -0.01 -15.76
C SER G 1125 26.42 -0.30 -14.47
N ASN G 1126 25.83 0.05 -13.33
CA ASN G 1126 26.47 -0.27 -12.05
C ASN G 1126 26.65 -1.77 -11.88
N GLN G 1127 25.60 -2.54 -12.15
CA GLN G 1127 25.70 -3.99 -12.00
C GLN G 1127 26.74 -4.59 -12.95
N VAL G 1128 26.75 -4.13 -14.20
CA VAL G 1128 27.68 -4.69 -15.18
C VAL G 1128 29.13 -4.33 -14.82
N TRP G 1129 29.37 -3.11 -14.32
CA TRP G 1129 30.72 -2.76 -13.90
C TRP G 1129 31.18 -3.60 -12.72
N LYS G 1130 30.30 -3.79 -11.74
CA LYS G 1130 30.66 -4.65 -10.61
C LYS G 1130 30.90 -6.09 -11.05
N PHE G 1131 30.23 -6.54 -12.10
CA PHE G 1131 30.49 -7.88 -12.61
C PHE G 1131 31.83 -7.96 -13.33
N GLN G 1132 32.17 -6.94 -14.13
CA GLN G 1132 33.39 -6.97 -14.91
C GLN G 1132 34.64 -6.66 -14.10
N ARG G 1133 34.48 -6.20 -12.86
CA ARG G 1133 35.63 -6.05 -11.97
C ARG G 1133 36.41 -7.36 -11.83
N TYR G 1134 35.70 -8.49 -11.78
CA TYR G 1134 36.36 -9.78 -11.66
C TYR G 1134 37.24 -10.06 -12.86
N GLN G 1135 36.73 -9.81 -14.08
CA GLN G 1135 37.51 -10.06 -15.27
C GLN G 1135 38.73 -9.14 -15.33
N LEU G 1136 38.57 -7.89 -14.91
CA LEU G 1136 39.72 -6.98 -14.86
C LEU G 1136 40.79 -7.51 -13.92
N ILE G 1137 40.39 -7.92 -12.72
CA ILE G 1137 41.35 -8.41 -11.73
C ILE G 1137 42.05 -9.67 -12.23
N MET G 1138 41.29 -10.59 -12.83
CA MET G 1138 41.89 -11.82 -13.32
C MET G 1138 42.86 -11.56 -14.46
N THR G 1139 42.49 -10.69 -15.41
CA THR G 1139 43.37 -10.45 -16.55
C THR G 1139 44.59 -9.64 -16.18
N PHE G 1140 44.55 -8.89 -15.06
CA PHE G 1140 45.79 -8.27 -14.59
C PHE G 1140 46.57 -9.16 -13.65
N HIS G 1141 45.95 -10.19 -13.09
CA HIS G 1141 46.69 -11.18 -12.32
C HIS G 1141 47.44 -12.14 -13.22
N GLU G 1142 46.90 -12.46 -14.38
CA GLU G 1142 47.55 -13.38 -15.31
C GLU G 1142 48.64 -12.72 -16.15
N ARG G 1143 48.67 -11.38 -16.21
CA ARG G 1143 49.61 -10.65 -17.05
C ARG G 1143 51.02 -10.72 -16.48
N PRO G 1144 52.04 -10.54 -17.33
CA PRO G 1144 53.41 -10.45 -16.81
C PRO G 1144 53.63 -9.16 -16.02
N VAL G 1145 54.85 -9.01 -15.50
CA VAL G 1145 55.15 -7.88 -14.63
C VAL G 1145 55.55 -6.64 -15.43
N LEU G 1146 56.41 -6.81 -16.43
CA LEU G 1146 56.94 -5.67 -17.15
C LEU G 1146 55.92 -5.13 -18.16
N PRO G 1147 55.81 -3.81 -18.29
CA PRO G 1147 54.87 -3.22 -19.24
C PRO G 1147 55.31 -3.44 -20.68
N PRO G 1148 54.44 -3.20 -21.65
CA PRO G 1148 54.74 -3.53 -23.07
C PRO G 1148 55.97 -2.83 -23.63
N PRO G 1149 56.36 -1.63 -23.16
CA PRO G 1149 57.63 -1.08 -23.68
C PRO G 1149 58.83 -1.98 -23.43
N LEU G 1150 58.85 -2.67 -22.29
CA LEU G 1150 59.96 -3.56 -21.94
C LEU G 1150 59.46 -4.95 -21.56
N ILE G 1151 58.38 -5.39 -22.20
CA ILE G 1151 57.84 -6.74 -21.96
C ILE G 1151 58.54 -7.78 -22.81
N ILE G 1152 59.39 -7.34 -23.75
CA ILE G 1152 60.11 -8.29 -24.59
C ILE G 1152 61.08 -9.14 -23.78
N PHE G 1153 61.53 -8.65 -22.62
CA PHE G 1153 62.34 -9.48 -21.73
C PHE G 1153 61.51 -10.61 -21.14
N SER G 1154 60.28 -10.31 -20.71
CA SER G 1154 59.41 -11.33 -20.13
C SER G 1154 58.94 -12.34 -21.17
N HIS G 1155 58.93 -11.98 -22.44
CA HIS G 1155 58.56 -12.93 -23.49
C HIS G 1155 59.68 -13.92 -23.78
N MET G 1156 60.94 -13.48 -23.68
CA MET G 1156 62.06 -14.39 -23.93
C MET G 1156 62.20 -15.42 -22.81
N THR G 1157 61.89 -15.02 -21.57
CA THR G 1157 62.00 -15.95 -20.45
C THR G 1157 60.98 -17.07 -20.56
N MET G 1158 59.80 -16.78 -21.14
CA MET G 1158 58.81 -17.85 -21.35
C MET G 1158 59.33 -18.88 -22.36
N ILE G 1159 60.05 -18.43 -23.38
CA ILE G 1159 60.66 -19.35 -24.32
C ILE G 1159 61.75 -20.18 -23.63
N PHE G 1160 62.55 -19.53 -22.78
CA PHE G 1160 63.61 -20.26 -22.08
C PHE G 1160 63.02 -21.24 -21.07
N GLN G 1161 61.93 -20.87 -20.41
CA GLN G 1161 61.26 -21.79 -19.48
C GLN G 1161 60.36 -22.78 -20.20
N HIS G 1162 60.20 -22.67 -21.51
CA HIS G 1162 59.40 -23.64 -22.26
C HIS G 1162 60.08 -25.00 -22.32
N VAL G 1163 61.41 -25.02 -22.36
CA VAL G 1163 62.15 -26.28 -22.45
C VAL G 1163 62.18 -27.04 -21.13
N CYS G 1164 61.76 -26.42 -20.03
CA CYS G 1164 61.76 -27.07 -18.73
C CYS G 1164 60.48 -27.88 -18.52
N ARG G 1177 48.30 -21.98 -8.11
CA ARG G 1177 47.73 -20.70 -7.70
C ARG G 1177 47.38 -20.71 -6.23
N ASP G 1178 48.34 -20.34 -5.38
CA ASP G 1178 48.10 -20.30 -3.94
C ASP G 1178 47.01 -19.30 -3.58
N TYR G 1179 47.02 -18.15 -4.23
CA TYR G 1179 45.93 -17.19 -4.10
C TYR G 1179 45.88 -16.37 -5.38
N GLY G 1180 44.76 -15.69 -5.58
CA GLY G 1180 44.51 -14.99 -6.82
C GLY G 1180 43.47 -15.71 -7.64
N LEU G 1181 43.48 -17.04 -7.57
CA LEU G 1181 42.40 -17.85 -8.12
C LEU G 1181 41.71 -18.68 -7.05
N LYS G 1182 42.46 -19.46 -6.27
CA LYS G 1182 41.88 -20.41 -5.34
C LYS G 1182 42.44 -20.24 -3.93
N LEU G 1183 42.09 -21.16 -3.05
CA LEU G 1183 42.58 -21.14 -1.67
C LEU G 1183 42.51 -22.57 -1.14
N PHE G 1184 43.66 -23.19 -0.95
CA PHE G 1184 43.72 -24.59 -0.52
C PHE G 1184 43.80 -24.67 1.00
N ILE G 1185 42.91 -25.47 1.59
CA ILE G 1185 42.82 -25.59 3.03
C ILE G 1185 42.85 -27.06 3.43
N THR G 1186 43.17 -27.30 4.70
CA THR G 1186 43.30 -28.65 5.23
C THR G 1186 41.92 -29.24 5.49
N ASP G 1187 41.90 -30.45 6.09
CA ASP G 1187 40.64 -31.13 6.35
C ASP G 1187 39.89 -30.54 7.52
N ASP G 1188 40.61 -30.04 8.54
CA ASP G 1188 39.94 -29.39 9.66
C ASP G 1188 39.22 -28.12 9.20
N GLU G 1189 39.89 -27.31 8.38
CA GLU G 1189 39.26 -26.10 7.86
C GLU G 1189 38.09 -26.44 6.95
N LEU G 1190 38.21 -27.50 6.15
CA LEU G 1190 37.11 -27.93 5.31
C LEU G 1190 35.91 -28.36 6.13
N LYS G 1191 36.15 -29.10 7.21
CA LYS G 1191 35.06 -29.52 8.09
C LYS G 1191 34.40 -28.32 8.76
N LYS G 1192 35.19 -27.35 9.21
CA LYS G 1192 34.63 -26.17 9.84
C LYS G 1192 33.81 -25.35 8.83
N VAL G 1193 34.29 -25.25 7.59
CA VAL G 1193 33.55 -24.56 6.55
C VAL G 1193 32.23 -25.25 6.26
N HIS G 1194 32.25 -26.59 6.18
CA HIS G 1194 31.01 -27.33 5.94
C HIS G 1194 30.01 -27.14 7.07
N ASP G 1195 30.48 -27.18 8.32
CA ASP G 1195 29.58 -26.95 9.45
C ASP G 1195 29.00 -25.55 9.43
N PHE G 1196 29.83 -24.55 9.10
CA PHE G 1196 29.34 -23.17 9.01
C PHE G 1196 28.29 -23.04 7.91
N GLU G 1197 28.50 -23.68 6.76
CA GLU G 1197 27.55 -23.60 5.67
C GLU G 1197 26.22 -24.27 6.04
N GLU G 1198 26.27 -25.42 6.71
CA GLU G 1198 25.05 -26.08 7.14
C GLU G 1198 24.30 -25.22 8.15
N GLN G 1199 25.02 -24.60 9.09
CA GLN G 1199 24.38 -23.70 10.03
C GLN G 1199 23.72 -22.53 9.31
N CYS G 1200 24.41 -21.96 8.31
CA CYS G 1200 23.86 -20.83 7.58
C CYS G 1200 22.59 -21.21 6.82
N ILE G 1201 22.59 -22.37 6.17
CA ILE G 1201 21.43 -22.74 5.37
C ILE G 1201 20.23 -23.08 6.27
N GLU G 1202 20.48 -23.75 7.40
CA GLU G 1202 19.35 -24.04 8.29
C GLU G 1202 18.81 -22.77 8.93
N GLU G 1203 19.69 -21.82 9.25
CA GLU G 1203 19.23 -20.53 9.77
C GLU G 1203 18.42 -19.78 8.72
N TYR G 1204 18.86 -19.85 7.46
CA TYR G 1204 18.13 -19.18 6.38
C TYR G 1204 16.73 -19.75 6.22
N PHE G 1205 16.61 -21.08 6.23
CA PHE G 1205 15.29 -21.69 6.09
C PHE G 1205 14.41 -21.38 7.29
N ARG G 1206 14.97 -21.40 8.51
CA ARG G 1206 14.19 -21.08 9.69
C ARG G 1206 13.69 -19.65 9.64
N GLU G 1207 14.56 -18.71 9.25
CA GLU G 1207 14.15 -17.31 9.14
C GLU G 1207 13.09 -17.11 8.08
N LYS G 1208 13.23 -17.81 6.94
CA LYS G 1208 12.23 -17.70 5.88
C LYS G 1208 10.87 -18.21 6.35
N ASP G 1209 10.84 -19.35 7.03
CA ASP G 1209 9.58 -19.87 7.53
C ASP G 1209 8.96 -18.96 8.58
N ASP G 1210 9.78 -18.42 9.50
CA ASP G 1210 9.25 -17.53 10.52
C ASP G 1210 8.72 -16.24 9.92
N ARG G 1211 9.37 -15.71 8.89
CA ARG G 1211 8.88 -14.51 8.24
C ARG G 1211 7.61 -14.78 7.44
N PHE G 1212 7.49 -15.97 6.83
CA PHE G 1212 6.26 -16.30 6.12
C PHE G 1212 5.09 -16.47 7.07
N ASN G 1213 5.31 -17.12 8.22
CA ASN G 1213 4.21 -17.39 9.13
C ASN G 1213 3.71 -16.14 9.85
N SER G 1214 4.47 -15.05 9.84
CA SER G 1214 4.09 -13.83 10.52
C SER G 1214 3.54 -12.78 9.58
N SER G 1215 3.32 -13.12 8.30
CA SER G 1215 2.76 -12.17 7.37
C SER G 1215 1.27 -11.96 7.66
N ASN G 1216 0.75 -10.81 7.21
CA ASN G 1216 -0.65 -10.50 7.44
C ASN G 1216 -1.57 -11.45 6.67
N ASP G 1217 -1.20 -11.80 5.44
CA ASP G 1217 -2.06 -12.65 4.61
C ASP G 1217 -2.22 -14.04 5.23
N GLU G 1218 -1.12 -14.62 5.71
CA GLU G 1218 -1.21 -15.94 6.34
C GLU G 1218 -2.04 -15.90 7.61
N ARG G 1219 -1.86 -14.85 8.42
CA ARG G 1219 -2.66 -14.73 9.64
C ARG G 1219 -4.14 -14.58 9.32
N ILE G 1220 -4.47 -13.79 8.29
CA ILE G 1220 -5.86 -13.63 7.90
C ILE G 1220 -6.45 -14.94 7.41
N ARG G 1221 -5.70 -15.69 6.60
CA ARG G 1221 -6.20 -16.96 6.09
C ARG G 1221 -6.42 -17.96 7.21
N VAL G 1222 -5.46 -18.07 8.13
CA VAL G 1222 -5.59 -19.01 9.24
C VAL G 1222 -6.75 -18.61 10.16
N THR G 1223 -6.89 -17.31 10.42
CA THR G 1223 -8.00 -16.84 11.25
C THR G 1223 -9.34 -17.17 10.60
N SER G 1224 -9.44 -16.96 9.28
CA SER G 1224 -10.69 -17.27 8.59
C SER G 1224 -11.03 -18.76 8.65
N GLU G 1225 -10.04 -19.62 8.43
CA GLU G 1225 -10.29 -21.05 8.49
C GLU G 1225 -10.71 -21.49 9.88
N ARG G 1226 -10.02 -21.00 10.91
CA ARG G 1226 -10.38 -21.38 12.27
C ARG G 1226 -11.74 -20.83 12.66
N VAL G 1227 -12.09 -19.64 12.19
CA VAL G 1227 -13.40 -19.08 12.47
C VAL G 1227 -14.49 -19.92 11.82
N GLU G 1228 -14.26 -20.38 10.59
CA GLU G 1228 -15.22 -21.25 9.92
C GLU G 1228 -15.41 -22.56 10.68
N ASN G 1229 -14.31 -23.18 11.10
CA ASN G 1229 -14.41 -24.42 11.86
C ASN G 1229 -15.13 -24.21 13.18
N MET G 1230 -14.82 -23.12 13.88
CA MET G 1230 -15.47 -22.84 15.15
C MET G 1230 -16.96 -22.57 14.97
N SER G 1231 -17.34 -21.88 13.89
CA SER G 1231 -18.75 -21.64 13.63
C SER G 1231 -19.48 -22.95 13.39
N MET G 1232 -18.88 -23.85 12.60
CA MET G 1232 -19.52 -25.14 12.36
C MET G 1232 -19.66 -25.93 13.66
N ARG G 1233 -18.61 -25.93 14.49
CA ARG G 1233 -18.66 -26.65 15.75
C ARG G 1233 -19.69 -26.07 16.70
N LEU G 1234 -19.81 -24.74 16.73
CA LEU G 1234 -20.78 -24.10 17.61
C LEU G 1234 -22.21 -24.37 17.15
N GLU G 1235 -22.45 -24.39 15.84
CA GLU G 1235 -23.77 -24.77 15.36
C GLU G 1235 -24.09 -26.21 15.69
N GLU G 1236 -23.08 -27.09 15.61
CA GLU G 1236 -23.28 -28.49 16.01
C GLU G 1236 -23.64 -28.59 17.49
N VAL G 1237 -22.94 -27.83 18.34
CA VAL G 1237 -23.23 -27.88 19.78
C VAL G 1237 -24.62 -27.34 20.08
N ASN G 1238 -24.98 -26.21 19.45
CA ASN G 1238 -26.28 -25.61 19.72
C ASN G 1238 -27.42 -26.49 19.22
N GLU G 1239 -27.22 -27.15 18.08
CA GLU G 1239 -28.25 -28.06 17.57
C GLU G 1239 -28.48 -29.23 18.52
N ARG G 1240 -27.46 -29.66 19.26
CA ARG G 1240 -27.58 -30.72 20.24
C ARG G 1240 -27.99 -30.14 21.59
N GLU G 1241 -29.29 -29.90 21.75
CA GLU G 1241 -29.85 -29.40 22.99
C GLU G 1241 -31.01 -30.29 23.42
N HIS G 1242 -31.08 -30.57 24.72
CA HIS G 1242 -32.11 -31.45 25.26
C HIS G 1242 -33.03 -30.75 26.23
N SER G 1243 -32.53 -29.76 26.96
CA SER G 1243 -33.34 -29.05 27.94
C SER G 1243 -34.36 -28.15 27.26
N UNK H 1 -16.09 -48.32 -37.96
CA UNK H 1 -15.29 -48.25 -36.75
C UNK H 1 -15.37 -49.56 -35.97
N UNK H 2 -14.46 -49.75 -35.03
CA UNK H 2 -14.39 -50.98 -34.25
C UNK H 2 -15.31 -50.92 -33.02
N UNK H 3 -16.48 -50.32 -33.19
CA UNK H 3 -17.47 -50.25 -32.11
C UNK H 3 -18.63 -51.16 -32.43
N UNK H 4 -18.68 -51.64 -33.67
CA UNK H 4 -19.73 -52.57 -34.11
C UNK H 4 -19.28 -54.02 -33.90
N UNK H 5 -18.53 -54.25 -32.84
CA UNK H 5 -18.06 -55.58 -32.50
C UNK H 5 -18.91 -56.17 -31.38
N UNK H 6 -20.10 -55.61 -31.20
CA UNK H 6 -21.01 -56.07 -30.17
C UNK H 6 -22.32 -56.58 -30.78
N UNK H 7 -23.42 -56.42 -30.04
CA UNK H 7 -24.71 -56.88 -30.51
C UNK H 7 -25.85 -56.13 -29.81
N UNK H 8 -27.04 -56.71 -29.83
CA UNK H 8 -28.21 -56.12 -29.19
C UNK H 8 -29.27 -57.17 -28.91
N UNK H 9 -30.48 -56.72 -28.60
CA UNK H 9 -31.58 -57.63 -28.29
C UNK H 9 -32.94 -56.99 -28.57
N UNK H 10 -33.70 -57.60 -29.47
CA UNK H 10 -35.03 -57.10 -29.82
C UNK H 10 -36.04 -58.24 -29.87
N UNK H 11 -37.23 -58.01 -29.32
CA UNK H 11 -38.27 -59.04 -29.27
C UNK H 11 -38.81 -59.36 -30.66
N UNK H 12 -38.70 -60.62 -31.06
CA UNK H 12 -39.17 -61.06 -32.37
C UNK H 12 -40.66 -61.40 -32.33
N UNK H 13 -40.97 -62.66 -32.06
CA UNK H 13 -42.35 -63.11 -31.99
C UNK H 13 -42.85 -63.14 -30.55
N UNK H 14 -43.29 -61.99 -30.05
CA UNK H 14 -43.76 -61.88 -28.68
C UNK H 14 -45.29 -61.84 -28.62
N UNK H 15 -45.85 -62.38 -27.55
CA UNK H 15 -47.29 -62.40 -27.35
C UNK H 15 -47.63 -62.45 -25.88
N UNK H 16 -48.31 -61.41 -25.40
CA UNK H 16 -48.70 -61.32 -24.00
C UNK H 16 -49.94 -60.47 -23.82
N UNK H 17 -50.60 -60.62 -22.68
CA UNK H 17 -51.83 -59.90 -22.34
C UNK H 17 -52.92 -60.09 -23.40
#